data_2K3M
#
_entry.id   2K3M
#
_cell.length_a   1.000
_cell.length_b   1.000
_cell.length_c   1.000
_cell.angle_alpha   90.00
_cell.angle_beta   90.00
_cell.angle_gamma   90.00
#
_symmetry.space_group_name_H-M   'P 1'
#
loop_
_entity.id
_entity.type
_entity.pdbx_description
1 polymer Rv1761c
2 non-polymer 'S-[(1-oxyl-2,2,5,5-tetramethyl-2,5-dihydro-1H-pyrrol-3-yl)methyl] methanesulfonothioate'
#
_entity_poly.entity_id   1
_entity_poly.type   'polypeptide(L)'
_entity_poly.pdbx_seq_one_letter_code
;MHHHHHHSSGVDLGTENLYFQSNAMSDFDTERVSRAVAAALVGPGGVALVVKVCAGLPGVIHTPARRGFFRCNPERIQIG
DWRYEVAHDGRLLAAHMVNGIVIAEDALIAEAVGPHLARALGQIVCRYGATVIPNINAAIEVLGTGTDYRF
;
_entity_poly.pdbx_strand_id   A
#
loop_
_chem_comp.id
_chem_comp.type
_chem_comp.name
_chem_comp.formula
MTN non-polymer 'S-[(1-oxyl-2,2,5,5-tetramethyl-2,5-dihydro-1H-pyrrol-3-yl)methyl] methanesulfonothioate' 'C10 H18 N O3 S2'
#
# COMPACT_ATOMS: atom_id res chain seq x y z
N MET A 25 10.21 -5.68 31.75
CA MET A 25 8.96 -5.62 30.95
C MET A 25 9.10 -6.56 29.76
N SER A 26 7.97 -6.87 29.12
CA SER A 26 7.94 -7.78 27.96
C SER A 26 7.70 -6.99 26.69
N ASP A 27 7.77 -5.66 26.79
CA ASP A 27 7.57 -4.77 25.64
C ASP A 27 7.37 -3.33 26.12
N PHE A 28 8.46 -2.56 26.15
CA PHE A 28 8.38 -1.17 26.58
C PHE A 28 9.43 -0.34 25.85
N ASP A 29 9.10 0.91 25.54
CA ASP A 29 10.02 1.78 24.83
C ASP A 29 9.69 3.25 25.13
N THR A 30 10.72 4.10 25.06
CA THR A 30 10.53 5.53 25.34
C THR A 30 9.69 6.18 24.23
N GLU A 31 9.40 7.44 24.41
CA GLU A 31 8.55 8.20 23.46
C GLU A 31 9.18 8.17 22.05
N ARG A 32 10.40 8.68 21.98
CA ARG A 32 11.09 8.73 20.69
C ARG A 32 10.95 7.35 20.04
N VAL A 33 11.37 6.37 20.78
CA VAL A 33 11.25 4.99 20.31
C VAL A 33 9.77 4.60 20.17
N SER A 34 8.96 4.83 21.18
CA SER A 34 7.54 4.43 21.09
C SER A 34 6.77 5.24 20.06
N ARG A 35 6.63 6.54 20.28
CA ARG A 35 5.82 7.35 19.36
C ARG A 35 6.45 7.40 17.96
N ALA A 36 7.68 7.89 17.89
CA ALA A 36 8.32 8.02 16.57
C ALA A 36 8.11 6.67 15.85
N VAL A 37 8.40 5.59 16.55
CA VAL A 37 8.16 4.27 15.96
C VAL A 37 6.67 4.10 15.67
N ALA A 38 5.79 4.35 16.64
CA ALA A 38 4.36 4.18 16.36
C ALA A 38 3.97 5.06 15.17
N ALA A 39 4.12 6.35 15.32
CA ALA A 39 3.75 7.28 14.24
C ALA A 39 4.40 6.84 12.93
N ALA A 40 5.69 6.69 13.00
CA ALA A 40 6.44 6.29 11.82
C ALA A 40 5.96 4.90 11.38
N LEU A 41 6.01 3.99 12.34
CA LEU A 41 5.63 2.58 12.07
C LEU A 41 4.22 2.55 11.50
N VAL A 42 3.27 3.16 12.20
CA VAL A 42 1.89 3.18 11.70
C VAL A 42 1.83 4.08 10.46
N GLY A 43 2.23 5.33 10.61
CA GLY A 43 2.23 6.27 9.51
C GLY A 43 3.16 5.82 8.39
N PRO A 44 3.40 6.66 7.42
CA PRO A 44 4.26 6.32 6.25
C PRO A 44 5.76 6.42 6.53
N GLY A 45 6.13 7.26 7.47
CA GLY A 45 7.57 7.44 7.77
C GLY A 45 8.23 6.11 8.13
N GLY A 46 7.70 5.46 9.14
CA GLY A 46 8.29 4.18 9.58
C GLY A 46 8.24 3.21 8.43
N VAL A 47 7.05 3.02 7.94
CA VAL A 47 6.85 2.10 6.82
C VAL A 47 7.68 2.58 5.62
N ALA A 48 7.79 3.89 5.47
CA ALA A 48 8.53 4.41 4.33
C ALA A 48 9.96 3.88 4.38
N LEU A 49 10.74 4.19 5.42
CA LEU A 49 12.11 3.73 5.48
C LEU A 49 12.20 2.21 5.57
N VAL A 50 11.36 1.59 6.39
CA VAL A 50 11.46 0.13 6.54
C VAL A 50 11.20 -0.54 5.20
N VAL A 51 10.03 -0.37 4.60
CA VAL A 51 9.71 -1.02 3.33
C VAL A 51 10.62 -0.58 2.19
N LYS A 52 10.98 0.69 2.17
CA LYS A 52 11.81 1.19 1.10
C LYS A 52 13.16 0.51 1.19
N VAL A 53 13.75 0.64 2.35
CA VAL A 53 15.07 0.07 2.60
C VAL A 53 15.01 -1.43 2.50
N CYS A 54 13.99 -2.05 3.10
CA CYS A 54 13.92 -3.50 3.02
C CYS A 54 13.66 -3.88 1.58
N ALA A 55 12.53 -3.44 1.02
CA ALA A 55 12.15 -3.82 -0.32
C ALA A 55 13.10 -3.33 -1.39
N GLY A 56 13.31 -2.03 -1.42
CA GLY A 56 14.20 -1.45 -2.42
C GLY A 56 13.43 -1.08 -3.68
N LEU A 57 12.64 0.00 -3.60
CA LEU A 57 11.85 0.49 -4.74
C LEU A 57 10.46 -0.21 -4.79
N PRO A 58 9.50 0.29 -4.05
CA PRO A 58 8.12 -0.28 -3.98
C PRO A 58 7.39 -0.40 -5.33
N GLY A 59 7.64 0.50 -6.28
CA GLY A 59 6.93 0.39 -7.56
C GLY A 59 7.18 -1.00 -8.13
N VAL A 60 8.45 -1.32 -8.35
CA VAL A 60 8.81 -2.65 -8.85
C VAL A 60 8.96 -3.56 -7.65
N ILE A 61 8.88 -4.88 -7.85
CA ILE A 61 9.00 -5.88 -6.77
C ILE A 61 7.80 -6.83 -6.79
N HIS A 62 8.07 -8.10 -7.06
CA HIS A 62 7.02 -9.11 -7.06
C HIS A 62 7.59 -10.38 -6.45
N THR A 63 6.83 -10.98 -5.53
CA THR A 63 7.25 -12.21 -4.87
C THR A 63 6.28 -13.33 -5.26
N PRO A 64 6.76 -14.53 -5.42
CA PRO A 64 5.89 -15.67 -5.83
C PRO A 64 4.98 -16.12 -4.69
N ALA A 65 5.54 -16.95 -3.84
CA ALA A 65 4.83 -17.56 -2.73
C ALA A 65 4.66 -16.59 -1.57
N ARG A 66 3.42 -16.41 -1.19
CA ARG A 66 3.10 -15.54 -0.09
C ARG A 66 1.62 -15.69 0.27
N ARG A 67 1.23 -15.12 1.40
CA ARG A 67 -0.16 -15.18 1.81
C ARG A 67 -1.05 -14.49 0.76
N GLY A 68 -0.52 -14.32 -0.43
CA GLY A 68 -1.25 -13.68 -1.51
C GLY A 68 -1.15 -12.16 -1.39
N PHE A 69 -0.92 -11.68 -0.17
CA PHE A 69 -0.81 -10.25 0.07
C PHE A 69 -0.18 -9.98 1.44
N PHE A 70 0.10 -8.69 1.67
CA PHE A 70 0.70 -8.17 2.94
C PHE A 70 1.93 -7.32 2.66
N ARG A 71 1.70 -6.01 2.50
CA ARG A 71 2.73 -4.99 2.24
C ARG A 71 2.43 -4.30 0.92
N CYS A 72 2.94 -3.07 0.75
CA CYS A 72 2.69 -2.31 -0.48
C CYS A 72 1.21 -1.92 -0.55
N ASN A 73 0.78 -1.02 0.34
CA ASN A 73 -0.61 -0.58 0.37
C ASN A 73 -0.64 0.92 0.71
N PRO A 74 -1.62 1.66 0.27
CA PRO A 74 -1.72 3.11 0.56
C PRO A 74 -2.20 3.40 1.98
N GLU A 75 -1.37 3.10 2.97
CA GLU A 75 -1.73 3.35 4.36
C GLU A 75 -2.92 2.49 4.80
N ARG A 76 -3.09 1.33 4.15
CA ARG A 76 -4.17 0.42 4.49
C ARG A 76 -3.64 -0.74 5.32
N ILE A 77 -4.40 -1.14 6.34
CA ILE A 77 -3.98 -2.24 7.19
C ILE A 77 -3.98 -3.56 6.40
N GLN A 78 -2.95 -4.36 6.66
CA GLN A 78 -2.82 -5.62 5.94
C GLN A 78 -4.00 -6.53 6.28
N ILE A 79 -5.14 -6.30 5.62
CA ILE A 79 -6.34 -7.11 5.81
C ILE A 79 -7.14 -7.18 4.50
N GLY A 80 -7.97 -8.21 4.33
CA GLY A 80 -8.76 -8.36 3.10
C GLY A 80 -8.32 -9.59 2.33
N ASP A 81 -7.26 -10.22 2.82
CA ASP A 81 -6.77 -11.44 2.18
C ASP A 81 -7.65 -12.61 2.61
N TRP A 82 -8.62 -12.95 1.77
CA TRP A 82 -9.57 -14.04 2.06
C TRP A 82 -9.04 -15.41 1.61
N ARG A 83 -9.85 -16.41 1.93
CA ARG A 83 -9.52 -17.80 1.60
C ARG A 83 -10.00 -18.20 0.20
N TYR A 84 -11.29 -18.03 -0.02
CA TYR A 84 -11.93 -18.37 -1.30
C TYR A 84 -12.03 -17.19 -2.26
N GLU A 85 -11.86 -15.98 -1.75
CA GLU A 85 -11.97 -14.80 -2.56
C GLU A 85 -10.71 -14.56 -3.37
N VAL A 86 -9.63 -15.25 -3.05
CA VAL A 86 -8.37 -14.98 -3.74
C VAL A 86 -8.61 -14.94 -5.23
N ALA A 87 -9.17 -15.97 -5.82
CA ALA A 87 -9.41 -15.94 -7.23
C ALA A 87 -10.42 -14.85 -7.56
N HIS A 88 -11.57 -14.89 -6.85
CA HIS A 88 -12.60 -13.89 -7.11
C HIS A 88 -11.99 -12.48 -7.05
N ASP A 89 -11.39 -12.14 -5.93
CA ASP A 89 -10.75 -10.84 -5.77
C ASP A 89 -9.49 -10.75 -6.65
N GLY A 90 -8.67 -11.77 -6.59
CA GLY A 90 -7.44 -11.81 -7.39
C GLY A 90 -7.73 -11.97 -8.87
N ARG A 91 -8.87 -11.50 -9.28
CA ARG A 91 -9.27 -11.52 -10.68
C ARG A 91 -8.61 -10.34 -11.37
N LEU A 92 -7.90 -9.54 -10.56
CA LEU A 92 -7.21 -8.36 -11.11
C LEU A 92 -6.55 -8.72 -12.42
N LEU A 93 -6.12 -9.97 -12.56
CA LEU A 93 -5.41 -10.33 -13.81
C LEU A 93 -6.34 -10.32 -15.03
N ALA A 94 -7.28 -11.25 -15.13
CA ALA A 94 -8.10 -11.26 -16.35
C ALA A 94 -9.08 -10.10 -16.31
N ALA A 95 -10.19 -10.32 -15.66
CA ALA A 95 -11.26 -9.35 -15.50
C ALA A 95 -10.82 -8.06 -14.87
N HIS A 96 -9.50 -7.80 -14.83
CA HIS A 96 -8.95 -6.62 -14.14
C HIS A 96 -10.01 -5.54 -13.87
N MET A 97 -11.03 -5.45 -14.70
CA MET A 97 -12.08 -4.49 -14.43
C MET A 97 -12.81 -4.90 -13.14
N VAL A 98 -13.34 -6.14 -13.08
CA VAL A 98 -14.13 -6.54 -11.90
C VAL A 98 -13.49 -6.09 -10.61
N ASN A 99 -12.20 -6.37 -10.36
CA ASN A 99 -11.56 -5.95 -9.09
C ASN A 99 -12.08 -4.58 -8.63
N GLY A 100 -12.67 -3.84 -9.54
CA GLY A 100 -13.24 -2.55 -9.21
C GLY A 100 -14.09 -2.68 -7.93
N ILE A 101 -14.64 -3.87 -7.71
CA ILE A 101 -15.46 -4.10 -6.52
C ILE A 101 -14.56 -4.06 -5.28
N VAL A 102 -13.53 -4.86 -5.37
CA VAL A 102 -12.60 -5.02 -4.25
C VAL A 102 -12.47 -3.64 -3.57
N ILE A 103 -12.57 -2.57 -4.39
CA ILE A 103 -12.54 -1.19 -3.86
C ILE A 103 -13.98 -0.65 -3.69
N ALA A 104 -14.89 -1.09 -4.55
CA ALA A 104 -16.31 -0.67 -4.50
C ALA A 104 -17.11 -1.45 -3.47
N GLU A 105 -16.54 -2.50 -2.89
CA GLU A 105 -17.27 -3.31 -1.94
C GLU A 105 -17.07 -2.81 -0.50
N ASP A 106 -15.88 -3.01 0.10
CA ASP A 106 -15.66 -2.58 1.48
C ASP A 106 -15.04 -1.19 1.64
N ALA A 107 -14.50 -0.61 0.56
CA ALA A 107 -13.86 0.71 0.73
C ALA A 107 -14.80 1.74 1.38
N LEU A 108 -16.07 1.83 0.95
CA LEU A 108 -16.97 2.85 1.53
C LEU A 108 -16.80 2.94 3.06
N ILE A 109 -16.15 1.95 3.66
CA ILE A 109 -15.93 1.97 5.11
C ILE A 109 -14.57 2.57 5.43
N ALA A 110 -13.60 2.41 4.52
CA ALA A 110 -12.26 2.97 4.73
C ALA A 110 -12.18 4.35 4.09
N GLU A 111 -13.02 4.58 3.10
CA GLU A 111 -13.01 5.86 2.42
C GLU A 111 -13.38 6.99 3.38
N ALA A 112 -13.14 6.78 4.69
CA ALA A 112 -13.43 7.78 5.72
C ALA A 112 -12.14 8.08 6.48
N VAL A 113 -11.15 7.26 6.15
CA VAL A 113 -9.82 7.38 6.73
C VAL A 113 -9.03 8.43 5.96
N GLY A 114 -9.68 9.51 5.51
CA GLY A 114 -8.96 10.54 4.79
C GLY A 114 -8.09 11.39 5.72
N PRO A 115 -8.56 11.74 6.91
CA PRO A 115 -7.75 12.57 7.86
C PRO A 115 -6.33 12.07 7.88
N HIS A 116 -6.18 10.82 7.49
CA HIS A 116 -4.87 10.22 7.46
C HIS A 116 -3.98 11.11 6.61
N LEU A 117 -4.56 11.97 5.79
CA LEU A 117 -3.73 12.88 4.99
C LEU A 117 -2.73 13.58 5.91
N ALA A 118 -3.26 14.19 6.95
CA ALA A 118 -2.45 14.93 7.92
C ALA A 118 -1.32 14.02 8.42
N ARG A 119 -1.68 12.78 8.73
CA ARG A 119 -0.71 11.77 9.21
C ARG A 119 0.08 11.21 7.98
N ALA A 120 -0.68 10.85 7.04
CA ALA A 120 -0.23 10.43 5.76
C ALA A 120 0.34 11.65 5.06
N LEU A 121 0.87 12.65 5.82
CA LEU A 121 1.45 13.81 5.18
C LEU A 121 2.31 13.35 4.01
N GLY A 122 3.14 12.36 4.20
CA GLY A 122 3.99 11.86 3.13
C GLY A 122 3.14 11.66 1.91
N GLN A 123 1.86 11.37 2.15
CA GLN A 123 0.96 11.23 1.02
C GLN A 123 0.99 12.56 0.26
N ILE A 124 1.39 13.60 0.98
CA ILE A 124 1.49 14.91 0.37
C ILE A 124 2.61 14.93 -0.66
N VAL A 125 3.80 14.50 -0.26
CA VAL A 125 4.92 14.53 -1.21
C VAL A 125 4.54 13.84 -2.52
N CYS A 126 4.22 12.57 -2.45
CA CYS A 126 3.91 11.86 -3.68
C CYS A 126 2.79 12.55 -4.42
N ARG A 127 2.01 13.35 -3.68
CA ARG A 127 0.89 14.12 -4.26
C ARG A 127 1.35 15.46 -4.85
N TYR A 128 2.02 16.20 -4.02
CA TYR A 128 2.60 17.50 -4.29
C TYR A 128 4.06 17.32 -4.65
N GLY A 129 4.42 16.10 -5.07
CA GLY A 129 5.79 15.79 -5.47
C GLY A 129 5.74 14.64 -6.45
N ALA A 130 5.94 13.42 -5.95
CA ALA A 130 5.94 12.23 -6.80
C ALA A 130 7.15 12.22 -7.76
N THR A 131 8.14 11.33 -7.53
CA THR A 131 9.31 11.19 -8.41
C THR A 131 9.49 9.68 -8.61
N VAL A 132 9.79 8.95 -7.54
CA VAL A 132 9.97 7.52 -7.66
C VAL A 132 8.64 6.87 -8.02
N ILE A 133 7.73 7.65 -8.63
CA ILE A 133 6.45 7.13 -9.11
C ILE A 133 6.42 7.28 -10.66
N PRO A 134 6.59 8.49 -11.22
CA PRO A 134 6.64 8.68 -12.72
C PRO A 134 7.66 7.77 -13.41
N ASN A 135 8.82 7.60 -12.76
CA ASN A 135 9.86 6.78 -13.36
C ASN A 135 9.43 5.31 -13.40
N ILE A 136 9.31 4.68 -12.22
CA ILE A 136 8.91 3.28 -12.18
C ILE A 136 7.63 3.12 -12.98
N ASN A 137 6.97 4.24 -13.10
CA ASN A 137 5.69 4.29 -13.84
C ASN A 137 5.93 3.85 -15.28
N ALA A 138 6.90 4.45 -15.99
CA ALA A 138 7.16 4.02 -17.36
C ALA A 138 7.51 2.54 -17.42
N ALA A 139 8.10 1.99 -16.36
CA ALA A 139 8.41 0.55 -16.36
C ALA A 139 7.15 -0.22 -15.99
N ILE A 140 6.55 0.20 -14.87
CA ILE A 140 5.32 -0.45 -14.37
C ILE A 140 4.44 -0.68 -15.60
N GLU A 141 4.35 0.42 -16.31
CA GLU A 141 3.60 0.47 -17.57
C GLU A 141 3.99 -0.79 -18.34
N VAL A 142 5.29 -0.95 -18.59
CA VAL A 142 5.78 -2.15 -19.29
C VAL A 142 5.61 -3.42 -18.41
N LEU A 143 6.20 -3.41 -17.20
CA LEU A 143 6.15 -4.55 -16.28
C LEU A 143 4.72 -5.05 -15.99
N GLY A 144 3.67 -4.24 -16.23
CA GLY A 144 2.30 -4.74 -16.11
C GLY A 144 1.59 -4.39 -17.45
N THR A 145 1.30 -3.10 -17.54
CA THR A 145 0.62 -2.48 -18.72
C THR A 145 0.03 -1.11 -18.41
N GLY A 146 -0.65 -1.00 -17.27
CA GLY A 146 -1.35 0.23 -16.88
C GLY A 146 -2.85 0.01 -17.10
N THR A 147 -3.12 -1.05 -17.85
CA THR A 147 -4.52 -1.43 -18.13
C THR A 147 -5.15 -1.61 -16.74
N ASP A 148 -5.52 -0.46 -16.16
CA ASP A 148 -6.15 -0.38 -14.84
C ASP A 148 -6.74 0.99 -14.59
N TYR A 149 -7.36 1.13 -13.43
CA TYR A 149 -7.91 2.42 -12.99
C TYR A 149 -7.68 2.54 -11.48
N ARG A 150 -7.37 3.75 -11.01
CA ARG A 150 -7.14 3.99 -9.59
C ARG A 150 -7.61 5.40 -9.20
N PHE A 151 -8.12 5.55 -7.97
CA PHE A 151 -8.59 6.85 -7.49
C PHE A 151 -7.98 7.13 -6.12
O1 MTN B . 7.07 -10.01 7.26
N1 MTN B . 7.63 -9.10 6.56
C1 MTN B . 7.02 -8.52 5.34
C2 MTN B . 8.08 -7.56 4.96
C3 MTN B . 9.12 -7.55 5.77
C4 MTN B . 10.33 -6.68 5.60
S1 MTN B . 10.58 -6.09 3.89
C5 MTN B . 8.98 -8.54 6.90
C6 MTN B . 10.11 -9.56 6.96
C7 MTN B . 8.87 -7.79 8.23
C8 MTN B . 6.79 -9.55 4.25
C9 MTN B . 5.74 -7.80 5.70
H2 MTN B . 8.00 -6.92 4.09
H41 MTN B . 11.20 -7.24 5.90
H42 MTN B . 10.21 -5.83 6.26
H61 MTN B . 10.30 -9.94 5.96
H62 MTN B . 9.83 -10.38 7.60
H63 MTN B . 11.00 -9.09 7.34
H71 MTN B . 8.00 -7.14 8.20
H72 MTN B . 9.75 -7.19 8.37
H73 MTN B . 8.78 -8.49 9.04
H81 MTN B . 7.72 -10.06 4.02
H82 MTN B . 6.43 -9.07 3.35
H83 MTN B . 6.06 -10.28 4.58
H91 MTN B . 5.41 -7.21 4.84
H92 MTN B . 4.98 -8.51 5.97
H93 MTN B . 5.92 -7.13 6.53
O1 MTN C . -2.56 -3.41 -4.25
N1 MTN C . -1.77 -4.36 -4.00
C1 MTN C . -2.00 -5.35 -2.94
C2 MTN C . -0.77 -6.18 -3.09
C3 MTN C . 0.05 -5.76 -4.04
C4 MTN C . 1.37 -6.37 -4.36
S1 MTN C . 2.78 -5.59 -3.52
C5 MTN C . -0.49 -4.53 -4.77
C6 MTN C . 0.45 -3.33 -4.75
C7 MTN C . -0.87 -4.92 -6.20
C8 MTN C . -2.10 -4.73 -1.55
C9 MTN C . -3.27 -6.15 -3.28
H2 MTN C . -0.57 -7.04 -2.47
H41 MTN C . 1.53 -6.29 -5.43
H42 MTN C . 1.33 -7.42 -4.08
H61 MTN C . 0.34 -2.79 -3.82
H62 MTN C . 1.48 -3.67 -4.85
H63 MTN C . 0.23 -2.66 -5.57
H71 MTN C . -1.40 -4.10 -6.65
H72 MTN C . 0.04 -5.12 -6.77
H73 MTN C . -1.49 -5.80 -6.19
H81 MTN C . -1.24 -4.10 -1.39
H82 MTN C . -2.12 -5.51 -0.81
H83 MTN C . -3.00 -4.14 -1.48
H91 MTN C . -3.54 -6.76 -2.44
H92 MTN C . -3.09 -6.78 -4.14
H93 MTN C . -4.07 -5.47 -3.51
O1 MTN D . -3.74 10.37 -6.16
N1 MTN D . -2.56 10.10 -5.78
C1 MTN D . -1.40 10.12 -6.71
C2 MTN D . -0.32 9.75 -5.77
C3 MTN D . -0.74 9.54 -4.53
C4 MTN D . 0.13 9.18 -3.37
S1 MTN D . 0.72 10.61 -2.45
C5 MTN D . -2.23 9.74 -4.38
C6 MTN D . -2.94 8.51 -3.85
C7 MTN D . -2.52 10.96 -3.50
C8 MTN D . -1.53 9.11 -7.85
C9 MTN D . -1.19 11.53 -7.24
H2 MTN D . 0.71 9.66 -6.06
H41 MTN D . 0.98 8.64 -3.75
H42 MTN D . -0.44 8.54 -2.71
H61 MTN D . -2.77 8.41 -2.78
H62 MTN D . -2.58 7.62 -4.35
H63 MTN D . -4.01 8.60 -4.03
H71 MTN D . -2.07 10.81 -2.54
H72 MTN D . -3.58 11.08 -3.39
H73 MTN D . -2.10 11.84 -3.97
H81 MTN D . -2.37 9.38 -8.48
H82 MTN D . -1.68 8.13 -7.45
H83 MTN D . -0.62 9.12 -8.44
H91 MTN D . -0.20 11.62 -7.66
H92 MTN D . -1.30 12.25 -6.43
H93 MTN D . -1.93 11.74 -8.00
N MET A 25 5.06 -5.49 31.96
CA MET A 25 4.22 -4.80 30.94
C MET A 25 4.20 -5.65 29.67
N SER A 26 3.01 -5.93 29.15
CA SER A 26 2.86 -6.74 27.94
C SER A 26 2.89 -5.88 26.69
N ASP A 27 3.11 -4.58 26.89
CA ASP A 27 3.18 -3.62 25.77
C ASP A 27 3.02 -2.20 26.30
N PHE A 28 4.07 -1.41 26.16
CA PHE A 28 4.06 -0.01 26.59
C PHE A 28 4.94 0.80 25.67
N ASP A 29 4.54 2.04 25.40
CA ASP A 29 5.31 2.89 24.51
C ASP A 29 5.07 4.36 24.85
N THR A 30 6.09 5.21 24.64
CA THR A 30 5.98 6.64 24.92
C THR A 30 6.13 7.45 23.62
N GLU A 31 6.59 8.67 23.74
CA GLU A 31 6.75 9.55 22.60
C GLU A 31 7.68 8.94 21.57
N ARG A 32 8.83 8.50 22.02
CA ARG A 32 9.74 7.87 21.08
C ARG A 32 9.13 6.55 20.61
N VAL A 33 8.84 5.68 21.55
CA VAL A 33 8.28 4.39 21.20
C VAL A 33 6.89 4.53 20.57
N SER A 34 5.98 5.20 21.24
CA SER A 34 4.62 5.32 20.67
C SER A 34 4.61 6.23 19.43
N ARG A 35 4.95 7.50 19.58
CA ARG A 35 4.88 8.46 18.47
C ARG A 35 5.87 8.12 17.34
N ALA A 36 7.11 7.79 17.66
CA ALA A 36 8.03 7.43 16.59
C ALA A 36 7.59 6.10 16.00
N VAL A 37 7.46 5.09 16.84
CA VAL A 37 7.06 3.78 16.30
C VAL A 37 5.66 3.91 15.70
N ALA A 38 4.69 4.42 16.43
CA ALA A 38 3.38 4.52 15.81
C ALA A 38 3.43 5.42 14.57
N ALA A 39 3.79 6.68 14.76
CA ALA A 39 3.83 7.60 13.60
C ALA A 39 4.68 7.02 12.50
N ALA A 40 5.93 6.71 12.82
CA ALA A 40 6.81 6.17 11.80
C ALA A 40 6.31 4.78 11.34
N LEU A 41 6.15 3.88 12.29
CA LEU A 41 5.71 2.51 11.93
C LEU A 41 4.38 2.59 11.19
N VAL A 42 3.37 3.23 11.80
CA VAL A 42 2.07 3.33 11.12
C VAL A 42 2.15 4.34 9.96
N GLY A 43 2.53 5.58 10.24
CA GLY A 43 2.60 6.61 9.22
C GLY A 43 3.62 6.27 8.14
N PRO A 44 4.02 7.24 7.36
CA PRO A 44 4.97 7.02 6.26
C PRO A 44 6.43 6.98 6.68
N GLY A 45 6.79 7.54 7.84
CA GLY A 45 8.21 7.53 8.23
C GLY A 45 8.76 6.13 8.36
N GLY A 46 8.19 5.36 9.27
CA GLY A 46 8.65 3.99 9.43
C GLY A 46 8.48 3.25 8.11
N VAL A 47 7.26 3.29 7.60
CA VAL A 47 7.00 2.60 6.34
C VAL A 47 7.94 3.15 5.26
N ALA A 48 8.27 4.44 5.34
CA ALA A 48 9.17 5.01 4.34
C ALA A 48 10.55 4.37 4.45
N LEU A 49 11.21 4.52 5.60
CA LEU A 49 12.57 3.98 5.74
C LEU A 49 12.60 2.47 5.57
N VAL A 50 11.72 1.75 6.26
CA VAL A 50 11.77 0.30 6.15
C VAL A 50 11.57 -0.15 4.70
N VAL A 51 10.43 0.21 4.12
CA VAL A 51 10.14 -0.21 2.77
C VAL A 51 11.17 0.27 1.78
N LYS A 52 11.64 1.49 1.99
CA LYS A 52 12.61 2.06 1.09
C LYS A 52 13.95 1.34 1.25
N VAL A 53 14.43 1.32 2.48
CA VAL A 53 15.74 0.73 2.74
C VAL A 53 15.73 -0.77 2.49
N CYS A 54 14.79 -1.47 3.10
CA CYS A 54 14.77 -2.90 2.92
C CYS A 54 14.45 -3.26 1.48
N ALA A 55 13.27 -2.87 1.00
CA ALA A 55 12.85 -3.24 -0.34
C ALA A 55 13.75 -2.65 -1.40
N GLY A 56 14.00 -1.36 -1.31
CA GLY A 56 14.80 -0.70 -2.32
C GLY A 56 13.93 -0.49 -3.55
N LEU A 57 12.87 0.31 -3.36
CA LEU A 57 11.90 0.61 -4.43
C LEU A 57 10.76 -0.42 -4.41
N PRO A 58 9.64 -0.13 -3.75
CA PRO A 58 8.50 -1.10 -3.68
C PRO A 58 7.72 -1.17 -4.98
N GLY A 59 8.00 -0.24 -5.89
CA GLY A 59 7.27 -0.25 -7.14
C GLY A 59 7.47 -1.60 -7.85
N VAL A 60 8.72 -1.93 -8.16
CA VAL A 60 9.01 -3.24 -8.77
C VAL A 60 9.30 -4.18 -7.63
N ILE A 61 9.53 -5.47 -7.95
CA ILE A 61 9.82 -6.53 -6.95
C ILE A 61 8.63 -7.46 -6.79
N HIS A 62 8.81 -8.73 -7.16
CA HIS A 62 7.74 -9.71 -7.05
C HIS A 62 8.31 -11.07 -6.65
N THR A 63 7.63 -11.74 -5.72
CA THR A 63 8.06 -13.07 -5.26
C THR A 63 7.12 -14.13 -5.83
N PRO A 64 7.59 -15.07 -6.63
CA PRO A 64 6.70 -16.11 -7.22
C PRO A 64 5.77 -16.77 -6.20
N ALA A 65 6.15 -16.73 -4.92
CA ALA A 65 5.32 -17.30 -3.85
C ALA A 65 5.09 -16.30 -2.75
N ARG A 66 3.88 -16.18 -2.25
CA ARG A 66 3.61 -15.25 -1.16
C ARG A 66 2.24 -15.53 -0.56
N ARG A 67 2.01 -14.94 0.61
CA ARG A 67 0.72 -15.12 1.29
C ARG A 67 -0.41 -14.56 0.42
N GLY A 68 -0.17 -14.46 -0.89
CA GLY A 68 -1.16 -13.96 -1.84
C GLY A 68 -1.45 -12.49 -1.60
N PHE A 69 -1.32 -12.10 -0.34
CA PHE A 69 -1.57 -10.73 0.07
C PHE A 69 -1.02 -10.53 1.48
N PHE A 70 -1.05 -9.27 1.92
CA PHE A 70 -0.57 -8.85 3.26
C PHE A 70 0.69 -8.01 3.11
N ARG A 71 0.52 -6.69 3.32
CA ARG A 71 1.60 -5.69 3.22
C ARG A 71 1.50 -4.92 1.92
N CYS A 72 1.95 -3.67 1.94
CA CYS A 72 1.91 -2.83 0.75
C CYS A 72 0.47 -2.67 0.32
N ASN A 73 -0.30 -1.98 1.14
CA ASN A 73 -1.71 -1.78 0.86
C ASN A 73 -2.06 -0.29 1.01
N PRO A 74 -3.16 0.11 0.44
CA PRO A 74 -3.63 1.53 0.50
C PRO A 74 -3.94 1.97 1.94
N GLU A 75 -2.95 1.78 2.83
CA GLU A 75 -3.07 2.15 4.25
C GLU A 75 -4.52 2.08 4.75
N ARG A 76 -5.22 1.00 4.39
CA ARG A 76 -6.61 0.78 4.82
C ARG A 76 -6.73 -0.55 5.56
N ILE A 77 -7.54 -0.60 6.61
CA ILE A 77 -7.64 -1.78 7.46
C ILE A 77 -7.56 -3.08 6.66
N GLN A 78 -6.76 -3.99 7.23
CA GLN A 78 -6.51 -5.28 6.61
C GLN A 78 -7.48 -6.37 7.08
N ILE A 79 -8.69 -6.33 6.54
CA ILE A 79 -9.72 -7.34 6.83
C ILE A 79 -10.53 -7.58 5.56
N GLY A 80 -11.07 -8.78 5.37
CA GLY A 80 -11.84 -9.08 4.17
C GLY A 80 -11.00 -9.94 3.23
N ASP A 81 -9.79 -10.27 3.68
CA ASP A 81 -8.86 -11.06 2.88
C ASP A 81 -9.09 -12.58 3.02
N TRP A 82 -9.65 -13.16 1.96
CA TRP A 82 -9.89 -14.61 1.88
C TRP A 82 -8.60 -15.30 1.50
N ARG A 83 -8.58 -16.63 1.39
CA ARG A 83 -7.37 -17.36 0.99
C ARG A 83 -7.44 -17.77 -0.49
N TYR A 84 -8.53 -18.47 -0.83
CA TYR A 84 -8.82 -18.99 -2.19
C TYR A 84 -9.36 -17.89 -3.10
N GLU A 85 -9.74 -16.79 -2.50
CA GLU A 85 -10.24 -15.68 -3.24
C GLU A 85 -9.10 -15.08 -4.03
N VAL A 86 -7.90 -15.47 -3.69
CA VAL A 86 -6.71 -14.88 -4.33
C VAL A 86 -6.91 -14.78 -5.82
N ALA A 87 -7.29 -15.87 -6.47
CA ALA A 87 -7.48 -15.81 -7.87
C ALA A 87 -8.67 -14.94 -8.17
N HIS A 88 -9.77 -15.17 -7.44
CA HIS A 88 -10.98 -14.36 -7.64
C HIS A 88 -10.65 -12.86 -7.51
N ASP A 89 -10.14 -12.45 -6.36
CA ASP A 89 -9.76 -11.05 -6.16
C ASP A 89 -8.58 -10.72 -7.08
N GLY A 90 -7.53 -11.53 -7.03
CA GLY A 90 -6.37 -11.35 -7.88
C GLY A 90 -6.74 -11.53 -9.35
N ARG A 91 -7.98 -11.23 -9.69
CA ARG A 91 -8.45 -11.28 -11.06
C ARG A 91 -7.97 -10.01 -11.76
N LEU A 92 -7.32 -9.10 -11.00
CA LEU A 92 -6.87 -7.81 -11.57
C LEU A 92 -6.43 -8.05 -13.01
N LEU A 93 -5.97 -9.26 -13.25
CA LEU A 93 -5.60 -9.58 -14.63
C LEU A 93 -6.88 -9.47 -15.49
N ALA A 94 -7.87 -10.34 -15.22
CA ALA A 94 -9.13 -10.25 -15.96
C ALA A 94 -9.91 -9.10 -15.35
N ALA A 95 -10.40 -9.29 -14.11
CA ALA A 95 -11.15 -8.27 -13.35
C ALA A 95 -10.51 -6.91 -13.39
N HIS A 96 -9.39 -6.75 -14.08
CA HIS A 96 -8.66 -5.50 -14.11
C HIS A 96 -9.55 -4.32 -13.74
N MET A 97 -10.58 -4.06 -14.53
CA MET A 97 -11.47 -2.97 -14.17
C MET A 97 -12.39 -3.41 -13.02
N VAL A 98 -13.01 -4.58 -13.17
CA VAL A 98 -13.99 -5.03 -12.17
C VAL A 98 -13.44 -4.79 -10.75
N ASN A 99 -12.17 -5.14 -10.46
CA ASN A 99 -11.58 -4.92 -9.11
C ASN A 99 -12.08 -3.61 -8.49
N GLY A 100 -12.57 -2.75 -9.36
CA GLY A 100 -13.14 -1.47 -8.94
C GLY A 100 -14.03 -1.70 -7.72
N ILE A 101 -14.46 -2.97 -7.52
CA ILE A 101 -15.31 -3.33 -6.39
C ILE A 101 -14.42 -3.72 -5.22
N VAL A 102 -13.48 -4.63 -5.47
CA VAL A 102 -12.59 -5.13 -4.44
C VAL A 102 -12.27 -4.00 -3.46
N ILE A 103 -12.14 -2.77 -4.00
CA ILE A 103 -11.84 -1.59 -3.17
C ILE A 103 -13.13 -0.89 -2.68
N ALA A 104 -14.23 -1.14 -3.38
CA ALA A 104 -15.55 -0.61 -3.02
C ALA A 104 -16.23 -1.48 -1.95
N GLU A 105 -15.62 -2.63 -1.61
CA GLU A 105 -16.19 -3.49 -0.59
C GLU A 105 -15.93 -2.86 0.77
N ASP A 106 -14.67 -2.81 1.19
CA ASP A 106 -14.37 -2.21 2.47
C ASP A 106 -14.83 -0.77 2.47
N ALA A 107 -14.28 0.04 1.52
CA ALA A 107 -14.64 1.48 1.39
C ALA A 107 -15.60 1.90 2.49
N LEU A 108 -16.84 1.41 2.39
CA LEU A 108 -17.91 1.78 3.34
C LEU A 108 -17.33 2.18 4.69
N ILE A 109 -16.37 1.42 5.21
CA ILE A 109 -15.74 1.78 6.49
C ILE A 109 -14.43 2.50 6.18
N ALA A 110 -13.64 1.88 5.30
CA ALA A 110 -12.36 2.43 4.89
C ALA A 110 -12.49 3.93 4.60
N GLU A 111 -13.58 4.32 3.94
CA GLU A 111 -13.81 5.71 3.60
C GLU A 111 -13.91 6.57 4.87
N ALA A 112 -13.28 6.11 5.95
CA ALA A 112 -13.28 6.83 7.22
C ALA A 112 -11.85 7.10 7.66
N VAL A 113 -10.88 6.50 6.94
CA VAL A 113 -9.47 6.68 7.24
C VAL A 113 -8.84 7.55 6.15
N GLY A 114 -9.61 8.52 5.65
CA GLY A 114 -9.10 9.42 4.61
C GLY A 114 -8.02 10.35 5.14
N PRO A 115 -8.15 10.87 6.35
CA PRO A 115 -7.12 11.77 6.95
C PRO A 115 -5.72 11.24 6.72
N HIS A 116 -5.63 9.98 6.30
CA HIS A 116 -4.37 9.37 6.03
C HIS A 116 -3.62 10.19 4.98
N LEU A 117 -4.36 11.03 4.26
CA LEU A 117 -3.75 11.87 3.24
C LEU A 117 -2.86 12.93 3.90
N ALA A 118 -3.46 13.76 4.76
CA ALA A 118 -2.70 14.80 5.44
C ALA A 118 -1.56 14.14 6.19
N ARG A 119 -1.89 13.12 6.99
CA ARG A 119 -0.87 12.42 7.72
C ARG A 119 0.18 11.96 6.72
N ALA A 120 -0.22 11.18 5.75
CA ALA A 120 0.77 10.67 4.82
C ALA A 120 1.70 11.77 4.35
N LEU A 121 1.33 13.04 4.63
CA LEU A 121 1.98 14.24 4.06
C LEU A 121 3.09 13.88 3.08
N GLY A 122 4.07 13.09 3.40
CA GLY A 122 5.03 12.72 2.41
C GLY A 122 4.28 12.22 1.17
N GLN A 123 3.02 11.75 1.34
CA GLN A 123 2.25 11.30 0.18
C GLN A 123 1.90 12.52 -0.65
N ILE A 124 1.89 13.65 0.02
CA ILE A 124 1.60 14.92 -0.65
C ILE A 124 2.71 15.19 -1.68
N VAL A 125 3.95 14.86 -1.33
CA VAL A 125 5.06 15.09 -2.24
C VAL A 125 4.84 14.25 -3.50
N CYS A 126 4.76 12.93 -3.35
CA CYS A 126 4.58 12.05 -4.49
C CYS A 126 3.53 12.59 -5.46
N ARG A 127 2.68 13.48 -4.94
CA ARG A 127 1.61 14.12 -5.75
C ARG A 127 2.13 15.41 -6.40
N TYR A 128 2.95 16.06 -5.61
CA TYR A 128 3.66 17.30 -5.95
C TYR A 128 5.10 16.99 -6.34
N GLY A 129 5.38 15.76 -6.72
CA GLY A 129 6.71 15.39 -7.14
C GLY A 129 6.63 14.08 -7.90
N ALA A 130 6.73 12.99 -7.15
CA ALA A 130 6.66 11.67 -7.73
C ALA A 130 7.88 11.41 -8.65
N THR A 131 9.10 11.31 -8.08
CA THR A 131 10.28 11.05 -8.91
C THR A 131 10.32 9.56 -9.27
N VAL A 132 10.41 8.70 -8.26
CA VAL A 132 10.48 7.26 -8.52
C VAL A 132 9.16 6.79 -9.11
N ILE A 133 8.06 7.27 -8.53
CA ILE A 133 6.72 6.88 -8.95
C ILE A 133 6.66 6.70 -10.50
N PRO A 134 6.92 7.72 -11.31
CA PRO A 134 6.89 7.63 -12.81
C PRO A 134 7.95 6.67 -13.37
N ASN A 135 9.00 6.39 -12.60
CA ASN A 135 10.07 5.52 -13.09
C ASN A 135 9.55 4.10 -13.36
N ILE A 136 9.22 3.39 -12.29
CA ILE A 136 8.72 2.02 -12.43
C ILE A 136 7.30 2.05 -12.97
N ASN A 137 6.66 3.16 -12.71
CA ASN A 137 5.28 3.31 -13.12
C ASN A 137 5.16 2.99 -14.59
N ALA A 138 5.88 3.72 -15.41
CA ALA A 138 5.89 3.52 -16.84
C ALA A 138 6.50 2.17 -17.19
N ALA A 139 7.29 1.62 -16.27
CA ALA A 139 7.88 0.32 -16.50
C ALA A 139 6.85 -0.80 -16.31
N ILE A 140 6.28 -0.94 -15.11
CA ILE A 140 5.32 -2.01 -14.87
C ILE A 140 4.00 -1.77 -15.57
N GLU A 141 3.52 -0.52 -15.53
CA GLU A 141 2.23 -0.19 -16.15
C GLU A 141 2.23 -0.77 -17.55
N VAL A 142 3.19 -0.34 -18.36
CA VAL A 142 3.26 -0.84 -19.71
C VAL A 142 3.32 -2.35 -19.69
N LEU A 143 3.58 -2.95 -18.51
CA LEU A 143 3.55 -4.40 -18.44
C LEU A 143 2.08 -4.83 -18.43
N GLY A 144 1.26 -4.42 -17.42
CA GLY A 144 -0.14 -4.85 -17.47
C GLY A 144 -0.89 -4.21 -18.64
N THR A 145 -1.35 -2.99 -18.41
CA THR A 145 -2.10 -2.23 -19.41
C THR A 145 -2.07 -0.75 -19.01
N GLY A 146 -1.75 -0.54 -17.75
CA GLY A 146 -1.64 0.77 -17.12
C GLY A 146 -2.75 1.01 -16.10
N THR A 147 -3.96 0.52 -16.35
CA THR A 147 -5.08 0.72 -15.42
C THR A 147 -4.64 0.78 -13.96
N ASP A 148 -4.43 1.99 -13.47
CA ASP A 148 -4.01 2.21 -12.08
C ASP A 148 -4.57 3.53 -11.58
N TYR A 149 -4.88 3.61 -10.29
CA TYR A 149 -5.41 4.85 -9.71
C TYR A 149 -5.04 4.94 -8.24
N ARG A 150 -4.90 6.17 -7.74
CA ARG A 150 -4.59 6.40 -6.34
C ARG A 150 -5.21 7.73 -5.88
N PHE A 151 -5.55 7.82 -4.60
CA PHE A 151 -6.13 9.05 -4.04
C PHE A 151 -6.07 8.97 -2.51
O1 MTN B . 7.72 -9.34 7.03
N1 MTN B . 8.47 -8.69 6.25
C1 MTN B . 8.01 -8.10 4.97
C2 MTN B . 9.29 -7.49 4.48
C3 MTN B . 10.31 -7.68 5.28
C4 MTN B . 11.70 -7.18 5.02
S1 MTN B . 11.77 -5.80 3.86
C5 MTN B . 9.94 -8.47 6.52
C6 MTN B . 10.78 -9.74 6.68
C7 MTN B . 10.07 -7.59 7.76
C8 MTN B . 7.51 -9.15 3.98
C9 MTN B . 6.97 -7.00 5.27
H2 MTN B . 9.36 -6.95 3.55
H41 MTN B . 12.27 -7.99 4.60
H42 MTN B . 12.14 -6.89 5.97
H61 MTN B . 11.82 -9.46 6.80
H62 MTN B . 10.66 -10.36 5.81
H63 MTN B . 10.45 -10.28 7.56
H71 MTN B . 9.58 -6.64 7.59
H72 MTN B . 11.11 -7.42 7.98
H73 MTN B . 9.60 -8.07 8.60
H81 MTN B . 7.38 -8.70 3.01
H82 MTN B . 6.57 -9.56 4.33
H83 MTN B . 8.23 -9.95 3.90
H91 MTN B . 6.95 -6.79 6.33
H92 MTN B . 7.22 -6.09 4.74
H93 MTN B . 5.98 -7.33 4.97
O1 MTN C . -2.63 -4.20 -2.87
N1 MTN C . -1.42 -4.40 -3.18
C1 MTN C . -0.72 -5.68 -2.96
C2 MTN C . 0.63 -5.32 -3.46
C3 MTN C . 0.71 -4.08 -3.92
C4 MTN C . 1.96 -3.45 -4.47
S1 MTN C . 3.38 -3.53 -3.34
C5 MTN C . -0.59 -3.32 -3.83
C6 MTN C . -0.54 -1.97 -3.09
C7 MTN C . -1.15 -3.16 -5.24
C8 MTN C . -0.72 -6.14 -1.51
C9 MTN C . -1.35 -6.73 -3.86
H2 MTN C . 1.46 -6.00 -3.45
H41 MTN C . 1.75 -2.42 -4.67
H42 MTN C . 2.21 -3.97 -5.39
H61 MTN C . -0.59 -1.15 -3.79
H62 MTN C . -1.36 -1.91 -2.41
H63 MTN C . 0.38 -1.89 -2.54
H71 MTN C . -0.46 -2.58 -5.84
H72 MTN C . -1.29 -4.14 -5.70
H73 MTN C . -2.10 -2.65 -5.20
H81 MTN C . -0.35 -5.36 -0.88
H82 MTN C . -0.09 -7.01 -1.42
H83 MTN C . -1.73 -6.39 -1.21
H91 MTN C . -0.76 -7.64 -3.82
H92 MTN C . -1.38 -6.37 -4.87
H93 MTN C . -2.35 -6.94 -3.51
O1 MTN D . -3.33 11.33 -5.90
N1 MTN D . -2.35 10.54 -6.02
C1 MTN D . -1.83 10.11 -7.34
C2 MTN D . -0.75 9.18 -6.90
C3 MTN D . -0.63 9.10 -5.59
C4 MTN D . 0.40 8.25 -4.89
S1 MTN D . 1.53 9.19 -3.82
C5 MTN D . -1.65 9.97 -4.85
C6 MTN D . -2.55 9.22 -3.86
C7 MTN D . -0.94 11.16 -4.19
C8 MTN D . -2.86 9.42 -8.24
C9 MTN D . -1.21 11.30 -8.05
H2 MTN D . -0.13 8.63 -7.59
H41 MTN D . 0.99 7.75 -5.63
H42 MTN D . -0.13 7.51 -4.30
H61 MTN D . -2.86 9.88 -3.06
H62 MTN D . -2.04 8.38 -3.44
H63 MTN D . -3.44 8.88 -4.37
H71 MTN D . -0.63 10.88 -3.20
H72 MTN D . -1.62 11.99 -4.11
H73 MTN D . -0.07 11.45 -4.76
H81 MTN D . -2.36 9.04 -9.13
H82 MTN D . -3.62 10.13 -8.54
H83 MTN D . -3.31 8.61 -7.72
H91 MTN D . -1.98 12.02 -8.30
H92 MTN D . -0.73 10.98 -8.95
H93 MTN D . -0.49 11.77 -7.40
N MET A 25 10.54 -6.30 32.57
CA MET A 25 9.10 -6.20 32.21
C MET A 25 8.84 -7.07 30.96
N SER A 26 7.55 -7.27 30.65
CA SER A 26 7.16 -8.09 29.50
C SER A 26 7.20 -7.30 28.20
N ASP A 27 7.70 -6.06 28.28
CA ASP A 27 7.83 -5.17 27.10
C ASP A 27 7.77 -3.70 27.51
N PHE A 28 8.78 -2.94 27.07
CA PHE A 28 8.83 -1.51 27.38
C PHE A 28 9.67 -0.75 26.35
N ASP A 29 9.34 0.52 26.14
CA ASP A 29 10.06 1.35 25.18
C ASP A 29 9.97 2.83 25.56
N THR A 30 11.00 3.62 25.25
CA THR A 30 10.99 5.05 25.61
C THR A 30 10.17 5.85 24.58
N GLU A 31 9.91 7.10 24.88
CA GLU A 31 9.09 7.94 23.99
C GLU A 31 9.70 7.98 22.59
N ARG A 32 10.94 8.41 22.53
CA ARG A 32 11.61 8.53 21.24
C ARG A 32 11.48 7.18 20.54
N VAL A 33 11.96 6.16 21.25
CA VAL A 33 11.91 4.81 20.72
C VAL A 33 10.44 4.37 20.59
N SER A 34 9.67 4.47 21.65
CA SER A 34 8.26 4.04 21.60
C SER A 34 7.43 4.90 20.63
N ARG A 35 7.28 6.18 20.95
CA ARG A 35 6.45 7.07 20.14
C ARG A 35 7.03 7.29 18.74
N ALA A 36 8.26 7.78 18.66
CA ALA A 36 8.81 8.06 17.32
C ALA A 36 8.68 6.78 16.49
N VAL A 37 9.14 5.69 17.08
CA VAL A 37 9.03 4.42 16.38
C VAL A 37 7.55 4.14 16.19
N ALA A 38 6.74 4.24 17.23
CA ALA A 38 5.33 3.92 17.02
C ALA A 38 4.80 4.83 15.91
N ALA A 39 4.87 6.13 16.13
CA ALA A 39 4.36 7.09 15.15
C ALA A 39 5.01 6.82 13.77
N ALA A 40 6.33 6.77 13.75
CA ALA A 40 7.05 6.52 12.49
C ALA A 40 6.71 5.12 11.97
N LEU A 41 6.98 4.13 12.81
CA LEU A 41 6.74 2.72 12.44
C LEU A 41 5.28 2.57 12.04
N VAL A 42 4.38 2.98 12.91
CA VAL A 42 2.96 2.86 12.58
C VAL A 42 2.63 3.85 11.45
N GLY A 43 2.88 5.13 11.69
CA GLY A 43 2.58 6.19 10.73
C GLY A 43 3.26 5.93 9.40
N PRO A 44 3.37 6.94 8.58
CA PRO A 44 3.98 6.81 7.25
C PRO A 44 5.52 6.90 7.25
N GLY A 45 6.11 7.66 8.20
CA GLY A 45 7.57 7.83 8.20
C GLY A 45 8.34 6.52 8.40
N GLY A 46 8.15 5.88 9.54
CA GLY A 46 8.92 4.65 9.80
C GLY A 46 8.68 3.74 8.62
N VAL A 47 7.42 3.52 8.32
CA VAL A 47 7.10 2.69 7.17
C VAL A 47 7.73 3.30 5.92
N ALA A 48 7.93 4.64 5.90
CA ALA A 48 8.54 5.22 4.70
C ALA A 48 9.98 4.69 4.49
N LEU A 49 10.91 4.94 5.42
CA LEU A 49 12.29 4.48 5.21
C LEU A 49 12.40 2.97 5.16
N VAL A 50 11.78 2.29 6.11
CA VAL A 50 11.91 0.84 6.14
C VAL A 50 11.41 0.25 4.84
N VAL A 51 10.15 0.51 4.51
CA VAL A 51 9.59 -0.03 3.29
C VAL A 51 10.35 0.47 2.07
N LYS A 52 10.78 1.71 2.13
CA LYS A 52 11.50 2.27 1.00
C LYS A 52 12.84 1.58 0.82
N VAL A 53 13.64 1.65 1.85
CA VAL A 53 14.98 1.07 1.76
C VAL A 53 14.92 -0.43 1.60
N CYS A 54 14.15 -1.09 2.46
CA CYS A 54 14.07 -2.52 2.37
C CYS A 54 13.40 -2.91 1.06
N ALA A 55 12.16 -2.50 0.88
CA ALA A 55 11.45 -2.90 -0.32
C ALA A 55 12.13 -2.33 -1.57
N GLY A 56 12.43 -1.03 -1.53
CA GLY A 56 13.09 -0.41 -2.66
C GLY A 56 12.26 -0.56 -3.92
N LEU A 57 11.01 -0.04 -3.94
CA LEU A 57 10.06 -0.09 -5.08
C LEU A 57 9.01 -1.22 -4.91
N PRO A 58 7.74 -0.99 -5.28
CA PRO A 58 6.65 -2.00 -5.11
C PRO A 58 7.01 -3.37 -5.70
N GLY A 59 7.32 -3.45 -7.00
CA GLY A 59 7.61 -4.77 -7.57
C GLY A 59 8.89 -5.30 -6.94
N VAL A 60 10.00 -4.57 -7.10
CA VAL A 60 11.28 -4.99 -6.51
C VAL A 60 10.97 -5.57 -5.13
N ILE A 61 11.63 -6.66 -4.77
CA ILE A 61 11.38 -7.33 -3.47
C ILE A 61 10.02 -8.06 -3.52
N HIS A 62 9.94 -9.17 -4.25
CA HIS A 62 8.69 -9.90 -4.34
C HIS A 62 8.98 -11.39 -4.28
N THR A 63 8.17 -12.10 -3.49
CA THR A 63 8.33 -13.55 -3.35
C THR A 63 7.10 -14.25 -3.95
N PRO A 64 7.28 -15.35 -4.63
CA PRO A 64 6.14 -16.08 -5.27
C PRO A 64 5.26 -16.77 -4.23
N ALA A 65 5.69 -16.77 -2.97
CA ALA A 65 4.93 -17.44 -1.92
C ALA A 65 4.36 -16.45 -0.94
N ARG A 66 3.13 -16.03 -1.20
CA ARG A 66 2.47 -15.04 -0.36
C ARG A 66 1.12 -15.55 0.17
N ARG A 67 0.90 -15.22 1.43
CA ARG A 67 -0.33 -15.60 2.16
C ARG A 67 -1.55 -15.02 1.40
N GLY A 68 -1.49 -15.03 0.06
CA GLY A 68 -2.55 -14.51 -0.79
C GLY A 68 -2.63 -13.01 -0.63
N PHE A 69 -2.28 -12.56 0.56
CA PHE A 69 -2.28 -11.14 0.89
C PHE A 69 -1.59 -10.94 2.25
N PHE A 70 -1.44 -9.66 2.61
CA PHE A 70 -0.80 -9.16 3.86
C PHE A 70 0.44 -8.38 3.48
N ARG A 71 0.37 -7.05 3.68
CA ARG A 71 1.46 -6.12 3.39
C ARG A 71 1.25 -5.42 2.07
N CYS A 72 1.81 -4.22 1.97
CA CYS A 72 1.69 -3.42 0.76
C CYS A 72 0.24 -3.00 0.58
N ASN A 73 -0.23 -2.09 1.44
CA ASN A 73 -1.63 -1.63 1.36
C ASN A 73 -1.69 -0.11 1.54
N PRO A 74 -2.78 0.50 1.12
CA PRO A 74 -3.00 1.98 1.24
C PRO A 74 -2.98 2.44 2.71
N GLU A 75 -1.86 2.19 3.39
CA GLU A 75 -1.72 2.60 4.79
C GLU A 75 -2.99 2.24 5.59
N ARG A 76 -3.66 1.18 5.16
CA ARG A 76 -4.89 0.71 5.81
C ARG A 76 -4.76 -0.77 6.22
N ILE A 77 -5.49 -1.13 7.27
CA ILE A 77 -5.43 -2.48 7.82
C ILE A 77 -5.74 -3.61 6.80
N GLN A 78 -4.93 -4.64 7.00
CA GLN A 78 -4.99 -5.87 6.19
C GLN A 78 -6.00 -6.88 6.76
N ILE A 79 -7.28 -6.74 6.34
CA ILE A 79 -8.35 -7.67 6.76
C ILE A 79 -9.33 -7.87 5.59
N GLY A 80 -9.99 -9.04 5.50
CA GLY A 80 -10.95 -9.30 4.41
C GLY A 80 -10.32 -10.18 3.34
N ASP A 81 -9.07 -10.59 3.58
CA ASP A 81 -8.33 -11.39 2.63
C ASP A 81 -8.51 -12.91 2.84
N TRP A 82 -9.17 -13.51 1.87
CA TRP A 82 -9.41 -14.96 1.84
C TRP A 82 -8.16 -15.65 1.32
N ARG A 83 -8.17 -16.98 1.14
CA ARG A 83 -6.99 -17.71 0.64
C ARG A 83 -7.11 -17.96 -0.89
N TYR A 84 -8.25 -18.56 -1.25
CA TYR A 84 -8.64 -18.94 -2.63
C TYR A 84 -9.13 -17.74 -3.43
N GLU A 85 -9.24 -16.62 -2.77
CA GLU A 85 -9.67 -15.41 -3.41
C GLU A 85 -8.58 -14.92 -4.35
N VAL A 86 -7.38 -15.43 -4.16
CA VAL A 86 -6.24 -14.93 -4.93
C VAL A 86 -6.61 -14.81 -6.39
N ALA A 87 -7.12 -15.86 -6.96
CA ALA A 87 -7.50 -15.83 -8.33
C ALA A 87 -8.64 -14.85 -8.51
N HIS A 88 -9.66 -14.97 -7.64
CA HIS A 88 -10.83 -14.08 -7.69
C HIS A 88 -10.39 -12.59 -7.65
N ASP A 89 -9.70 -12.20 -6.59
CA ASP A 89 -9.23 -10.83 -6.50
C ASP A 89 -8.15 -10.62 -7.56
N GLY A 90 -7.17 -11.53 -7.60
CA GLY A 90 -6.09 -11.48 -8.58
C GLY A 90 -6.59 -11.62 -10.00
N ARG A 91 -7.79 -11.16 -10.22
CA ARG A 91 -8.38 -11.15 -11.53
C ARG A 91 -7.82 -9.97 -12.30
N LEU A 92 -6.97 -9.16 -11.62
CA LEU A 92 -6.44 -7.95 -12.26
C LEU A 92 -6.19 -8.25 -13.74
N LEU A 93 -5.89 -9.51 -14.01
CA LEU A 93 -5.60 -9.92 -15.39
C LEU A 93 -6.88 -9.92 -16.25
N ALA A 94 -7.80 -10.86 -16.00
CA ALA A 94 -9.02 -10.89 -16.81
C ALA A 94 -9.96 -9.79 -16.35
N ALA A 95 -10.64 -10.02 -15.25
CA ALA A 95 -11.59 -9.10 -14.65
C ALA A 95 -10.98 -7.74 -14.30
N HIS A 96 -9.77 -7.50 -14.82
CA HIS A 96 -9.02 -6.27 -14.54
C HIS A 96 -9.89 -5.13 -14.00
N MET A 97 -10.88 -4.70 -14.74
CA MET A 97 -11.69 -3.59 -14.29
C MET A 97 -12.49 -3.97 -13.03
N VAL A 98 -13.24 -5.06 -13.08
CA VAL A 98 -14.11 -5.39 -11.94
C VAL A 98 -13.37 -5.21 -10.62
N ASN A 99 -12.14 -5.70 -10.45
CA ASN A 99 -11.37 -5.50 -9.20
C ASN A 99 -11.66 -4.10 -8.62
N GLY A 100 -12.09 -3.23 -9.50
CA GLY A 100 -12.50 -1.90 -9.09
C GLY A 100 -13.46 -2.05 -7.91
N ILE A 101 -14.03 -3.24 -7.78
CA ILE A 101 -15.01 -3.52 -6.73
C ILE A 101 -14.43 -3.24 -5.35
N VAL A 102 -13.22 -3.72 -5.05
CA VAL A 102 -12.61 -3.48 -3.74
C VAL A 102 -12.78 -2.06 -3.27
N ILE A 103 -13.09 -1.16 -4.20
CA ILE A 103 -13.29 0.24 -3.80
C ILE A 103 -14.76 0.57 -3.46
N ALA A 104 -15.67 0.00 -4.23
CA ALA A 104 -17.11 0.25 -4.04
C ALA A 104 -17.75 -0.60 -2.95
N GLU A 105 -17.17 -1.76 -2.65
CA GLU A 105 -17.78 -2.64 -1.64
C GLU A 105 -17.26 -2.43 -0.22
N ASP A 106 -16.04 -2.87 0.10
CA ASP A 106 -15.53 -2.71 1.46
C ASP A 106 -14.72 -1.44 1.72
N ALA A 107 -14.16 -0.80 0.68
CA ALA A 107 -13.32 0.36 0.96
C ALA A 107 -14.09 1.45 1.69
N LEU A 108 -15.33 1.71 1.31
CA LEU A 108 -16.11 2.76 1.94
C LEU A 108 -15.92 2.81 3.47
N ILE A 109 -15.35 1.75 4.02
CA ILE A 109 -15.13 1.68 5.47
C ILE A 109 -13.75 2.24 5.86
N ALA A 110 -12.72 1.87 5.09
CA ALA A 110 -11.35 2.32 5.37
C ALA A 110 -11.00 3.57 4.57
N GLU A 111 -11.71 3.78 3.46
CA GLU A 111 -11.47 4.95 2.61
C GLU A 111 -12.24 6.14 3.16
N ALA A 112 -13.33 5.84 3.87
CA ALA A 112 -14.14 6.89 4.44
C ALA A 112 -13.35 7.69 5.46
N VAL A 113 -12.02 7.53 5.51
CA VAL A 113 -11.19 8.25 6.46
C VAL A 113 -10.82 9.63 5.93
N GLY A 114 -11.81 10.36 5.38
CA GLY A 114 -11.56 11.65 4.73
C GLY A 114 -10.36 12.37 5.38
N PRO A 115 -10.19 12.39 6.71
CA PRO A 115 -8.92 12.91 7.31
C PRO A 115 -7.68 12.40 6.54
N HIS A 116 -7.91 11.52 5.53
CA HIS A 116 -6.83 10.92 4.77
C HIS A 116 -5.88 12.02 4.35
N LEU A 117 -6.34 13.27 4.43
CA LEU A 117 -5.48 14.40 4.12
C LEU A 117 -4.28 14.30 5.07
N ALA A 118 -4.53 14.14 6.38
CA ALA A 118 -3.41 14.08 7.32
C ALA A 118 -2.37 13.13 6.74
N ARG A 119 -2.81 11.94 6.35
CA ARG A 119 -1.92 11.00 5.73
C ARG A 119 -1.39 11.61 4.43
N ALA A 120 -2.17 12.50 3.80
CA ALA A 120 -1.67 13.10 2.54
C ALA A 120 -0.32 13.71 2.84
N LEU A 121 -0.32 14.52 3.89
CA LEU A 121 0.90 15.23 4.30
C LEU A 121 2.13 14.28 4.07
N GLY A 122 1.88 12.97 4.10
CA GLY A 122 2.93 11.98 3.77
C GLY A 122 3.02 11.75 2.24
N GLN A 123 1.85 11.48 1.69
CA GLN A 123 1.67 11.30 0.29
C GLN A 123 1.71 12.67 -0.37
N ILE A 124 2.09 13.72 0.41
CA ILE A 124 2.16 15.07 -0.14
C ILE A 124 3.17 15.10 -1.22
N VAL A 125 4.40 14.69 -0.92
CA VAL A 125 5.38 14.71 -1.97
C VAL A 125 4.85 13.88 -3.12
N CYS A 126 4.59 12.61 -2.86
CA CYS A 126 4.13 11.72 -3.92
C CYS A 126 3.06 12.37 -4.80
N ARG A 127 2.46 13.43 -4.29
CA ARG A 127 1.44 14.19 -5.03
C ARG A 127 2.01 15.45 -5.70
N TYR A 128 2.94 16.07 -4.98
CA TYR A 128 3.65 17.29 -5.38
C TYR A 128 5.05 16.94 -5.86
N GLY A 129 5.28 15.71 -6.27
CA GLY A 129 6.61 15.35 -6.74
C GLY A 129 6.65 13.97 -7.37
N ALA A 130 5.56 13.18 -7.18
CA ALA A 130 5.46 11.81 -7.72
C ALA A 130 6.49 11.55 -8.83
N THR A 131 7.78 11.52 -8.47
CA THR A 131 8.84 11.30 -9.44
C THR A 131 9.57 10.02 -9.09
N VAL A 132 9.25 9.43 -7.93
CA VAL A 132 9.89 8.19 -7.49
C VAL A 132 9.14 6.98 -8.07
N ILE A 133 8.32 7.22 -9.11
CA ILE A 133 7.58 6.18 -9.81
C ILE A 133 8.03 5.95 -11.30
N PRO A 134 8.73 6.90 -11.94
CA PRO A 134 9.07 6.84 -13.40
C PRO A 134 9.76 5.58 -13.81
N ASN A 135 10.65 5.06 -12.99
CA ASN A 135 11.35 3.86 -13.38
C ASN A 135 10.33 2.72 -13.53
N ILE A 136 9.76 2.30 -12.41
CA ILE A 136 8.81 1.19 -12.44
C ILE A 136 7.59 1.58 -13.24
N ASN A 137 7.29 2.86 -13.25
CA ASN A 137 6.10 3.29 -13.93
C ASN A 137 6.15 2.90 -15.38
N ALA A 138 7.09 3.43 -16.13
CA ALA A 138 7.18 3.08 -17.53
C ALA A 138 7.46 1.61 -17.74
N ALA A 139 8.10 0.95 -16.77
CA ALA A 139 8.37 -0.48 -16.93
C ALA A 139 7.10 -1.29 -16.68
N ILE A 140 6.53 -1.18 -15.47
CA ILE A 140 5.34 -1.94 -15.15
C ILE A 140 4.20 -1.49 -16.07
N GLU A 141 4.01 -0.18 -16.18
CA GLU A 141 2.91 0.33 -17.00
C GLU A 141 2.92 -0.38 -18.34
N VAL A 142 3.95 -0.15 -19.13
CA VAL A 142 4.04 -0.79 -20.42
C VAL A 142 3.78 -2.28 -20.26
N LEU A 143 3.98 -2.85 -19.06
CA LEU A 143 3.70 -4.26 -18.88
C LEU A 143 2.20 -4.43 -18.74
N GLY A 144 1.56 -3.80 -17.72
CA GLY A 144 0.11 -3.91 -17.65
C GLY A 144 -0.48 -3.27 -18.90
N THR A 145 -0.57 -1.95 -18.83
CA THR A 145 -1.08 -1.09 -19.94
C THR A 145 -1.74 0.21 -19.45
N GLY A 146 -2.08 0.30 -18.17
CA GLY A 146 -2.79 1.48 -17.64
C GLY A 146 -4.21 1.07 -17.31
N THR A 147 -4.59 -0.11 -17.80
CA THR A 147 -5.92 -0.63 -17.53
C THR A 147 -6.05 -0.72 -16.01
N ASP A 148 -6.32 0.43 -15.42
CA ASP A 148 -6.48 0.56 -13.99
C ASP A 148 -7.15 1.88 -13.61
N TYR A 149 -7.53 1.97 -12.33
CA TYR A 149 -8.14 3.18 -11.79
C TYR A 149 -7.72 3.33 -10.32
N ARG A 150 -7.54 4.58 -9.87
CA ARG A 150 -7.17 4.86 -8.48
C ARG A 150 -7.76 6.21 -8.04
N PHE A 151 -8.08 6.34 -6.75
CA PHE A 151 -8.62 7.58 -6.20
C PHE A 151 -7.74 8.10 -5.07
O1 MTN B . 7.82 -9.13 6.95
N1 MTN B . 8.56 -8.46 6.19
C1 MTN B . 8.18 -8.05 4.81
C2 MTN B . 9.39 -7.30 4.41
C3 MTN B . 10.33 -7.27 5.34
C4 MTN B . 11.65 -6.58 5.21
S1 MTN B . 11.90 -5.75 3.62
C5 MTN B . 9.92 -7.99 6.61
C6 MTN B . 10.89 -9.11 6.98
C7 MTN B . 9.77 -6.99 7.75
C8 MTN B . 7.92 -9.23 3.89
C9 MTN B . 6.97 -7.13 4.86
H2 MTN B . 9.49 -6.83 3.44
H41 MTN B . 12.42 -7.33 5.32
H42 MTN B . 11.74 -5.86 6.01
H61 MTN B . 11.85 -8.68 7.22
H62 MTN B . 11.00 -9.79 6.16
H63 MTN B . 10.51 -9.64 7.85
H71 MTN B . 9.10 -6.20 7.45
H72 MTN B . 10.73 -6.58 8.00
H73 MTN B . 9.37 -7.50 8.61
H81 MTN B . 8.80 -9.86 3.84
H82 MTN B . 7.69 -8.86 2.90
H83 MTN B . 7.09 -9.81 4.26
H91 MTN B . 7.20 -6.27 5.48
H92 MTN B . 6.74 -6.80 3.86
H93 MTN B . 6.14 -7.66 5.28
O1 MTN C . -2.86 -4.48 -3.75
N1 MTN C . -1.65 -4.11 -3.67
C1 MTN C . -0.53 -5.07 -3.62
C2 MTN C . 0.61 -4.11 -3.51
C3 MTN C . 0.24 -2.85 -3.48
C4 MTN C . 1.17 -1.69 -3.39
S1 MTN C . 1.94 -1.53 -1.76
C5 MTN C . -1.26 -2.68 -3.59
C6 MTN C . -1.89 -1.92 -2.40
C7 MTN C . -1.62 -2.03 -4.93
C8 MTN C . -0.60 -6.01 -2.43
C9 MTN C . -0.46 -5.83 -4.93
H2 MTN C . 1.64 -4.44 -3.46
H41 MTN C . 0.61 -0.80 -3.58
H42 MTN C . 1.94 -1.82 -4.13
H61 MTN C . -2.35 -2.64 -1.74
H62 MTN C . -1.14 -1.38 -1.86
H63 MTN C . -2.65 -1.24 -2.75
H71 MTN C . -1.27 -1.00 -4.93
H72 MTN C . -1.15 -2.57 -5.73
H73 MTN C . -2.69 -2.04 -5.07
H81 MTN C . 0.38 -6.46 -2.26
H82 MTN C . -1.32 -6.79 -2.62
H83 MTN C . -0.89 -5.46 -1.54
H91 MTN C . -1.29 -6.50 -5.00
H92 MTN C . 0.46 -6.39 -4.98
H93 MTN C . -0.50 -5.13 -5.76
O1 MTN D . -3.30 10.71 -6.82
N1 MTN D . -2.03 10.59 -6.84
C1 MTN D . -1.15 11.46 -7.63
C2 MTN D . 0.17 10.89 -7.28
C3 MTN D . 0.11 9.87 -6.45
C4 MTN D . 1.30 9.09 -5.96
S1 MTN D . 1.27 8.67 -4.19
C5 MTN D . -1.32 9.55 -6.04
C6 MTN D . -1.74 8.12 -6.37
C7 MTN D . -1.55 9.86 -4.55
C8 MTN D . -1.42 11.38 -9.13
C9 MTN D . -1.26 12.90 -7.14
H2 MTN D . 1.11 11.28 -7.68
H41 MTN D . 2.19 9.67 -6.15
H42 MTN D . 1.34 8.18 -6.53
H61 MTN D . -1.08 7.43 -5.88
H62 MTN D . -1.69 7.97 -7.44
H63 MTN D . -2.75 7.95 -6.03
H71 MTN D . -1.36 8.98 -3.95
H72 MTN D . -2.59 10.16 -4.40
H73 MTN D . -0.90 10.66 -4.22
H81 MTN D . -0.67 11.96 -9.66
H82 MTN D . -2.39 11.79 -9.34
H83 MTN D . -1.38 10.36 -9.44
H91 MTN D . -2.21 13.32 -7.45
H92 MTN D . -0.46 13.48 -7.56
H93 MTN D . -1.19 12.91 -6.06
N MET A 25 10.91 -5.48 31.33
CA MET A 25 9.61 -6.19 31.47
C MET A 25 9.38 -7.04 30.22
N SER A 26 8.12 -7.33 29.92
CA SER A 26 7.75 -8.12 28.74
C SER A 26 7.08 -7.23 27.70
N ASP A 27 6.85 -5.96 28.05
CA ASP A 27 6.20 -5.04 27.13
C ASP A 27 6.17 -3.62 27.70
N PHE A 28 7.19 -2.83 27.37
CA PHE A 28 7.25 -1.45 27.82
C PHE A 28 8.00 -0.60 26.81
N ASP A 29 7.57 0.65 26.64
CA ASP A 29 8.20 1.54 25.67
C ASP A 29 8.07 2.98 26.14
N THR A 30 9.08 3.82 25.83
CA THR A 30 9.06 5.23 26.22
C THR A 30 8.67 6.11 25.05
N GLU A 31 8.65 7.39 25.26
CA GLU A 31 8.30 8.34 24.23
C GLU A 31 9.17 8.16 22.99
N ARG A 32 10.45 7.93 23.15
CA ARG A 32 11.28 7.73 21.97
C ARG A 32 10.93 6.41 21.30
N VAL A 33 11.16 5.37 22.00
CA VAL A 33 10.82 4.06 21.45
C VAL A 33 9.33 4.02 21.10
N SER A 34 8.50 4.54 21.98
CA SER A 34 7.06 4.53 21.73
C SER A 34 6.70 5.45 20.58
N ARG A 35 6.88 6.73 20.78
CA ARG A 35 6.52 7.71 19.76
C ARG A 35 7.30 7.47 18.50
N ALA A 36 8.58 7.18 18.62
CA ALA A 36 9.39 6.95 17.42
C ALA A 36 9.00 5.65 16.75
N VAL A 37 9.16 4.58 17.47
CA VAL A 37 8.82 3.29 16.92
C VAL A 37 7.36 3.38 16.51
N ALA A 38 6.52 3.90 17.35
CA ALA A 38 5.13 3.95 16.94
C ALA A 38 4.89 4.86 15.77
N ALA A 39 5.11 6.15 15.97
CA ALA A 39 4.91 7.10 14.89
C ALA A 39 5.65 6.59 13.67
N ALA A 40 6.90 6.32 13.83
CA ALA A 40 7.65 5.82 12.68
C ALA A 40 7.15 4.42 12.25
N LEU A 41 7.24 3.49 13.17
CA LEU A 41 6.84 2.10 12.84
C LEU A 41 5.43 2.11 12.31
N VAL A 42 4.51 2.65 13.09
CA VAL A 42 3.12 2.72 12.67
C VAL A 42 2.93 3.74 11.54
N GLY A 43 3.30 5.00 11.82
CA GLY A 43 3.12 6.07 10.88
C GLY A 43 3.80 5.72 9.60
N PRO A 44 3.87 6.65 8.71
CA PRO A 44 4.46 6.43 7.39
C PRO A 44 5.96 6.52 7.37
N GLY A 45 6.54 7.29 8.31
CA GLY A 45 8.01 7.45 8.34
C GLY A 45 8.71 6.10 8.54
N GLY A 46 8.43 5.40 9.62
CA GLY A 46 9.15 4.13 9.81
C GLY A 46 8.92 3.30 8.59
N VAL A 47 7.65 3.07 8.33
CA VAL A 47 7.28 2.29 7.15
C VAL A 47 7.93 2.93 5.92
N ALA A 48 8.14 4.26 6.00
CA ALA A 48 8.75 4.96 4.85
C ALA A 48 10.16 4.47 4.60
N LEU A 49 11.07 4.71 5.51
CA LEU A 49 12.43 4.28 5.30
C LEU A 49 12.51 2.77 5.08
N VAL A 50 11.86 2.03 5.96
CA VAL A 50 11.96 0.58 5.91
C VAL A 50 11.52 0.07 4.56
N VAL A 51 10.27 0.32 4.24
CA VAL A 51 9.74 -0.15 2.99
C VAL A 51 10.59 0.38 1.85
N LYS A 52 11.06 1.60 2.00
CA LYS A 52 11.82 2.21 0.92
C LYS A 52 13.17 1.53 0.72
N VAL A 53 13.95 1.56 1.77
CA VAL A 53 15.28 0.98 1.70
C VAL A 53 15.21 -0.50 1.40
N CYS A 54 14.39 -1.22 2.16
CA CYS A 54 14.29 -2.65 1.96
C CYS A 54 13.74 -2.96 0.59
N ALA A 55 12.51 -2.54 0.33
CA ALA A 55 11.86 -2.84 -0.93
C ALA A 55 12.69 -2.35 -2.07
N GLY A 56 13.13 -1.11 -1.95
CA GLY A 56 13.93 -0.51 -2.97
C GLY A 56 13.06 -0.11 -4.14
N LEU A 57 12.22 0.88 -3.90
CA LEU A 57 11.28 1.40 -4.90
C LEU A 57 9.98 0.58 -4.89
N PRO A 58 8.82 1.20 -4.70
CA PRO A 58 7.52 0.47 -4.63
C PRO A 58 7.10 -0.10 -5.99
N GLY A 59 7.69 0.40 -7.06
CA GLY A 59 7.28 -0.10 -8.37
C GLY A 59 7.58 -1.59 -8.51
N VAL A 60 8.86 -1.95 -8.47
CA VAL A 60 9.25 -3.35 -8.61
C VAL A 60 8.98 -4.01 -7.30
N ILE A 61 9.73 -5.07 -7.01
CA ILE A 61 9.62 -5.80 -5.75
C ILE A 61 8.37 -6.70 -5.73
N HIS A 62 8.39 -7.83 -6.41
CA HIS A 62 7.21 -8.67 -6.37
C HIS A 62 7.67 -10.08 -6.22
N THR A 63 7.03 -10.81 -5.33
CA THR A 63 7.40 -12.19 -5.08
C THR A 63 6.34 -13.14 -5.64
N PRO A 64 6.71 -14.06 -6.52
CA PRO A 64 5.76 -15.05 -7.09
C PRO A 64 5.16 -15.97 -6.01
N ALA A 65 5.86 -16.12 -4.88
CA ALA A 65 5.39 -16.95 -3.75
C ALA A 65 5.43 -16.15 -2.45
N ARG A 66 4.36 -16.18 -1.66
CA ARG A 66 4.33 -15.44 -0.39
C ARG A 66 3.02 -15.68 0.35
N ARG A 67 2.86 -15.01 1.49
CA ARG A 67 1.62 -15.15 2.24
C ARG A 67 0.47 -14.75 1.32
N GLY A 68 0.63 -13.62 0.61
CA GLY A 68 -0.40 -13.13 -0.34
C GLY A 68 -0.96 -11.76 0.07
N PHE A 69 -0.92 -11.43 1.33
CA PHE A 69 -1.46 -10.14 1.77
C PHE A 69 -0.83 -9.83 3.08
N PHE A 70 -0.96 -8.57 3.53
CA PHE A 70 -0.41 -8.09 4.82
C PHE A 70 0.82 -7.25 4.59
N ARG A 71 0.74 -5.96 4.97
CA ARG A 71 1.86 -5.03 4.82
C ARG A 71 1.84 -4.38 3.44
N CYS A 72 2.54 -3.26 3.30
CA CYS A 72 2.62 -2.56 2.01
C CYS A 72 1.24 -2.12 1.59
N ASN A 73 0.68 -1.19 2.34
CA ASN A 73 -0.64 -0.68 2.01
C ASN A 73 -0.75 0.76 2.48
N PRO A 74 -1.66 1.54 1.90
CA PRO A 74 -1.91 2.97 2.30
C PRO A 74 -1.98 3.17 3.83
N GLU A 75 -0.95 2.72 4.54
CA GLU A 75 -0.86 2.83 6.00
C GLU A 75 -2.16 2.39 6.67
N ARG A 76 -2.59 1.17 6.36
CA ARG A 76 -3.84 0.64 6.94
C ARG A 76 -3.78 -0.88 7.02
N ILE A 77 -4.72 -1.47 7.76
CA ILE A 77 -4.81 -2.91 7.90
C ILE A 77 -5.55 -3.47 6.69
N GLN A 78 -5.56 -4.80 6.51
CA GLN A 78 -6.25 -5.41 5.37
C GLN A 78 -7.04 -6.63 5.86
N ILE A 79 -8.30 -6.72 5.45
CA ILE A 79 -9.15 -7.84 5.84
C ILE A 79 -10.10 -8.20 4.71
N GLY A 80 -10.58 -9.45 4.65
CA GLY A 80 -11.50 -9.85 3.60
C GLY A 80 -10.76 -10.60 2.52
N ASP A 81 -9.46 -10.84 2.78
CA ASP A 81 -8.61 -11.55 1.82
C ASP A 81 -8.51 -13.06 2.12
N TRP A 82 -9.00 -13.81 1.16
CA TRP A 82 -8.98 -15.28 1.20
C TRP A 82 -7.61 -15.81 0.81
N ARG A 83 -7.40 -17.12 0.80
CA ARG A 83 -6.11 -17.68 0.40
C ARG A 83 -6.10 -18.04 -1.09
N TYR A 84 -7.06 -18.86 -1.50
CA TYR A 84 -7.25 -19.29 -2.88
C TYR A 84 -7.73 -18.11 -3.72
N GLU A 85 -7.86 -16.97 -3.05
CA GLU A 85 -8.32 -15.79 -3.71
C GLU A 85 -7.40 -15.34 -4.84
N VAL A 86 -6.19 -15.81 -4.85
CA VAL A 86 -5.21 -15.35 -5.83
C VAL A 86 -5.84 -15.34 -7.20
N ALA A 87 -6.35 -16.48 -7.61
CA ALA A 87 -7.00 -16.58 -8.88
C ALA A 87 -8.19 -15.64 -8.89
N HIS A 88 -9.03 -15.76 -7.85
CA HIS A 88 -10.22 -14.90 -7.76
C HIS A 88 -9.86 -13.40 -7.77
N ASP A 89 -9.10 -12.96 -6.80
CA ASP A 89 -8.72 -11.55 -6.71
C ASP A 89 -7.80 -11.18 -7.88
N GLY A 90 -6.73 -11.95 -8.03
CA GLY A 90 -5.75 -11.72 -9.08
C GLY A 90 -6.34 -11.84 -10.49
N ARG A 91 -7.61 -11.49 -10.61
CA ARG A 91 -8.28 -11.45 -11.89
C ARG A 91 -8.01 -10.13 -12.64
N LEU A 92 -7.31 -9.21 -11.97
CA LEU A 92 -6.96 -7.91 -12.60
C LEU A 92 -6.63 -8.20 -14.10
N LEU A 93 -6.14 -9.39 -14.36
CA LEU A 93 -5.90 -9.73 -15.75
C LEU A 93 -7.30 -9.77 -16.42
N ALA A 94 -8.17 -10.73 -15.98
CA ALA A 94 -9.54 -10.83 -16.54
C ALA A 94 -10.37 -9.74 -15.92
N ALA A 95 -10.72 -9.92 -14.63
CA ALA A 95 -11.49 -8.96 -13.83
C ALA A 95 -10.87 -7.58 -13.93
N HIS A 96 -9.86 -7.40 -14.81
CA HIS A 96 -9.11 -6.15 -14.96
C HIS A 96 -9.84 -5.01 -14.34
N MET A 97 -10.98 -4.67 -14.88
CA MET A 97 -11.76 -3.60 -14.31
C MET A 97 -12.49 -4.08 -13.05
N VAL A 98 -13.17 -5.24 -13.15
CA VAL A 98 -13.99 -5.71 -12.04
C VAL A 98 -13.25 -5.50 -10.74
N ASN A 99 -11.94 -5.82 -10.66
CA ASN A 99 -11.16 -5.61 -9.42
C ASN A 99 -11.62 -4.31 -8.69
N GLY A 100 -12.26 -3.48 -9.47
CA GLY A 100 -12.86 -2.27 -8.96
C GLY A 100 -13.70 -2.62 -7.71
N ILE A 101 -14.08 -3.88 -7.58
CA ILE A 101 -14.90 -4.30 -6.44
C ILE A 101 -14.37 -3.79 -5.11
N VAL A 102 -13.07 -3.98 -4.84
CA VAL A 102 -12.48 -3.57 -3.58
C VAL A 102 -12.72 -2.10 -3.33
N ILE A 103 -12.98 -1.36 -4.38
CA ILE A 103 -13.23 0.07 -4.22
C ILE A 103 -14.69 0.34 -3.84
N ALA A 104 -15.59 -0.32 -4.55
CA ALA A 104 -17.03 -0.15 -4.32
C ALA A 104 -17.46 -0.90 -3.08
N GLU A 105 -16.68 -1.90 -2.69
CA GLU A 105 -17.00 -2.70 -1.53
C GLU A 105 -16.53 -2.02 -0.24
N ASP A 106 -15.21 -1.95 -0.06
CA ASP A 106 -14.68 -1.37 1.15
C ASP A 106 -15.10 0.05 1.29
N ALA A 107 -14.71 0.90 0.29
CA ALA A 107 -15.06 2.36 0.28
C ALA A 107 -15.87 2.71 1.52
N LEU A 108 -17.08 2.16 1.59
CA LEU A 108 -18.01 2.47 2.69
C LEU A 108 -17.22 2.90 3.93
N ILE A 109 -16.22 2.15 4.31
CA ILE A 109 -15.38 2.53 5.43
C ILE A 109 -14.11 3.20 4.91
N ALA A 110 -13.43 2.52 3.97
CA ALA A 110 -12.19 3.05 3.40
C ALA A 110 -12.37 4.49 2.96
N GLU A 111 -13.46 4.76 2.24
CA GLU A 111 -13.73 6.10 1.76
C GLU A 111 -13.56 7.11 2.89
N ALA A 112 -13.59 6.60 4.12
CA ALA A 112 -13.44 7.46 5.28
C ALA A 112 -12.03 7.91 5.44
N VAL A 113 -11.18 7.57 4.46
CA VAL A 113 -9.77 7.95 4.48
C VAL A 113 -9.58 9.43 4.82
N GLY A 114 -10.64 10.07 5.34
CA GLY A 114 -10.67 11.50 5.66
C GLY A 114 -9.27 11.90 6.11
N PRO A 115 -8.68 11.20 7.03
CA PRO A 115 -7.25 11.44 7.43
C PRO A 115 -6.32 11.54 6.21
N HIS A 116 -6.90 11.40 5.02
CA HIS A 116 -6.11 11.39 3.80
C HIS A 116 -5.14 12.55 3.85
N LEU A 117 -5.56 13.69 4.42
CA LEU A 117 -4.67 14.81 4.53
C LEU A 117 -3.46 14.47 5.40
N ALA A 118 -3.70 13.69 6.46
CA ALA A 118 -2.59 13.32 7.34
C ALA A 118 -1.61 12.48 6.51
N ARG A 119 -2.05 11.34 6.00
CA ARG A 119 -1.19 10.50 5.21
C ARG A 119 -0.72 11.27 4.01
N ALA A 120 -1.54 12.23 3.56
CA ALA A 120 -1.13 13.01 2.40
C ALA A 120 0.15 13.69 2.75
N LEU A 121 0.14 14.42 3.87
CA LEU A 121 1.32 15.13 4.29
C LEU A 121 2.56 14.26 3.98
N GLY A 122 2.38 12.93 4.06
CA GLY A 122 3.45 12.03 3.65
C GLY A 122 3.48 11.80 2.11
N GLN A 123 2.31 11.44 1.58
CA GLN A 123 2.13 11.21 0.17
C GLN A 123 2.01 12.55 -0.52
N ILE A 124 2.30 13.63 0.24
CA ILE A 124 2.18 14.97 -0.29
C ILE A 124 3.10 15.12 -1.46
N VAL A 125 4.38 14.84 -1.26
CA VAL A 125 5.31 14.95 -2.39
C VAL A 125 4.81 14.02 -3.50
N CYS A 126 4.72 12.72 -3.18
CA CYS A 126 4.30 11.76 -4.18
C CYS A 126 3.12 12.28 -4.94
N ARG A 127 2.36 13.16 -4.27
CA ARG A 127 1.16 13.78 -4.88
C ARG A 127 1.47 15.09 -5.65
N TYR A 128 2.31 15.88 -5.04
CA TYR A 128 2.82 17.17 -5.52
C TYR A 128 4.18 16.93 -6.22
N GLY A 129 4.44 15.73 -6.70
CA GLY A 129 5.68 15.49 -7.39
C GLY A 129 5.54 14.21 -8.17
N ALA A 130 5.83 13.11 -7.50
CA ALA A 130 5.74 11.80 -8.12
C ALA A 130 6.76 11.62 -9.27
N THR A 131 8.04 11.61 -8.95
CA THR A 131 9.08 11.42 -9.96
C THR A 131 9.74 10.05 -9.82
N VAL A 132 9.43 9.36 -8.70
CA VAL A 132 10.07 8.06 -8.41
C VAL A 132 9.40 6.90 -9.11
N ILE A 133 8.15 6.64 -8.81
CA ILE A 133 7.42 5.56 -9.42
C ILE A 133 7.45 5.63 -10.95
N PRO A 134 7.41 6.81 -11.53
CA PRO A 134 7.33 6.96 -13.01
C PRO A 134 8.29 6.05 -13.74
N ASN A 135 9.44 5.79 -13.13
CA ASN A 135 10.41 4.93 -13.78
C ASN A 135 9.82 3.53 -14.00
N ILE A 136 9.61 2.80 -12.92
CA ILE A 136 9.10 1.44 -13.01
C ILE A 136 7.62 1.47 -13.35
N ASN A 137 7.02 2.56 -13.00
CA ASN A 137 5.59 2.70 -13.23
C ASN A 137 5.26 2.38 -14.67
N ALA A 138 5.88 3.14 -15.59
CA ALA A 138 5.67 2.93 -17.00
C ALA A 138 6.24 1.59 -17.43
N ALA A 139 7.13 1.02 -16.62
CA ALA A 139 7.69 -0.28 -16.93
C ALA A 139 6.67 -1.41 -16.66
N ILE A 140 6.22 -1.56 -15.41
CA ILE A 140 5.28 -2.63 -15.10
C ILE A 140 3.94 -2.37 -15.75
N GLU A 141 3.55 -1.13 -15.76
CA GLU A 141 2.25 -0.75 -16.32
C GLU A 141 2.05 -1.41 -17.67
N VAL A 142 2.87 -0.97 -18.65
CA VAL A 142 2.78 -1.47 -20.00
C VAL A 142 2.73 -2.97 -19.98
N LEU A 143 3.05 -3.58 -18.84
CA LEU A 143 2.98 -5.03 -18.75
C LEU A 143 1.53 -5.50 -18.61
N GLY A 144 0.82 -5.10 -17.52
CA GLY A 144 -0.54 -5.58 -17.39
C GLY A 144 -1.49 -4.88 -18.38
N THR A 145 -1.91 -3.69 -18.01
CA THR A 145 -2.83 -2.92 -18.85
C THR A 145 -2.75 -1.42 -18.51
N GLY A 146 -2.23 -1.15 -17.33
CA GLY A 146 -2.02 0.22 -16.79
C GLY A 146 -2.98 0.55 -15.67
N THR A 147 -4.24 0.12 -15.76
CA THR A 147 -5.23 0.45 -14.74
C THR A 147 -4.62 0.63 -13.35
N ASP A 148 -4.45 1.88 -12.93
CA ASP A 148 -3.90 2.20 -11.62
C ASP A 148 -4.64 3.43 -11.11
N TYR A 149 -4.96 3.44 -9.83
CA TYR A 149 -5.70 4.54 -9.24
C TYR A 149 -5.40 4.63 -7.75
N ARG A 150 -5.48 5.86 -7.22
CA ARG A 150 -5.28 6.09 -5.79
C ARG A 150 -6.07 7.33 -5.31
N PHE A 151 -6.34 7.37 -4.00
CA PHE A 151 -7.06 8.50 -3.42
C PHE A 151 -7.03 8.42 -1.89
O1 MTN B . 8.62 -9.01 7.42
N1 MTN B . 8.96 -8.63 6.25
C1 MTN B . 8.07 -8.76 5.10
C2 MTN B . 8.94 -8.16 4.03
C3 MTN B . 10.12 -7.77 4.47
C4 MTN B . 11.21 -7.17 3.63
S1 MTN B . 11.40 -5.38 3.81
C5 MTN B . 10.30 -8.02 5.96
C6 MTN B . 11.51 -8.91 6.27
C7 MTN B . 10.40 -6.69 6.70
C8 MTN B . 7.73 -10.21 4.76
C9 MTN B . 6.84 -7.95 5.33
H2 MTN B . 8.62 -8.06 3.00
H41 MTN B . 10.99 -7.38 2.60
H42 MTN B . 12.13 -7.65 3.90
H61 MTN B . 11.45 -9.24 7.29
H62 MTN B . 12.42 -8.33 6.13
H63 MTN B . 11.52 -9.75 5.60
H71 MTN B . 9.53 -6.09 6.48
H72 MTN B . 11.30 -6.17 6.37
H73 MTN B . 10.46 -6.87 7.75
H81 MTN B . 7.18 -10.23 3.83
H82 MTN B . 7.13 -10.64 5.55
H83 MTN B . 8.65 -10.78 4.65
H91 MTN B . 7.12 -6.95 5.60
H92 MTN B . 6.25 -7.94 4.44
H93 MTN B . 6.26 -8.39 6.13
O1 MTN C . -2.78 -4.08 -3.49
N1 MTN C . -1.57 -4.26 -3.17
C1 MTN C . -1.13 -5.24 -2.15
C2 MTN C . 0.33 -5.01 -2.19
C3 MTN C . 0.70 -4.09 -3.06
C4 MTN C . 2.11 -3.67 -3.31
S1 MTN C . 3.28 -4.16 -2.01
C5 MTN C . -0.46 -3.48 -3.80
C6 MTN C . -0.56 -1.97 -3.64
C7 MTN C . -0.38 -3.87 -5.27
C8 MTN C . -1.71 -4.95 -0.77
C9 MTN C . -1.48 -6.64 -2.62
H2 MTN C . 1.02 -5.55 -1.57
H41 MTN C . 2.12 -2.59 -3.37
H42 MTN C . 2.43 -4.09 -4.25
H61 MTN C . -1.52 -1.64 -4.00
H62 MTN C . -0.46 -1.72 -2.59
H63 MTN C . 0.23 -1.50 -4.20
H71 MTN C . 0.52 -3.44 -5.71
H72 MTN C . -0.34 -4.94 -5.36
H73 MTN C . -1.24 -3.48 -5.79
H81 MTN C . -1.29 -5.64 -0.05
H82 MTN C . -2.79 -5.08 -0.80
H83 MTN C . -1.48 -3.94 -0.49
H91 MTN C . -2.54 -6.79 -2.57
H92 MTN C . -0.98 -7.37 -1.96
H93 MTN C . -1.13 -6.79 -3.63
O1 MTN D . -3.40 10.35 -7.23
N1 MTN D . -2.22 10.35 -6.75
C1 MTN D . -1.00 10.27 -7.59
C2 MTN D . 0.04 10.29 -6.52
C3 MTN D . -0.45 10.37 -5.30
C4 MTN D . 0.36 10.38 -4.04
S1 MTN D . 1.35 8.88 -3.79
C5 MTN D . -1.96 10.42 -5.28
C6 MTN D . -2.56 9.31 -4.45
C7 MTN D . -2.42 11.78 -4.79
C8 MTN D . -0.91 9.00 -8.41
C9 MTN D . -0.90 11.50 -8.46
H2 MTN D . 1.10 10.26 -6.74
H41 MTN D . -0.31 10.48 -3.21
H42 MTN D . 1.00 11.23 -4.09
H61 MTN D . -3.62 9.24 -4.66
H62 MTN D . -2.41 9.52 -3.40
H63 MTN D . -2.08 8.38 -4.71
H71 MTN D . -3.49 11.84 -4.87
H72 MTN D . -1.98 12.55 -5.39
H73 MTN D . -2.12 11.91 -3.76
H81 MTN D . 0.02 8.99 -8.97
H82 MTN D . -1.75 8.96 -9.11
H83 MTN D . -0.95 8.13 -7.77
H91 MTN D . -0.97 12.39 -7.85
H92 MTN D . -1.71 11.50 -9.19
H93 MTN D . 0.05 11.50 -8.99
N MET A 25 10.69 -5.92 33.31
CA MET A 25 9.32 -5.84 32.72
C MET A 25 9.23 -6.81 31.54
N SER A 26 7.99 -7.12 31.13
CA SER A 26 7.76 -8.04 30.02
C SER A 26 7.78 -7.30 28.68
N ASP A 27 8.19 -6.03 28.72
CA ASP A 27 8.30 -5.18 27.51
C ASP A 27 8.06 -3.71 27.84
N PHE A 28 9.04 -2.88 27.49
CA PHE A 28 8.93 -1.45 27.72
C PHE A 28 9.82 -0.69 26.75
N ASP A 29 9.41 0.53 26.42
CA ASP A 29 10.18 1.38 25.50
C ASP A 29 9.96 2.84 25.85
N THR A 30 10.97 3.67 25.62
CA THR A 30 10.86 5.09 25.92
C THR A 30 9.90 5.77 24.94
N GLU A 31 9.52 6.97 25.25
CA GLU A 31 8.60 7.71 24.39
C GLU A 31 9.16 7.84 22.97
N ARG A 32 10.34 8.42 22.87
CA ARG A 32 10.94 8.61 21.56
C ARG A 32 10.94 7.26 20.84
N VAL A 33 11.55 6.29 21.47
CA VAL A 33 11.57 4.96 20.88
C VAL A 33 10.15 4.39 20.79
N SER A 34 9.41 4.43 21.88
CA SER A 34 8.05 3.88 21.84
C SER A 34 7.14 4.68 20.91
N ARG A 35 6.90 5.95 21.23
CA ARG A 35 5.98 6.76 20.41
C ARG A 35 6.51 6.95 18.99
N ALA A 36 7.68 7.54 18.88
CA ALA A 36 8.21 7.81 17.54
C ALA A 36 8.11 6.51 16.73
N VAL A 37 8.59 5.43 17.32
CA VAL A 37 8.48 4.15 16.64
C VAL A 37 7.00 3.85 16.43
N ALA A 38 6.18 3.98 17.46
CA ALA A 38 4.75 3.69 17.26
C ALA A 38 4.20 4.60 16.16
N ALA A 39 4.24 5.90 16.39
CA ALA A 39 3.69 6.86 15.42
C ALA A 39 4.28 6.57 14.03
N ALA A 40 5.58 6.52 14.00
CA ALA A 40 6.27 6.28 12.73
C ALA A 40 5.89 4.88 12.22
N LEU A 41 6.12 3.91 13.09
CA LEU A 41 5.86 2.50 12.72
C LEU A 41 4.40 2.35 12.28
N VAL A 42 3.47 2.80 13.12
CA VAL A 42 2.04 2.73 12.75
C VAL A 42 1.78 3.73 11.62
N GLY A 43 2.08 5.01 11.86
CA GLY A 43 1.86 6.04 10.84
C GLY A 43 2.65 5.71 9.58
N PRO A 44 2.74 6.64 8.65
CA PRO A 44 3.44 6.43 7.35
C PRO A 44 4.98 6.55 7.40
N GLY A 45 5.47 7.39 8.31
CA GLY A 45 6.93 7.63 8.40
C GLY A 45 7.72 6.35 8.69
N GLY A 46 7.40 5.70 9.80
CA GLY A 46 8.20 4.53 10.16
C GLY A 46 8.18 3.57 9.01
N VAL A 47 6.99 3.25 8.60
CA VAL A 47 6.81 2.35 7.47
C VAL A 47 7.45 2.95 6.23
N ALA A 48 7.44 4.30 6.11
CA ALA A 48 8.05 4.89 4.93
C ALA A 48 9.51 4.42 4.81
N LEU A 49 10.36 4.74 5.79
CA LEU A 49 11.76 4.35 5.72
C LEU A 49 11.95 2.83 5.77
N VAL A 50 11.28 2.15 6.69
CA VAL A 50 11.48 0.70 6.79
C VAL A 50 11.13 0.02 5.47
N VAL A 51 9.88 0.16 5.03
CA VAL A 51 9.43 -0.49 3.80
C VAL A 51 10.24 -0.04 2.58
N LYS A 52 10.64 1.22 2.59
CA LYS A 52 11.39 1.76 1.47
C LYS A 52 12.75 1.08 1.41
N VAL A 53 13.42 1.14 2.53
CA VAL A 53 14.77 0.59 2.64
C VAL A 53 14.77 -0.92 2.45
N CYS A 54 13.88 -1.63 3.14
CA CYS A 54 13.86 -3.07 2.99
C CYS A 54 13.49 -3.41 1.55
N ALA A 55 12.33 -2.95 1.12
CA ALA A 55 11.83 -3.24 -0.22
C ALA A 55 12.73 -2.70 -1.31
N GLY A 56 13.03 -1.41 -1.24
CA GLY A 56 13.88 -0.79 -2.24
C GLY A 56 13.04 -0.31 -3.42
N LEU A 57 12.30 0.79 -3.20
CA LEU A 57 11.45 1.37 -4.24
C LEU A 57 10.06 0.68 -4.23
N PRO A 58 9.03 1.30 -3.66
CA PRO A 58 7.66 0.67 -3.57
C PRO A 58 6.93 0.57 -4.91
N GLY A 59 7.25 1.47 -5.85
CA GLY A 59 6.53 1.41 -7.12
C GLY A 59 6.76 0.03 -7.76
N VAL A 60 8.02 -0.30 -8.01
CA VAL A 60 8.35 -1.60 -8.58
C VAL A 60 8.60 -2.53 -7.42
N ILE A 61 8.55 -3.85 -7.68
CA ILE A 61 8.78 -4.91 -6.68
C ILE A 61 7.54 -5.78 -6.56
N HIS A 62 7.67 -7.04 -6.97
CA HIS A 62 6.57 -7.97 -6.88
C HIS A 62 7.11 -9.33 -6.46
N THR A 63 6.42 -9.98 -5.52
CA THR A 63 6.86 -11.29 -5.03
C THR A 63 5.82 -12.34 -5.46
N PRO A 64 6.25 -13.51 -5.88
CA PRO A 64 5.30 -14.57 -6.33
C PRO A 64 4.53 -15.17 -5.16
N ALA A 65 5.13 -16.16 -4.55
CA ALA A 65 4.53 -16.88 -3.43
C ALA A 65 4.41 -15.97 -2.22
N ARG A 66 3.20 -15.87 -1.70
CA ARG A 66 2.95 -15.04 -0.55
C ARG A 66 1.54 -15.27 -0.03
N ARG A 67 1.27 -14.77 1.15
CA ARG A 67 -0.05 -14.93 1.74
C ARG A 67 -1.12 -14.24 0.87
N GLY A 68 -0.82 -14.08 -0.42
CA GLY A 68 -1.76 -13.45 -1.35
C GLY A 68 -1.57 -11.94 -1.35
N PHE A 69 -1.08 -11.44 -0.22
CA PHE A 69 -0.80 -10.01 -0.04
C PHE A 69 0.04 -9.78 1.23
N PHE A 70 0.44 -8.51 1.43
CA PHE A 70 1.24 -8.03 2.57
C PHE A 70 2.39 -7.14 2.07
N ARG A 71 2.13 -5.82 1.92
CA ARG A 71 3.14 -4.82 1.46
C ARG A 71 2.61 -4.06 0.25
N CYS A 72 2.92 -2.75 0.21
CA CYS A 72 2.46 -1.90 -0.88
C CYS A 72 0.96 -1.73 -0.77
N ASN A 73 0.51 -0.99 0.25
CA ASN A 73 -0.91 -0.78 0.48
C ASN A 73 -1.23 0.71 0.54
N PRO A 74 -2.42 1.11 0.21
CA PRO A 74 -2.83 2.55 0.26
C PRO A 74 -3.02 3.00 1.71
N GLU A 75 -1.98 2.84 2.51
CA GLU A 75 -2.01 3.22 3.92
C GLU A 75 -2.97 2.33 4.71
N ARG A 76 -3.63 1.41 4.02
CA ARG A 76 -4.57 0.49 4.69
C ARG A 76 -3.79 -0.62 5.40
N ILE A 77 -4.45 -1.25 6.37
CA ILE A 77 -3.83 -2.33 7.14
C ILE A 77 -3.80 -3.63 6.36
N GLN A 78 -2.69 -4.33 6.46
CA GLN A 78 -2.52 -5.58 5.72
C GLN A 78 -3.55 -6.61 6.18
N ILE A 79 -4.77 -6.49 5.64
CA ILE A 79 -5.86 -7.42 5.93
C ILE A 79 -6.75 -7.57 4.70
N GLY A 80 -7.48 -8.69 4.58
CA GLY A 80 -8.35 -8.89 3.42
C GLY A 80 -7.79 -9.99 2.52
N ASP A 81 -6.64 -10.51 2.89
CA ASP A 81 -6.04 -11.58 2.11
C ASP A 81 -6.71 -12.89 2.45
N TRP A 82 -7.64 -13.30 1.60
CA TRP A 82 -8.41 -14.52 1.84
C TRP A 82 -7.76 -15.78 1.25
N ARG A 83 -8.38 -16.85 1.67
CA ARG A 83 -7.97 -18.20 1.29
C ARG A 83 -8.50 -18.61 -0.09
N TYR A 84 -9.81 -18.60 -0.26
CA TYR A 84 -10.49 -18.98 -1.53
C TYR A 84 -10.75 -17.79 -2.45
N GLU A 85 -10.66 -16.60 -1.91
CA GLU A 85 -10.91 -15.40 -2.68
C GLU A 85 -9.73 -15.06 -3.56
N VAL A 86 -8.59 -15.67 -3.32
CA VAL A 86 -7.40 -15.30 -4.09
C VAL A 86 -7.72 -15.27 -5.55
N ALA A 87 -8.26 -16.32 -6.11
CA ALA A 87 -8.58 -16.31 -7.52
C ALA A 87 -9.73 -15.34 -7.75
N HIS A 88 -10.80 -15.49 -6.97
CA HIS A 88 -11.95 -14.59 -7.14
C HIS A 88 -11.45 -13.13 -7.18
N ASP A 89 -10.79 -12.74 -6.12
CA ASP A 89 -10.23 -11.40 -6.02
C ASP A 89 -9.03 -11.26 -6.96
N GLY A 90 -8.10 -12.19 -6.90
CA GLY A 90 -6.93 -12.18 -7.77
C GLY A 90 -7.32 -12.53 -9.19
N ARG A 91 -8.57 -12.26 -9.54
CA ARG A 91 -9.07 -12.46 -10.88
C ARG A 91 -8.51 -11.30 -11.69
N LEU A 92 -7.70 -10.44 -11.02
CA LEU A 92 -7.17 -9.24 -11.68
C LEU A 92 -6.90 -9.57 -13.13
N LEU A 93 -6.62 -10.84 -13.40
CA LEU A 93 -6.42 -11.21 -14.79
C LEU A 93 -7.72 -10.94 -15.54
N ALA A 94 -8.81 -11.67 -15.20
CA ALA A 94 -10.10 -11.42 -15.88
C ALA A 94 -10.71 -10.17 -15.26
N ALA A 95 -11.23 -10.33 -14.04
CA ALA A 95 -11.84 -9.27 -13.25
C ALA A 95 -11.01 -7.99 -13.26
N HIS A 96 -9.92 -7.95 -14.02
CA HIS A 96 -9.04 -6.80 -14.10
C HIS A 96 -9.80 -5.49 -13.87
N MET A 97 -10.58 -5.04 -14.84
CA MET A 97 -11.34 -3.82 -14.62
C MET A 97 -12.20 -4.05 -13.39
N VAL A 98 -12.99 -5.12 -13.44
CA VAL A 98 -13.93 -5.40 -12.37
C VAL A 98 -13.30 -5.18 -10.99
N ASN A 99 -12.01 -5.54 -10.74
CA ASN A 99 -11.36 -5.33 -9.41
C ASN A 99 -11.86 -4.03 -8.78
N GLY A 100 -12.48 -3.24 -9.60
CA GLY A 100 -13.14 -2.04 -9.17
C GLY A 100 -14.04 -2.42 -7.99
N ILE A 101 -14.35 -3.72 -7.88
CA ILE A 101 -15.19 -4.17 -6.82
C ILE A 101 -14.62 -3.77 -5.47
N VAL A 102 -13.33 -4.05 -5.17
CA VAL A 102 -12.77 -3.66 -3.87
C VAL A 102 -12.93 -2.18 -3.57
N ILE A 103 -13.14 -1.36 -4.59
CA ILE A 103 -13.35 0.07 -4.32
C ILE A 103 -14.84 0.35 -4.15
N ALA A 104 -15.66 -0.27 -4.99
CA ALA A 104 -17.11 -0.07 -4.90
C ALA A 104 -17.78 -0.89 -3.79
N GLU A 105 -17.13 -1.95 -3.28
CA GLU A 105 -17.76 -2.79 -2.25
C GLU A 105 -17.40 -2.40 -0.82
N ASP A 106 -16.17 -2.66 -0.37
CA ASP A 106 -15.79 -2.34 1.01
C ASP A 106 -15.24 -0.92 1.21
N ALA A 107 -14.86 -0.22 0.14
CA ALA A 107 -14.29 1.11 0.36
C ALA A 107 -15.16 1.97 1.28
N LEU A 108 -16.47 2.01 1.05
CA LEU A 108 -17.36 2.85 1.87
C LEU A 108 -16.95 2.82 3.36
N ILE A 109 -16.66 1.65 3.90
CA ILE A 109 -16.28 1.57 5.31
C ILE A 109 -14.94 2.25 5.55
N ALA A 110 -14.03 2.16 4.58
CA ALA A 110 -12.72 2.77 4.70
C ALA A 110 -12.69 4.18 4.08
N GLU A 111 -13.58 4.46 3.14
CA GLU A 111 -13.59 5.77 2.49
C GLU A 111 -13.67 6.88 3.55
N ALA A 112 -14.12 6.50 4.75
CA ALA A 112 -14.22 7.45 5.87
C ALA A 112 -12.82 7.71 6.39
N VAL A 113 -11.92 6.94 5.81
CA VAL A 113 -10.51 7.06 6.10
C VAL A 113 -9.93 8.15 5.20
N GLY A 114 -10.70 9.24 4.91
CA GLY A 114 -10.21 10.33 4.10
C GLY A 114 -8.92 10.94 4.62
N PRO A 115 -8.52 10.78 5.91
CA PRO A 115 -7.19 11.22 6.42
C PRO A 115 -6.05 11.08 5.39
N HIS A 116 -6.36 10.66 4.17
CA HIS A 116 -5.36 10.51 3.14
C HIS A 116 -4.54 11.79 3.18
N LEU A 117 -5.14 12.96 3.46
CA LEU A 117 -4.39 14.19 3.60
C LEU A 117 -3.42 14.05 4.77
N ALA A 118 -3.93 13.53 5.89
CA ALA A 118 -3.06 13.34 7.05
C ALA A 118 -1.88 12.51 6.55
N ARG A 119 -2.19 11.35 6.03
CA ARG A 119 -1.19 10.45 5.47
C ARG A 119 -0.43 11.17 4.36
N ALA A 120 -1.11 12.12 3.68
CA ALA A 120 -0.47 12.80 2.55
C ALA A 120 0.82 13.36 3.02
N LEU A 121 0.72 14.09 4.09
CA LEU A 121 1.87 14.76 4.67
C LEU A 121 3.13 13.86 4.43
N GLY A 122 2.89 12.54 4.34
CA GLY A 122 3.94 11.59 3.91
C GLY A 122 3.95 11.39 2.36
N GLN A 123 2.78 11.05 1.85
CA GLN A 123 2.57 10.85 0.43
C GLN A 123 2.53 12.21 -0.22
N ILE A 124 2.80 13.24 0.56
CA ILE A 124 2.79 14.60 0.07
C ILE A 124 3.84 14.72 -0.94
N VAL A 125 5.05 14.28 -0.60
CA VAL A 125 6.11 14.36 -1.61
C VAL A 125 5.60 13.70 -2.87
N CYS A 126 5.26 12.44 -2.75
CA CYS A 126 4.82 11.69 -3.90
C CYS A 126 3.66 12.40 -4.63
N ARG A 127 2.92 13.22 -3.88
CA ARG A 127 1.75 13.98 -4.41
C ARG A 127 2.15 15.30 -5.09
N TYR A 128 2.89 16.04 -4.32
CA TYR A 128 3.49 17.33 -4.63
C TYR A 128 4.91 17.06 -5.11
N GLY A 129 5.18 15.83 -5.55
CA GLY A 129 6.50 15.48 -6.04
C GLY A 129 6.40 14.25 -6.94
N ALA A 130 6.68 13.08 -6.37
CA ALA A 130 6.71 11.84 -7.12
C ALA A 130 7.77 11.95 -8.23
N THR A 131 8.83 11.12 -8.13
CA THR A 131 9.88 11.10 -9.14
C THR A 131 10.15 9.63 -9.46
N VAL A 132 10.58 8.86 -8.49
CA VAL A 132 10.89 7.47 -8.74
C VAL A 132 9.60 6.71 -8.97
N ILE A 133 8.54 7.36 -9.53
CA ILE A 133 7.27 6.67 -9.82
C ILE A 133 7.04 6.56 -11.36
N PRO A 134 7.35 7.57 -12.18
CA PRO A 134 7.16 7.51 -13.66
C PRO A 134 8.06 6.46 -14.30
N ASN A 135 9.19 6.13 -13.65
CA ASN A 135 10.10 5.16 -14.23
C ASN A 135 9.41 3.79 -14.26
N ILE A 136 9.14 3.19 -13.10
CA ILE A 136 8.47 1.90 -13.04
C ILE A 136 7.20 1.97 -13.86
N ASN A 137 6.65 3.15 -13.84
CA ASN A 137 5.41 3.37 -14.57
C ASN A 137 5.63 2.96 -16.00
N ALA A 138 6.64 3.51 -16.68
CA ALA A 138 6.89 3.12 -18.04
C ALA A 138 7.19 1.64 -18.13
N ALA A 139 7.78 1.05 -17.08
CA ALA A 139 8.05 -0.38 -17.12
C ALA A 139 6.78 -1.17 -16.87
N ILE A 140 6.14 -0.98 -15.69
CA ILE A 140 4.93 -1.73 -15.38
C ILE A 140 3.97 -1.60 -16.52
N GLU A 141 3.82 -0.36 -16.94
CA GLU A 141 2.91 -0.06 -18.06
C GLU A 141 3.13 -1.21 -19.04
N VAL A 142 4.36 -1.37 -19.47
CA VAL A 142 4.67 -2.48 -20.37
C VAL A 142 4.31 -3.81 -19.66
N LEU A 143 4.82 -4.02 -18.43
CA LEU A 143 4.50 -5.29 -17.75
C LEU A 143 2.99 -5.43 -17.70
N GLY A 144 2.31 -4.61 -16.90
CA GLY A 144 0.87 -4.68 -16.85
C GLY A 144 0.23 -4.13 -18.15
N THR A 145 0.07 -2.81 -18.14
CA THR A 145 -0.55 -2.03 -19.24
C THR A 145 -1.05 -0.64 -18.81
N GLY A 146 -1.41 -0.49 -17.54
CA GLY A 146 -1.95 0.79 -17.03
C GLY A 146 -3.47 0.68 -17.03
N THR A 147 -3.91 -0.25 -17.86
CA THR A 147 -5.34 -0.57 -17.98
C THR A 147 -5.84 -0.70 -16.54
N ASP A 148 -6.27 0.43 -15.98
CA ASP A 148 -6.77 0.46 -14.62
C ASP A 148 -7.51 1.76 -14.31
N TYR A 149 -8.07 1.82 -13.10
CA TYR A 149 -8.74 3.01 -12.61
C TYR A 149 -8.54 3.11 -11.10
N ARG A 150 -8.42 4.35 -10.61
CA ARG A 150 -8.25 4.63 -9.19
C ARG A 150 -8.95 5.96 -8.86
N PHE A 151 -9.50 6.05 -7.65
CA PHE A 151 -10.18 7.28 -7.22
C PHE A 151 -9.26 8.12 -6.32
O1 MTN B . 7.44 -9.62 7.61
N1 MTN B . 7.95 -8.82 6.77
C1 MTN B . 7.28 -8.42 5.52
C2 MTN B . 8.31 -7.50 4.95
C3 MTN B . 9.39 -7.37 5.71
C4 MTN B . 10.57 -6.50 5.38
S1 MTN B . 10.15 -4.85 4.77
C5 MTN B . 9.30 -8.20 6.99
C6 MTN B . 10.44 -9.21 7.13
C7 MTN B . 9.23 -7.29 8.21
C8 MTN B . 7.02 -9.60 4.57
C9 MTN B . 6.01 -7.68 5.83
H2 MTN B . 8.19 -6.98 4.01
H41 MTN B . 11.15 -7.01 4.63
H42 MTN B . 11.17 -6.40 6.29
H61 MTN B . 11.37 -8.68 7.25
H62 MTN B . 10.48 -9.83 6.24
H63 MTN B . 10.25 -9.83 7.99
H71 MTN B . 8.99 -7.89 9.08
H72 MTN B . 8.45 -6.55 8.06
H73 MTN B . 10.18 -6.81 8.35
H81 MTN B . 6.57 -9.24 3.66
H82 MTN B . 6.33 -10.29 5.06
H83 MTN B . 7.95 -10.10 4.36
H91 MTN B . 5.26 -8.37 6.18
H92 MTN B . 6.20 -6.94 6.61
H93 MTN B . 5.65 -7.17 4.95
O1 MTN C . -3.10 -4.32 -3.58
N1 MTN C . -1.97 -3.85 -3.95
C1 MTN C . -0.74 -4.65 -4.00
C2 MTN C . 0.22 -3.63 -4.45
C3 MTN C . -0.31 -2.44 -4.63
C4 MTN C . 0.43 -1.22 -5.04
S1 MTN C . 1.22 -0.36 -3.64
C5 MTN C . -1.80 -2.42 -4.34
C6 MTN C . -2.23 -1.40 -3.28
C7 MTN C . -2.57 -2.21 -5.66
C8 MTN C . -0.35 -5.27 -2.66
C9 MTN C . -0.90 -5.74 -5.06
H2 MTN C . 1.27 -3.84 -4.64
H41 MTN C . -0.27 -0.53 -5.49
H42 MTN C . 1.18 -1.50 -5.76
H61 MTN C . -2.19 -1.88 -2.32
H62 MTN C . -1.56 -0.56 -3.29
H63 MTN C . -3.24 -1.06 -3.46
H71 MTN C . -3.63 -2.37 -5.48
H72 MTN C . -2.42 -1.21 -6.02
H73 MTN C . -2.22 -2.93 -6.40
H81 MTN C . -1.11 -5.96 -2.35
H82 MTN C . -0.25 -4.48 -1.93
H83 MTN C . 0.60 -5.78 -2.76
H91 MTN C . -1.58 -6.50 -4.70
H92 MTN C . 0.07 -6.19 -5.26
H93 MTN C . -1.27 -5.30 -5.97
O1 MTN D . -2.67 10.08 -7.74
N1 MTN D . -2.13 10.18 -6.60
C1 MTN D . -2.43 11.30 -5.69
C2 MTN D . -1.56 10.91 -4.54
C3 MTN D . -0.88 9.79 -4.74
C4 MTN D . 0.07 9.19 -3.77
S1 MTN D . 1.40 10.30 -3.30
C5 MTN D . -1.17 9.17 -6.08
C6 MTN D . 0.08 8.99 -6.94
C7 MTN D . -1.90 7.86 -5.89
C8 MTN D . -2.05 12.67 -6.29
C9 MTN D . -3.89 11.25 -5.28
H2 MTN D . -1.49 11.49 -3.63
H41 MTN D . 0.49 8.30 -4.22
H42 MTN D . -0.50 8.91 -2.89
H61 MTN D . 0.67 9.89 -6.91
H62 MTN D . -0.22 8.80 -7.97
H63 MTN D . 0.65 8.16 -6.57
H71 MTN D . -2.14 7.42 -6.86
H72 MTN D . -2.82 8.02 -5.35
H73 MTN D . -1.27 7.17 -5.34
H81 MTN D . -0.98 12.84 -6.20
H82 MTN D . -2.58 13.45 -5.78
H83 MTN D . -2.31 12.68 -7.33
H91 MTN D . -4.50 11.58 -6.11
H92 MTN D . -4.06 11.90 -4.43
H93 MTN D . -4.17 10.24 -5.01
N MET A 25 7.84 -6.15 32.30
CA MET A 25 6.43 -6.11 31.82
C MET A 25 6.31 -6.98 30.57
N SER A 26 5.07 -7.23 30.16
CA SER A 26 4.80 -8.06 29.00
C SER A 26 4.96 -7.25 27.71
N ASP A 27 5.43 -6.01 27.85
CA ASP A 27 5.66 -5.11 26.71
C ASP A 27 5.56 -3.65 27.14
N PHE A 28 6.58 -2.86 26.81
CA PHE A 28 6.58 -1.44 27.17
C PHE A 28 7.45 -0.64 26.21
N ASP A 29 7.09 0.63 25.99
CA ASP A 29 7.85 1.50 25.09
C ASP A 29 7.67 2.96 25.53
N THR A 30 8.70 3.78 25.32
CA THR A 30 8.65 5.21 25.70
C THR A 30 8.19 6.08 24.52
N GLU A 31 8.14 7.39 24.69
CA GLU A 31 7.71 8.30 23.63
C GLU A 31 8.60 8.18 22.41
N ARG A 32 9.88 8.36 22.60
CA ARG A 32 10.78 8.25 21.47
C ARG A 32 10.53 6.89 20.79
N VAL A 33 10.71 5.85 21.57
CA VAL A 33 10.50 4.47 21.08
C VAL A 33 9.01 4.23 20.72
N SER A 34 8.08 4.58 21.61
CA SER A 34 6.64 4.38 21.30
C SER A 34 6.28 5.24 20.06
N ARG A 35 6.52 6.52 20.18
CA ARG A 35 6.19 7.48 19.11
C ARG A 35 6.99 7.12 17.85
N ALA A 36 8.27 6.76 18.04
CA ALA A 36 9.07 6.32 16.89
C ALA A 36 8.52 4.99 16.39
N VAL A 37 8.44 4.03 17.28
CA VAL A 37 7.94 2.73 16.85
C VAL A 37 6.49 2.88 16.39
N ALA A 38 5.63 3.44 17.20
CA ALA A 38 4.27 3.59 16.73
C ALA A 38 4.22 4.45 15.49
N ALA A 39 4.59 5.71 15.62
CA ALA A 39 4.53 6.62 14.46
C ALA A 39 5.34 6.09 13.27
N ALA A 40 6.62 5.83 13.50
CA ALA A 40 7.44 5.34 12.39
C ALA A 40 6.97 3.95 11.93
N LEU A 41 6.94 3.02 12.88
CA LEU A 41 6.53 1.64 12.52
C LEU A 41 5.12 1.69 11.93
N VAL A 42 4.15 2.27 12.66
CA VAL A 42 2.78 2.31 12.12
C VAL A 42 2.69 3.33 10.97
N GLY A 43 3.03 4.59 11.22
CA GLY A 43 2.92 5.62 10.22
C GLY A 43 3.71 5.29 8.98
N PRO A 44 3.73 6.21 8.05
CA PRO A 44 4.43 6.03 6.77
C PRO A 44 5.94 6.26 6.86
N GLY A 45 6.41 7.10 7.81
CA GLY A 45 7.86 7.39 7.85
C GLY A 45 8.70 6.15 8.13
N GLY A 46 8.50 5.52 9.29
CA GLY A 46 9.33 4.35 9.62
C GLY A 46 9.22 3.42 8.45
N VAL A 47 7.98 3.14 8.08
CA VAL A 47 7.76 2.26 6.94
C VAL A 47 8.35 2.90 5.68
N ALA A 48 8.37 4.25 5.59
CA ALA A 48 8.93 4.87 4.37
C ALA A 48 10.37 4.41 4.18
N LEU A 49 11.28 4.73 5.12
CA LEU A 49 12.68 4.35 4.95
C LEU A 49 12.84 2.83 4.87
N VAL A 50 12.17 2.11 5.75
CA VAL A 50 12.33 0.67 5.75
C VAL A 50 11.94 0.10 4.40
N VAL A 51 10.71 0.34 3.98
CA VAL A 51 10.23 -0.21 2.73
C VAL A 51 11.03 0.34 1.55
N LYS A 52 11.41 1.61 1.64
CA LYS A 52 12.17 2.22 0.57
C LYS A 52 13.52 1.55 0.46
N VAL A 53 14.24 1.59 1.55
CA VAL A 53 15.58 1.04 1.57
C VAL A 53 15.54 -0.46 1.32
N CYS A 54 14.66 -1.15 2.02
CA CYS A 54 14.57 -2.58 1.85
C CYS A 54 14.08 -2.91 0.43
N ALA A 55 12.88 -2.46 0.08
CA ALA A 55 12.32 -2.80 -1.22
C ALA A 55 13.20 -2.29 -2.34
N GLY A 56 13.61 -1.02 -2.24
CA GLY A 56 14.42 -0.43 -3.29
C GLY A 56 13.55 -0.18 -4.49
N LEU A 57 12.58 0.72 -4.29
CA LEU A 57 11.59 1.12 -5.30
C LEU A 57 10.39 0.14 -5.32
N PRO A 58 9.17 0.63 -5.26
CA PRO A 58 7.95 -0.24 -5.30
C PRO A 58 7.69 -0.83 -6.69
N GLY A 59 8.49 -0.44 -7.69
CA GLY A 59 8.24 -0.97 -9.03
C GLY A 59 8.41 -2.47 -9.06
N VAL A 60 9.61 -2.96 -8.78
CA VAL A 60 9.83 -4.40 -8.77
C VAL A 60 9.48 -4.92 -7.38
N ILE A 61 10.23 -5.88 -6.89
CA ILE A 61 10.03 -6.48 -5.56
C ILE A 61 8.75 -7.34 -5.52
N HIS A 62 8.82 -8.54 -6.09
CA HIS A 62 7.68 -9.45 -6.10
C HIS A 62 8.16 -10.86 -5.85
N THR A 63 7.46 -11.57 -4.95
CA THR A 63 7.81 -12.94 -4.61
C THR A 63 6.75 -13.90 -5.18
N PRO A 64 7.11 -14.90 -5.98
CA PRO A 64 6.10 -15.85 -6.55
C PRO A 64 5.15 -16.45 -5.50
N ALA A 65 5.57 -16.47 -4.24
CA ALA A 65 4.73 -16.98 -3.15
C ALA A 65 4.58 -15.96 -2.03
N ARG A 66 3.37 -15.76 -1.52
CA ARG A 66 3.19 -14.84 -0.41
C ARG A 66 1.82 -15.06 0.24
N ARG A 67 1.65 -14.52 1.43
CA ARG A 67 0.39 -14.68 2.17
C ARG A 67 -0.78 -14.06 1.38
N GLY A 68 -0.63 -13.97 0.06
CA GLY A 68 -1.66 -13.42 -0.83
C GLY A 68 -1.86 -11.94 -0.56
N PHE A 69 -1.67 -11.56 0.69
CA PHE A 69 -1.81 -10.18 1.11
C PHE A 69 -1.26 -10.06 2.55
N PHE A 70 -1.13 -8.82 3.02
CA PHE A 70 -0.62 -8.41 4.37
C PHE A 70 0.59 -7.51 4.12
N ARG A 71 0.43 -6.18 4.34
CA ARG A 71 1.48 -5.17 4.12
C ARG A 71 1.21 -4.41 2.82
N CYS A 72 1.63 -3.15 2.80
CA CYS A 72 1.43 -2.25 1.66
C CYS A 72 -0.07 -2.00 1.43
N ASN A 73 -0.69 -1.23 2.31
CA ASN A 73 -2.12 -0.96 2.17
C ASN A 73 -2.43 0.50 2.53
N PRO A 74 -3.59 0.98 2.14
CA PRO A 74 -4.05 2.38 2.44
C PRO A 74 -4.27 2.59 3.93
N GLU A 75 -3.30 2.15 4.72
CA GLU A 75 -3.35 2.29 6.17
C GLU A 75 -4.61 1.63 6.74
N ARG A 76 -5.29 0.84 5.92
CA ARG A 76 -6.48 0.13 6.39
C ARG A 76 -6.01 -1.18 7.02
N ILE A 77 -6.70 -1.66 8.05
CA ILE A 77 -6.29 -2.87 8.73
C ILE A 77 -5.99 -4.04 7.77
N GLN A 78 -4.92 -4.74 8.10
CA GLN A 78 -4.50 -5.88 7.30
C GLN A 78 -5.41 -7.08 7.59
N ILE A 79 -6.60 -7.05 6.98
CA ILE A 79 -7.60 -8.13 7.12
C ILE A 79 -8.40 -8.29 5.82
N GLY A 80 -8.98 -9.47 5.60
CA GLY A 80 -9.77 -9.73 4.39
C GLY A 80 -9.03 -10.67 3.45
N ASP A 81 -7.84 -11.09 3.87
CA ASP A 81 -7.03 -11.97 3.04
C ASP A 81 -7.47 -13.43 3.16
N TRP A 82 -8.19 -13.87 2.14
CA TRP A 82 -8.68 -15.25 2.03
C TRP A 82 -7.52 -16.13 1.55
N ARG A 83 -7.68 -17.46 1.37
CA ARG A 83 -6.56 -18.27 0.89
C ARG A 83 -6.69 -18.58 -0.62
N TYR A 84 -7.89 -19.03 -1.01
CA TYR A 84 -8.25 -19.43 -2.40
C TYR A 84 -8.71 -18.25 -3.27
N GLU A 85 -8.92 -17.12 -2.65
CA GLU A 85 -9.39 -15.95 -3.38
C GLU A 85 -8.26 -15.34 -4.18
N VAL A 86 -7.04 -15.75 -3.89
CA VAL A 86 -5.86 -15.15 -4.54
C VAL A 86 -6.11 -15.01 -6.02
N ALA A 87 -6.55 -16.07 -6.67
CA ALA A 87 -6.81 -16.01 -8.06
C ALA A 87 -7.99 -15.10 -8.30
N HIS A 88 -9.05 -15.31 -7.50
CA HIS A 88 -10.24 -14.48 -7.64
C HIS A 88 -9.86 -12.99 -7.50
N ASP A 89 -9.28 -12.62 -6.37
CA ASP A 89 -8.86 -11.24 -6.15
C ASP A 89 -7.69 -10.91 -7.11
N GLY A 90 -6.66 -11.75 -7.07
CA GLY A 90 -5.50 -11.58 -7.95
C GLY A 90 -5.89 -11.73 -9.42
N ARG A 91 -7.11 -11.34 -9.72
CA ARG A 91 -7.59 -11.32 -11.09
C ARG A 91 -7.00 -10.10 -11.77
N LEU A 92 -6.23 -9.30 -11.02
CA LEU A 92 -5.67 -8.06 -11.58
C LEU A 92 -5.34 -8.29 -13.06
N LEU A 93 -4.99 -9.54 -13.36
CA LEU A 93 -4.66 -9.88 -14.75
C LEU A 93 -5.91 -9.83 -15.66
N ALA A 94 -6.87 -10.76 -15.48
CA ALA A 94 -8.06 -10.75 -16.35
C ALA A 94 -9.00 -9.64 -15.89
N ALA A 95 -9.73 -9.89 -14.82
CA ALA A 95 -10.69 -8.97 -14.23
C ALA A 95 -10.05 -7.62 -13.85
N HIS A 96 -8.82 -7.41 -14.30
CA HIS A 96 -8.04 -6.20 -13.98
C HIS A 96 -8.87 -5.02 -13.51
N MET A 97 -9.95 -4.66 -14.19
CA MET A 97 -10.75 -3.54 -13.73
C MET A 97 -11.58 -3.97 -12.53
N VAL A 98 -12.24 -5.13 -12.62
CA VAL A 98 -13.14 -5.57 -11.56
C VAL A 98 -12.51 -5.35 -10.20
N ASN A 99 -11.24 -5.75 -9.97
CA ASN A 99 -10.59 -5.53 -8.66
C ASN A 99 -11.02 -4.15 -8.09
N GLY A 100 -11.51 -3.31 -8.99
CA GLY A 100 -12.01 -2.02 -8.59
C GLY A 100 -13.01 -2.25 -7.45
N ILE A 101 -13.60 -3.44 -7.39
CA ILE A 101 -14.55 -3.76 -6.35
C ILE A 101 -14.04 -3.31 -4.99
N VAL A 102 -12.76 -3.53 -4.67
CA VAL A 102 -12.23 -3.13 -3.37
C VAL A 102 -12.44 -1.64 -3.14
N ILE A 103 -12.63 -0.88 -4.22
CA ILE A 103 -12.87 0.56 -4.05
C ILE A 103 -14.38 0.82 -3.87
N ALA A 104 -15.20 0.15 -4.65
CA ALA A 104 -16.66 0.34 -4.59
C ALA A 104 -17.28 -0.41 -3.41
N GLU A 105 -16.61 -1.46 -2.92
CA GLU A 105 -17.10 -2.23 -1.78
C GLU A 105 -16.57 -1.70 -0.45
N ASP A 106 -15.26 -1.82 -0.17
CA ASP A 106 -14.74 -1.40 1.14
C ASP A 106 -14.63 0.12 1.32
N ALA A 107 -14.56 0.93 0.25
CA ALA A 107 -14.48 2.39 0.46
C ALA A 107 -15.35 2.84 1.66
N LEU A 108 -16.62 2.42 1.69
CA LEU A 108 -17.58 2.87 2.74
C LEU A 108 -16.82 3.26 4.03
N ILE A 109 -15.82 2.47 4.41
CA ILE A 109 -15.01 2.78 5.58
C ILE A 109 -13.71 3.46 5.14
N ALA A 110 -13.07 2.88 4.13
CA ALA A 110 -11.79 3.41 3.64
C ALA A 110 -11.89 4.90 3.41
N GLU A 111 -12.99 5.33 2.78
CA GLU A 111 -13.19 6.76 2.51
C GLU A 111 -13.07 7.57 3.80
N ALA A 112 -13.24 6.90 4.94
CA ALA A 112 -13.15 7.58 6.23
C ALA A 112 -11.71 7.70 6.66
N VAL A 113 -10.86 6.95 5.96
CA VAL A 113 -9.42 6.96 6.22
C VAL A 113 -8.75 7.96 5.30
N GLY A 114 -9.43 9.07 5.01
CA GLY A 114 -8.87 10.10 4.15
C GLY A 114 -7.79 10.90 4.89
N PRO A 115 -7.99 11.26 6.15
CA PRO A 115 -6.97 12.05 6.90
C PRO A 115 -5.57 11.56 6.62
N HIS A 116 -5.48 10.32 6.15
CA HIS A 116 -4.16 9.77 5.86
C HIS A 116 -3.47 10.75 4.93
N LEU A 117 -4.20 11.34 4.01
CA LEU A 117 -3.60 12.29 3.08
C LEU A 117 -2.70 13.29 3.84
N ALA A 118 -3.26 14.04 4.79
CA ALA A 118 -2.44 15.00 5.54
C ALA A 118 -1.31 14.27 6.26
N ARG A 119 -1.67 13.30 7.09
CA ARG A 119 -0.65 12.52 7.78
C ARG A 119 0.30 11.96 6.73
N ALA A 120 -0.19 11.20 5.81
CA ALA A 120 0.66 10.65 4.81
C ALA A 120 1.61 11.73 4.25
N LEU A 121 1.32 13.01 4.58
CA LEU A 121 1.98 14.19 3.98
C LEU A 121 3.00 13.81 2.92
N GLY A 122 3.96 12.97 3.15
CA GLY A 122 4.82 12.57 2.05
C GLY A 122 3.94 12.15 0.86
N GLN A 123 2.66 11.75 1.13
CA GLN A 123 1.79 11.38 0.00
C GLN A 123 1.46 12.64 -0.78
N ILE A 124 1.56 13.76 -0.08
CA ILE A 124 1.31 15.05 -0.72
C ILE A 124 2.40 15.29 -1.76
N VAL A 125 3.66 14.93 -1.44
CA VAL A 125 4.72 15.13 -2.40
C VAL A 125 4.35 14.36 -3.67
N CYS A 126 4.13 13.05 -3.54
CA CYS A 126 3.77 12.19 -4.66
C CYS A 126 2.75 12.88 -5.59
N ARG A 127 2.10 13.92 -5.07
CA ARG A 127 1.13 14.69 -5.87
C ARG A 127 1.79 15.91 -6.54
N TYR A 128 2.73 16.45 -5.79
CA TYR A 128 3.59 17.60 -6.14
C TYR A 128 5.01 17.10 -6.45
N GLY A 129 5.21 15.83 -6.73
CA GLY A 129 6.56 15.42 -7.03
C GLY A 129 6.64 14.05 -7.68
N ALA A 130 5.55 13.26 -7.54
CA ALA A 130 5.46 11.89 -8.10
C ALA A 130 6.60 11.60 -9.08
N THR A 131 7.85 11.57 -8.58
CA THR A 131 8.98 11.31 -9.46
C THR A 131 9.37 9.86 -9.36
N VAL A 132 8.71 9.13 -8.47
CA VAL A 132 8.98 7.69 -8.30
C VAL A 132 8.22 6.89 -9.38
N ILE A 133 6.89 7.08 -9.49
CA ILE A 133 6.09 6.32 -10.49
C ILE A 133 6.67 6.30 -11.91
N PRO A 134 7.26 7.36 -12.39
CA PRO A 134 7.74 7.42 -13.80
C PRO A 134 8.54 6.19 -14.20
N ASN A 135 9.41 5.69 -13.33
CA ASN A 135 10.17 4.51 -13.70
C ASN A 135 9.23 3.31 -13.91
N ILE A 136 8.64 2.82 -12.83
CA ILE A 136 7.76 1.66 -12.92
C ILE A 136 6.55 1.96 -13.82
N ASN A 137 5.98 3.12 -13.62
CA ASN A 137 4.76 3.50 -14.32
C ASN A 137 4.85 3.18 -15.78
N ALA A 138 5.77 3.78 -16.50
CA ALA A 138 5.86 3.48 -17.90
C ALA A 138 6.19 2.01 -18.11
N ALA A 139 6.82 1.36 -17.12
CA ALA A 139 7.12 -0.06 -17.25
C ALA A 139 5.94 -0.99 -16.91
N ILE A 140 5.41 -0.97 -15.67
CA ILE A 140 4.33 -1.88 -15.32
C ILE A 140 3.04 -1.50 -16.02
N GLU A 141 2.71 -0.24 -15.93
CA GLU A 141 1.47 0.25 -16.51
C GLU A 141 1.33 -0.31 -17.90
N VAL A 142 2.30 0.04 -18.75
CA VAL A 142 2.29 -0.46 -20.10
C VAL A 142 2.24 -1.98 -20.07
N LEU A 143 2.52 -2.60 -18.91
CA LEU A 143 2.43 -4.07 -18.83
C LEU A 143 0.97 -4.51 -18.65
N GLY A 144 0.27 -4.10 -17.55
CA GLY A 144 -1.12 -4.56 -17.42
C GLY A 144 -2.02 -3.95 -18.51
N THR A 145 -2.51 -2.75 -18.23
CA THR A 145 -3.42 -2.02 -19.12
C THR A 145 -3.43 -0.56 -18.65
N GLY A 146 -3.17 -0.41 -17.36
CA GLY A 146 -3.12 0.88 -16.68
C GLY A 146 -4.19 1.02 -15.58
N THR A 147 -5.40 0.50 -15.75
CA THR A 147 -6.43 0.67 -14.71
C THR A 147 -5.85 0.71 -13.29
N ASP A 148 -5.51 1.92 -12.83
CA ASP A 148 -4.93 2.12 -11.50
C ASP A 148 -5.39 3.47 -10.98
N TYR A 149 -5.65 3.56 -9.69
CA TYR A 149 -6.09 4.81 -9.09
C TYR A 149 -5.61 4.87 -7.62
N ARG A 150 -5.34 6.09 -7.13
CA ARG A 150 -4.94 6.28 -5.73
C ARG A 150 -5.49 7.61 -5.23
N PHE A 151 -5.80 7.68 -3.94
CA PHE A 151 -6.34 8.91 -3.34
C PHE A 151 -5.27 9.59 -2.48
O1 MTN B . 8.63 -9.10 6.68
N1 MTN B . 9.35 -8.63 5.76
C1 MTN B . 8.85 -8.35 4.39
C2 MTN B . 10.09 -7.84 3.76
C3 MTN B . 11.14 -7.81 4.57
C4 MTN B . 12.50 -7.34 4.18
S1 MTN B . 12.77 -5.58 4.42
C5 MTN B . 10.81 -8.31 5.96
C6 MTN B . 11.67 -9.48 6.40
C7 MTN B . 10.91 -7.15 6.94
C8 MTN B . 8.35 -9.59 3.66
C9 MTN B . 7.78 -7.26 4.43
H2 MTN B . 10.14 -7.51 2.72
H41 MTN B . 12.66 -7.57 3.15
H42 MTN B . 13.22 -7.90 4.78
H61 MTN B . 12.66 -9.12 6.67
H62 MTN B . 11.77 -10.18 5.59
H63 MTN B . 11.23 -9.96 7.25
H71 MTN B . 10.22 -6.37 6.64
H72 MTN B . 11.92 -6.76 6.92
H73 MTN B . 10.67 -7.49 7.93
H81 MTN B . 9.14 -10.32 3.59
H82 MTN B . 8.02 -9.31 2.67
H83 MTN B . 7.51 -10.01 4.20
H91 MTN B . 8.21 -6.34 4.81
H92 MTN B . 7.39 -7.09 3.44
H93 MTN B . 6.98 -7.57 5.10
O1 MTN C . -2.37 -3.69 -3.88
N1 MTN C . -1.55 -4.34 -3.18
C1 MTN C . -1.95 -5.44 -2.30
C2 MTN C . -0.62 -5.82 -1.75
C3 MTN C . 0.38 -5.08 -2.20
C4 MTN C . 1.82 -5.28 -1.85
S1 MTN C . 2.13 -5.78 -0.14
C5 MTN C . -0.10 -4.02 -3.18
C6 MTN C . 0.23 -2.59 -2.77
C7 MTN C . 0.44 -4.33 -4.57
C8 MTN C . -2.96 -5.01 -1.26
C9 MTN C . -2.51 -6.57 -3.17
H2 MTN C . -0.50 -6.61 -1.03
H41 MTN C . 2.34 -4.35 -2.03
H42 MTN C . 2.22 -6.03 -2.52
H61 MTN C . -0.24 -2.38 -1.82
H62 MTN C . 1.29 -2.45 -2.70
H63 MTN C . -0.18 -1.91 -3.52
H71 MTN C . 0.07 -5.29 -4.90
H72 MTN C . 0.11 -3.56 -5.26
H73 MTN C . 1.52 -4.35 -4.55
H81 MTN C . -3.76 -4.47 -1.73
H82 MTN C . -2.48 -4.37 -0.53
H83 MTN C . -3.37 -5.87 -0.75
H91 MTN C . -3.45 -6.26 -3.60
H92 MTN C . -2.66 -7.45 -2.56
H93 MTN C . -1.80 -6.80 -3.96
O1 MTN D . -3.57 11.28 -5.80
N1 MTN D . -2.52 10.67 -6.16
C1 MTN D . -2.17 10.43 -7.58
C2 MTN D . -0.90 9.69 -7.41
C3 MTN D . -0.55 9.53 -6.16
C4 MTN D . 0.69 8.83 -5.72
S1 MTN D . 2.19 9.41 -6.55
C5 MTN D . -1.54 10.13 -5.17
C6 MTN D . -2.15 9.12 -4.18
C7 MTN D . -0.90 11.33 -4.47
C8 MTN D . -3.21 9.60 -8.33
C9 MTN D . -1.93 11.76 -8.28
H2 MTN D . -0.32 9.34 -8.26
H41 MTN D . 0.58 7.77 -5.93
H42 MTN D . 0.80 8.97 -4.65
H61 MTN D . -2.18 9.55 -3.18
H62 MTN D . -1.55 8.22 -4.16
H63 MTN D . -3.15 8.89 -4.49
H71 MTN D . -1.67 11.93 -4.01
H72 MTN D . -0.36 11.95 -5.18
H73 MTN D . -0.22 10.97 -3.71
H81 MTN D . -3.45 8.72 -7.76
H82 MTN D . -2.82 9.30 -9.29
H83 MTN D . -4.11 10.18 -8.47
H91 MTN D . -1.58 11.58 -9.30
H92 MTN D . -1.19 12.33 -7.75
H93 MTN D . -2.85 12.32 -8.32
N MET A 25 11.04 -5.95 32.08
CA MET A 25 9.58 -6.05 31.81
C MET A 25 9.35 -6.91 30.58
N SER A 26 8.09 -7.23 30.29
CA SER A 26 7.75 -8.05 29.12
C SER A 26 7.11 -7.20 28.04
N ASP A 27 6.93 -5.91 28.31
CA ASP A 27 6.31 -5.00 27.35
C ASP A 27 6.26 -3.58 27.89
N PHE A 28 7.28 -2.79 27.58
CA PHE A 28 7.33 -1.41 28.04
C PHE A 28 8.11 -0.57 27.07
N ASP A 29 7.72 0.70 26.93
CA ASP A 29 8.41 1.60 26.05
C ASP A 29 8.20 3.06 26.48
N THR A 30 9.16 3.91 26.13
CA THR A 30 9.09 5.34 26.42
C THR A 30 8.71 6.14 25.16
N GLU A 31 8.81 7.44 25.25
CA GLU A 31 8.47 8.32 24.13
C GLU A 31 9.28 7.95 22.89
N ARG A 32 10.54 7.64 23.07
CA ARG A 32 11.34 7.26 21.91
C ARG A 32 10.91 5.89 21.35
N VAL A 33 11.08 4.91 22.18
CA VAL A 33 10.71 3.55 21.80
C VAL A 33 9.19 3.53 21.55
N SER A 34 8.41 4.06 22.47
CA SER A 34 6.97 4.05 22.24
C SER A 34 6.53 4.93 21.09
N ARG A 35 6.66 6.25 21.24
CA ARG A 35 6.20 7.20 20.20
C ARG A 35 7.00 7.15 18.91
N ALA A 36 8.31 7.21 19.02
CA ALA A 36 9.10 7.19 17.80
C ALA A 36 8.81 5.88 17.08
N VAL A 37 9.09 4.80 17.80
CA VAL A 37 8.81 3.51 17.21
C VAL A 37 7.32 3.46 16.92
N ALA A 38 6.48 3.79 17.87
CA ALA A 38 5.05 3.70 17.53
C ALA A 38 4.70 4.60 16.36
N ALA A 39 4.85 5.90 16.53
CA ALA A 39 4.50 6.81 15.44
C ALA A 39 5.22 6.34 14.18
N ALA A 40 6.51 6.22 14.26
CA ALA A 40 7.26 5.79 13.08
C ALA A 40 6.85 4.34 12.68
N LEU A 41 7.02 3.42 13.61
CA LEU A 41 6.73 1.99 13.33
C LEU A 41 5.28 1.89 12.85
N VAL A 42 4.36 2.42 13.67
CA VAL A 42 2.93 2.39 13.32
C VAL A 42 2.65 3.35 12.18
N GLY A 43 2.94 4.63 12.40
CA GLY A 43 2.67 5.63 11.40
C GLY A 43 3.34 5.31 10.10
N PRO A 44 3.33 6.24 9.20
CA PRO A 44 3.90 6.06 7.88
C PRO A 44 5.40 6.31 7.80
N GLY A 45 5.92 7.20 8.68
CA GLY A 45 7.35 7.52 8.63
C GLY A 45 8.23 6.31 8.87
N GLY A 46 8.09 5.67 10.00
CA GLY A 46 8.99 4.55 10.25
C GLY A 46 8.81 3.59 9.12
N VAL A 47 7.58 3.24 8.90
CA VAL A 47 7.28 2.35 7.80
C VAL A 47 7.82 2.99 6.52
N ALA A 48 7.82 4.34 6.45
CA ALA A 48 8.30 4.98 5.22
C ALA A 48 9.74 4.57 4.94
N LEU A 49 10.66 4.92 5.82
CA LEU A 49 12.07 4.62 5.58
C LEU A 49 12.30 3.12 5.49
N VAL A 50 11.73 2.39 6.43
CA VAL A 50 11.94 0.96 6.45
C VAL A 50 11.44 0.36 5.17
N VAL A 51 10.16 0.55 4.87
CA VAL A 51 9.60 -0.04 3.66
C VAL A 51 10.32 0.48 2.43
N LYS A 52 10.67 1.76 2.48
CA LYS A 52 11.35 2.36 1.34
C LYS A 52 12.72 1.74 1.14
N VAL A 53 13.52 1.80 2.19
CA VAL A 53 14.88 1.28 2.11
C VAL A 53 14.84 -0.22 1.86
N CYS A 54 14.03 -0.91 2.63
CA CYS A 54 13.95 -2.35 2.47
C CYS A 54 13.39 -2.68 1.10
N ALA A 55 12.17 -2.24 0.83
CA ALA A 55 11.52 -2.58 -0.43
C ALA A 55 12.37 -2.11 -1.57
N GLY A 56 12.80 -0.88 -1.47
CA GLY A 56 13.60 -0.30 -2.52
C GLY A 56 12.70 0.02 -3.70
N LEU A 57 11.82 1.01 -3.48
CA LEU A 57 10.84 1.49 -4.46
C LEU A 57 9.48 0.84 -4.21
N PRO A 58 8.73 1.31 -3.25
CA PRO A 58 7.39 0.75 -2.93
C PRO A 58 6.53 0.55 -4.19
N GLY A 59 6.75 1.36 -5.23
CA GLY A 59 5.92 1.21 -6.43
C GLY A 59 6.11 -0.20 -7.02
N VAL A 60 7.34 -0.54 -7.40
CA VAL A 60 7.65 -1.88 -7.94
C VAL A 60 8.24 -2.69 -6.81
N ILE A 61 8.54 -3.96 -7.08
CA ILE A 61 9.14 -4.90 -6.10
C ILE A 61 8.07 -5.83 -5.53
N HIS A 62 8.28 -7.12 -5.74
CA HIS A 62 7.36 -8.12 -5.22
C HIS A 62 8.16 -9.34 -4.76
N THR A 63 7.80 -9.88 -3.60
CA THR A 63 8.49 -11.05 -3.09
C THR A 63 7.76 -12.31 -3.57
N PRO A 64 8.45 -13.27 -4.18
CA PRO A 64 7.78 -14.50 -4.71
C PRO A 64 7.15 -15.36 -3.62
N ALA A 65 7.72 -15.34 -2.42
CA ALA A 65 7.22 -16.19 -1.33
C ALA A 65 6.54 -15.40 -0.24
N ARG A 66 5.25 -15.24 -0.41
CA ARG A 66 4.43 -14.52 0.55
C ARG A 66 3.11 -15.26 0.71
N ARG A 67 2.57 -15.31 1.92
CA ARG A 67 1.36 -16.07 2.17
C ARG A 67 0.27 -15.71 1.16
N GLY A 68 0.44 -14.59 0.47
CA GLY A 68 -0.53 -14.15 -0.55
C GLY A 68 -1.12 -12.80 -0.19
N PHE A 69 -1.12 -12.48 1.09
CA PHE A 69 -1.63 -11.20 1.55
C PHE A 69 -1.00 -10.89 2.89
N PHE A 70 -1.05 -9.61 3.28
CA PHE A 70 -0.50 -9.11 4.56
C PHE A 70 0.67 -8.13 4.35
N ARG A 71 0.58 -6.89 4.82
CA ARG A 71 1.68 -5.93 4.61
C ARG A 71 1.67 -5.41 3.17
N CYS A 72 2.38 -4.30 2.97
CA CYS A 72 2.43 -3.66 1.66
C CYS A 72 1.02 -3.23 1.28
N ASN A 73 0.51 -2.21 1.97
CA ASN A 73 -0.84 -1.72 1.72
C ASN A 73 -0.89 -0.20 1.95
N PRO A 74 -1.91 0.47 1.47
CA PRO A 74 -2.08 1.96 1.63
C PRO A 74 -2.01 2.39 3.12
N GLU A 75 -0.90 2.11 3.81
CA GLU A 75 -0.72 2.55 5.21
C GLU A 75 -1.87 2.07 6.14
N ARG A 76 -2.37 0.86 5.90
CA ARG A 76 -3.46 0.27 6.70
C ARG A 76 -3.37 -1.25 6.71
N ILE A 77 -4.31 -1.87 7.42
CA ILE A 77 -4.40 -3.33 7.50
C ILE A 77 -5.14 -3.84 6.27
N GLN A 78 -5.13 -5.16 6.04
CA GLN A 78 -5.83 -5.75 4.91
C GLN A 78 -6.64 -6.96 5.41
N ILE A 79 -7.91 -7.02 5.01
CA ILE A 79 -8.78 -8.14 5.39
C ILE A 79 -9.74 -8.48 4.26
N GLY A 80 -10.23 -9.73 4.21
CA GLY A 80 -11.16 -10.14 3.15
C GLY A 80 -10.42 -10.93 2.08
N ASP A 81 -9.12 -11.13 2.30
CA ASP A 81 -8.29 -11.85 1.33
C ASP A 81 -8.19 -13.36 1.62
N TRP A 82 -8.73 -14.09 0.66
CA TRP A 82 -8.73 -15.56 0.68
C TRP A 82 -7.39 -16.06 0.12
N ARG A 83 -7.22 -17.39 0.03
CA ARG A 83 -5.99 -17.99 -0.49
C ARG A 83 -6.11 -18.30 -2.00
N TYR A 84 -7.14 -19.07 -2.33
CA TYR A 84 -7.45 -19.47 -3.73
C TYR A 84 -8.11 -18.32 -4.50
N GLU A 85 -8.36 -17.22 -3.84
CA GLU A 85 -8.97 -16.08 -4.50
C GLU A 85 -7.97 -15.33 -5.34
N VAL A 86 -6.69 -15.55 -5.09
CA VAL A 86 -5.65 -14.80 -5.80
C VAL A 86 -5.98 -14.75 -7.27
N ALA A 87 -6.28 -15.89 -7.83
CA ALA A 87 -6.66 -15.94 -9.19
C ALA A 87 -7.97 -15.19 -9.36
N HIS A 88 -8.94 -15.51 -8.50
CA HIS A 88 -10.25 -14.85 -8.56
C HIS A 88 -10.12 -13.31 -8.45
N ASP A 89 -9.60 -12.82 -7.33
CA ASP A 89 -9.41 -11.39 -7.16
C ASP A 89 -8.34 -10.87 -8.14
N GLY A 90 -7.17 -11.49 -8.10
CA GLY A 90 -6.05 -11.13 -8.98
C GLY A 90 -6.40 -11.37 -10.45
N ARG A 91 -7.66 -11.18 -10.76
CA ARG A 91 -8.16 -11.28 -12.11
C ARG A 91 -7.81 -10.02 -12.90
N LEU A 92 -7.04 -9.12 -12.28
CA LEU A 92 -6.65 -7.85 -12.97
C LEU A 92 -6.49 -8.17 -14.47
N LEU A 93 -6.08 -9.39 -14.73
CA LEU A 93 -6.00 -9.80 -16.15
C LEU A 93 -7.43 -9.76 -16.73
N ALA A 94 -8.33 -10.64 -16.22
CA ALA A 94 -9.72 -10.64 -16.70
C ALA A 94 -10.43 -9.44 -16.05
N ALA A 95 -10.72 -9.57 -14.74
CA ALA A 95 -11.37 -8.55 -13.90
C ALA A 95 -10.71 -7.20 -14.03
N HIS A 96 -9.74 -7.10 -14.94
CA HIS A 96 -8.94 -5.89 -15.13
C HIS A 96 -9.59 -4.67 -14.53
N MET A 97 -10.74 -4.29 -15.01
CA MET A 97 -11.44 -3.17 -14.45
C MET A 97 -12.19 -3.58 -13.19
N VAL A 98 -12.90 -4.73 -13.25
CA VAL A 98 -13.76 -5.14 -12.13
C VAL A 98 -13.07 -4.86 -10.81
N ASN A 99 -11.76 -5.15 -10.68
CA ASN A 99 -11.01 -4.89 -9.44
C ASN A 99 -11.49 -3.57 -8.79
N GLY A 100 -12.12 -2.78 -9.62
CA GLY A 100 -12.75 -1.55 -9.17
C GLY A 100 -13.64 -1.86 -7.97
N ILE A 101 -14.04 -3.12 -7.82
CA ILE A 101 -14.96 -3.51 -6.73
C ILE A 101 -14.45 -3.09 -5.36
N VAL A 102 -13.18 -3.34 -5.07
CA VAL A 102 -12.62 -3.01 -3.77
C VAL A 102 -12.73 -1.52 -3.47
N ILE A 103 -12.92 -0.74 -4.51
CA ILE A 103 -13.03 0.71 -4.32
C ILE A 103 -14.45 1.11 -3.89
N ALA A 104 -15.44 0.56 -4.57
CA ALA A 104 -16.85 0.83 -4.26
C ALA A 104 -17.39 -0.05 -3.12
N GLU A 105 -16.72 -1.16 -2.84
CA GLU A 105 -17.15 -2.08 -1.80
C GLU A 105 -16.68 -1.68 -0.41
N ASP A 106 -15.38 -1.84 -0.13
CA ASP A 106 -14.84 -1.53 1.18
C ASP A 106 -14.82 -0.04 1.45
N ALA A 107 -14.92 0.77 0.38
CA ALA A 107 -14.96 2.23 0.54
C ALA A 107 -15.73 2.62 1.81
N LEU A 108 -16.95 2.07 1.94
CA LEU A 108 -17.87 2.47 3.04
C LEU A 108 -17.09 2.92 4.27
N ILE A 109 -16.09 2.15 4.65
CA ILE A 109 -15.26 2.52 5.79
C ILE A 109 -14.01 3.27 5.31
N ALA A 110 -13.29 2.64 4.39
CA ALA A 110 -12.05 3.23 3.87
C ALA A 110 -12.27 4.72 3.56
N GLU A 111 -13.44 5.03 3.02
CA GLU A 111 -13.78 6.41 2.68
C GLU A 111 -13.61 7.31 3.89
N ALA A 112 -13.82 6.75 5.06
CA ALA A 112 -13.70 7.52 6.30
C ALA A 112 -12.24 7.70 6.65
N VAL A 113 -11.40 6.94 5.94
CA VAL A 113 -9.97 7.00 6.12
C VAL A 113 -9.42 8.11 5.21
N GLY A 114 -10.17 9.24 5.11
CA GLY A 114 -9.73 10.38 4.33
C GLY A 114 -8.35 10.85 4.79
N PRO A 115 -7.90 10.61 6.05
CA PRO A 115 -6.49 10.94 6.52
C PRO A 115 -5.43 10.80 5.42
N HIS A 116 -5.86 10.35 4.25
CA HIS A 116 -4.98 10.22 3.11
C HIS A 116 -4.26 11.56 2.96
N LEU A 117 -4.90 12.70 3.32
CA LEU A 117 -4.24 13.97 3.26
C LEU A 117 -3.00 13.95 4.14
N ALA A 118 -3.19 13.67 5.43
CA ALA A 118 -2.05 13.66 6.34
C ALA A 118 -0.98 12.82 5.67
N ARG A 119 -1.33 11.62 5.28
CA ARG A 119 -0.39 10.80 4.57
C ARG A 119 0.02 11.52 3.30
N ALA A 120 -0.83 12.39 2.78
CA ALA A 120 -0.44 13.10 1.57
C ALA A 120 0.83 13.86 1.88
N LEU A 121 0.77 14.63 2.96
CA LEU A 121 1.95 15.42 3.35
C LEU A 121 3.22 14.52 3.08
N GLY A 122 3.05 13.20 3.24
CA GLY A 122 4.14 12.25 2.89
C GLY A 122 4.15 11.94 1.36
N GLN A 123 3.00 11.56 0.88
CA GLN A 123 2.80 11.26 -0.52
C GLN A 123 2.66 12.56 -1.27
N ILE A 124 2.95 13.67 -0.57
CA ILE A 124 2.86 14.99 -1.18
C ILE A 124 3.79 15.02 -2.32
N VAL A 125 5.03 14.64 -2.10
CA VAL A 125 5.92 14.64 -3.26
C VAL A 125 5.29 13.75 -4.29
N CYS A 126 5.05 12.50 -3.93
CA CYS A 126 4.49 11.56 -4.89
C CYS A 126 3.34 12.20 -5.69
N ARG A 127 2.73 13.22 -5.10
CA ARG A 127 1.62 13.94 -5.74
C ARG A 127 2.09 15.16 -6.58
N TYR A 128 3.01 15.86 -5.98
CA TYR A 128 3.66 17.07 -6.52
C TYR A 128 5.06 16.72 -7.04
N GLY A 129 5.33 15.46 -7.34
CA GLY A 129 6.64 15.16 -7.87
C GLY A 129 6.69 13.78 -8.47
N ALA A 130 5.66 12.97 -8.18
CA ALA A 130 5.54 11.58 -8.69
C ALA A 130 6.52 11.31 -9.83
N THR A 131 7.82 11.34 -9.52
CA THR A 131 8.86 11.12 -10.50
C THR A 131 9.39 9.69 -10.39
N VAL A 132 8.91 8.93 -9.38
CA VAL A 132 9.38 7.56 -9.16
C VAL A 132 8.61 6.57 -10.02
N ILE A 133 7.27 6.52 -9.85
CA ILE A 133 6.42 5.62 -10.62
C ILE A 133 6.72 5.65 -12.10
N PRO A 134 6.92 6.81 -12.72
CA PRO A 134 7.12 6.88 -14.18
C PRO A 134 7.99 5.76 -14.72
N ASN A 135 9.01 5.38 -14.00
CA ASN A 135 9.88 4.34 -14.51
C ASN A 135 9.12 3.01 -14.63
N ILE A 136 8.76 2.45 -13.49
CA ILE A 136 8.06 1.16 -13.45
C ILE A 136 6.66 1.27 -14.01
N ASN A 137 6.12 2.46 -13.90
CA ASN A 137 4.76 2.69 -14.30
C ASN A 137 4.55 2.26 -15.73
N ALA A 138 5.28 2.89 -16.62
CA ALA A 138 5.17 2.57 -18.02
C ALA A 138 5.58 1.13 -18.26
N ALA A 139 6.36 0.56 -17.34
CA ALA A 139 6.77 -0.82 -17.47
C ALA A 139 5.67 -1.80 -17.05
N ILE A 140 5.22 -1.77 -15.79
CA ILE A 140 4.22 -2.74 -15.36
C ILE A 140 2.87 -2.50 -16.00
N GLU A 141 2.45 -1.25 -16.01
CA GLU A 141 1.13 -0.89 -16.55
C GLU A 141 0.93 -1.55 -17.88
N VAL A 142 1.75 -1.15 -18.85
CA VAL A 142 1.64 -1.70 -20.17
C VAL A 142 1.64 -3.21 -20.09
N LEU A 143 2.05 -3.77 -18.93
CA LEU A 143 2.02 -5.21 -18.80
C LEU A 143 0.59 -5.67 -18.55
N GLY A 144 -0.07 -5.24 -17.45
CA GLY A 144 -1.44 -5.70 -17.27
C GLY A 144 -2.39 -5.06 -18.29
N THR A 145 -2.80 -3.83 -18.01
CA THR A 145 -3.71 -3.09 -18.89
C THR A 145 -3.63 -1.59 -18.60
N GLY A 146 -3.09 -1.28 -17.41
CA GLY A 146 -2.90 0.09 -16.90
C GLY A 146 -3.85 0.38 -15.72
N THR A 147 -5.08 -0.11 -15.76
CA THR A 147 -6.05 0.16 -14.68
C THR A 147 -5.38 0.34 -13.32
N ASP A 148 -5.11 1.59 -12.95
CA ASP A 148 -4.50 1.90 -11.68
C ASP A 148 -5.11 3.21 -11.15
N TYR A 149 -5.29 3.30 -9.85
CA TYR A 149 -5.88 4.49 -9.24
C TYR A 149 -5.37 4.68 -7.82
N ARG A 150 -5.28 5.94 -7.39
CA ARG A 150 -4.84 6.24 -6.03
C ARG A 150 -5.50 7.53 -5.55
N PHE A 151 -5.68 7.64 -4.23
CA PHE A 151 -6.32 8.81 -3.64
C PHE A 151 -6.01 8.87 -2.14
O1 MTN B . 7.63 -8.70 6.97
N1 MTN B . 8.59 -8.42 6.18
C1 MTN B . 8.60 -8.80 4.73
C2 MTN B . 9.92 -8.25 4.32
C3 MTN B . 10.57 -7.67 5.30
C4 MTN B . 11.93 -7.02 5.16
S1 MTN B . 11.91 -5.22 5.14
C5 MTN B . 9.81 -7.69 6.61
C6 MTN B . 10.60 -8.36 7.73
C7 MTN B . 9.42 -6.27 7.00
C8 MTN B . 8.53 -10.30 4.49
C9 MTN B . 7.49 -8.08 3.97
H2 MTN B . 10.29 -8.32 3.31
H41 MTN B . 12.37 -7.36 4.24
H42 MTN B . 12.54 -7.37 5.98
H61 MTN B . 10.98 -9.31 7.38
H62 MTN B . 9.95 -8.52 8.58
H63 MTN B . 11.43 -7.73 8.02
H71 MTN B . 10.32 -5.72 7.27
H72 MTN B . 8.75 -6.30 7.84
H73 MTN B . 8.95 -5.78 6.16
H81 MTN B . 7.58 -10.69 4.85
H82 MTN B . 9.33 -10.79 5.02
H83 MTN B . 8.61 -10.50 3.43
H91 MTN B . 7.59 -7.01 4.09
H92 MTN B . 7.56 -8.33 2.92
H93 MTN B . 6.53 -8.40 4.35
O1 MTN C . -3.00 -4.42 -3.22
N1 MTN C . -1.74 -4.39 -3.00
C1 MTN C . -1.01 -5.55 -2.44
C2 MTN C . 0.36 -4.98 -2.39
C3 MTN C . 0.43 -3.73 -2.82
C4 MTN C . 1.69 -2.92 -2.87
S1 MTN C . 2.26 -2.35 -1.26
C5 MTN C . -0.91 -3.20 -3.28
C6 MTN C . -1.34 -1.93 -2.56
C7 MTN C . -0.88 -2.98 -4.80
C8 MTN C . -1.50 -5.97 -1.06
C9 MTN C . -1.04 -6.72 -3.41
H2 MTN C . 1.21 -5.52 -2.02
H41 MTN C . 1.49 -2.05 -3.49
H42 MTN C . 2.45 -3.53 -3.34
H61 MTN C . -0.54 -1.21 -2.59
H62 MTN C . -2.21 -1.51 -3.05
H63 MTN C . -1.57 -2.17 -1.54
H71 MTN C . -0.50 -3.86 -5.29
H72 MTN C . -1.88 -2.80 -5.15
H73 MTN C . -0.26 -2.13 -5.04
H81 MTN C . -0.84 -6.73 -0.66
H82 MTN C . -2.50 -6.37 -1.14
H83 MTN C . -1.50 -5.12 -0.40
H91 MTN C . -0.80 -6.36 -4.41
H92 MTN C . -2.03 -7.15 -3.42
H93 MTN C . -0.32 -7.46 -3.11
O1 MTN D . -2.99 11.64 -7.56
N1 MTN D . -2.17 10.71 -7.29
C1 MTN D . -1.45 9.93 -8.32
C2 MTN D . -0.67 9.02 -7.46
C3 MTN D . -0.85 9.21 -6.16
C4 MTN D . -0.10 8.48 -5.09
S1 MTN D . 1.07 9.53 -4.20
C5 MTN D . -1.86 10.32 -5.87
C6 MTN D . -3.09 9.89 -5.06
C7 MTN D . -1.13 11.48 -5.20
C8 MTN D . -2.40 9.14 -9.23
C9 MTN D . -0.53 10.83 -9.12
H2 MTN D . 0.00 8.27 -7.85
H41 MTN D . 0.45 7.67 -5.54
H42 MTN D . -0.83 8.08 -4.39
H61 MTN D . -2.81 9.11 -4.36
H62 MTN D . -3.84 9.51 -5.73
H63 MTN D . -3.49 10.73 -4.51
H71 MTN D . -1.71 12.38 -5.34
H72 MTN D . -0.16 11.62 -5.63
H73 MTN D . -1.03 11.28 -4.14
H81 MTN D . -2.93 9.83 -9.87
H82 MTN D . -3.10 8.58 -8.63
H83 MTN D . -1.81 8.47 -9.84
H91 MTN D . 0.07 11.42 -8.44
H92 MTN D . -1.12 11.48 -9.74
H93 MTN D . 0.12 10.22 -9.74
N MET A 25 8.85 -5.33 31.78
CA MET A 25 7.40 -5.32 31.42
C MET A 25 7.19 -6.16 30.16
N SER A 26 5.93 -6.37 29.80
CA SER A 26 5.59 -7.16 28.61
C SER A 26 5.36 -6.26 27.40
N ASP A 27 5.54 -4.96 27.60
CA ASP A 27 5.34 -3.99 26.52
C ASP A 27 5.35 -2.57 27.07
N PHE A 28 6.44 -1.84 26.82
CA PHE A 28 6.54 -0.46 27.28
C PHE A 28 7.39 0.34 26.31
N ASP A 29 7.04 1.62 26.14
CA ASP A 29 7.78 2.47 25.21
C ASP A 29 7.68 3.93 25.65
N THR A 30 8.72 4.71 25.39
CA THR A 30 8.74 6.13 25.74
C THR A 30 8.53 6.97 24.47
N GLU A 31 8.81 8.25 24.56
CA GLU A 31 8.63 9.16 23.43
C GLU A 31 9.50 8.71 22.25
N ARG A 32 10.73 8.36 22.51
CA ARG A 32 11.58 7.91 21.43
C ARG A 32 11.07 6.56 20.91
N VAL A 33 11.05 5.59 21.80
CA VAL A 33 10.61 4.24 21.41
C VAL A 33 9.10 4.24 21.05
N SER A 34 8.25 4.79 21.91
CA SER A 34 6.80 4.84 21.58
C SER A 34 6.53 5.74 20.35
N ARG A 35 6.84 7.02 20.47
CA ARG A 35 6.56 7.98 19.39
C ARG A 35 7.39 7.67 18.12
N ALA A 36 8.68 7.30 18.27
CA ALA A 36 9.43 6.91 17.06
C ALA A 36 8.87 5.58 16.55
N VAL A 37 8.84 4.58 17.43
CA VAL A 37 8.33 3.29 16.97
C VAL A 37 6.89 3.48 16.53
N ALA A 38 6.03 3.99 17.39
CA ALA A 38 4.64 4.18 16.97
C ALA A 38 4.59 5.06 15.73
N ALA A 39 5.04 6.29 15.85
CA ALA A 39 4.95 7.20 14.68
C ALA A 39 5.64 6.57 13.46
N ALA A 40 6.90 6.21 13.62
CA ALA A 40 7.63 5.63 12.50
C ALA A 40 7.02 4.26 12.13
N LEU A 41 6.95 3.37 13.12
CA LEU A 41 6.40 2.02 12.85
C LEU A 41 4.99 2.16 12.29
N VAL A 42 4.10 2.82 13.03
CA VAL A 42 2.71 2.97 12.53
C VAL A 42 2.67 3.95 11.36
N GLY A 43 3.11 5.18 11.59
CA GLY A 43 3.06 6.19 10.55
C GLY A 43 3.78 5.76 9.29
N PRO A 44 3.92 6.66 8.36
CA PRO A 44 4.59 6.39 7.07
C PRO A 44 6.11 6.46 7.16
N GLY A 45 6.65 7.17 8.18
CA GLY A 45 8.12 7.32 8.25
C GLY A 45 8.85 6.00 8.45
N GLY A 46 8.58 5.33 9.56
CA GLY A 46 9.27 4.05 9.81
C GLY A 46 9.01 3.18 8.60
N VAL A 47 7.73 3.06 8.27
CA VAL A 47 7.37 2.28 7.10
C VAL A 47 8.07 2.87 5.86
N ALA A 48 8.28 4.21 5.85
CA ALA A 48 8.99 4.80 4.69
C ALA A 48 10.39 4.19 4.55
N LEU A 49 11.26 4.36 5.57
CA LEU A 49 12.63 3.82 5.49
C LEU A 49 12.66 2.31 5.34
N VAL A 50 11.94 1.61 6.18
CA VAL A 50 11.98 0.17 6.12
C VAL A 50 11.57 -0.32 4.75
N VAL A 51 10.35 0.02 4.34
CA VAL A 51 9.85 -0.44 3.05
C VAL A 51 10.77 0.02 1.91
N LYS A 52 11.30 1.22 2.04
CA LYS A 52 12.18 1.75 1.00
C LYS A 52 13.46 0.93 0.92
N VAL A 53 14.14 0.84 2.05
CA VAL A 53 15.42 0.10 2.08
C VAL A 53 15.21 -1.37 1.76
N CYS A 54 14.26 -1.99 2.42
CA CYS A 54 14.03 -3.40 2.16
C CYS A 54 13.58 -3.58 0.71
N ALA A 55 12.45 -3.00 0.36
CA ALA A 55 11.94 -3.14 -0.99
C ALA A 55 12.95 -2.64 -2.01
N GLY A 56 13.45 -1.43 -1.82
CA GLY A 56 14.39 -0.89 -2.79
C GLY A 56 13.61 -0.48 -4.02
N LEU A 57 12.79 0.55 -3.84
CA LEU A 57 11.91 1.07 -4.90
C LEU A 57 10.52 0.43 -4.79
N PRO A 58 9.65 0.89 -3.92
CA PRO A 58 8.29 0.29 -3.75
C PRO A 58 7.48 0.20 -5.06
N GLY A 59 7.80 1.03 -6.05
CA GLY A 59 7.00 0.97 -7.28
C GLY A 59 7.16 -0.42 -7.93
N VAL A 60 8.37 -0.79 -8.32
CA VAL A 60 8.60 -2.14 -8.88
C VAL A 60 9.09 -3.04 -7.75
N ILE A 61 9.31 -4.32 -8.06
CA ILE A 61 9.78 -5.34 -7.10
C ILE A 61 8.66 -6.26 -6.62
N HIS A 62 8.81 -7.56 -6.83
CA HIS A 62 7.81 -8.53 -6.39
C HIS A 62 8.52 -9.79 -5.91
N THR A 63 8.08 -10.32 -4.77
CA THR A 63 8.68 -11.54 -4.21
C THR A 63 7.93 -12.78 -4.75
N PRO A 64 8.55 -13.64 -5.51
CA PRO A 64 7.86 -14.85 -6.07
C PRO A 64 7.06 -15.65 -5.03
N ALA A 65 7.55 -15.66 -3.78
CA ALA A 65 6.91 -16.48 -2.75
C ALA A 65 6.23 -15.69 -1.67
N ARG A 66 4.94 -15.47 -1.88
CA ARG A 66 4.11 -14.74 -0.93
C ARG A 66 2.75 -15.42 -0.87
N ARG A 67 2.15 -15.48 0.30
CA ARG A 67 0.87 -16.16 0.45
C ARG A 67 -0.13 -15.68 -0.61
N GLY A 68 0.19 -14.57 -1.29
CA GLY A 68 -0.68 -14.01 -2.34
C GLY A 68 -1.09 -12.60 -1.99
N PHE A 69 -1.04 -12.27 -0.70
CA PHE A 69 -1.35 -10.94 -0.22
C PHE A 69 -0.58 -10.68 1.08
N PHE A 70 -0.40 -9.39 1.42
CA PHE A 70 0.31 -8.93 2.64
C PHE A 70 1.55 -8.12 2.25
N ARG A 71 1.42 -6.77 2.37
CA ARG A 71 2.49 -5.78 2.07
C ARG A 71 2.03 -4.82 0.99
N CYS A 72 2.28 -3.52 1.14
CA CYS A 72 1.89 -2.56 0.11
C CYS A 72 0.37 -2.48 0.03
N ASN A 73 -0.26 -1.82 1.01
CA ASN A 73 -1.72 -1.70 1.05
C ASN A 73 -2.12 -0.26 1.40
N PRO A 74 -3.30 0.19 0.99
CA PRO A 74 -3.79 1.59 1.30
C PRO A 74 -3.91 1.86 2.82
N GLU A 75 -2.87 1.50 3.57
CA GLU A 75 -2.82 1.69 5.03
C GLU A 75 -3.76 0.74 5.75
N ARG A 76 -4.74 0.18 5.03
CA ARG A 76 -5.68 -0.75 5.65
C ARG A 76 -4.90 -1.91 6.28
N ILE A 77 -5.34 -2.31 7.47
CA ILE A 77 -4.70 -3.40 8.21
C ILE A 77 -4.70 -4.70 7.39
N GLN A 78 -3.53 -5.32 7.28
CA GLN A 78 -3.40 -6.53 6.49
C GLN A 78 -4.36 -7.59 7.08
N ILE A 79 -5.64 -7.44 6.73
CA ILE A 79 -6.67 -8.37 7.17
C ILE A 79 -7.85 -8.39 6.20
N GLY A 80 -8.67 -9.44 6.30
CA GLY A 80 -9.87 -9.55 5.49
C GLY A 80 -9.67 -10.49 4.32
N ASP A 81 -8.45 -10.63 3.82
CA ASP A 81 -8.23 -11.47 2.66
C ASP A 81 -8.45 -12.95 2.94
N TRP A 82 -9.15 -13.55 2.00
CA TRP A 82 -9.45 -14.95 1.98
C TRP A 82 -8.19 -15.69 1.50
N ARG A 83 -8.20 -17.01 1.37
CA ARG A 83 -7.02 -17.75 0.91
C ARG A 83 -7.10 -18.10 -0.60
N TYR A 84 -8.19 -18.79 -0.94
CA TYR A 84 -8.51 -19.28 -2.30
C TYR A 84 -9.05 -18.18 -3.19
N GLU A 85 -9.28 -17.06 -2.58
CA GLU A 85 -9.79 -15.93 -3.29
C GLU A 85 -8.70 -15.37 -4.19
N VAL A 86 -7.47 -15.81 -3.96
CA VAL A 86 -6.34 -15.25 -4.71
C VAL A 86 -6.68 -15.15 -6.16
N ALA A 87 -7.13 -16.23 -6.73
CA ALA A 87 -7.49 -16.21 -8.11
C ALA A 87 -8.67 -15.29 -8.32
N HIS A 88 -9.69 -15.45 -7.47
CA HIS A 88 -10.90 -14.61 -7.57
C HIS A 88 -10.49 -13.11 -7.52
N ASP A 89 -9.84 -12.68 -6.44
CA ASP A 89 -9.39 -11.31 -6.30
C ASP A 89 -8.29 -11.02 -7.32
N GLY A 90 -7.24 -11.85 -7.34
CA GLY A 90 -6.16 -11.71 -8.30
C GLY A 90 -6.66 -11.92 -9.72
N ARG A 91 -7.92 -11.56 -9.96
CA ARG A 91 -8.50 -11.63 -11.28
C ARG A 91 -8.03 -10.38 -12.05
N LEU A 92 -7.29 -9.47 -11.36
CA LEU A 92 -6.82 -8.21 -12.01
C LEU A 92 -6.50 -8.53 -13.48
N LEU A 93 -6.09 -9.76 -13.76
CA LEU A 93 -5.84 -10.09 -15.18
C LEU A 93 -7.18 -9.94 -15.92
N ALA A 94 -8.16 -10.76 -15.55
CA ALA A 94 -9.48 -10.66 -16.16
C ALA A 94 -10.17 -9.47 -15.53
N ALA A 95 -10.58 -9.61 -14.27
CA ALA A 95 -11.21 -8.56 -13.48
C ALA A 95 -10.51 -7.23 -13.60
N HIS A 96 -9.48 -7.14 -14.45
CA HIS A 96 -8.68 -5.92 -14.61
C HIS A 96 -9.44 -4.69 -14.15
N MET A 97 -10.49 -4.29 -14.83
CA MET A 97 -11.25 -3.16 -14.36
C MET A 97 -12.07 -3.58 -13.15
N VAL A 98 -12.76 -4.72 -13.25
CA VAL A 98 -13.65 -5.16 -12.16
C VAL A 98 -12.97 -4.99 -10.81
N ASN A 99 -11.72 -5.45 -10.60
CA ASN A 99 -11.01 -5.25 -9.31
C ASN A 99 -11.34 -3.88 -8.71
N GLY A 100 -11.82 -3.01 -9.58
CA GLY A 100 -12.29 -1.71 -9.16
C GLY A 100 -13.26 -1.92 -8.00
N ILE A 101 -13.79 -3.15 -7.89
CA ILE A 101 -14.77 -3.44 -6.84
C ILE A 101 -14.22 -3.07 -5.46
N VAL A 102 -12.96 -3.39 -5.16
CA VAL A 102 -12.39 -3.07 -3.87
C VAL A 102 -12.62 -1.61 -3.50
N ILE A 103 -12.90 -0.76 -4.49
CA ILE A 103 -13.15 0.67 -4.19
C ILE A 103 -14.64 0.95 -3.93
N ALA A 104 -15.51 0.28 -4.67
CA ALA A 104 -16.96 0.46 -4.54
C ALA A 104 -17.57 -0.37 -3.39
N GLU A 105 -16.94 -1.51 -3.04
CA GLU A 105 -17.41 -2.35 -1.95
C GLU A 105 -16.86 -1.82 -0.61
N ASP A 106 -15.55 -1.91 -0.36
CA ASP A 106 -14.99 -1.47 0.90
C ASP A 106 -15.11 0.00 1.10
N ALA A 107 -15.30 0.77 0.02
CA ALA A 107 -15.50 2.22 0.13
C ALA A 107 -15.93 2.63 1.56
N LEU A 108 -17.00 2.05 2.12
CA LEU A 108 -17.47 2.44 3.47
C LEU A 108 -16.37 2.97 4.37
N ILE A 109 -15.29 2.21 4.55
CA ILE A 109 -14.20 2.66 5.42
C ILE A 109 -13.17 3.43 4.60
N ALA A 110 -12.97 3.00 3.36
CA ALA A 110 -12.00 3.67 2.49
C ALA A 110 -12.29 5.16 2.45
N GLU A 111 -13.52 5.55 2.09
CA GLU A 111 -13.85 6.96 2.05
C GLU A 111 -13.61 7.59 3.41
N ALA A 112 -13.58 6.75 4.45
CA ALA A 112 -13.33 7.25 5.80
C ALA A 112 -11.86 7.64 5.95
N VAL A 113 -11.01 7.22 4.99
CA VAL A 113 -9.56 7.50 5.03
C VAL A 113 -9.25 8.99 5.30
N GLY A 114 -10.27 9.77 5.69
CA GLY A 114 -10.10 11.21 5.92
C GLY A 114 -8.70 11.50 6.49
N PRO A 115 -8.15 10.74 7.43
CA PRO A 115 -6.72 10.89 7.84
C PRO A 115 -5.80 11.04 6.61
N HIS A 116 -6.39 11.03 5.40
CA HIS A 116 -5.60 11.10 4.17
C HIS A 116 -4.65 12.27 4.27
N LEU A 117 -5.09 13.42 4.78
CA LEU A 117 -4.19 14.56 4.93
C LEU A 117 -3.06 14.22 5.90
N ALA A 118 -3.41 13.51 6.97
CA ALA A 118 -2.41 13.16 7.95
C ALA A 118 -1.41 12.31 7.23
N ARG A 119 -1.89 11.19 6.70
CA ARG A 119 -1.04 10.32 5.95
C ARG A 119 -0.45 11.10 4.79
N ALA A 120 -1.17 12.11 4.29
CA ALA A 120 -0.63 12.83 3.11
C ALA A 120 0.69 13.41 3.47
N LEU A 121 0.70 14.16 4.55
CA LEU A 121 1.91 14.84 5.00
C LEU A 121 3.13 13.93 4.68
N GLY A 122 2.89 12.62 4.66
CA GLY A 122 3.92 11.64 4.25
C GLY A 122 3.89 11.41 2.73
N GLN A 123 2.71 11.06 2.25
CA GLN A 123 2.49 10.83 0.86
C GLN A 123 2.35 12.15 0.14
N ILE A 124 2.60 13.26 0.87
CA ILE A 124 2.51 14.59 0.32
C ILE A 124 3.55 14.71 -0.73
N VAL A 125 4.78 14.29 -0.43
CA VAL A 125 5.79 14.41 -1.45
C VAL A 125 5.31 13.68 -2.72
N CYS A 126 5.07 12.40 -2.57
CA CYS A 126 4.69 11.58 -3.70
C CYS A 126 3.68 12.27 -4.66
N ARG A 127 3.00 13.31 -4.14
CA ARG A 127 2.00 14.12 -4.90
C ARG A 127 2.60 15.33 -5.62
N TYR A 128 3.57 15.89 -4.97
CA TYR A 128 4.31 17.08 -5.42
C TYR A 128 5.65 16.66 -6.03
N GLY A 129 5.76 15.43 -6.50
CA GLY A 129 7.02 14.99 -7.10
C GLY A 129 6.71 13.76 -7.93
N ALA A 130 6.76 12.59 -7.30
CA ALA A 130 6.48 11.35 -8.00
C ALA A 130 7.57 10.99 -9.05
N THR A 131 8.84 10.83 -8.61
CA THR A 131 9.90 10.48 -9.58
C THR A 131 9.79 8.99 -9.92
N VAL A 132 9.87 8.11 -8.93
CA VAL A 132 9.79 6.67 -9.15
C VAL A 132 8.36 6.28 -9.61
N ILE A 133 7.35 6.82 -8.92
CA ILE A 133 5.94 6.50 -9.24
C ILE A 133 5.76 6.35 -10.79
N PRO A 134 6.15 7.32 -11.60
CA PRO A 134 6.07 7.23 -13.10
C PRO A 134 6.86 6.02 -13.67
N ASN A 135 7.87 5.53 -12.92
CA ASN A 135 8.67 4.40 -13.41
C ASN A 135 7.78 3.16 -13.58
N ILE A 136 7.27 2.63 -12.47
CA ILE A 136 6.38 1.46 -12.51
C ILE A 136 5.12 1.76 -13.28
N ASN A 137 4.76 3.02 -13.29
CA ASN A 137 3.50 3.42 -13.90
C ASN A 137 3.46 3.02 -15.36
N ALA A 138 4.33 3.58 -16.18
CA ALA A 138 4.33 3.26 -17.58
C ALA A 138 4.78 1.83 -17.85
N ALA A 139 5.53 1.22 -16.92
CA ALA A 139 5.96 -0.15 -17.11
C ALA A 139 4.85 -1.17 -16.77
N ILE A 140 4.39 -1.22 -15.51
CA ILE A 140 3.36 -2.21 -15.15
C ILE A 140 2.00 -1.90 -15.78
N GLU A 141 1.60 -0.65 -15.67
CA GLU A 141 0.28 -0.25 -16.19
C GLU A 141 0.11 -0.82 -17.56
N VAL A 142 1.00 -0.44 -18.45
CA VAL A 142 0.93 -0.94 -19.79
C VAL A 142 0.94 -2.46 -19.75
N LEU A 143 1.35 -3.05 -18.61
CA LEU A 143 1.32 -4.51 -18.51
C LEU A 143 -0.11 -4.97 -18.20
N GLY A 144 -0.73 -4.57 -17.07
CA GLY A 144 -2.12 -5.03 -16.85
C GLY A 144 -3.06 -4.40 -17.89
N THR A 145 -3.51 -3.20 -17.58
CA THR A 145 -4.43 -2.45 -18.45
C THR A 145 -4.33 -0.96 -18.08
N GLY A 146 -3.90 -0.74 -16.84
CA GLY A 146 -3.70 0.57 -16.24
C GLY A 146 -4.68 0.84 -15.11
N THR A 147 -5.95 0.39 -15.24
CA THR A 147 -6.94 0.63 -14.19
C THR A 147 -6.33 0.72 -12.80
N ASP A 148 -6.01 1.95 -12.39
CA ASP A 148 -5.44 2.20 -11.08
C ASP A 148 -5.94 3.55 -10.57
N TYR A 149 -6.17 3.65 -9.25
CA TYR A 149 -6.65 4.89 -8.67
C TYR A 149 -6.11 5.02 -7.23
N ARG A 150 -5.84 6.25 -6.81
CA ARG A 150 -5.35 6.52 -5.46
C ARG A 150 -5.92 7.85 -4.96
N PHE A 151 -6.20 7.96 -3.66
CA PHE A 151 -6.74 9.21 -3.09
C PHE A 151 -6.34 9.35 -1.62
O1 MTN B . 8.20 -9.54 7.51
N1 MTN B . 8.41 -8.82 6.49
C1 MTN B . 7.72 -9.02 5.20
C2 MTN B . 8.34 -7.93 4.40
C3 MTN B . 9.22 -7.21 5.07
C4 MTN B . 10.01 -6.06 4.51
S1 MTN B . 11.80 -6.36 4.44
C5 MTN B . 9.38 -7.69 6.50
C6 MTN B . 10.81 -8.08 6.85
C7 MTN B . 8.87 -6.61 7.45
C8 MTN B . 8.02 -10.39 4.58
C9 MTN B . 6.22 -8.81 5.38
H2 MTN B . 8.08 -7.73 3.37
H41 MTN B . 9.85 -5.21 5.15
H42 MTN B . 9.65 -5.84 3.51
H61 MTN B . 11.42 -7.19 6.97
H62 MTN B . 11.23 -8.68 6.05
H63 MTN B . 10.83 -8.64 7.76
H71 MTN B . 9.52 -5.74 7.41
H72 MTN B . 8.85 -7.00 8.47
H73 MTN B . 7.86 -6.33 7.16
H81 MTN B . 7.64 -10.41 3.57
H82 MTN B . 7.54 -11.16 5.16
H83 MTN B . 9.08 -10.55 4.57
H91 MTN B . 6.00 -7.76 5.53
H92 MTN B . 5.69 -9.16 4.50
H93 MTN B . 5.88 -9.37 6.23
O1 MTN C . -3.01 -4.19 -2.75
N1 MTN C . -1.80 -4.43 -3.00
C1 MTN C . -1.11 -5.67 -2.54
C2 MTN C . 0.26 -5.40 -3.04
C3 MTN C . 0.38 -4.25 -3.71
C4 MTN C . 1.67 -3.76 -4.30
S1 MTN C . 2.00 -1.98 -4.16
C5 MTN C . -0.93 -3.48 -3.78
C6 MTN C . -0.88 -2.02 -3.30
C7 MTN C . -1.42 -3.55 -5.24
C8 MTN C . -1.16 -5.94 -1.05
C9 MTN C . -1.69 -6.85 -3.31
H2 MTN C . 1.08 -6.07 -2.88
H41 MTN C . 1.64 -4.00 -5.35
H42 MTN C . 2.48 -4.31 -3.84
H61 MTN C . -0.81 -1.35 -4.14
H62 MTN C . -1.78 -1.80 -2.75
H63 MTN C . -0.04 -1.87 -2.67
H71 MTN C . -2.34 -3.02 -5.34
H72 MTN C . -0.67 -3.10 -5.89
H73 MTN C . -1.56 -4.59 -5.54
H81 MTN C . -2.16 -6.23 -0.76
H82 MTN C . -0.86 -5.07 -0.51
H83 MTN C . -0.48 -6.75 -0.82
H91 MTN C . -2.72 -7.01 -3.01
H92 MTN C . -1.12 -7.74 -3.08
H93 MTN C . -1.65 -6.66 -4.38
O1 MTN D . -3.79 10.03 -6.06
N1 MTN D . -2.67 10.47 -5.64
C1 MTN D . -2.33 11.90 -5.62
C2 MTN D . -0.96 11.81 -5.05
C3 MTN D . -0.56 10.59 -4.78
C4 MTN D . 0.75 10.18 -4.21
S1 MTN D . 2.05 9.93 -5.44
C5 MTN D . -1.61 9.56 -5.12
C6 MTN D . -1.12 8.51 -6.15
C7 MTN D . -2.14 8.93 -3.80
C8 MTN D . -2.32 12.52 -7.01
C9 MTN D . -3.29 12.63 -4.69
H2 MTN D . -0.36 12.66 -4.89
H41 MTN D . 0.61 9.26 -3.67
H42 MTN D . 1.06 10.97 -3.52
H61 MTN D . -1.80 8.49 -6.99
H62 MTN D . -1.10 7.53 -5.70
H63 MTN D . -0.13 8.76 -6.51
H71 MTN D . -1.60 8.03 -3.57
H72 MTN D . -3.18 8.69 -3.92
H73 MTN D . -2.04 9.63 -2.98
H81 MTN D . -1.68 11.95 -7.67
H82 MTN D . -1.96 13.54 -6.95
H83 MTN D . -3.33 12.52 -7.41
H91 MTN D . -4.30 12.38 -4.95
H92 MTN D . -3.14 13.70 -4.77
H93 MTN D . -3.11 12.33 -3.66
N MET A 25 12.62 -3.86 33.31
CA MET A 25 11.24 -3.84 32.75
C MET A 25 11.16 -4.90 31.65
N SER A 26 9.95 -5.34 31.35
CA SER A 26 9.72 -6.36 30.33
C SER A 26 9.85 -5.76 28.94
N ASP A 27 10.42 -4.54 28.88
CA ASP A 27 10.65 -3.80 27.62
C ASP A 27 10.25 -2.34 27.78
N PHE A 28 11.12 -1.44 27.32
CA PHE A 28 10.73 -0.04 27.34
C PHE A 28 11.64 0.88 26.53
N ASP A 29 11.25 1.08 25.28
CA ASP A 29 11.98 1.95 24.38
C ASP A 29 11.74 3.40 24.76
N THR A 30 12.74 4.25 24.58
CA THR A 30 12.57 5.66 24.92
C THR A 30 11.39 6.22 24.17
N GLU A 31 10.87 7.34 24.65
CA GLU A 31 9.70 7.94 24.03
C GLU A 31 9.99 8.24 22.55
N ARG A 32 10.99 9.06 22.33
CA ARG A 32 11.31 9.43 20.96
C ARG A 32 11.39 8.15 20.11
N VAL A 33 12.19 7.23 20.60
CA VAL A 33 12.35 5.95 19.90
C VAL A 33 11.00 5.22 19.84
N SER A 34 10.34 5.15 20.99
CA SER A 34 9.04 4.45 21.06
C SER A 34 8.02 5.17 20.18
N ARG A 35 7.72 6.42 20.50
CA ARG A 35 6.72 7.18 19.73
C ARG A 35 7.16 7.22 18.26
N ALA A 36 8.35 7.75 18.03
CA ALA A 36 8.84 7.87 16.63
C ALA A 36 8.59 6.51 15.99
N VAL A 37 8.99 5.47 16.67
CA VAL A 37 8.73 4.14 16.16
C VAL A 37 7.22 3.94 16.02
N ALA A 38 6.42 4.28 17.03
CA ALA A 38 4.97 4.11 16.88
C ALA A 38 4.45 4.97 15.73
N ALA A 39 4.62 6.28 15.86
CA ALA A 39 4.12 7.20 14.83
C ALA A 39 4.63 6.75 13.46
N ALA A 40 5.94 6.63 13.38
CA ALA A 40 6.57 6.22 12.14
C ALA A 40 6.07 4.82 11.75
N LEU A 41 6.22 3.90 12.70
CA LEU A 41 5.84 2.50 12.44
C LEU A 41 4.35 2.45 12.04
N VAL A 42 3.47 3.02 12.86
CA VAL A 42 2.04 3.01 12.50
C VAL A 42 1.82 3.94 11.30
N GLY A 43 2.23 5.20 11.42
CA GLY A 43 2.05 6.15 10.33
C GLY A 43 2.87 5.76 9.11
N PRO A 44 2.97 6.64 8.14
CA PRO A 44 3.71 6.38 6.87
C PRO A 44 5.24 6.49 6.99
N GLY A 45 5.72 7.28 7.96
CA GLY A 45 7.18 7.49 8.08
C GLY A 45 7.91 6.16 8.31
N GLY A 46 7.55 5.46 9.36
CA GLY A 46 8.24 4.19 9.65
C GLY A 46 8.07 3.31 8.45
N VAL A 47 6.84 3.14 8.07
CA VAL A 47 6.51 2.33 6.91
C VAL A 47 7.31 2.85 5.71
N ALA A 48 7.54 4.16 5.67
CA ALA A 48 8.30 4.71 4.56
C ALA A 48 9.70 4.09 4.54
N LEU A 49 10.50 4.27 5.61
CA LEU A 49 11.86 3.73 5.59
C LEU A 49 11.90 2.20 5.55
N VAL A 50 11.13 1.51 6.39
CA VAL A 50 11.22 0.05 6.38
C VAL A 50 10.86 -0.50 5.00
N VAL A 51 9.64 -0.24 4.54
CA VAL A 51 9.20 -0.76 3.24
C VAL A 51 10.16 -0.35 2.11
N LYS A 52 10.70 0.85 2.22
CA LYS A 52 11.61 1.34 1.18
C LYS A 52 12.88 0.52 1.19
N VAL A 53 13.48 0.45 2.36
CA VAL A 53 14.73 -0.28 2.52
C VAL A 53 14.55 -1.76 2.19
N CYS A 54 13.55 -2.42 2.76
CA CYS A 54 13.39 -3.84 2.46
C CYS A 54 13.05 -4.02 0.97
N ALA A 55 11.93 -3.47 0.53
CA ALA A 55 11.48 -3.64 -0.84
C ALA A 55 12.46 -3.10 -1.85
N GLY A 56 12.89 -1.86 -1.67
CA GLY A 56 13.81 -1.26 -2.63
C GLY A 56 13.02 -0.75 -3.82
N LEU A 57 12.36 0.40 -3.64
CA LEU A 57 11.53 1.00 -4.69
C LEU A 57 10.14 0.37 -4.67
N PRO A 58 9.24 0.88 -3.85
CA PRO A 58 7.84 0.35 -3.70
C PRO A 58 7.06 0.20 -5.02
N GLY A 59 7.32 1.08 -5.97
CA GLY A 59 6.59 1.01 -7.22
C GLY A 59 6.81 -0.35 -7.87
N VAL A 60 8.06 -0.68 -8.15
CA VAL A 60 8.41 -1.97 -8.75
C VAL A 60 8.77 -2.91 -7.61
N ILE A 61 8.73 -4.24 -7.86
CA ILE A 61 9.03 -5.26 -6.83
C ILE A 61 7.85 -6.23 -6.73
N HIS A 62 8.05 -7.47 -7.17
CA HIS A 62 6.99 -8.48 -7.10
C HIS A 62 7.63 -9.79 -6.65
N THR A 63 7.03 -10.44 -5.65
CA THR A 63 7.60 -11.71 -5.14
C THR A 63 6.97 -12.89 -5.87
N PRO A 64 7.63 -14.03 -5.98
CA PRO A 64 7.06 -15.20 -6.69
C PRO A 64 6.18 -16.07 -5.77
N ALA A 65 6.62 -16.24 -4.52
CA ALA A 65 5.90 -17.03 -3.52
C ALA A 65 5.64 -16.20 -2.28
N ARG A 66 4.42 -16.15 -1.79
CA ARG A 66 4.12 -15.42 -0.56
C ARG A 66 2.65 -15.66 -0.25
N ARG A 67 2.15 -15.30 0.93
CA ARG A 67 0.75 -15.53 1.23
C ARG A 67 -0.11 -14.94 0.11
N GLY A 68 0.29 -13.79 -0.45
CA GLY A 68 -0.48 -13.16 -1.51
C GLY A 68 -0.84 -11.72 -1.15
N PHE A 69 -0.79 -11.36 0.13
CA PHE A 69 -1.11 -10.01 0.56
C PHE A 69 -0.30 -9.67 1.81
N PHE A 70 0.04 -8.38 1.97
CA PHE A 70 0.82 -7.85 3.11
C PHE A 70 1.91 -6.94 2.53
N ARG A 71 1.57 -5.66 2.31
CA ARG A 71 2.51 -4.63 1.78
C ARG A 71 1.87 -3.84 0.64
N CYS A 72 2.13 -2.54 0.60
CA CYS A 72 1.58 -1.69 -0.45
C CYS A 72 0.08 -1.50 -0.23
N ASN A 73 -0.30 -0.73 0.80
CA ASN A 73 -1.70 -0.48 1.07
C ASN A 73 -1.88 1.02 1.28
N PRO A 74 -2.95 1.62 0.80
CA PRO A 74 -3.15 3.08 0.97
C PRO A 74 -3.43 3.44 2.43
N GLU A 75 -2.40 3.23 3.26
CA GLU A 75 -2.47 3.50 4.69
C GLU A 75 -3.49 2.60 5.37
N ARG A 76 -4.03 1.64 4.62
CA ARG A 76 -5.02 0.72 5.18
C ARG A 76 -4.29 -0.47 5.80
N ILE A 77 -4.98 -1.19 6.70
CA ILE A 77 -4.37 -2.33 7.36
C ILE A 77 -4.39 -3.57 6.47
N GLN A 78 -3.25 -4.24 6.46
CA GLN A 78 -3.09 -5.43 5.63
C GLN A 78 -4.13 -6.48 6.07
N ILE A 79 -5.35 -6.34 5.56
CA ILE A 79 -6.44 -7.29 5.85
C ILE A 79 -7.41 -7.38 4.66
N GLY A 80 -8.17 -8.47 4.57
CA GLY A 80 -9.14 -8.64 3.47
C GLY A 80 -8.67 -9.68 2.46
N ASP A 81 -7.45 -10.15 2.69
CA ASP A 81 -6.86 -11.15 1.82
C ASP A 81 -7.36 -12.53 2.19
N TRP A 82 -8.24 -13.05 1.34
CA TRP A 82 -8.89 -14.35 1.56
C TRP A 82 -8.15 -15.55 0.94
N ARG A 83 -8.75 -16.66 1.31
CA ARG A 83 -8.27 -17.99 0.91
C ARG A 83 -8.70 -18.32 -0.53
N TYR A 84 -10.00 -18.39 -0.74
CA TYR A 84 -10.61 -18.70 -2.05
C TYR A 84 -10.93 -17.44 -2.88
N GLU A 85 -10.87 -16.26 -2.29
CA GLU A 85 -11.19 -15.07 -3.02
C GLU A 85 -10.01 -14.59 -3.87
N VAL A 86 -8.82 -15.09 -3.58
CA VAL A 86 -7.62 -14.58 -4.27
C VAL A 86 -7.84 -14.48 -5.77
N ALA A 87 -8.28 -15.53 -6.41
CA ALA A 87 -8.48 -15.45 -7.84
C ALA A 87 -9.66 -14.52 -8.14
N HIS A 88 -10.75 -14.73 -7.41
CA HIS A 88 -11.93 -13.88 -7.63
C HIS A 88 -11.48 -12.41 -7.59
N ASP A 89 -10.83 -12.01 -6.51
CA ASP A 89 -10.35 -10.63 -6.38
C ASP A 89 -9.13 -10.44 -7.28
N GLY A 90 -8.16 -11.34 -7.21
CA GLY A 90 -6.98 -11.27 -8.05
C GLY A 90 -7.38 -11.48 -9.50
N ARG A 91 -8.60 -11.11 -9.80
CA ARG A 91 -9.15 -11.11 -11.12
C ARG A 91 -8.51 -9.94 -11.82
N LEU A 92 -7.62 -9.22 -11.10
CA LEU A 92 -6.98 -8.03 -11.67
C LEU A 92 -6.62 -8.27 -13.12
N LEU A 93 -6.17 -9.47 -13.42
CA LEU A 93 -5.70 -9.75 -14.80
C LEU A 93 -6.82 -9.66 -15.85
N ALA A 94 -7.75 -10.61 -15.81
CA ALA A 94 -8.79 -10.61 -16.85
C ALA A 94 -9.81 -9.54 -16.57
N ALA A 95 -10.71 -9.82 -15.66
CA ALA A 95 -11.79 -8.95 -15.26
C ALA A 95 -11.32 -7.69 -14.60
N HIS A 96 -10.02 -7.39 -14.72
CA HIS A 96 -9.39 -6.27 -14.04
C HIS A 96 -10.39 -5.23 -13.55
N MET A 97 -11.48 -5.03 -14.27
CA MET A 97 -12.48 -4.10 -13.78
C MET A 97 -12.99 -4.61 -12.42
N VAL A 98 -13.45 -5.87 -12.35
CA VAL A 98 -14.05 -6.36 -11.10
C VAL A 98 -13.24 -5.97 -9.88
N ASN A 99 -11.92 -6.21 -9.79
CA ASN A 99 -11.17 -5.82 -8.55
C ASN A 99 -11.69 -4.50 -7.97
N GLY A 100 -12.42 -3.78 -8.80
CA GLY A 100 -13.06 -2.57 -8.33
C GLY A 100 -13.91 -2.94 -7.12
N ILE A 101 -14.29 -4.22 -7.04
CA ILE A 101 -15.09 -4.68 -5.93
C ILE A 101 -14.46 -4.25 -4.61
N VAL A 102 -13.16 -4.45 -4.37
CA VAL A 102 -12.54 -4.01 -3.12
C VAL A 102 -12.73 -2.52 -2.86
N ILE A 103 -13.03 -1.75 -3.91
CA ILE A 103 -13.25 -0.31 -3.71
C ILE A 103 -14.72 -0.04 -3.43
N ALA A 104 -15.59 -0.67 -4.21
CA ALA A 104 -17.02 -0.51 -4.05
C ALA A 104 -17.60 -1.33 -2.91
N GLU A 105 -16.90 -2.35 -2.42
CA GLU A 105 -17.46 -3.19 -1.35
C GLU A 105 -17.04 -2.73 0.06
N ASP A 106 -15.77 -2.90 0.48
CA ASP A 106 -15.37 -2.49 1.83
C ASP A 106 -14.85 -1.06 1.94
N ALA A 107 -14.53 -0.38 0.84
CA ALA A 107 -14.02 0.98 1.00
C ALA A 107 -14.95 1.83 1.86
N LEU A 108 -16.26 1.79 1.62
CA LEU A 108 -17.20 2.58 2.43
C LEU A 108 -16.82 2.60 3.92
N ILE A 109 -16.10 1.56 4.35
CA ILE A 109 -15.66 1.49 5.75
C ILE A 109 -14.28 2.13 5.90
N ALA A 110 -13.41 1.99 4.88
CA ALA A 110 -12.06 2.59 4.93
C ALA A 110 -12.04 3.96 4.24
N GLU A 111 -12.88 4.18 3.24
CA GLU A 111 -12.88 5.46 2.54
C GLU A 111 -13.20 6.59 3.52
N ALA A 112 -13.78 6.24 4.67
CA ALA A 112 -14.09 7.23 5.71
C ALA A 112 -12.78 7.63 6.36
N VAL A 113 -11.79 6.90 5.88
CA VAL A 113 -10.41 7.15 6.26
C VAL A 113 -9.88 8.31 5.43
N GLY A 114 -10.70 9.38 5.19
CA GLY A 114 -10.23 10.53 4.47
C GLY A 114 -8.99 11.14 5.12
N PRO A 115 -8.78 11.06 6.45
CA PRO A 115 -7.51 11.54 7.07
C PRO A 115 -6.29 11.23 6.20
N HIS A 116 -6.53 10.55 5.07
CA HIS A 116 -5.48 10.21 4.17
C HIS A 116 -4.69 11.48 3.90
N LEU A 117 -5.36 12.64 3.93
CA LEU A 117 -4.64 13.90 3.76
C LEU A 117 -3.64 14.00 4.90
N ALA A 118 -4.13 13.79 6.10
CA ALA A 118 -3.24 13.85 7.26
C ALA A 118 -2.03 12.94 6.98
N ARG A 119 -2.33 11.68 6.67
CA ARG A 119 -1.27 10.71 6.35
C ARG A 119 -0.54 11.16 5.06
N ALA A 120 -1.27 11.85 4.20
CA ALA A 120 -0.68 12.28 2.91
C ALA A 120 0.62 12.97 3.24
N LEU A 121 0.56 13.78 4.26
CA LEU A 121 1.72 14.58 4.67
C LEU A 121 3.03 13.70 4.42
N GLY A 122 2.82 12.37 4.38
CA GLY A 122 3.87 11.42 3.95
C GLY A 122 3.87 11.24 2.39
N GLN A 123 2.67 10.97 1.88
CA GLN A 123 2.43 10.83 0.46
C GLN A 123 2.41 12.25 -0.12
N ILE A 124 2.76 13.20 0.77
CA ILE A 124 2.86 14.60 0.40
C ILE A 124 3.84 14.68 -0.71
N VAL A 125 5.04 14.16 -0.49
CA VAL A 125 6.02 14.18 -1.56
C VAL A 125 5.42 13.46 -2.75
N CYS A 126 5.08 12.19 -2.56
CA CYS A 126 4.56 11.38 -3.65
C CYS A 126 3.36 12.05 -4.35
N ARG A 127 2.66 12.89 -3.60
CA ARG A 127 1.47 13.64 -4.11
C ARG A 127 1.86 14.96 -4.79
N TYR A 128 2.67 15.66 -4.07
CA TYR A 128 3.25 16.95 -4.42
C TYR A 128 4.64 16.68 -4.98
N GLY A 129 4.90 15.47 -5.51
CA GLY A 129 6.19 15.14 -6.07
C GLY A 129 6.03 13.87 -6.90
N ALA A 130 6.36 12.72 -6.30
CA ALA A 130 6.30 11.42 -6.96
C ALA A 130 7.34 11.30 -8.07
N THR A 131 8.63 11.49 -7.77
CA THR A 131 9.63 11.31 -8.80
C THR A 131 9.90 9.82 -8.91
N VAL A 132 9.10 9.04 -8.18
CA VAL A 132 9.24 7.60 -8.22
C VAL A 132 8.45 7.02 -9.40
N ILE A 133 7.15 7.33 -9.54
CA ILE A 133 6.35 6.81 -10.63
C ILE A 133 7.04 6.81 -11.99
N PRO A 134 7.60 7.91 -12.46
CA PRO A 134 8.20 7.94 -13.81
C PRO A 134 8.98 6.66 -14.15
N ASN A 135 9.92 6.21 -13.31
CA ASN A 135 10.66 5.01 -13.70
C ASN A 135 9.75 3.79 -13.66
N ILE A 136 9.34 3.36 -12.45
CA ILE A 136 8.48 2.19 -12.36
C ILE A 136 7.35 2.31 -13.37
N ASN A 137 7.01 3.54 -13.69
CA ASN A 137 5.91 3.73 -14.63
C ASN A 137 6.25 3.01 -15.92
N ALA A 138 7.40 3.32 -16.50
CA ALA A 138 7.78 2.68 -17.74
C ALA A 138 7.86 1.16 -17.65
N ALA A 139 8.26 0.58 -16.52
CA ALA A 139 8.30 -0.88 -16.45
C ALA A 139 6.91 -1.46 -16.12
N ILE A 140 6.29 -0.90 -15.07
CA ILE A 140 4.96 -1.39 -14.67
C ILE A 140 4.07 -1.40 -15.92
N GLU A 141 4.02 -0.25 -16.55
CA GLU A 141 3.21 -0.08 -17.75
C GLU A 141 3.51 -1.30 -18.64
N VAL A 142 4.77 -1.49 -19.00
CA VAL A 142 5.13 -2.66 -19.83
C VAL A 142 4.71 -3.97 -19.13
N LEU A 143 5.16 -4.13 -17.89
CA LEU A 143 4.85 -5.36 -17.14
C LEU A 143 3.32 -5.55 -17.14
N GLY A 144 2.58 -4.73 -16.38
CA GLY A 144 1.13 -4.88 -16.39
C GLY A 144 0.53 -4.49 -17.76
N THR A 145 0.49 -3.18 -17.93
CA THR A 145 -0.07 -2.51 -19.15
C THR A 145 -0.75 -1.21 -18.78
N GLY A 146 -1.26 -1.14 -17.56
CA GLY A 146 -2.01 0.03 -17.09
C GLY A 146 -3.48 -0.34 -17.07
N THR A 147 -3.80 -1.42 -17.79
CA THR A 147 -5.18 -1.91 -17.84
C THR A 147 -5.61 -2.11 -16.39
N ASP A 148 -6.04 -1.01 -15.80
CA ASP A 148 -6.52 -1.00 -14.43
C ASP A 148 -7.24 0.30 -14.11
N TYR A 149 -7.76 0.36 -12.89
CA TYR A 149 -8.44 1.56 -12.40
C TYR A 149 -8.18 1.68 -10.88
N ARG A 150 -8.04 2.91 -10.39
CA ARG A 150 -7.81 3.13 -8.95
C ARG A 150 -8.40 4.47 -8.52
N PHE A 151 -8.79 4.57 -7.24
CA PHE A 151 -9.38 5.81 -6.71
C PHE A 151 -8.46 6.41 -5.64
O1 MTN B . 7.38 -9.82 7.76
N1 MTN B . 8.20 -9.12 7.08
C1 MTN B . 7.82 -8.35 5.88
C2 MTN B . 9.13 -7.74 5.53
C3 MTN B . 10.11 -8.08 6.34
C4 MTN B . 11.52 -7.61 6.22
S1 MTN B . 12.04 -7.22 4.54
C5 MTN B . 9.65 -9.01 7.45
C6 MTN B . 10.41 -10.34 7.46
C7 MTN B . 9.77 -8.30 8.79
C8 MTN B . 7.29 -9.23 4.75
C9 MTN B . 6.82 -7.27 6.25
H2 MTN B . 9.27 -7.09 4.68
H41 MTN B . 12.16 -8.40 6.61
H42 MTN B . 11.63 -6.74 6.84
H61 MTN B . 11.40 -10.20 7.88
H62 MTN B . 10.50 -10.72 6.46
H63 MTN B . 9.87 -11.06 8.07
H71 MTN B . 9.14 -7.42 8.78
H72 MTN B . 10.80 -8.00 8.95
H73 MTN B . 9.47 -8.96 9.58
H81 MTN B . 6.36 -9.68 5.05
H82 MTN B . 8.01 -10.02 4.55
H83 MTN B . 7.14 -8.64 3.86
H91 MTN B . 5.87 -7.72 6.48
H92 MTN B . 7.18 -6.72 7.11
H93 MTN B . 6.69 -6.59 5.41
O1 MTN C . -3.03 -3.96 -4.00
N1 MTN C . -1.82 -4.30 -3.85
C1 MTN C . -1.41 -5.39 -2.95
C2 MTN C . 0.07 -5.35 -3.16
C3 MTN C . 0.46 -4.43 -4.03
C4 MTN C . 1.88 -4.15 -4.40
S1 MTN C . 3.11 -4.69 -3.17
C5 MTN C . -0.71 -3.64 -4.60
C6 MTN C . -0.61 -2.13 -4.42
C7 MTN C . -0.86 -3.99 -6.07
C8 MTN C . -1.78 -5.12 -1.49
C9 MTN C . -1.99 -6.70 -3.44
H2 MTN C . 0.75 -6.01 -2.66
H41 MTN C . 1.99 -3.09 -4.54
H42 MTN C . 2.08 -4.66 -5.34
H61 MTN C . 0.19 -1.74 -5.03
H62 MTN C . -1.53 -1.67 -4.72
H63 MTN C . -0.42 -1.90 -3.38
H71 MTN C . 0.03 -3.69 -6.61
H72 MTN C . -1.01 -5.04 -6.19
H73 MTN C . -1.71 -3.45 -6.48
H81 MTN C . -2.81 -4.77 -1.43
H82 MTN C . -1.14 -4.37 -1.06
H83 MTN C . -1.69 -6.03 -0.91
H91 MTN C . -1.76 -6.82 -4.49
H92 MTN C . -3.06 -6.70 -3.31
H93 MTN C . -1.57 -7.52 -2.87
O1 MTN D . -3.31 10.40 -6.59
N1 MTN D . -2.04 10.41 -6.57
C1 MTN D . -1.24 11.61 -6.86
C2 MTN D . 0.13 11.06 -6.71
C3 MTN D . 0.15 9.78 -6.40
C4 MTN D . 1.38 8.96 -6.19
S1 MTN D . 1.82 8.71 -4.45
C5 MTN D . -1.24 9.19 -6.28
C6 MTN D . -1.46 8.01 -7.24
C7 MTN D . -1.49 8.76 -4.85
C8 MTN D . -1.46 12.15 -8.27
C9 MTN D . -1.52 12.68 -5.84
H2 MTN D . 1.02 11.65 -6.83
H41 MTN D . 2.21 9.46 -6.68
H42 MTN D . 1.22 8.00 -6.66
H61 MTN D . -2.52 7.81 -7.31
H62 MTN D . -0.94 7.14 -6.88
H63 MTN D . -1.08 8.27 -8.22
H71 MTN D . -2.50 8.37 -4.76
H72 MTN D . -1.38 9.61 -4.18
H73 MTN D . -0.79 7.99 -4.56
H81 MTN D . -0.74 12.94 -8.48
H82 MTN D . -2.46 12.56 -8.35
H83 MTN D . -1.34 11.35 -8.99
H91 MTN D . -0.92 13.56 -6.09
H92 MTN D . -1.25 12.33 -4.85
H93 MTN D . -2.56 12.94 -5.85
N MET A 25 9.04 -5.01 32.38
CA MET A 25 7.74 -5.73 32.50
C MET A 25 7.59 -6.68 31.31
N SER A 26 6.35 -7.04 30.98
CA SER A 26 6.08 -7.93 29.85
C SER A 26 6.31 -7.21 28.52
N ASP A 27 6.85 -5.98 28.59
CA ASP A 27 7.17 -5.15 27.41
C ASP A 27 6.92 -3.67 27.72
N PHE A 28 7.84 -2.82 27.28
CA PHE A 28 7.71 -1.37 27.50
C PHE A 28 8.47 -0.58 26.44
N ASP A 29 8.00 0.63 26.13
CA ASP A 29 8.63 1.49 25.13
C ASP A 29 8.39 2.97 25.50
N THR A 30 9.36 3.84 25.22
CA THR A 30 9.24 5.28 25.54
C THR A 30 8.56 6.04 24.42
N GLU A 31 8.33 7.32 24.60
CA GLU A 31 7.67 8.15 23.59
C GLU A 31 8.50 8.16 22.31
N ARG A 32 9.77 8.45 22.46
CA ARG A 32 10.61 8.50 21.28
C ARG A 32 10.53 7.13 20.60
N VAL A 33 10.91 6.12 21.35
CA VAL A 33 10.88 4.75 20.85
C VAL A 33 9.41 4.33 20.62
N SER A 34 8.55 4.51 21.60
CA SER A 34 7.13 4.12 21.40
C SER A 34 6.50 4.98 20.30
N ARG A 35 6.46 6.31 20.52
CA ARG A 35 5.82 7.22 19.57
C ARG A 35 6.56 7.29 18.23
N ALA A 36 7.84 7.60 18.27
CA ALA A 36 8.55 7.72 16.99
C ALA A 36 8.35 6.40 16.26
N VAL A 37 8.64 5.32 16.97
CA VAL A 37 8.45 4.01 16.38
C VAL A 37 6.97 3.88 16.04
N ALA A 38 6.06 4.19 16.96
CA ALA A 38 4.64 4.06 16.60
C ALA A 38 4.33 4.96 15.41
N ALA A 39 4.50 6.26 15.56
CA ALA A 39 4.20 7.19 14.47
C ALA A 39 4.92 6.72 13.21
N ALA A 40 6.22 6.52 13.32
CA ALA A 40 7.01 6.07 12.18
C ALA A 40 6.58 4.65 11.76
N LEU A 41 6.67 3.74 12.71
CA LEU A 41 6.30 2.31 12.45
C LEU A 41 4.88 2.29 11.92
N VAL A 42 3.93 2.86 12.67
CA VAL A 42 2.55 2.85 12.21
C VAL A 42 2.38 3.81 11.03
N GLY A 43 2.70 5.09 11.23
CA GLY A 43 2.55 6.11 10.19
C GLY A 43 3.41 5.80 8.98
N PRO A 44 3.66 6.79 8.13
CA PRO A 44 4.44 6.61 6.88
C PRO A 44 5.96 6.63 7.11
N GLY A 45 6.45 7.24 8.21
CA GLY A 45 7.91 7.35 8.42
C GLY A 45 8.59 5.99 8.58
N GLY A 46 8.22 5.26 9.61
CA GLY A 46 8.86 3.97 9.85
C GLY A 46 8.66 3.13 8.63
N VAL A 47 7.42 2.93 8.25
CA VAL A 47 7.16 2.12 7.06
C VAL A 47 7.90 2.73 5.86
N ALA A 48 8.06 4.07 5.84
CA ALA A 48 8.76 4.67 4.70
C ALA A 48 10.21 4.13 4.64
N LEU A 49 11.03 4.37 5.66
CA LEU A 49 12.42 3.92 5.62
C LEU A 49 12.54 2.42 5.50
N VAL A 50 11.81 1.69 6.33
CA VAL A 50 11.91 0.25 6.29
C VAL A 50 11.56 -0.25 4.89
N VAL A 51 10.35 0.04 4.44
CA VAL A 51 9.91 -0.42 3.13
C VAL A 51 10.85 0.05 2.05
N LYS A 52 11.32 1.28 2.20
CA LYS A 52 12.22 1.83 1.19
C LYS A 52 13.53 1.06 1.18
N VAL A 53 14.14 1.01 2.35
CA VAL A 53 15.46 0.37 2.47
C VAL A 53 15.36 -1.12 2.15
N CYS A 54 14.44 -1.81 2.79
CA CYS A 54 14.31 -3.23 2.53
C CYS A 54 13.89 -3.46 1.10
N ALA A 55 12.74 -2.96 0.73
CA ALA A 55 12.22 -3.18 -0.60
C ALA A 55 13.18 -2.64 -1.66
N GLY A 56 13.54 -1.38 -1.55
CA GLY A 56 14.44 -0.78 -2.52
C GLY A 56 13.68 -0.38 -3.76
N LEU A 57 12.83 0.65 -3.61
CA LEU A 57 12.01 1.17 -4.71
C LEU A 57 10.66 0.42 -4.78
N PRO A 58 9.59 1.02 -4.28
CA PRO A 58 8.23 0.36 -4.30
C PRO A 58 7.81 -0.15 -5.70
N GLY A 59 8.40 0.39 -6.77
CA GLY A 59 8.00 -0.05 -8.11
C GLY A 59 8.30 -1.54 -8.28
N VAL A 60 9.57 -1.91 -8.20
CA VAL A 60 9.94 -3.31 -8.32
C VAL A 60 9.52 -4.02 -7.02
N ILE A 61 10.22 -5.09 -6.67
CA ILE A 61 9.92 -5.86 -5.44
C ILE A 61 8.60 -6.63 -5.53
N HIS A 62 8.66 -7.77 -6.20
CA HIS A 62 7.52 -8.66 -6.31
C HIS A 62 8.03 -10.07 -6.06
N THR A 63 7.35 -10.79 -5.17
CA THR A 63 7.76 -12.16 -4.83
C THR A 63 6.64 -13.14 -5.15
N PRO A 64 6.90 -14.24 -5.82
CA PRO A 64 5.82 -15.22 -6.14
C PRO A 64 5.18 -15.81 -4.88
N ALA A 65 5.89 -16.76 -4.31
CA ALA A 65 5.44 -17.47 -3.12
C ALA A 65 5.42 -16.54 -1.93
N ARG A 66 4.28 -16.47 -1.27
CA ARG A 66 4.14 -15.61 -0.10
C ARG A 66 2.78 -15.84 0.55
N ARG A 67 2.58 -15.21 1.71
CA ARG A 67 1.30 -15.35 2.39
C ARG A 67 0.21 -14.89 1.42
N GLY A 68 0.43 -13.75 0.75
CA GLY A 68 -0.52 -13.19 -0.22
C GLY A 68 -0.94 -11.76 0.12
N PHE A 69 -0.86 -11.39 1.41
CA PHE A 69 -1.19 -10.02 1.84
C PHE A 69 -0.47 -9.74 3.17
N PHE A 70 -0.39 -8.43 3.51
CA PHE A 70 0.27 -7.89 4.76
C PHE A 70 1.42 -6.99 4.39
N ARG A 71 1.21 -5.67 4.52
CA ARG A 71 2.25 -4.66 4.24
C ARG A 71 2.09 -4.07 2.86
N CYS A 72 2.74 -2.92 2.67
CA CYS A 72 2.69 -2.15 1.42
C CYS A 72 1.25 -1.80 1.07
N ASN A 73 0.64 -0.89 1.80
CA ASN A 73 -0.75 -0.51 1.51
C ASN A 73 -0.96 0.99 1.78
N PRO A 74 -1.93 1.63 1.15
CA PRO A 74 -2.25 3.08 1.39
C PRO A 74 -2.42 3.41 2.89
N GLU A 75 -1.41 3.12 3.68
CA GLU A 75 -1.47 3.35 5.11
C GLU A 75 -2.79 2.80 5.68
N ARG A 76 -3.48 1.98 4.87
CA ARG A 76 -4.76 1.37 5.27
C ARG A 76 -4.60 -0.07 5.75
N ILE A 77 -5.37 -0.44 6.76
CA ILE A 77 -5.31 -1.76 7.34
C ILE A 77 -5.47 -2.91 6.33
N GLN A 78 -4.59 -3.85 6.57
CA GLN A 78 -4.52 -5.06 5.76
C GLN A 78 -5.43 -6.20 6.28
N ILE A 79 -6.68 -6.19 5.81
CA ILE A 79 -7.66 -7.23 6.16
C ILE A 79 -8.57 -7.51 4.95
N GLY A 80 -9.14 -8.72 4.83
CA GLY A 80 -10.03 -9.08 3.71
C GLY A 80 -9.33 -10.04 2.75
N ASP A 81 -8.11 -10.44 3.11
CA ASP A 81 -7.32 -11.33 2.28
C ASP A 81 -7.62 -12.81 2.56
N TRP A 82 -8.38 -13.39 1.64
CA TRP A 82 -8.78 -14.80 1.65
C TRP A 82 -7.64 -15.62 1.08
N ARG A 83 -7.72 -16.96 0.94
CA ARG A 83 -6.63 -17.75 0.39
C ARG A 83 -6.92 -18.12 -1.10
N TYR A 84 -8.10 -18.74 -1.31
CA TYR A 84 -8.60 -19.24 -2.60
C TYR A 84 -9.20 -18.13 -3.45
N GLU A 85 -9.45 -17.01 -2.83
CA GLU A 85 -10.01 -15.89 -3.54
C GLU A 85 -8.97 -15.34 -4.48
N VAL A 86 -7.73 -15.74 -4.26
CA VAL A 86 -6.62 -15.17 -5.03
C VAL A 86 -6.98 -15.12 -6.49
N ALA A 87 -7.40 -16.23 -7.04
CA ALA A 87 -7.77 -16.26 -8.39
C ALA A 87 -9.00 -15.39 -8.58
N HIS A 88 -10.02 -15.61 -7.76
CA HIS A 88 -11.24 -14.80 -7.87
C HIS A 88 -10.91 -13.29 -7.90
N ASP A 89 -10.27 -12.81 -6.83
CA ASP A 89 -9.87 -11.40 -6.76
C ASP A 89 -8.83 -11.10 -7.84
N GLY A 90 -7.81 -11.92 -7.92
CA GLY A 90 -6.76 -11.78 -8.93
C GLY A 90 -7.31 -11.92 -10.35
N ARG A 91 -8.58 -11.55 -10.55
CA ARG A 91 -9.17 -11.55 -11.89
C ARG A 91 -8.74 -10.31 -12.62
N LEU A 92 -7.97 -9.43 -11.95
CA LEU A 92 -7.53 -8.18 -12.63
C LEU A 92 -7.32 -8.51 -14.12
N LEU A 93 -6.98 -9.78 -14.39
CA LEU A 93 -6.88 -10.19 -15.79
C LEU A 93 -8.29 -10.07 -16.41
N ALA A 94 -9.25 -10.88 -15.92
CA ALA A 94 -10.63 -10.78 -16.44
C ALA A 94 -11.29 -9.56 -15.78
N ALA A 95 -11.64 -9.69 -14.49
CA ALA A 95 -12.25 -8.63 -13.68
C ALA A 95 -11.55 -7.30 -13.84
N HIS A 96 -10.53 -7.24 -14.70
CA HIS A 96 -9.73 -6.05 -14.93
C HIS A 96 -10.49 -4.80 -14.48
N MET A 97 -11.52 -4.40 -15.17
CA MET A 97 -12.27 -3.26 -14.71
C MET A 97 -13.11 -3.66 -13.49
N VAL A 98 -13.82 -4.79 -13.59
CA VAL A 98 -14.71 -5.20 -12.50
C VAL A 98 -14.00 -5.10 -11.14
N ASN A 99 -12.77 -5.62 -10.97
CA ASN A 99 -12.02 -5.50 -9.71
C ASN A 99 -12.22 -4.11 -9.10
N GLY A 100 -12.60 -3.20 -9.96
CA GLY A 100 -12.88 -1.82 -9.58
C GLY A 100 -13.66 -1.80 -8.25
N ILE A 101 -14.29 -2.93 -7.95
CA ILE A 101 -15.08 -3.07 -6.72
C ILE A 101 -14.15 -3.10 -5.51
N VAL A 102 -13.11 -3.88 -5.67
CA VAL A 102 -12.14 -4.10 -4.59
C VAL A 102 -12.03 -2.77 -3.80
N ILE A 103 -12.17 -1.63 -4.52
CA ILE A 103 -12.13 -0.28 -3.90
C ILE A 103 -13.55 0.21 -3.51
N ALA A 104 -14.54 -0.28 -4.24
CA ALA A 104 -15.96 0.05 -4.00
C ALA A 104 -16.65 -0.85 -2.96
N GLU A 105 -16.05 -2.02 -2.71
CA GLU A 105 -16.59 -2.98 -1.75
C GLU A 105 -16.18 -2.60 -0.34
N ASP A 106 -14.89 -2.77 0.00
CA ASP A 106 -14.44 -2.45 1.33
C ASP A 106 -14.52 -0.96 1.56
N ALA A 107 -14.66 -0.17 0.46
CA ALA A 107 -14.80 1.29 0.56
C ALA A 107 -15.15 1.76 1.98
N LEU A 108 -16.18 1.18 2.63
CA LEU A 108 -16.63 1.61 3.96
C LEU A 108 -15.53 2.24 4.79
N ILE A 109 -14.39 1.59 4.91
CA ILE A 109 -13.29 2.15 5.67
C ILE A 109 -12.47 3.08 4.79
N ALA A 110 -12.30 2.71 3.52
CA ALA A 110 -11.52 3.53 2.61
C ALA A 110 -11.95 4.99 2.71
N GLU A 111 -13.25 5.26 2.53
CA GLU A 111 -13.76 6.64 2.60
C GLU A 111 -13.05 7.43 3.71
N ALA A 112 -12.35 6.72 4.62
CA ALA A 112 -11.60 7.38 5.67
C ALA A 112 -10.64 8.39 5.03
N VAL A 113 -10.58 8.40 3.69
CA VAL A 113 -9.66 9.30 2.97
C VAL A 113 -9.46 10.63 3.75
N GLY A 114 -10.48 11.06 4.47
CA GLY A 114 -10.37 12.34 5.20
C GLY A 114 -9.08 12.38 6.04
N PRO A 115 -9.00 11.68 7.16
CA PRO A 115 -7.76 11.61 8.00
C PRO A 115 -6.55 11.21 7.16
N HIS A 116 -6.79 10.45 6.09
CA HIS A 116 -5.66 9.98 5.30
C HIS A 116 -4.84 11.19 4.90
N LEU A 117 -5.45 12.39 4.96
CA LEU A 117 -4.71 13.60 4.66
C LEU A 117 -3.52 13.63 5.61
N ALA A 118 -3.80 13.42 6.91
CA ALA A 118 -2.72 13.45 7.87
C ALA A 118 -1.62 12.55 7.33
N ARG A 119 -1.99 11.34 6.98
CA ARG A 119 -1.02 10.43 6.40
C ARG A 119 -0.50 11.05 5.10
N ALA A 120 -1.36 11.82 4.40
CA ALA A 120 -0.90 12.42 3.11
C ALA A 120 0.33 13.21 3.40
N LEU A 121 0.23 14.07 4.39
CA LEU A 121 1.36 14.96 4.77
C LEU A 121 2.70 14.17 4.53
N GLY A 122 2.58 12.82 4.61
CA GLY A 122 3.70 11.91 4.28
C GLY A 122 3.74 11.60 2.77
N GLN A 123 2.60 11.17 2.27
CA GLN A 123 2.42 10.89 0.90
C GLN A 123 2.26 12.22 0.17
N ILE A 124 2.47 13.33 0.91
CA ILE A 124 2.36 14.65 0.34
C ILE A 124 3.38 14.80 -0.72
N VAL A 125 4.61 14.43 -0.43
CA VAL A 125 5.61 14.55 -1.49
C VAL A 125 5.09 13.82 -2.74
N CYS A 126 4.85 12.53 -2.59
CA CYS A 126 4.43 11.74 -3.74
C CYS A 126 3.21 12.37 -4.44
N ARG A 127 2.37 13.04 -3.65
CA ARG A 127 1.16 13.75 -4.17
C ARG A 127 1.47 15.14 -4.74
N TYR A 128 2.21 15.86 -3.98
CA TYR A 128 2.68 17.21 -4.28
C TYR A 128 4.03 17.10 -4.96
N GLY A 129 4.31 15.95 -5.54
CA GLY A 129 5.56 15.76 -6.25
C GLY A 129 5.44 14.60 -7.24
N ALA A 130 5.70 13.38 -6.76
CA ALA A 130 5.67 12.21 -7.64
C ALA A 130 6.66 12.43 -8.79
N THR A 131 7.80 11.72 -8.76
CA THR A 131 8.80 11.86 -9.82
C THR A 131 9.28 10.46 -10.25
N VAL A 132 9.86 9.70 -9.33
CA VAL A 132 10.46 8.39 -9.62
C VAL A 132 9.39 7.31 -9.63
N ILE A 133 8.21 7.66 -10.09
CA ILE A 133 7.10 6.72 -10.21
C ILE A 133 6.87 6.30 -11.70
N PRO A 134 7.30 7.09 -12.69
CA PRO A 134 7.06 6.79 -14.13
C PRO A 134 7.93 5.66 -14.67
N ASN A 135 8.98 5.30 -13.93
CA ASN A 135 9.88 4.24 -14.40
C ASN A 135 9.13 2.92 -14.54
N ILE A 136 8.73 2.34 -13.42
CA ILE A 136 7.99 1.08 -13.41
C ILE A 136 6.63 1.26 -14.07
N ASN A 137 6.13 2.47 -13.96
CA ASN A 137 4.80 2.74 -14.49
C ASN A 137 4.72 2.35 -15.94
N ALA A 138 5.49 3.01 -16.78
CA ALA A 138 5.48 2.71 -18.19
C ALA A 138 5.92 1.27 -18.45
N ALA A 139 6.66 0.68 -17.52
CA ALA A 139 7.11 -0.70 -17.68
C ALA A 139 5.99 -1.71 -17.32
N ILE A 140 5.49 -1.70 -16.09
CA ILE A 140 4.46 -2.67 -15.69
C ILE A 140 3.12 -2.40 -16.38
N GLU A 141 2.68 -1.16 -16.33
CA GLU A 141 1.36 -0.81 -16.88
C GLU A 141 1.25 -1.42 -18.26
N VAL A 142 2.13 -1.02 -19.16
CA VAL A 142 2.11 -1.56 -20.50
C VAL A 142 2.11 -3.09 -20.41
N LEU A 143 2.48 -3.66 -19.24
CA LEU A 143 2.43 -5.10 -19.10
C LEU A 143 0.97 -5.54 -18.86
N GLY A 144 0.29 -5.07 -17.77
CA GLY A 144 -1.10 -5.51 -17.64
C GLY A 144 -1.97 -4.88 -18.75
N THR A 145 -2.40 -3.64 -18.51
CA THR A 145 -3.26 -2.91 -19.46
C THR A 145 -3.16 -1.42 -19.17
N GLY A 146 -2.72 -1.15 -17.97
CA GLY A 146 -2.52 0.19 -17.43
C GLY A 146 -3.49 0.51 -16.30
N THR A 147 -4.75 0.04 -16.39
CA THR A 147 -5.75 0.34 -15.36
C THR A 147 -5.13 0.49 -13.97
N ASP A 148 -4.83 1.76 -13.57
CA ASP A 148 -4.26 2.06 -12.26
C ASP A 148 -4.82 3.41 -11.80
N TYR A 149 -5.04 3.55 -10.50
CA TYR A 149 -5.55 4.79 -9.94
C TYR A 149 -5.04 4.97 -8.51
N ARG A 150 -4.86 6.22 -8.09
CA ARG A 150 -4.43 6.50 -6.72
C ARG A 150 -5.05 7.82 -6.25
N PHE A 151 -5.31 7.93 -4.95
CA PHE A 151 -5.94 9.14 -4.39
C PHE A 151 -5.87 9.12 -2.86
O1 MTN B . 7.35 -9.03 7.18
N1 MTN B . 8.08 -8.81 6.18
C1 MTN B . 7.68 -9.13 4.80
C2 MTN B . 8.88 -8.66 4.06
C3 MTN B . 9.83 -8.17 4.83
C4 MTN B . 11.14 -7.65 4.35
S1 MTN B . 11.15 -5.89 3.92
C5 MTN B . 9.44 -8.19 6.29
C6 MTN B . 10.43 -8.96 7.16
C7 MTN B . 9.29 -6.75 6.79
C8 MTN B . 7.43 -10.61 4.57
C9 MTN B . 6.47 -8.32 4.41
H2 MTN B . 8.97 -8.72 2.98
H41 MTN B . 11.43 -8.21 3.47
H42 MTN B . 11.88 -7.82 5.12
H61 MTN B . 11.32 -8.37 7.31
H62 MTN B . 10.70 -9.88 6.67
H63 MTN B . 9.98 -9.18 8.12
H71 MTN B . 10.23 -6.22 6.67
H72 MTN B . 9.01 -6.76 7.83
H73 MTN B . 8.52 -6.26 6.22
H81 MTN B . 8.31 -11.18 4.86
H82 MTN B . 7.23 -10.79 3.52
H83 MTN B . 6.59 -10.93 5.15
H91 MTN B . 6.67 -7.27 4.57
H92 MTN B . 6.26 -8.48 3.36
H93 MTN B . 5.62 -8.62 5.01
O1 MTN C . -2.07 -3.41 -4.36
N1 MTN C . -1.44 -4.42 -3.95
C1 MTN C . -1.80 -5.81 -4.33
C2 MTN C . -0.76 -6.55 -3.57
C3 MTN C . 0.07 -5.77 -2.89
C4 MTN C . 1.23 -6.23 -2.05
S1 MTN C . 2.58 -5.01 -1.92
C5 MTN C . -0.28 -4.31 -3.06
C6 MTN C . -0.63 -3.64 -1.74
C7 MTN C . 0.84 -3.55 -3.83
C8 MTN C . -3.22 -6.18 -3.90
C9 MTN C . -1.62 -6.00 -5.82
H2 MTN C . -0.69 -7.64 -3.57
H41 MTN C . 1.61 -7.12 -2.49
H42 MTN C . 0.84 -6.45 -1.07
H61 MTN C . -1.68 -3.77 -1.53
H62 MTN C . -0.06 -4.08 -0.95
H63 MTN C . -0.41 -2.57 -1.80
H71 MTN C . 1.47 -4.26 -4.38
H72 MTN C . 0.40 -2.87 -4.54
H73 MTN C . 1.46 -2.99 -3.15
H81 MTN C . -3.92 -5.47 -4.34
H82 MTN C . -3.30 -6.13 -2.82
H83 MTN C . -3.45 -7.17 -4.23
H91 MTN C . -2.34 -5.39 -6.36
H92 MTN C . -1.77 -7.04 -6.07
H93 MTN C . -0.62 -5.71 -6.10
O1 MTN D . -3.08 10.21 -5.93
N1 MTN D . -1.92 10.15 -6.42
C1 MTN D . -1.63 10.44 -7.84
C2 MTN D . -0.17 10.21 -7.86
C3 MTN D . 0.34 9.84 -6.70
C4 MTN D . 1.81 9.56 -6.50
S1 MTN D . 2.30 8.53 -5.09
C5 MTN D . -0.73 9.75 -5.60
C6 MTN D . -0.83 8.37 -4.95
C7 MTN D . -0.54 10.85 -4.52
C8 MTN D . -2.36 9.52 -8.82
C9 MTN D . -1.93 11.90 -8.15
H2 MTN D . 0.43 10.32 -8.75
H41 MTN D . 2.29 10.50 -6.39
H42 MTN D . 2.18 9.10 -7.40
H61 MTN D . -0.16 8.31 -4.11
H62 MTN D . -0.58 7.61 -5.66
H63 MTN D . -1.84 8.23 -4.59
H71 MTN D . -0.90 10.49 -3.56
H72 MTN D . -1.09 11.74 -4.78
H73 MTN D . 0.48 11.10 -4.42
H81 MTN D . -2.25 9.90 -9.83
H82 MTN D . -3.41 9.48 -8.57
H83 MTN D . -1.94 8.52 -8.78
H91 MTN D . -1.45 12.53 -7.40
H92 MTN D . -3.00 12.06 -8.12
H93 MTN D . -1.55 12.16 -9.12
N MET A 25 5.68 -4.29 32.86
CA MET A 25 4.32 -4.40 32.28
C MET A 25 4.34 -5.32 31.07
N SER A 26 3.15 -5.69 30.58
CA SER A 26 3.02 -6.59 29.44
C SER A 26 3.00 -5.81 28.13
N ASP A 27 3.19 -4.49 28.22
CA ASP A 27 3.20 -3.62 27.04
C ASP A 27 2.95 -2.16 27.43
N PHE A 28 3.93 -1.31 27.15
CA PHE A 28 3.82 0.12 27.42
C PHE A 28 4.63 0.89 26.41
N ASP A 29 4.15 2.07 26.04
CA ASP A 29 4.84 2.88 25.05
C ASP A 29 4.57 4.36 25.32
N THR A 30 5.56 5.23 25.04
CA THR A 30 5.38 6.68 25.24
C THR A 30 5.42 7.42 23.90
N GLU A 31 5.75 8.68 23.93
CA GLU A 31 5.78 9.49 22.73
C GLU A 31 6.72 8.87 21.70
N ARG A 32 7.91 8.50 22.12
CA ARG A 32 8.85 7.87 21.20
C ARG A 32 8.32 6.49 20.80
N VAL A 33 8.11 5.67 21.80
CA VAL A 33 7.65 4.30 21.53
C VAL A 33 6.23 4.35 20.92
N SER A 34 5.34 5.06 21.56
CA SER A 34 3.98 5.15 21.00
C SER A 34 3.97 5.98 19.70
N ARG A 35 4.30 7.27 19.80
CA ARG A 35 4.23 8.15 18.61
C ARG A 35 5.20 7.74 17.51
N ALA A 36 6.46 7.50 17.86
CA ALA A 36 7.42 7.08 16.82
C ALA A 36 7.08 5.65 16.39
N VAL A 37 7.08 4.72 17.34
CA VAL A 37 6.77 3.36 16.95
C VAL A 37 5.32 3.30 16.42
N ALA A 38 4.32 3.78 17.16
CA ALA A 38 2.95 3.69 16.59
C ALA A 38 2.83 4.55 15.33
N ALA A 39 3.00 5.87 15.44
CA ALA A 39 2.83 6.72 14.24
C ALA A 39 3.73 6.25 13.08
N ALA A 40 5.03 6.17 13.33
CA ALA A 40 5.94 5.76 12.26
C ALA A 40 5.67 4.29 11.86
N LEU A 41 5.77 3.41 12.86
CA LEU A 41 5.57 1.98 12.58
C LEU A 41 4.19 1.79 11.93
N VAL A 42 3.13 2.29 12.57
CA VAL A 42 1.78 2.14 11.99
C VAL A 42 1.65 3.04 10.75
N GLY A 43 1.85 4.35 10.94
CA GLY A 43 1.70 5.29 9.86
C GLY A 43 2.62 4.95 8.71
N PRO A 44 2.70 5.83 7.75
CA PRO A 44 3.52 5.63 6.55
C PRO A 44 5.00 5.97 6.77
N GLY A 45 5.33 6.85 7.75
CA GLY A 45 6.75 7.24 7.92
C GLY A 45 7.62 6.05 8.33
N GLY A 46 7.34 5.45 9.48
CA GLY A 46 8.17 4.30 9.89
C GLY A 46 8.15 3.33 8.73
N VAL A 47 6.94 3.01 8.28
CA VAL A 47 6.82 2.11 7.13
C VAL A 47 7.60 2.69 5.94
N ALA A 48 7.68 4.04 5.87
CA ALA A 48 8.43 4.64 4.75
C ALA A 48 9.87 4.12 4.77
N LEU A 49 10.63 4.39 5.85
CA LEU A 49 12.01 3.96 5.88
C LEU A 49 12.11 2.45 5.68
N VAL A 50 11.26 1.70 6.36
CA VAL A 50 11.32 0.25 6.24
C VAL A 50 11.13 -0.18 4.78
N VAL A 51 9.98 0.15 4.19
CA VAL A 51 9.68 -0.27 2.81
C VAL A 51 10.71 0.23 1.81
N LYS A 52 11.15 1.48 1.95
CA LYS A 52 12.11 2.01 0.98
C LYS A 52 13.46 1.30 1.13
N VAL A 53 14.00 1.30 2.33
CA VAL A 53 15.29 0.63 2.55
C VAL A 53 15.19 -0.85 2.22
N CYS A 54 14.19 -1.53 2.78
CA CYS A 54 14.06 -2.94 2.52
C CYS A 54 13.76 -3.19 1.06
N ALA A 55 12.61 -2.71 0.57
CA ALA A 55 12.24 -2.95 -0.81
C ALA A 55 13.31 -2.47 -1.76
N GLY A 56 13.74 -1.23 -1.59
CA GLY A 56 14.74 -0.68 -2.48
C GLY A 56 14.07 -0.35 -3.80
N LEU A 57 13.22 0.67 -3.78
CA LEU A 57 12.45 1.12 -4.95
C LEU A 57 11.15 0.28 -5.07
N PRO A 58 10.05 0.74 -4.53
CA PRO A 58 8.76 -0.03 -4.60
C PRO A 58 8.46 -0.58 -6.01
N GLY A 59 9.18 -0.12 -7.03
CA GLY A 59 8.89 -0.60 -8.38
C GLY A 59 9.15 -2.09 -8.48
N VAL A 60 10.38 -2.50 -8.26
CA VAL A 60 10.71 -3.92 -8.30
C VAL A 60 10.21 -4.53 -7.01
N ILE A 61 10.91 -5.55 -6.51
CA ILE A 61 10.56 -6.24 -5.27
C ILE A 61 9.29 -7.11 -5.44
N HIS A 62 9.45 -8.26 -6.09
CA HIS A 62 8.34 -9.17 -6.30
C HIS A 62 8.82 -10.59 -6.06
N THR A 63 8.05 -11.35 -5.27
CA THR A 63 8.39 -12.75 -4.96
C THR A 63 7.16 -13.64 -5.24
N PRO A 64 7.21 -14.51 -6.22
CA PRO A 64 6.04 -15.37 -6.57
C PRO A 64 5.34 -15.93 -5.32
N ALA A 65 6.05 -16.81 -4.64
CA ALA A 65 5.54 -17.49 -3.46
C ALA A 65 5.51 -16.55 -2.26
N ARG A 66 4.35 -16.49 -1.64
CA ARG A 66 4.17 -15.65 -0.46
C ARG A 66 2.80 -15.87 0.15
N ARG A 67 2.56 -15.23 1.27
CA ARG A 67 1.27 -15.34 1.94
C ARG A 67 0.16 -14.75 1.04
N GLY A 68 0.44 -14.63 -0.27
CA GLY A 68 -0.53 -14.08 -1.23
C GLY A 68 -0.72 -12.59 -1.00
N PHE A 69 -0.52 -12.16 0.23
CA PHE A 69 -0.67 -10.76 0.62
C PHE A 69 0.09 -10.51 1.91
N PHE A 70 0.38 -9.22 2.17
CA PHE A 70 1.08 -8.74 3.38
C PHE A 70 2.19 -7.78 2.98
N ARG A 71 1.91 -6.47 2.98
CA ARG A 71 2.90 -5.43 2.64
C ARG A 71 2.57 -4.72 1.34
N CYS A 72 2.84 -3.42 1.30
CA CYS A 72 2.58 -2.61 0.12
C CYS A 72 1.10 -2.49 -0.14
N ASN A 73 0.38 -1.71 0.68
CA ASN A 73 -1.07 -1.56 0.52
C ASN A 73 -1.45 -0.08 0.69
N PRO A 74 -2.54 0.36 0.09
CA PRO A 74 -3.01 1.79 0.18
C PRO A 74 -3.27 2.26 1.63
N GLU A 75 -2.24 2.16 2.48
CA GLU A 75 -2.33 2.57 3.89
C GLU A 75 -3.33 1.72 4.67
N ARG A 76 -4.41 1.32 4.01
CA ARG A 76 -5.42 0.51 4.66
C ARG A 76 -4.75 -0.61 5.44
N ILE A 77 -5.21 -0.84 6.66
CA ILE A 77 -4.63 -1.86 7.51
C ILE A 77 -4.51 -3.16 6.73
N GLN A 78 -3.30 -3.70 6.69
CA GLN A 78 -3.06 -4.91 5.93
C GLN A 78 -3.99 -6.02 6.42
N ILE A 79 -5.24 -5.96 5.94
CA ILE A 79 -6.27 -6.94 6.28
C ILE A 79 -7.34 -7.01 5.19
N GLY A 80 -8.13 -8.08 5.24
CA GLY A 80 -9.26 -8.27 4.32
C GLY A 80 -8.96 -9.32 3.28
N ASP A 81 -7.70 -9.50 2.92
CA ASP A 81 -7.35 -10.48 1.88
C ASP A 81 -7.93 -11.88 2.18
N TRP A 82 -8.80 -12.33 1.30
CA TRP A 82 -9.39 -13.64 1.44
C TRP A 82 -8.41 -14.75 0.96
N ARG A 83 -8.84 -15.92 1.31
CA ARG A 83 -8.04 -17.16 1.02
C ARG A 83 -8.30 -17.74 -0.40
N TYR A 84 -9.52 -18.18 -0.61
CA TYR A 84 -9.95 -18.75 -1.91
C TYR A 84 -10.46 -17.69 -2.90
N GLU A 85 -10.77 -16.52 -2.41
CA GLU A 85 -11.26 -15.46 -3.25
C GLU A 85 -10.10 -14.81 -3.97
N VAL A 86 -8.89 -15.09 -3.54
CA VAL A 86 -7.72 -14.43 -4.13
C VAL A 86 -7.83 -14.41 -5.63
N ALA A 87 -8.07 -15.56 -6.21
CA ALA A 87 -8.20 -15.61 -7.64
C ALA A 87 -9.45 -14.88 -8.06
N HIS A 88 -10.56 -15.20 -7.38
CA HIS A 88 -11.84 -14.56 -7.70
C HIS A 88 -11.72 -13.03 -7.59
N ASP A 89 -11.38 -12.56 -6.41
CA ASP A 89 -11.18 -11.12 -6.19
C ASP A 89 -9.91 -10.65 -6.94
N GLY A 90 -8.77 -11.27 -6.67
CA GLY A 90 -7.52 -10.91 -7.34
C GLY A 90 -7.58 -11.27 -8.83
N ARG A 91 -8.76 -11.16 -9.40
CA ARG A 91 -8.96 -11.40 -10.82
C ARG A 91 -8.48 -10.19 -11.60
N LEU A 92 -7.87 -9.21 -10.90
CA LEU A 92 -7.42 -7.96 -11.58
C LEU A 92 -6.99 -8.31 -13.00
N LEU A 93 -6.53 -9.55 -13.20
CA LEU A 93 -6.16 -9.93 -14.57
C LEU A 93 -7.46 -9.89 -15.41
N ALA A 94 -8.42 -10.78 -15.10
CA ALA A 94 -9.68 -10.77 -15.84
C ALA A 94 -10.46 -9.59 -15.32
N ALA A 95 -10.97 -9.72 -14.08
CA ALA A 95 -11.71 -8.68 -13.35
C ALA A 95 -11.07 -7.30 -13.45
N HIS A 96 -9.99 -7.18 -14.21
CA HIS A 96 -9.26 -5.93 -14.32
C HIS A 96 -10.07 -4.72 -13.89
N MET A 97 -11.13 -4.37 -14.59
CA MET A 97 -11.95 -3.27 -14.18
C MET A 97 -12.83 -3.71 -13.01
N VAL A 98 -13.45 -4.89 -13.14
CA VAL A 98 -14.36 -5.36 -12.11
C VAL A 98 -13.74 -5.14 -10.74
N ASN A 99 -12.48 -5.57 -10.48
CA ASN A 99 -11.84 -5.32 -9.18
C ASN A 99 -12.18 -3.92 -8.66
N GLY A 100 -12.58 -3.08 -9.60
CA GLY A 100 -12.97 -1.70 -9.28
C GLY A 100 -13.86 -1.73 -8.02
N ILE A 101 -14.43 -2.90 -7.75
CA ILE A 101 -15.29 -3.09 -6.59
C ILE A 101 -14.42 -3.35 -5.36
N VAL A 102 -13.49 -4.30 -5.51
CA VAL A 102 -12.61 -4.68 -4.41
C VAL A 102 -12.28 -3.41 -3.59
N ILE A 103 -12.18 -2.27 -4.27
CA ILE A 103 -11.90 -0.99 -3.59
C ILE A 103 -13.21 -0.34 -3.15
N ALA A 104 -14.29 -0.67 -3.84
CA ALA A 104 -15.65 -0.20 -3.53
C ALA A 104 -16.36 -1.14 -2.54
N GLU A 105 -15.77 -2.32 -2.25
CA GLU A 105 -16.37 -3.27 -1.35
C GLU A 105 -16.17 -2.86 0.09
N ASP A 106 -14.94 -2.98 0.61
CA ASP A 106 -14.67 -2.65 2.01
C ASP A 106 -14.48 -1.15 2.23
N ALA A 107 -14.20 -0.40 1.18
CA ALA A 107 -14.00 1.05 1.34
C ALA A 107 -15.05 1.75 2.22
N LEU A 108 -16.33 1.56 1.96
CA LEU A 108 -17.38 2.31 2.68
C LEU A 108 -16.99 2.60 4.14
N ILE A 109 -16.15 1.77 4.76
CA ILE A 109 -15.70 2.05 6.14
C ILE A 109 -14.29 2.67 6.09
N ALA A 110 -13.35 1.93 5.51
CA ALA A 110 -11.97 2.39 5.39
C ALA A 110 -11.92 3.78 4.74
N GLU A 111 -12.78 4.02 3.76
CA GLU A 111 -12.81 5.32 3.09
C GLU A 111 -12.79 6.46 4.12
N ALA A 112 -13.01 6.09 5.38
CA ALA A 112 -13.01 7.07 6.46
C ALA A 112 -11.58 7.34 6.94
N VAL A 113 -10.64 6.63 6.33
CA VAL A 113 -9.23 6.76 6.65
C VAL A 113 -8.61 7.76 5.70
N GLY A 114 -9.38 8.78 5.28
CA GLY A 114 -8.85 9.81 4.41
C GLY A 114 -7.79 10.67 5.10
N PRO A 115 -8.01 11.11 6.35
CA PRO A 115 -7.01 11.94 7.08
C PRO A 115 -5.59 11.46 6.81
N HIS A 116 -5.46 10.22 6.34
CA HIS A 116 -4.14 9.71 6.08
C HIS A 116 -3.45 10.72 5.16
N LEU A 117 -4.19 11.17 4.14
CA LEU A 117 -3.63 12.19 3.23
C LEU A 117 -2.83 13.28 4.02
N ALA A 118 -3.47 14.05 4.93
CA ALA A 118 -2.75 15.07 5.68
C ALA A 118 -1.61 14.42 6.44
N ARG A 119 -1.94 13.47 7.30
CA ARG A 119 -0.91 12.76 8.05
C ARG A 119 0.15 12.24 7.05
N ALA A 120 -0.23 11.39 6.12
CA ALA A 120 0.73 10.87 5.21
C ALA A 120 1.60 11.98 4.62
N LEU A 121 1.13 13.25 4.80
CA LEU A 121 1.70 14.44 4.15
C LEU A 121 2.82 14.09 3.17
N GLY A 122 3.82 13.34 3.51
CA GLY A 122 4.77 12.96 2.50
C GLY A 122 3.99 12.43 1.29
N GLN A 123 2.74 11.94 1.49
CA GLN A 123 2.00 11.48 0.32
C GLN A 123 1.66 12.68 -0.54
N ILE A 124 1.69 13.86 0.05
CA ILE A 124 1.42 15.06 -0.74
C ILE A 124 2.53 15.27 -1.77
N VAL A 125 3.77 14.86 -1.44
CA VAL A 125 4.86 15.07 -2.40
C VAL A 125 4.57 14.32 -3.71
N CYS A 126 4.46 13.00 -3.65
CA CYS A 126 4.22 12.21 -4.85
C CYS A 126 3.09 12.79 -5.69
N ARG A 127 2.23 13.61 -5.07
CA ARG A 127 1.07 14.24 -5.76
C ARG A 127 1.48 15.54 -6.47
N TYR A 128 2.24 16.23 -5.73
CA TYR A 128 2.87 17.51 -6.13
C TYR A 128 4.32 17.19 -6.60
N GLY A 129 4.57 15.93 -7.00
CA GLY A 129 5.90 15.59 -7.46
C GLY A 129 5.84 14.26 -8.20
N ALA A 130 6.01 13.16 -7.44
CA ALA A 130 6.00 11.82 -8.01
C ALA A 130 7.21 11.62 -8.94
N THR A 131 8.42 11.78 -8.40
CA THR A 131 9.62 11.59 -9.20
C THR A 131 10.03 10.12 -9.11
N VAL A 132 9.33 9.35 -8.26
CA VAL A 132 9.62 7.94 -8.12
C VAL A 132 8.86 7.14 -9.13
N ILE A 133 7.51 7.28 -9.23
CA ILE A 133 6.73 6.50 -10.18
C ILE A 133 7.24 6.52 -11.61
N PRO A 134 7.81 7.59 -12.09
CA PRO A 134 8.21 7.67 -13.51
C PRO A 134 9.10 6.50 -13.89
N ASN A 135 9.96 6.08 -12.99
CA ASN A 135 10.84 4.96 -13.28
C ASN A 135 9.98 3.70 -13.46
N ILE A 136 9.38 3.25 -12.38
CA ILE A 136 8.56 2.04 -12.44
C ILE A 136 7.42 2.21 -13.42
N ASN A 137 6.78 3.34 -13.34
CA ASN A 137 5.58 3.60 -14.15
C ASN A 137 5.77 3.15 -15.58
N ALA A 138 6.69 3.73 -16.31
CA ALA A 138 6.87 3.32 -17.69
C ALA A 138 7.17 1.84 -17.80
N ALA A 139 7.70 1.24 -16.72
CA ALA A 139 7.98 -0.20 -16.72
C ALA A 139 6.76 -1.09 -16.36
N ILE A 140 6.24 -0.81 -15.18
CA ILE A 140 5.11 -1.62 -14.66
C ILE A 140 3.87 -1.40 -15.52
N GLU A 141 3.42 -0.16 -15.59
CA GLU A 141 2.21 0.16 -16.35
C GLU A 141 2.25 -0.54 -17.68
N VAL A 142 3.24 -0.19 -18.50
CA VAL A 142 3.35 -0.81 -19.80
C VAL A 142 3.35 -2.32 -19.65
N LEU A 143 3.55 -2.83 -18.42
CA LEU A 143 3.54 -4.27 -18.23
C LEU A 143 2.08 -4.75 -18.14
N GLY A 144 1.29 -4.28 -17.15
CA GLY A 144 -0.09 -4.75 -17.08
C GLY A 144 -0.93 -4.19 -18.23
N THR A 145 -1.44 -2.99 -18.03
CA THR A 145 -2.28 -2.30 -19.00
C THR A 145 -2.37 -0.83 -18.61
N GLY A 146 -2.12 -0.58 -17.33
CA GLY A 146 -2.12 0.76 -16.72
C GLY A 146 -3.23 0.94 -15.69
N THR A 147 -4.43 0.37 -15.90
CA THR A 147 -5.52 0.54 -14.94
C THR A 147 -5.01 0.66 -13.50
N ASP A 148 -4.77 1.90 -13.07
CA ASP A 148 -4.29 2.17 -11.71
C ASP A 148 -4.88 3.49 -11.25
N TYR A 149 -5.19 3.60 -9.95
CA TYR A 149 -5.76 4.82 -9.40
C TYR A 149 -5.38 4.95 -7.91
N ARG A 150 -5.25 6.19 -7.47
CA ARG A 150 -4.93 6.48 -6.07
C ARG A 150 -5.54 7.81 -5.66
N PHE A 151 -5.87 7.95 -4.37
CA PHE A 151 -6.44 9.20 -3.84
C PHE A 151 -5.64 9.63 -2.61
O1 MTN B . 7.17 -8.91 7.13
N1 MTN B . 8.15 -8.73 6.35
C1 MTN B . 8.31 -9.43 5.05
C2 MTN B . 9.57 -8.83 4.57
C3 MTN B . 10.09 -7.96 5.40
C4 MTN B . 11.35 -7.20 5.16
S1 MTN B . 11.14 -5.81 4.02
C5 MTN B . 9.26 -7.77 6.66
C6 MTN B . 10.03 -8.09 7.94
C7 MTN B . 8.68 -6.36 6.70
C8 MTN B . 8.45 -10.96 5.20
C9 MTN B . 7.15 -9.09 4.11
H2 MTN B . 10.03 -9.09 3.62
H41 MTN B . 12.07 -7.88 4.74
H42 MTN B . 11.71 -6.83 6.11
H61 MTN B . 10.70 -7.28 8.16
H62 MTN B . 10.59 -8.99 7.81
H63 MTN B . 9.33 -8.21 8.75
H71 MTN B . 8.27 -6.11 5.74
H72 MTN B . 9.48 -5.66 6.93
H73 MTN B . 7.92 -6.31 7.45
H81 MTN B . 8.70 -11.39 4.25
H82 MTN B . 7.53 -11.38 5.56
H83 MTN B . 9.25 -11.17 5.91
H91 MTN B . 6.88 -8.05 4.25
H92 MTN B . 7.44 -9.26 3.09
H93 MTN B . 6.29 -9.71 4.36
O1 MTN C . -2.61 -4.33 -3.13
N1 MTN C . -1.40 -4.53 -3.48
C1 MTN C . -0.66 -5.76 -3.12
C2 MTN C . 0.65 -5.46 -3.75
C3 MTN C . 0.67 -4.29 -4.38
C4 MTN C . 1.86 -3.72 -5.10
S1 MTN C . 3.35 -3.58 -4.08
C5 MTN C . -0.64 -3.56 -4.30
C6 MTN C . -0.54 -2.13 -3.75
C7 MTN C . -1.27 -3.53 -5.70
C8 MTN C . -0.57 -6.00 -1.61
C9 MTN C . -1.31 -6.95 -3.83
H2 MTN C . 1.49 -6.12 -3.70
H41 MTN C . 1.60 -2.75 -5.47
H42 MTN C . 2.07 -4.37 -5.94
H61 MTN C . -0.29 -1.43 -4.54
H62 MTN C . -1.48 -1.85 -3.31
H63 MTN C . 0.22 -2.09 -2.99
H71 MTN C . -0.62 -3.01 -6.38
H72 MTN C . -1.41 -4.54 -6.05
H73 MTN C . -2.22 -3.03 -5.66
H81 MTN C . 0.14 -5.32 -1.18
H82 MTN C . -0.24 -7.02 -1.43
H83 MTN C . -1.54 -5.85 -1.17
H91 MTN C . -2.30 -7.11 -3.42
H92 MTN C . -0.71 -7.83 -3.67
H93 MTN C . -1.40 -6.74 -4.89
O1 MTN D . -3.60 10.63 -6.76
N1 MTN D . -2.46 10.68 -6.21
C1 MTN D . -1.21 10.69 -7.01
C2 MTN D . -0.23 10.76 -5.91
C3 MTN D . -0.78 10.79 -4.71
C4 MTN D . -0.01 10.85 -3.45
S1 MTN D . 1.35 9.65 -3.36
C5 MTN D . -2.29 10.75 -4.75
C6 MTN D . -2.89 9.57 -3.99
C7 MTN D . -2.89 12.09 -4.27
C8 MTN D . -1.02 9.42 -7.84
C9 MTN D . -1.12 11.93 -7.87
H2 MTN D . 0.84 10.78 -6.06
H41 MTN D . -0.69 10.66 -2.63
H42 MTN D . 0.38 11.84 -3.39
H61 MTN D . -3.02 9.82 -2.95
H62 MTN D . -2.23 8.71 -4.08
H63 MTN D . -3.84 9.33 -4.42
H71 MTN D . -2.32 12.47 -3.43
H72 MTN D . -3.92 11.94 -3.97
H73 MTN D . -2.88 12.81 -5.07
H81 MTN D . -0.04 9.43 -8.30
H82 MTN D . -1.77 9.37 -8.60
H83 MTN D . -1.10 8.55 -7.20
H91 MTN D . -1.77 11.82 -8.73
H92 MTN D . -0.10 12.07 -8.21
H93 MTN D . -1.42 12.80 -7.30
N MET A 25 12.51 -6.25 31.45
CA MET A 25 11.14 -6.28 30.85
C MET A 25 11.16 -7.17 29.61
N SER A 26 9.98 -7.52 29.12
CA SER A 26 9.85 -8.37 27.92
C SER A 26 9.36 -7.53 26.75
N ASP A 27 9.30 -6.21 26.92
CA ASP A 27 8.86 -5.31 25.86
C ASP A 27 8.66 -3.90 26.42
N PHE A 28 9.70 -3.06 26.32
CA PHE A 28 9.62 -1.69 26.82
C PHE A 28 10.54 -0.78 26.01
N ASP A 29 10.12 0.47 25.82
CA ASP A 29 10.92 1.44 25.06
C ASP A 29 10.56 2.86 25.48
N THR A 30 11.51 3.77 25.36
CA THR A 30 11.27 5.17 25.72
C THR A 30 10.21 5.77 24.80
N GLU A 31 9.73 6.94 25.14
CA GLU A 31 8.69 7.62 24.37
C GLU A 31 9.17 7.85 22.93
N ARG A 32 10.28 8.56 22.81
CA ARG A 32 10.79 8.88 21.49
C ARG A 32 10.87 7.58 20.68
N VAL A 33 11.59 6.63 21.23
CA VAL A 33 11.74 5.32 20.55
C VAL A 33 10.37 4.61 20.46
N SER A 34 9.63 4.58 21.57
CA SER A 34 8.32 3.91 21.58
C SER A 34 7.34 4.61 20.64
N ARG A 35 7.01 5.87 20.93
CA ARG A 35 6.03 6.60 20.12
C ARG A 35 6.51 6.65 18.66
N ALA A 36 7.73 7.15 18.49
CA ALA A 36 8.27 7.28 17.12
C ALA A 36 7.98 5.95 16.42
N VAL A 37 8.29 4.89 17.13
CA VAL A 37 7.97 3.57 16.60
C VAL A 37 6.44 3.48 16.42
N ALA A 38 5.64 3.78 17.44
CA ALA A 38 4.20 3.68 17.23
C ALA A 38 3.77 4.56 16.05
N ALA A 39 3.95 5.87 16.19
CA ALA A 39 3.53 6.81 15.13
C ALA A 39 4.14 6.41 13.78
N ALA A 40 5.44 6.32 13.77
CA ALA A 40 6.13 5.99 12.52
C ALA A 40 5.75 4.56 12.08
N LEU A 41 5.98 3.64 12.99
CA LEU A 41 5.70 2.23 12.66
C LEU A 41 4.22 2.12 12.26
N VAL A 42 3.30 2.62 13.09
CA VAL A 42 1.88 2.54 12.72
C VAL A 42 1.62 3.48 11.52
N GLY A 43 1.93 4.77 11.68
CA GLY A 43 1.70 5.74 10.62
C GLY A 43 2.52 5.41 9.39
N PRO A 44 2.54 6.28 8.41
CA PRO A 44 3.29 6.05 7.15
C PRO A 44 4.81 6.27 7.26
N GLY A 45 5.23 7.11 8.20
CA GLY A 45 6.67 7.43 8.32
C GLY A 45 7.50 6.19 8.60
N GLY A 46 7.19 5.49 9.68
CA GLY A 46 8.00 4.30 10.01
C GLY A 46 7.93 3.38 8.82
N VAL A 47 6.71 3.11 8.42
CA VAL A 47 6.49 2.24 7.28
C VAL A 47 7.18 2.83 6.04
N ALA A 48 7.23 4.17 5.97
CA ALA A 48 7.88 4.78 4.81
C ALA A 48 9.33 4.30 4.71
N LEU A 49 10.15 4.58 5.73
CA LEU A 49 11.56 4.18 5.68
C LEU A 49 11.75 2.65 5.67
N VAL A 50 11.01 1.91 6.51
CA VAL A 50 11.23 0.47 6.54
C VAL A 50 10.91 -0.13 5.17
N VAL A 51 9.67 0.03 4.71
CA VAL A 51 9.26 -0.55 3.43
C VAL A 51 10.13 -0.06 2.28
N LYS A 52 10.54 1.20 2.34
CA LYS A 52 11.36 1.77 1.27
C LYS A 52 12.72 1.09 1.26
N VAL A 53 13.36 1.14 2.41
CA VAL A 53 14.69 0.57 2.54
C VAL A 53 14.68 -0.92 2.34
N CYS A 54 13.76 -1.63 3.00
CA CYS A 54 13.74 -3.08 2.83
C CYS A 54 13.38 -3.40 1.39
N ALA A 55 12.20 -2.99 0.95
CA ALA A 55 11.74 -3.32 -0.39
C ALA A 55 12.64 -2.71 -1.46
N GLY A 56 12.89 -1.42 -1.37
CA GLY A 56 13.70 -0.76 -2.38
C GLY A 56 12.81 -0.44 -3.58
N LEU A 57 11.93 0.54 -3.40
CA LEU A 57 10.98 0.98 -4.44
C LEU A 57 9.68 0.15 -4.34
N PRO A 58 8.88 0.41 -3.35
CA PRO A 58 7.58 -0.33 -3.11
C PRO A 58 6.65 -0.42 -4.33
N GLY A 59 6.67 0.58 -5.19
CA GLY A 59 5.78 0.53 -6.35
C GLY A 59 6.08 -0.73 -7.16
N VAL A 60 7.34 -0.88 -7.61
CA VAL A 60 7.75 -2.08 -8.34
C VAL A 60 8.30 -3.06 -7.32
N ILE A 61 8.51 -4.33 -7.70
CA ILE A 61 9.02 -5.38 -6.79
C ILE A 61 7.94 -6.39 -6.50
N HIS A 62 8.25 -7.66 -6.73
CA HIS A 62 7.31 -8.74 -6.49
C HIS A 62 8.07 -9.94 -5.91
N THR A 63 7.56 -10.52 -4.84
CA THR A 63 8.21 -11.66 -4.20
C THR A 63 7.65 -12.97 -4.76
N PRO A 64 8.47 -13.85 -5.30
CA PRO A 64 7.97 -15.14 -5.87
C PRO A 64 7.04 -15.88 -4.92
N ALA A 65 7.34 -15.86 -3.61
CA ALA A 65 6.54 -16.59 -2.62
C ALA A 65 5.95 -15.69 -1.56
N ARG A 66 4.68 -15.38 -1.70
CA ARG A 66 4.01 -14.51 -0.72
C ARG A 66 2.64 -15.02 -0.34
N ARG A 67 2.26 -14.64 0.88
CA ARG A 67 0.96 -15.04 1.45
C ARG A 67 -0.17 -14.46 0.57
N GLY A 68 0.12 -14.30 -0.72
CA GLY A 68 -0.84 -13.80 -1.67
C GLY A 68 -0.98 -12.29 -1.51
N PHE A 69 -0.73 -11.81 -0.30
CA PHE A 69 -0.88 -10.39 -0.02
C PHE A 69 -0.33 -10.07 1.38
N PHE A 70 -0.28 -8.74 1.69
CA PHE A 70 0.19 -8.15 3.00
C PHE A 70 1.28 -7.11 2.72
N ARG A 71 0.93 -5.81 2.78
CA ARG A 71 1.88 -4.68 2.56
C ARG A 71 1.60 -4.00 1.23
N CYS A 72 2.11 -2.79 1.06
CA CYS A 72 1.89 -2.05 -0.18
C CYS A 72 0.42 -1.67 -0.24
N ASN A 73 -0.01 -0.72 0.60
CA ASN A 73 -1.39 -0.27 0.62
C ASN A 73 -1.41 1.22 1.00
N PRO A 74 -2.22 2.05 0.38
CA PRO A 74 -2.26 3.52 0.75
C PRO A 74 -2.53 3.73 2.24
N GLU A 75 -1.55 3.44 3.09
CA GLU A 75 -1.71 3.64 4.52
C GLU A 75 -2.90 2.85 5.04
N ARG A 76 -3.53 2.06 4.18
CA ARG A 76 -4.67 1.24 4.59
C ARG A 76 -4.17 -0.06 5.18
N ILE A 77 -4.81 -0.52 6.23
CA ILE A 77 -4.37 -1.74 6.89
C ILE A 77 -4.52 -3.00 6.01
N GLN A 78 -3.56 -3.86 6.25
CA GLN A 78 -3.48 -5.13 5.53
C GLN A 78 -4.55 -6.12 6.03
N ILE A 79 -5.80 -5.98 5.53
CA ILE A 79 -6.90 -6.91 5.86
C ILE A 79 -7.87 -7.01 4.68
N GLY A 80 -8.62 -8.12 4.59
CA GLY A 80 -9.59 -8.30 3.51
C GLY A 80 -9.08 -9.34 2.53
N ASP A 81 -7.87 -9.79 2.80
CA ASP A 81 -7.23 -10.81 1.98
C ASP A 81 -7.75 -12.20 2.36
N TRP A 82 -8.62 -12.74 1.52
CA TRP A 82 -9.25 -14.04 1.78
C TRP A 82 -8.48 -15.24 1.21
N ARG A 83 -9.01 -16.37 1.62
CA ARG A 83 -8.44 -17.68 1.27
C ARG A 83 -8.79 -18.15 -0.16
N TYR A 84 -10.07 -18.30 -0.43
CA TYR A 84 -10.59 -18.75 -1.75
C TYR A 84 -10.92 -17.59 -2.69
N GLU A 85 -10.89 -16.40 -2.16
CA GLU A 85 -11.21 -15.22 -2.94
C GLU A 85 -10.06 -14.82 -3.84
N VAL A 86 -8.88 -15.35 -3.60
CA VAL A 86 -7.72 -14.91 -4.38
C VAL A 86 -8.05 -14.90 -5.86
N ALA A 87 -8.49 -16.01 -6.40
CA ALA A 87 -8.79 -16.04 -7.80
C ALA A 87 -9.96 -15.13 -8.09
N HIS A 88 -11.06 -15.33 -7.35
CA HIS A 88 -12.25 -14.49 -7.57
C HIS A 88 -11.86 -13.01 -7.59
N ASP A 89 -11.24 -12.57 -6.52
CA ASP A 89 -10.80 -11.17 -6.45
C ASP A 89 -9.59 -10.96 -7.36
N GLY A 90 -8.60 -11.83 -7.29
CA GLY A 90 -7.43 -11.72 -8.14
C GLY A 90 -7.79 -12.06 -9.58
N ARG A 91 -9.04 -11.84 -9.91
CA ARG A 91 -9.55 -12.01 -11.25
C ARG A 91 -9.01 -10.84 -12.07
N LEU A 92 -8.16 -9.99 -11.42
CA LEU A 92 -7.63 -8.78 -12.08
C LEU A 92 -7.45 -9.08 -13.57
N LEU A 93 -7.19 -10.33 -13.86
CA LEU A 93 -7.04 -10.70 -15.26
C LEU A 93 -8.37 -10.41 -15.97
N ALA A 94 -9.44 -11.12 -15.55
CA ALA A 94 -10.75 -10.84 -16.12
C ALA A 94 -11.27 -9.60 -15.41
N ALA A 95 -11.70 -9.79 -14.17
CA ALA A 95 -12.22 -8.73 -13.30
C ALA A 95 -11.40 -7.45 -13.33
N HIS A 96 -10.37 -7.38 -14.18
CA HIS A 96 -9.50 -6.21 -14.26
C HIS A 96 -10.24 -4.93 -13.88
N MET A 97 -11.20 -4.50 -14.68
CA MET A 97 -11.95 -3.31 -14.32
C MET A 97 -12.82 -3.61 -13.11
N VAL A 98 -13.56 -4.72 -13.17
CA VAL A 98 -14.48 -5.07 -12.09
C VAL A 98 -13.86 -4.84 -10.71
N ASN A 99 -12.56 -5.19 -10.47
CA ASN A 99 -11.91 -4.96 -9.13
C ASN A 99 -12.41 -3.69 -8.44
N GLY A 100 -13.09 -2.89 -9.22
CA GLY A 100 -13.73 -1.70 -8.72
C GLY A 100 -14.46 -2.06 -7.42
N ILE A 101 -14.76 -3.35 -7.24
CA ILE A 101 -15.41 -3.79 -6.02
C ILE A 101 -14.38 -3.72 -4.88
N VAL A 102 -13.28 -4.41 -5.13
CA VAL A 102 -12.20 -4.50 -4.14
C VAL A 102 -12.17 -3.15 -3.38
N ILE A 103 -12.47 -2.05 -4.12
CA ILE A 103 -12.56 -0.71 -3.55
C ILE A 103 -14.01 -0.29 -3.24
N ALA A 104 -14.97 -0.74 -4.05
CA ALA A 104 -16.39 -0.40 -3.83
C ALA A 104 -17.09 -1.32 -2.82
N GLU A 105 -16.43 -2.41 -2.43
CA GLU A 105 -17.04 -3.35 -1.52
C GLU A 105 -16.74 -3.00 -0.05
N ASP A 106 -15.51 -3.23 0.43
CA ASP A 106 -15.17 -2.94 1.83
C ASP A 106 -14.61 -1.54 2.06
N ALA A 107 -14.16 -0.85 1.01
CA ALA A 107 -13.55 0.47 1.25
C ALA A 107 -14.47 1.33 2.12
N LEU A 108 -15.77 1.31 1.87
CA LEU A 108 -16.71 2.11 2.66
C LEU A 108 -16.32 2.10 4.16
N ILE A 109 -15.81 0.96 4.63
CA ILE A 109 -15.40 0.88 6.03
C ILE A 109 -14.08 1.65 6.24
N ALA A 110 -13.20 1.65 5.23
CA ALA A 110 -11.93 2.36 5.29
C ALA A 110 -12.01 3.74 4.65
N GLU A 111 -12.91 3.93 3.69
CA GLU A 111 -13.04 5.20 3.00
C GLU A 111 -13.34 6.31 4.00
N ALA A 112 -13.81 5.92 5.17
CA ALA A 112 -14.09 6.89 6.23
C ALA A 112 -12.76 7.37 6.78
N VAL A 113 -11.74 6.77 6.18
CA VAL A 113 -10.36 7.09 6.46
C VAL A 113 -9.87 8.04 5.38
N GLY A 114 -10.76 8.96 4.89
CA GLY A 114 -10.37 9.95 3.92
C GLY A 114 -9.20 10.78 4.41
N PRO A 115 -8.98 10.95 5.73
CA PRO A 115 -7.76 11.65 6.27
C PRO A 115 -6.48 11.36 5.46
N HIS A 116 -6.58 10.61 4.38
CA HIS A 116 -5.45 10.29 3.57
C HIS A 116 -4.69 11.59 3.34
N LEU A 117 -5.39 12.74 3.35
CA LEU A 117 -4.70 14.01 3.21
C LEU A 117 -3.69 14.09 4.37
N ALA A 118 -4.16 13.89 5.59
CA ALA A 118 -3.26 13.97 6.73
C ALA A 118 -2.06 13.09 6.42
N ARG A 119 -2.31 11.85 6.05
CA ARG A 119 -1.23 10.94 5.69
C ARG A 119 -0.51 11.46 4.44
N ALA A 120 -1.27 12.15 3.58
CA ALA A 120 -0.68 12.63 2.30
C ALA A 120 0.57 13.35 2.67
N LEU A 121 0.42 14.14 3.68
CA LEU A 121 1.51 14.96 4.19
C LEU A 121 2.86 14.12 4.00
N GLY A 122 2.71 12.79 3.95
CA GLY A 122 3.85 11.89 3.59
C GLY A 122 3.91 11.64 2.06
N GLN A 123 2.76 11.23 1.51
CA GLN A 123 2.58 10.99 0.11
C GLN A 123 2.45 12.35 -0.55
N ILE A 124 2.70 13.39 0.27
CA ILE A 124 2.66 14.75 -0.21
C ILE A 124 3.65 14.84 -1.30
N VAL A 125 4.88 14.44 -1.01
CA VAL A 125 5.88 14.50 -2.05
C VAL A 125 5.39 13.69 -3.24
N CYS A 126 5.16 12.41 -3.04
CA CYS A 126 4.76 11.54 -4.12
C CYS A 126 3.56 12.13 -4.87
N ARG A 127 2.81 12.97 -4.17
CA ARG A 127 1.61 13.66 -4.73
C ARG A 127 1.98 14.96 -5.46
N TYR A 128 2.75 15.74 -4.75
CA TYR A 128 3.29 17.04 -5.15
C TYR A 128 4.70 16.84 -5.71
N GLY A 129 5.03 15.65 -6.20
CA GLY A 129 6.35 15.43 -6.78
C GLY A 129 6.25 14.16 -7.60
N ALA A 130 6.59 13.04 -6.98
CA ALA A 130 6.53 11.74 -7.62
C ALA A 130 7.59 11.56 -8.72
N THR A 131 8.89 11.58 -8.38
CA THR A 131 9.92 11.40 -9.43
C THR A 131 10.03 9.90 -9.79
N VAL A 132 10.34 9.08 -8.79
CA VAL A 132 10.53 7.65 -9.01
C VAL A 132 9.26 7.05 -9.60
N ILE A 133 8.15 7.45 -9.01
CA ILE A 133 6.84 6.97 -9.47
C ILE A 133 6.82 6.93 -11.04
N PRO A 134 6.98 8.04 -11.71
CA PRO A 134 7.09 8.09 -13.21
C PRO A 134 8.08 7.05 -13.79
N ASN A 135 9.19 6.79 -13.11
CA ASN A 135 10.17 5.85 -13.66
C ASN A 135 9.57 4.44 -13.67
N ILE A 136 9.36 3.86 -12.50
CA ILE A 136 8.81 2.51 -12.42
C ILE A 136 7.59 2.42 -13.32
N ASN A 137 7.03 3.59 -13.51
CA ASN A 137 5.80 3.67 -14.30
C ASN A 137 6.11 3.14 -15.67
N ALA A 138 7.15 3.67 -16.33
CA ALA A 138 7.49 3.21 -17.66
C ALA A 138 7.75 1.71 -17.70
N ALA A 139 8.29 1.12 -16.62
CA ALA A 139 8.53 -0.34 -16.61
C ALA A 139 7.22 -1.08 -16.34
N ILE A 140 6.54 -0.59 -15.33
CA ILE A 140 5.27 -1.22 -14.93
C ILE A 140 4.37 -1.29 -16.17
N GLU A 141 4.24 -0.12 -16.77
CA GLU A 141 3.41 0.03 -17.97
C GLU A 141 3.71 -1.14 -18.91
N VAL A 142 4.93 -1.18 -19.38
CA VAL A 142 5.33 -2.27 -20.29
C VAL A 142 5.15 -3.63 -19.58
N LEU A 143 5.71 -3.76 -18.37
CA LEU A 143 5.60 -5.05 -17.68
C LEU A 143 4.11 -5.42 -17.66
N GLY A 144 3.30 -4.72 -16.87
CA GLY A 144 1.88 -5.05 -16.83
C GLY A 144 1.18 -4.68 -18.15
N THR A 145 0.92 -3.38 -18.23
CA THR A 145 0.25 -2.73 -19.39
C THR A 145 -0.40 -1.41 -19.01
N GLY A 146 -0.89 -1.34 -17.77
CA GLY A 146 -1.60 -0.14 -17.29
C GLY A 146 -3.10 -0.41 -17.41
N THR A 147 -3.40 -1.36 -18.28
CA THR A 147 -4.81 -1.78 -18.49
C THR A 147 -5.40 -1.95 -17.09
N ASP A 148 -5.97 -0.86 -16.57
CA ASP A 148 -6.56 -0.89 -15.24
C ASP A 148 -7.51 0.28 -15.01
N TYR A 149 -8.23 0.23 -13.89
CA TYR A 149 -9.12 1.32 -13.50
C TYR A 149 -9.06 1.47 -11.98
N ARG A 150 -9.11 2.72 -11.50
CA ARG A 150 -9.07 3.00 -10.07
C ARG A 150 -9.89 4.26 -9.76
N PHE A 151 -10.51 4.29 -8.58
CA PHE A 151 -11.32 5.44 -8.17
C PHE A 151 -10.70 6.75 -8.65
O1 MTN B . 6.94 -8.85 7.40
N1 MTN B . 7.89 -8.91 6.55
C1 MTN B . 8.10 -10.08 5.66
C2 MTN B . 9.31 -9.61 4.92
C3 MTN B . 9.74 -8.42 5.27
C4 MTN B . 10.94 -7.75 4.66
S1 MTN B . 10.96 -5.93 4.77
C5 MTN B . 8.89 -7.81 6.38
C6 MTN B . 9.70 -7.49 7.63
C7 MTN B . 8.15 -6.56 5.88
C8 MTN B . 8.39 -11.37 6.42
C9 MTN B . 6.94 -10.26 4.69
H2 MTN B . 9.78 -10.21 4.14
H41 MTN B . 10.98 -8.01 3.62
H42 MTN B . 11.83 -8.13 5.16
H61 MTN B . 10.23 -8.38 7.96
H62 MTN B . 9.05 -7.16 8.42
H63 MTN B . 10.42 -6.70 7.41
H71 MTN B . 8.02 -6.61 4.81
H72 MTN B . 8.70 -5.66 6.11
H73 MTN B . 7.18 -6.51 6.36
H81 MTN B . 8.55 -12.17 5.71
H82 MTN B . 7.55 -11.61 7.05
H83 MTN B . 9.27 -11.24 7.02
H91 MTN B . 6.02 -10.35 5.26
H92 MTN B . 6.88 -9.41 4.03
H93 MTN B . 7.08 -11.15 4.12
O1 MTN C . -2.94 -3.72 -4.37
N1 MTN C . -1.73 -4.04 -4.17
C1 MTN C . -1.34 -5.15 -3.27
C2 MTN C . 0.14 -5.07 -3.40
C3 MTN C . 0.55 -4.11 -4.23
C4 MTN C . 1.99 -3.80 -4.54
S1 MTN C . 2.44 -2.06 -4.29
C5 MTN C . -0.60 -3.33 -4.82
C6 MTN C . -0.55 -1.83 -4.58
C7 MTN C . -0.68 -3.64 -6.33
C8 MTN C . -1.81 -4.96 -1.83
C9 MTN C . -1.85 -6.46 -3.84
H2 MTN C . 0.81 -5.73 -2.88
H41 MTN C . 2.15 -4.05 -5.58
H42 MTN C . 2.61 -4.42 -3.92
H61 MTN C . 0.09 -1.35 -5.31
H62 MTN C . -1.55 -1.41 -4.66
H63 MTN C . -0.16 -1.63 -3.59
H71 MTN C . -1.55 -3.16 -6.76
H72 MTN C . 0.21 -3.28 -6.82
H73 MTN C . -0.76 -4.71 -6.48
H81 MTN C . -1.25 -5.61 -1.18
H82 MTN C . -2.86 -5.20 -1.76
H83 MTN C . -1.66 -3.94 -1.54
H91 MTN C . -1.53 -6.57 -4.86
H92 MTN C . -2.93 -6.48 -3.79
H93 MTN C . -1.45 -7.28 -3.25
O1 MTN D . -3.35 10.51 -7.44
N1 MTN D . -2.22 10.29 -6.91
C1 MTN D . -0.96 10.87 -7.44
C2 MTN D . 0.00 10.31 -6.47
C3 MTN D . -0.54 9.54 -5.55
C4 MTN D . 0.19 8.83 -4.47
S1 MTN D . 1.44 9.85 -3.66
C5 MTN D . -2.04 9.43 -5.71
C6 MTN D . -2.52 7.99 -5.88
C7 MTN D . -2.75 10.10 -4.54
C8 MTN D . -0.65 10.43 -8.87
C9 MTN D . -1.02 12.39 -7.34
H2 MTN D . 1.06 10.52 -6.51
H41 MTN D . 0.69 7.99 -4.91
H42 MTN D . -0.52 8.49 -3.74
H61 MTN D . -2.28 7.43 -4.99
H62 MTN D . -2.03 7.54 -6.73
H63 MTN D . -3.59 7.98 -6.03
H71 MTN D . -2.36 11.10 -4.39
H72 MTN D . -2.60 9.53 -3.64
H73 MTN D . -3.81 10.17 -4.75
H81 MTN D . -1.40 10.80 -9.54
H82 MTN D . -0.62 9.35 -8.91
H83 MTN D . 0.32 10.83 -9.17
H91 MTN D . -1.43 12.66 -6.38
H92 MTN D . -1.64 12.77 -8.12
H93 MTN D . -0.03 12.80 -7.43
N MET A 25 8.51 -3.73 32.25
CA MET A 25 7.21 -4.45 32.37
C MET A 25 7.06 -5.38 31.17
N SER A 26 5.82 -5.75 30.89
CA SER A 26 5.52 -6.63 29.76
C SER A 26 5.66 -5.88 28.44
N ASP A 27 6.13 -4.62 28.51
CA ASP A 27 6.32 -3.77 27.32
C ASP A 27 6.11 -2.29 27.66
N PHE A 28 7.00 -1.44 27.17
CA PHE A 28 6.88 -0.01 27.41
C PHE A 28 7.57 0.78 26.31
N ASP A 29 7.05 1.96 26.03
CA ASP A 29 7.63 2.82 25.00
C ASP A 29 7.39 4.28 25.32
N THR A 30 8.33 5.16 24.94
CA THR A 30 8.21 6.59 25.23
C THR A 30 8.00 7.39 23.94
N GLU A 31 8.22 8.67 24.03
CA GLU A 31 8.05 9.53 22.89
C GLU A 31 8.87 8.99 21.73
N ARG A 32 10.08 8.59 22.01
CA ARG A 32 10.87 8.01 20.95
C ARG A 32 10.36 6.62 20.58
N VAL A 33 10.39 5.74 21.54
CA VAL A 33 9.92 4.41 21.24
C VAL A 33 8.46 4.45 20.83
N SER A 34 7.62 5.08 21.60
CA SER A 34 6.20 5.12 21.25
C SER A 34 5.91 5.98 20.03
N ARG A 35 6.12 7.28 20.13
CA ARG A 35 5.80 8.20 19.04
C ARG A 35 6.63 7.89 17.79
N ALA A 36 7.91 7.64 17.97
CA ALA A 36 8.72 7.33 16.79
C ALA A 36 8.37 5.98 16.24
N VAL A 37 8.52 4.95 17.07
CA VAL A 37 8.19 3.64 16.61
C VAL A 37 6.75 3.67 16.18
N ALA A 38 5.87 4.16 17.02
CA ALA A 38 4.50 4.14 16.55
C ALA A 38 4.28 4.98 15.31
N ALA A 39 4.42 6.29 15.45
CA ALA A 39 4.20 7.16 14.30
C ALA A 39 4.99 6.65 13.12
N ALA A 40 6.27 6.50 13.29
CA ALA A 40 7.06 6.01 12.19
C ALA A 40 6.66 4.57 11.79
N LEU A 41 6.77 3.66 12.75
CA LEU A 41 6.47 2.24 12.46
C LEU A 41 5.08 2.14 11.90
N VAL A 42 4.11 2.66 12.64
CA VAL A 42 2.73 2.62 12.20
C VAL A 42 2.52 3.57 11.04
N GLY A 43 2.80 4.84 11.26
CA GLY A 43 2.59 5.84 10.26
C GLY A 43 3.37 5.52 9.02
N PRO A 44 3.49 6.47 8.15
CA PRO A 44 4.18 6.27 6.87
C PRO A 44 5.69 6.34 6.98
N GLY A 45 6.21 7.06 7.98
CA GLY A 45 7.68 7.19 8.10
C GLY A 45 8.34 5.85 8.34
N GLY A 46 8.00 5.15 9.39
CA GLY A 46 8.69 3.88 9.59
C GLY A 46 8.46 3.04 8.35
N VAL A 47 7.19 2.89 8.04
CA VAL A 47 6.84 2.14 6.85
C VAL A 47 7.61 2.73 5.68
N ALA A 48 7.89 4.05 5.74
CA ALA A 48 8.63 4.68 4.64
C ALA A 48 10.03 4.10 4.52
N LEU A 49 10.87 4.28 5.53
CA LEU A 49 12.24 3.81 5.42
C LEU A 49 12.31 2.31 5.24
N VAL A 50 11.57 1.57 6.06
CA VAL A 50 11.63 0.13 5.99
C VAL A 50 11.23 -0.34 4.61
N VAL A 51 10.00 -0.04 4.21
CA VAL A 51 9.53 -0.51 2.93
C VAL A 51 10.51 -0.06 1.85
N LYS A 52 11.04 1.13 2.02
CA LYS A 52 11.95 1.66 1.02
C LYS A 52 13.21 0.85 0.95
N VAL A 53 13.86 0.73 2.09
CA VAL A 53 15.12 0.01 2.16
C VAL A 53 14.93 -1.43 1.79
N CYS A 54 13.94 -2.07 2.41
CA CYS A 54 13.70 -3.47 2.13
C CYS A 54 13.28 -3.63 0.69
N ALA A 55 12.14 -3.03 0.34
CA ALA A 55 11.60 -3.20 -0.98
C ALA A 55 12.63 -2.88 -2.03
N GLY A 56 13.32 -1.77 -1.81
CA GLY A 56 14.33 -1.36 -2.74
C GLY A 56 13.71 -0.99 -4.06
N LEU A 57 12.95 0.09 -4.00
CA LEU A 57 12.23 0.61 -5.15
C LEU A 57 10.91 -0.18 -5.28
N PRO A 58 9.79 0.39 -4.91
CA PRO A 58 8.46 -0.31 -4.97
C PRO A 58 8.18 -1.00 -6.31
N GLY A 59 8.86 -0.61 -7.38
CA GLY A 59 8.54 -1.22 -8.68
C GLY A 59 8.92 -2.68 -8.73
N VAL A 60 10.20 -2.99 -8.60
CA VAL A 60 10.63 -4.37 -8.66
C VAL A 60 10.33 -5.02 -7.33
N ILE A 61 11.09 -6.05 -6.99
CA ILE A 61 10.94 -6.75 -5.72
C ILE A 61 9.69 -7.61 -5.71
N HIS A 62 9.73 -8.77 -6.36
CA HIS A 62 8.57 -9.64 -6.37
C HIS A 62 9.01 -11.06 -6.22
N THR A 63 8.31 -11.80 -5.38
CA THR A 63 8.68 -13.19 -5.14
C THR A 63 7.57 -14.11 -5.63
N PRO A 64 7.89 -15.14 -6.38
CA PRO A 64 6.87 -16.11 -6.89
C PRO A 64 6.14 -16.83 -5.75
N ALA A 65 6.70 -16.77 -4.54
CA ALA A 65 6.10 -17.39 -3.36
C ALA A 65 5.99 -16.39 -2.22
N ARG A 66 4.85 -16.35 -1.54
CA ARG A 66 4.70 -15.42 -0.41
C ARG A 66 3.37 -15.65 0.31
N ARG A 67 3.17 -14.95 1.43
CA ARG A 67 1.93 -15.10 2.15
C ARG A 67 0.79 -14.74 1.20
N GLY A 68 0.93 -13.62 0.45
CA GLY A 68 -0.10 -13.17 -0.51
C GLY A 68 -0.62 -11.75 -0.22
N PHE A 69 -0.54 -11.34 1.02
CA PHE A 69 -1.00 -10.01 1.40
C PHE A 69 -0.32 -9.63 2.67
N PHE A 70 -0.43 -8.35 3.02
CA PHE A 70 0.15 -7.78 4.25
C PHE A 70 1.36 -6.89 3.93
N ARG A 71 1.24 -5.60 4.24
CA ARG A 71 2.32 -4.61 4.02
C ARG A 71 2.20 -3.96 2.64
N CYS A 72 2.78 -2.77 2.49
CA CYS A 72 2.75 -2.06 1.22
C CYS A 72 1.32 -1.78 0.82
N ASN A 73 0.68 -0.91 1.57
CA ASN A 73 -0.70 -0.55 1.27
C ASN A 73 -0.94 0.89 1.71
N PRO A 74 -1.97 1.54 1.16
CA PRO A 74 -2.37 2.94 1.54
C PRO A 74 -2.50 3.18 3.07
N GLU A 75 -1.43 2.85 3.80
CA GLU A 75 -1.39 3.06 5.24
C GLU A 75 -2.71 2.66 5.92
N ARG A 76 -3.12 1.40 5.73
CA ARG A 76 -4.35 0.92 6.35
C ARG A 76 -4.33 -0.59 6.51
N ILE A 77 -5.30 -1.11 7.26
CA ILE A 77 -5.44 -2.56 7.42
C ILE A 77 -6.22 -3.12 6.23
N GLN A 78 -6.22 -4.44 6.06
CA GLN A 78 -6.95 -5.06 4.96
C GLN A 78 -7.74 -6.27 5.48
N ILE A 79 -9.00 -6.39 5.07
CA ILE A 79 -9.84 -7.52 5.49
C ILE A 79 -10.78 -7.93 4.35
N GLY A 80 -11.21 -9.19 4.32
CA GLY A 80 -12.10 -9.65 3.25
C GLY A 80 -11.31 -10.49 2.25
N ASP A 81 -10.02 -10.72 2.57
CA ASP A 81 -9.13 -11.47 1.70
C ASP A 81 -9.02 -12.96 2.07
N TRP A 82 -9.53 -13.77 1.13
CA TRP A 82 -9.48 -15.22 1.21
C TRP A 82 -8.14 -15.71 0.70
N ARG A 83 -7.96 -17.03 0.64
CA ARG A 83 -6.70 -17.63 0.16
C ARG A 83 -6.81 -17.97 -1.35
N TYR A 84 -7.82 -18.74 -1.68
CA TYR A 84 -8.13 -19.16 -3.06
C TYR A 84 -8.73 -17.99 -3.83
N GLU A 85 -8.99 -16.88 -3.18
CA GLU A 85 -9.56 -15.73 -3.87
C GLU A 85 -8.59 -15.12 -4.85
N VAL A 86 -7.33 -15.44 -4.69
CA VAL A 86 -6.29 -14.80 -5.50
C VAL A 86 -6.75 -14.72 -6.94
N ALA A 87 -7.23 -15.80 -7.46
CA ALA A 87 -7.76 -15.81 -8.78
C ALA A 87 -8.99 -14.91 -8.82
N HIS A 88 -9.85 -15.06 -7.81
CA HIS A 88 -11.05 -14.23 -7.77
C HIS A 88 -10.68 -12.73 -7.80
N ASP A 89 -9.94 -12.25 -6.79
CA ASP A 89 -9.55 -10.84 -6.76
C ASP A 89 -8.65 -10.53 -7.96
N GLY A 90 -7.66 -11.38 -8.16
CA GLY A 90 -6.72 -11.19 -9.25
C GLY A 90 -7.41 -11.26 -10.60
N ARG A 91 -8.69 -10.88 -10.60
CA ARG A 91 -9.47 -10.80 -11.80
C ARG A 91 -9.24 -9.50 -12.56
N LEU A 92 -8.60 -8.53 -11.88
CA LEU A 92 -8.31 -7.25 -12.54
C LEU A 92 -7.88 -7.56 -13.97
N LEU A 93 -7.27 -8.71 -14.16
CA LEU A 93 -6.89 -9.05 -15.51
C LEU A 93 -8.18 -9.23 -16.35
N ALA A 94 -8.98 -10.26 -16.03
CA ALA A 94 -10.21 -10.50 -16.77
C ALA A 94 -11.26 -9.49 -16.32
N ALA A 95 -11.79 -9.73 -15.14
CA ALA A 95 -12.84 -8.90 -14.54
C ALA A 95 -12.39 -7.45 -14.41
N HIS A 96 -11.28 -7.12 -15.09
CA HIS A 96 -10.62 -5.81 -15.02
C HIS A 96 -11.44 -4.76 -14.31
N MET A 97 -12.45 -4.26 -14.95
CA MET A 97 -13.24 -3.23 -14.32
C MET A 97 -13.91 -3.75 -13.06
N VAL A 98 -14.45 -4.96 -13.10
CA VAL A 98 -15.19 -5.47 -11.96
C VAL A 98 -14.45 -5.16 -10.66
N ASN A 99 -13.15 -5.46 -10.58
CA ASN A 99 -12.38 -5.19 -9.35
C ASN A 99 -12.78 -3.85 -8.74
N GLY A 100 -13.35 -3.03 -9.57
CA GLY A 100 -13.82 -1.71 -9.17
C GLY A 100 -14.56 -1.83 -7.83
N ILE A 101 -14.99 -3.05 -7.51
CA ILE A 101 -15.73 -3.31 -6.27
C ILE A 101 -14.75 -3.58 -5.16
N VAL A 102 -13.78 -4.46 -5.48
CA VAL A 102 -12.81 -4.87 -4.51
C VAL A 102 -12.44 -3.66 -3.65
N ILE A 103 -12.41 -2.49 -4.26
CA ILE A 103 -12.08 -1.26 -3.54
C ILE A 103 -13.34 -0.65 -2.91
N ALA A 104 -14.49 -0.95 -3.46
CA ALA A 104 -15.77 -0.44 -2.95
C ALA A 104 -16.16 -1.15 -1.65
N GLU A 105 -15.46 -2.21 -1.31
CA GLU A 105 -15.71 -2.93 -0.05
C GLU A 105 -14.45 -2.96 0.82
N ASP A 106 -13.40 -3.59 0.30
CA ASP A 106 -12.15 -3.70 1.04
C ASP A 106 -11.63 -2.31 1.35
N ALA A 107 -11.31 -1.54 0.32
CA ALA A 107 -10.72 -0.24 0.55
C ALA A 107 -11.63 0.59 1.43
N LEU A 108 -12.93 0.45 1.20
CA LEU A 108 -13.92 1.27 1.89
C LEU A 108 -13.48 1.63 3.29
N ILE A 109 -12.77 0.74 3.95
CA ILE A 109 -12.29 1.02 5.30
C ILE A 109 -11.73 2.44 5.36
N ALA A 110 -11.41 3.03 4.20
CA ALA A 110 -10.86 4.38 4.20
C ALA A 110 -11.86 5.34 4.81
N GLU A 111 -13.06 5.42 4.24
CA GLU A 111 -14.09 6.35 4.72
C GLU A 111 -14.02 6.48 6.25
N ALA A 112 -13.47 5.46 6.90
CA ALA A 112 -13.30 5.48 8.35
C ALA A 112 -11.84 5.80 8.67
N VAL A 113 -10.93 5.17 7.92
CA VAL A 113 -9.49 5.39 8.05
C VAL A 113 -9.03 6.34 6.95
N GLY A 114 -9.88 7.35 6.63
CA GLY A 114 -9.57 8.35 5.64
C GLY A 114 -8.34 9.19 6.03
N PRO A 115 -7.88 9.20 7.31
CA PRO A 115 -6.57 9.84 7.76
C PRO A 115 -5.47 9.77 6.69
N HIS A 116 -5.80 9.19 5.55
CA HIS A 116 -4.89 9.12 4.45
C HIS A 116 -4.34 10.51 4.20
N LEU A 117 -5.10 11.57 4.50
CA LEU A 117 -4.55 12.92 4.32
C LEU A 117 -3.35 13.05 5.23
N ALA A 118 -3.56 12.90 6.53
CA ALA A 118 -2.46 13.03 7.44
C ALA A 118 -1.28 12.24 6.88
N ARG A 119 -1.53 11.00 6.53
CA ARG A 119 -0.50 10.21 5.93
C ARG A 119 -0.05 10.87 4.62
N ALA A 120 -0.93 11.66 4.02
CA ALA A 120 -0.57 12.35 2.75
C ALA A 120 0.65 13.17 3.03
N LEU A 121 0.57 13.98 4.08
CA LEU A 121 1.68 14.84 4.45
C LEU A 121 3.00 14.04 4.14
N GLY A 122 2.90 12.74 4.23
CA GLY A 122 4.01 11.85 3.85
C GLY A 122 4.06 11.64 2.32
N GLN A 123 2.92 11.22 1.79
CA GLN A 123 2.75 11.00 0.38
C GLN A 123 2.53 12.34 -0.30
N ILE A 124 2.70 13.44 0.45
CA ILE A 124 2.53 14.75 -0.12
C ILE A 124 3.51 14.93 -1.24
N VAL A 125 4.76 14.66 -0.98
CA VAL A 125 5.71 14.79 -2.07
C VAL A 125 5.20 13.93 -3.21
N CYS A 126 5.02 12.63 -2.92
CA CYS A 126 4.56 11.72 -3.96
C CYS A 126 3.41 12.35 -4.72
N ARG A 127 2.71 13.27 -4.08
CA ARG A 127 1.59 13.97 -4.72
C ARG A 127 2.00 15.22 -5.50
N TYR A 128 2.85 15.98 -4.86
CA TYR A 128 3.44 17.24 -5.33
C TYR A 128 4.84 17.00 -5.88
N GLY A 129 5.17 15.78 -6.23
CA GLY A 129 6.48 15.57 -6.80
C GLY A 129 6.58 14.23 -7.50
N ALA A 130 5.52 13.41 -7.33
CA ALA A 130 5.44 12.07 -7.91
C ALA A 130 6.48 11.84 -9.01
N THR A 131 7.75 11.92 -8.63
CA THR A 131 8.84 11.74 -9.60
C THR A 131 9.40 10.32 -9.49
N VAL A 132 8.87 9.53 -8.53
CA VAL A 132 9.36 8.18 -8.31
C VAL A 132 8.67 7.20 -9.24
N ILE A 133 7.34 7.15 -9.19
CA ILE A 133 6.55 6.27 -10.02
C ILE A 133 6.98 6.34 -11.47
N PRO A 134 7.14 7.53 -12.03
CA PRO A 134 7.39 7.66 -13.48
C PRO A 134 8.35 6.63 -14.03
N ASN A 135 9.37 6.31 -13.30
CA ASN A 135 10.35 5.37 -13.82
C ASN A 135 9.70 3.99 -14.01
N ILE A 136 9.38 3.38 -12.89
CA ILE A 136 8.80 2.03 -12.90
C ILE A 136 7.39 2.06 -13.47
N ASN A 137 6.79 3.22 -13.35
CA ASN A 137 5.40 3.38 -13.76
C ASN A 137 5.20 2.96 -15.17
N ALA A 138 5.87 3.63 -16.07
CA ALA A 138 5.78 3.33 -17.47
C ALA A 138 6.35 1.95 -17.74
N ALA A 139 7.17 1.44 -16.83
CA ALA A 139 7.73 0.12 -17.01
C ALA A 139 6.71 -0.99 -16.72
N ILE A 140 6.20 -1.07 -15.50
CA ILE A 140 5.26 -2.13 -15.16
C ILE A 140 3.93 -1.94 -15.88
N GLU A 141 3.48 -0.71 -15.94
CA GLU A 141 2.20 -0.41 -16.55
C GLU A 141 2.06 -1.10 -17.87
N VAL A 142 2.90 -0.69 -18.81
CA VAL A 142 2.87 -1.24 -20.13
C VAL A 142 2.89 -2.75 -20.04
N LEU A 143 3.24 -3.27 -18.86
CA LEU A 143 3.21 -4.70 -18.69
C LEU A 143 1.77 -5.16 -18.46
N GLY A 144 1.09 -4.72 -17.37
CA GLY A 144 -0.30 -5.21 -17.19
C GLY A 144 -1.25 -4.62 -18.22
N THR A 145 -1.76 -3.42 -17.92
CA THR A 145 -2.71 -2.74 -18.82
C THR A 145 -2.77 -1.24 -18.47
N GLY A 146 -2.34 -0.91 -17.26
CA GLY A 146 -2.30 0.47 -16.71
C GLY A 146 -3.30 0.67 -15.57
N THR A 147 -4.48 0.04 -15.64
CA THR A 147 -5.50 0.23 -14.59
C THR A 147 -4.88 0.48 -13.21
N ASP A 148 -4.71 1.75 -12.87
CA ASP A 148 -4.18 2.13 -11.56
C ASP A 148 -4.95 3.38 -11.11
N TYR A 149 -5.24 3.45 -9.83
CA TYR A 149 -6.01 4.56 -9.27
C TYR A 149 -5.66 4.73 -7.81
N ARG A 150 -5.70 5.99 -7.35
CA ARG A 150 -5.45 6.32 -5.95
C ARG A 150 -6.28 7.54 -5.52
N PHE A 151 -6.61 7.62 -4.23
CA PHE A 151 -7.40 8.75 -3.69
C PHE A 151 -6.54 9.58 -2.74
O1 MTN B . 7.74 -9.18 7.59
N1 MTN B . 7.94 -8.86 6.39
C1 MTN B . 6.92 -9.04 5.34
C2 MTN B . 7.66 -8.50 4.15
C3 MTN B . 8.89 -8.08 4.43
C4 MTN B . 9.88 -7.53 3.43
S1 MTN B . 10.22 -5.76 3.56
C5 MTN B . 9.23 -8.26 5.90
C6 MTN B . 10.49 -9.12 6.10
C7 MTN B . 9.43 -6.90 6.56
C8 MTN B . 6.58 -10.51 5.10
C9 MTN B . 5.69 -8.22 5.71
H2 MTN B . 7.25 -8.45 3.16
H41 MTN B . 9.50 -7.73 2.44
H42 MTN B . 10.81 -8.08 3.56
H61 MTN B . 10.57 -9.41 7.14
H62 MTN B . 11.37 -8.55 5.82
H63 MTN B . 10.42 -10.00 5.48
H71 MTN B . 8.56 -6.29 6.36
H72 MTN B . 10.30 -6.42 6.15
H73 MTN B . 9.55 -7.03 7.62
H81 MTN B . 5.96 -10.60 4.22
H82 MTN B . 6.06 -10.91 5.96
H83 MTN B . 7.49 -11.07 4.94
H91 MTN B . 5.87 -7.18 5.53
H92 MTN B . 4.84 -8.55 5.13
H93 MTN B . 5.48 -8.37 6.76
O1 MTN C . -2.74 -4.71 -3.71
N1 MTN C . -1.49 -4.56 -3.56
C1 MTN C . -0.61 -5.63 -3.05
C2 MTN C . 0.69 -4.93 -3.09
C3 MTN C . 0.62 -3.70 -3.54
C4 MTN C . 1.78 -2.76 -3.69
S1 MTN C . 3.30 -3.31 -2.86
C5 MTN C . -0.79 -3.30 -3.90
C6 MTN C . -1.28 -2.06 -3.16
C7 MTN C . -0.88 -3.08 -5.41
C8 MTN C . -0.96 -6.06 -1.62
C9 MTN C . -0.61 -6.82 -3.99
H2 MTN C . 1.62 -5.39 -2.78
H41 MTN C . 1.49 -1.81 -3.27
H42 MTN C . 1.97 -2.63 -4.75
H61 MTN C . -1.09 -2.18 -2.10
H62 MTN C . -0.75 -1.18 -3.52
H63 MTN C . -2.33 -1.94 -3.33
H71 MTN C . -1.90 -2.84 -5.69
H72 MTN C . -0.23 -2.27 -5.70
H73 MTN C . -0.58 -3.99 -5.92
H81 MTN C . -1.11 -5.18 -1.01
H82 MTN C . -0.16 -6.65 -1.22
H83 MTN C . -1.87 -6.65 -1.64
H91 MTN C . -0.42 -6.48 -5.00
H92 MTN C . -1.58 -7.31 -3.96
H93 MTN C . 0.16 -7.51 -3.70
O1 MTN D . -3.18 11.12 -6.40
N1 MTN D . -2.00 10.69 -6.53
C1 MTN D . -1.26 10.70 -7.81
C2 MTN D . 0.02 10.07 -7.38
C3 MTN D . 0.05 9.75 -6.10
C4 MTN D . 1.20 9.05 -5.41
S1 MTN D . 2.85 9.50 -6.00
C5 MTN D . -1.23 10.12 -5.37
C6 MTN D . -1.89 8.92 -4.69
C7 MTN D . -0.97 11.26 -4.36
C8 MTN D . -1.94 9.87 -8.90
C9 MTN D . -1.04 12.13 -8.27
H2 MTN D . 0.85 9.90 -8.05
H41 MTN D . 1.07 7.99 -5.58
H42 MTN D . 1.12 9.26 -4.35
H61 MTN D . -1.82 8.07 -5.35
H62 MTN D . -2.92 9.15 -4.48
H63 MTN D . -1.37 8.70 -3.76
H71 MTN D . 0.05 11.28 -4.05
H72 MTN D . -1.60 11.14 -3.47
H73 MTN D . -1.23 12.20 -4.81
H81 MTN D . -2.11 8.87 -8.53
H82 MTN D . -1.31 9.83 -9.76
H83 MTN D . -2.88 10.32 -9.16
H91 MTN D . -1.98 12.57 -8.56
H92 MTN D . -0.36 12.14 -9.11
H93 MTN D . -0.60 12.70 -7.46
N MET A 25 10.61 -5.85 32.36
CA MET A 25 9.29 -5.84 31.66
C MET A 25 9.34 -6.79 30.47
N SER A 26 8.16 -7.11 29.93
CA SER A 26 8.04 -8.01 28.79
C SER A 26 7.77 -7.23 27.51
N ASP A 27 7.84 -5.90 27.60
CA ASP A 27 7.62 -5.04 26.45
C ASP A 27 7.46 -3.58 26.89
N PHE A 28 8.53 -2.81 26.77
CA PHE A 28 8.49 -1.40 27.15
C PHE A 28 9.47 -0.60 26.30
N ASP A 29 9.10 0.64 25.99
CA ASP A 29 9.96 1.50 25.20
C ASP A 29 9.62 2.97 25.45
N THR A 30 10.60 3.84 25.25
CA THR A 30 10.42 5.27 25.51
C THR A 30 9.58 5.95 24.41
N GLU A 31 9.28 7.23 24.61
CA GLU A 31 8.46 8.03 23.68
C GLU A 31 9.12 8.04 22.29
N ARG A 32 10.36 8.48 22.27
CA ARG A 32 11.07 8.58 21.00
C ARG A 32 10.88 7.23 20.29
N VAL A 33 11.26 6.24 21.03
CA VAL A 33 11.17 4.87 20.55
C VAL A 33 9.69 4.52 20.32
N SER A 34 8.82 4.84 21.27
CA SER A 34 7.38 4.49 21.12
C SER A 34 6.68 5.31 20.03
N ARG A 35 6.60 6.63 20.19
CA ARG A 35 5.86 7.47 19.22
C ARG A 35 6.54 7.43 17.85
N ALA A 36 7.81 7.76 17.83
CA ALA A 36 8.52 7.76 16.55
C ALA A 36 8.24 6.40 15.89
N VAL A 37 8.46 5.33 16.66
CA VAL A 37 8.16 3.99 16.14
C VAL A 37 6.67 3.90 15.83
N ALA A 38 5.79 4.24 16.76
CA ALA A 38 4.36 4.14 16.46
C ALA A 38 4.02 5.00 15.24
N ALA A 39 4.23 6.30 15.35
CA ALA A 39 3.88 7.21 14.24
C ALA A 39 4.54 6.71 12.95
N ALA A 40 5.84 6.56 13.02
CA ALA A 40 6.60 6.11 11.86
C ALA A 40 6.10 4.70 11.44
N LEU A 41 6.13 3.81 12.42
CA LEU A 41 5.74 2.41 12.15
C LEU A 41 4.30 2.38 11.62
N VAL A 42 3.37 3.00 12.35
CA VAL A 42 1.99 3.01 11.86
C VAL A 42 1.90 3.91 10.61
N GLY A 43 2.31 5.17 10.74
CA GLY A 43 2.24 6.14 9.65
C GLY A 43 3.18 5.80 8.49
N PRO A 44 3.49 6.79 7.65
CA PRO A 44 4.35 6.60 6.44
C PRO A 44 5.87 6.56 6.70
N GLY A 45 6.31 7.26 7.74
CA GLY A 45 7.76 7.34 8.02
C GLY A 45 8.38 5.96 8.27
N GLY A 46 7.87 5.27 9.27
CA GLY A 46 8.44 3.98 9.62
C GLY A 46 8.35 3.07 8.41
N VAL A 47 7.14 2.91 7.92
CA VAL A 47 6.93 2.05 6.76
C VAL A 47 7.73 2.58 5.58
N ALA A 48 7.86 3.90 5.49
CA ALA A 48 8.63 4.44 4.37
C ALA A 48 10.04 3.84 4.40
N LEU A 49 10.81 4.09 5.48
CA LEU A 49 12.18 3.58 5.54
C LEU A 49 12.21 2.05 5.56
N VAL A 50 11.36 1.39 6.34
CA VAL A 50 11.42 -0.06 6.39
C VAL A 50 11.15 -0.64 5.01
N VAL A 51 9.98 -0.36 4.43
CA VAL A 51 9.61 -0.90 3.12
C VAL A 51 10.60 -0.46 2.03
N LYS A 52 11.04 0.78 2.11
CA LYS A 52 11.97 1.28 1.09
C LYS A 52 13.28 0.53 1.21
N VAL A 53 13.81 0.55 2.42
CA VAL A 53 15.10 -0.10 2.66
C VAL A 53 14.99 -1.60 2.45
N CYS A 54 13.98 -2.23 3.03
CA CYS A 54 13.84 -3.65 2.85
C CYS A 54 13.57 -3.97 1.38
N ALA A 55 12.46 -3.46 0.87
CA ALA A 55 12.05 -3.76 -0.49
C ALA A 55 13.01 -3.22 -1.56
N GLY A 56 13.32 -1.93 -1.51
CA GLY A 56 14.23 -1.35 -2.49
C GLY A 56 13.49 -0.95 -3.77
N LEU A 57 12.80 0.19 -3.70
CA LEU A 57 12.01 0.72 -4.82
C LEU A 57 10.76 -0.16 -5.07
N PRO A 58 9.57 0.22 -4.63
CA PRO A 58 8.33 -0.61 -4.84
C PRO A 58 8.18 -1.19 -6.25
N GLY A 59 8.99 -0.75 -7.21
CA GLY A 59 8.81 -1.27 -8.57
C GLY A 59 9.01 -2.79 -8.59
N VAL A 60 10.19 -3.24 -8.19
CA VAL A 60 10.47 -4.67 -8.18
C VAL A 60 9.94 -5.28 -6.88
N ILE A 61 10.62 -6.30 -6.34
CA ILE A 61 10.17 -6.95 -5.10
C ILE A 61 8.95 -7.81 -5.32
N HIS A 62 9.16 -8.98 -5.90
CA HIS A 62 8.07 -9.92 -6.11
C HIS A 62 8.56 -11.29 -5.70
N THR A 63 7.80 -11.96 -4.82
CA THR A 63 8.20 -13.28 -4.33
C THR A 63 7.29 -14.34 -4.92
N PRO A 64 7.78 -15.52 -5.18
CA PRO A 64 6.95 -16.59 -5.78
C PRO A 64 5.83 -17.07 -4.84
N ALA A 65 6.02 -16.90 -3.53
CA ALA A 65 5.01 -17.30 -2.56
C ALA A 65 4.70 -16.12 -1.65
N ARG A 66 3.43 -15.80 -1.45
CA ARG A 66 3.09 -14.70 -0.56
C ARG A 66 1.64 -14.86 -0.12
N ARG A 67 1.32 -14.28 1.02
CA ARG A 67 -0.03 -14.34 1.55
C ARG A 67 -1.00 -13.64 0.58
N GLY A 68 -0.56 -13.45 -0.66
CA GLY A 68 -1.39 -12.81 -1.68
C GLY A 68 -1.44 -11.30 -1.47
N PHE A 69 -1.27 -10.86 -0.23
CA PHE A 69 -1.31 -9.43 0.09
C PHE A 69 -0.51 -9.16 1.38
N PHE A 70 -0.05 -7.89 1.52
CA PHE A 70 0.74 -7.36 2.69
C PHE A 70 1.87 -6.43 2.16
N ARG A 71 1.56 -5.11 1.93
CA ARG A 71 2.53 -4.07 1.45
C ARG A 71 1.93 -3.30 0.29
N CYS A 72 2.12 -1.98 0.31
CA CYS A 72 1.60 -1.14 -0.76
C CYS A 72 0.09 -0.96 -0.56
N ASN A 73 -0.33 -0.23 0.46
CA ASN A 73 -1.76 -0.05 0.70
C ASN A 73 -1.97 1.39 1.21
N PRO A 74 -2.68 2.25 0.48
CA PRO A 74 -2.90 3.68 0.91
C PRO A 74 -3.33 3.86 2.37
N GLU A 75 -2.47 3.47 3.30
CA GLU A 75 -2.76 3.58 4.72
C GLU A 75 -3.96 2.72 5.11
N ARG A 76 -4.19 1.65 4.36
CA ARG A 76 -5.29 0.73 4.65
C ARG A 76 -4.75 -0.51 5.32
N ILE A 77 -5.42 -0.94 6.39
CA ILE A 77 -4.97 -2.08 7.15
C ILE A 77 -4.86 -3.35 6.28
N GLN A 78 -3.79 -4.07 6.53
CA GLN A 78 -3.54 -5.30 5.78
C GLN A 78 -4.64 -6.31 6.14
N ILE A 79 -5.82 -6.16 5.50
CA ILE A 79 -6.96 -7.05 5.71
C ILE A 79 -7.79 -7.14 4.41
N GLY A 80 -8.57 -8.22 4.26
CA GLY A 80 -9.41 -8.41 3.08
C GLY A 80 -8.89 -9.59 2.25
N ASP A 81 -7.79 -10.16 2.73
CA ASP A 81 -7.19 -11.30 2.05
C ASP A 81 -7.95 -12.58 2.38
N TRP A 82 -8.85 -12.97 1.49
CA TRP A 82 -9.66 -14.16 1.72
C TRP A 82 -8.98 -15.45 1.22
N ARG A 83 -9.66 -16.51 1.58
CA ARG A 83 -9.20 -17.87 1.23
C ARG A 83 -9.59 -18.29 -0.20
N TYR A 84 -10.88 -18.32 -0.44
CA TYR A 84 -11.45 -18.72 -1.75
C TYR A 84 -11.67 -17.55 -2.71
N GLU A 85 -11.61 -16.33 -2.19
CA GLU A 85 -11.82 -15.15 -3.01
C GLU A 85 -10.57 -14.81 -3.78
N VAL A 86 -9.43 -15.38 -3.40
CA VAL A 86 -8.19 -14.99 -4.06
C VAL A 86 -8.36 -14.98 -5.56
N ALA A 87 -8.82 -16.05 -6.14
CA ALA A 87 -9.01 -16.07 -7.56
C ALA A 87 -10.14 -15.11 -7.93
N HIS A 88 -11.26 -15.22 -7.19
CA HIS A 88 -12.39 -14.35 -7.47
C HIS A 88 -11.92 -12.88 -7.49
N ASP A 89 -11.35 -12.46 -6.39
CA ASP A 89 -10.82 -11.09 -6.27
C ASP A 89 -9.49 -10.94 -7.03
N GLY A 90 -8.52 -11.82 -6.78
CA GLY A 90 -7.27 -11.75 -7.50
C GLY A 90 -7.46 -12.21 -8.94
N ARG A 91 -8.69 -12.06 -9.42
CA ARG A 91 -9.01 -12.33 -10.81
C ARG A 91 -8.39 -11.22 -11.63
N LEU A 92 -7.58 -10.39 -10.95
CA LEU A 92 -6.93 -9.24 -11.60
C LEU A 92 -6.68 -9.58 -13.08
N LEU A 93 -6.47 -10.88 -13.34
CA LEU A 93 -6.26 -11.30 -14.73
C LEU A 93 -7.53 -10.99 -15.55
N ALA A 94 -8.65 -11.67 -15.24
CA ALA A 94 -9.90 -11.39 -15.97
C ALA A 94 -10.49 -10.12 -15.37
N ALA A 95 -11.08 -10.27 -14.18
CA ALA A 95 -11.66 -9.17 -13.41
C ALA A 95 -10.76 -7.93 -13.33
N HIS A 96 -9.62 -7.93 -14.03
CA HIS A 96 -8.68 -6.80 -14.01
C HIS A 96 -9.39 -5.48 -13.73
N MET A 97 -10.21 -4.98 -14.65
CA MET A 97 -10.89 -3.72 -14.35
C MET A 97 -11.88 -3.95 -13.20
N VAL A 98 -12.68 -5.01 -13.28
CA VAL A 98 -13.71 -5.27 -12.28
C VAL A 98 -13.20 -5.00 -10.87
N ASN A 99 -11.95 -5.39 -10.50
CA ASN A 99 -11.38 -5.15 -9.14
C ASN A 99 -11.88 -3.82 -8.52
N GLY A 100 -12.50 -3.02 -9.37
CA GLY A 100 -13.14 -1.79 -8.95
C GLY A 100 -14.02 -2.09 -7.73
N ILE A 101 -14.43 -3.37 -7.57
CA ILE A 101 -15.25 -3.77 -6.43
C ILE A 101 -14.33 -3.84 -5.18
N VAL A 102 -13.34 -4.70 -5.31
CA VAL A 102 -12.41 -4.97 -4.21
C VAL A 102 -12.21 -3.66 -3.43
N ILE A 103 -12.30 -2.52 -4.16
CA ILE A 103 -12.17 -1.18 -3.54
C ILE A 103 -13.54 -0.57 -3.21
N ALA A 104 -14.55 -0.94 -4.00
CA ALA A 104 -15.95 -0.48 -3.80
C ALA A 104 -16.74 -1.35 -2.79
N GLU A 105 -16.20 -2.53 -2.39
CA GLU A 105 -16.90 -3.36 -1.41
C GLU A 105 -16.60 -2.86 -0.03
N ASP A 106 -15.35 -3.01 0.44
CA ASP A 106 -15.00 -2.56 1.77
C ASP A 106 -14.86 -1.05 1.83
N ALA A 107 -14.79 -0.35 0.68
CA ALA A 107 -14.71 1.12 0.67
C ALA A 107 -15.27 1.74 1.96
N LEU A 108 -16.46 1.30 2.40
CA LEU A 108 -17.10 1.86 3.59
C LEU A 108 -16.11 2.21 4.70
N ILE A 109 -15.07 1.40 4.85
CA ILE A 109 -14.04 1.68 5.85
C ILE A 109 -12.87 2.35 5.16
N ALA A 110 -12.54 1.79 4.00
CA ALA A 110 -11.44 2.32 3.21
C ALA A 110 -11.69 3.81 2.91
N GLU A 111 -12.80 4.13 2.28
CA GLU A 111 -13.06 5.53 1.94
C GLU A 111 -13.56 6.35 3.15
N ALA A 112 -13.20 5.91 4.36
CA ALA A 112 -13.58 6.64 5.61
C ALA A 112 -12.27 7.12 6.29
N VAL A 113 -11.23 6.49 5.79
CA VAL A 113 -9.86 6.76 6.21
C VAL A 113 -9.17 7.67 5.20
N GLY A 114 -9.90 8.66 4.65
CA GLY A 114 -9.30 9.60 3.71
C GLY A 114 -8.33 10.55 4.40
N PRO A 115 -8.64 11.02 5.61
CA PRO A 115 -7.71 11.93 6.35
C PRO A 115 -6.29 11.38 6.31
N HIS A 116 -6.19 10.12 5.88
CA HIS A 116 -4.91 9.47 5.79
C HIS A 116 -4.04 10.30 4.87
N LEU A 117 -4.68 11.19 4.10
CA LEU A 117 -3.92 12.06 3.20
C LEU A 117 -3.11 13.05 4.03
N ALA A 118 -3.80 13.84 4.85
CA ALA A 118 -3.09 14.79 5.69
C ALA A 118 -2.09 14.03 6.55
N ARG A 119 -2.56 13.01 7.27
CA ARG A 119 -1.62 12.24 8.08
C ARG A 119 -0.55 11.70 7.16
N ALA A 120 -0.89 10.95 6.14
CA ALA A 120 0.15 10.43 5.29
C ALA A 120 1.13 11.54 4.92
N LEU A 121 0.74 12.83 5.20
CA LEU A 121 1.42 14.05 4.70
C LEU A 121 2.49 13.67 3.72
N GLY A 122 3.42 12.82 4.01
CA GLY A 122 4.35 12.44 2.97
C GLY A 122 3.53 12.08 1.71
N GLN A 123 2.25 11.68 1.88
CA GLN A 123 1.44 11.40 0.67
C GLN A 123 1.30 12.69 -0.08
N ILE A 124 1.58 13.79 0.62
CA ILE A 124 1.51 15.10 -0.02
C ILE A 124 2.60 15.20 -1.08
N VAL A 125 3.83 14.73 -0.76
CA VAL A 125 4.89 14.78 -1.76
C VAL A 125 4.36 14.07 -2.99
N CYS A 126 4.00 12.82 -2.82
CA CYS A 126 3.48 12.03 -3.93
C CYS A 126 2.46 12.82 -4.77
N ARG A 127 1.88 13.86 -4.19
CA ARG A 127 0.91 14.71 -4.92
C ARG A 127 1.61 15.91 -5.59
N TYR A 128 2.46 16.52 -4.80
CA TYR A 128 3.28 17.68 -5.17
C TYR A 128 4.75 17.28 -5.40
N GLY A 129 5.05 16.00 -5.71
CA GLY A 129 6.45 15.66 -5.95
C GLY A 129 6.64 14.25 -6.47
N ALA A 130 5.57 13.43 -6.48
CA ALA A 130 5.64 12.03 -6.94
C ALA A 130 6.73 11.78 -7.98
N THR A 131 7.99 11.87 -7.58
CA THR A 131 9.09 11.60 -8.50
C THR A 131 9.42 10.13 -8.37
N VAL A 132 8.64 9.44 -7.52
CA VAL A 132 8.84 8.03 -7.33
C VAL A 132 8.10 7.23 -8.39
N ILE A 133 6.77 7.39 -8.51
CA ILE A 133 5.98 6.63 -9.48
C ILE A 133 6.31 6.94 -10.97
N PRO A 134 6.55 8.19 -11.40
CA PRO A 134 6.83 8.46 -12.85
C PRO A 134 7.87 7.51 -13.46
N ASN A 135 9.00 7.31 -12.79
CA ASN A 135 10.04 6.43 -13.35
C ASN A 135 9.51 5.02 -13.44
N ILE A 136 9.28 4.40 -12.30
CA ILE A 136 8.76 3.03 -12.27
C ILE A 136 7.55 2.95 -13.21
N ASN A 137 6.79 4.02 -13.12
CA ASN A 137 5.55 4.10 -13.90
C ASN A 137 5.84 3.69 -15.31
N ALA A 138 6.86 4.25 -15.94
CA ALA A 138 7.17 3.84 -17.29
C ALA A 138 7.55 2.37 -17.32
N ALA A 139 8.14 1.83 -16.24
CA ALA A 139 8.49 0.42 -16.23
C ALA A 139 7.25 -0.43 -16.00
N ILE A 140 6.57 -0.25 -14.85
CA ILE A 140 5.36 -1.03 -14.54
C ILE A 140 4.39 -0.99 -15.72
N GLU A 141 4.17 0.23 -16.16
CA GLU A 141 3.25 0.44 -17.28
C GLU A 141 3.56 -0.64 -18.30
N VAL A 142 4.82 -0.72 -18.71
CA VAL A 142 5.21 -1.79 -19.65
C VAL A 142 4.91 -3.14 -18.99
N LEU A 143 5.42 -3.36 -17.76
CA LEU A 143 5.19 -4.65 -17.09
C LEU A 143 3.68 -4.94 -17.11
N GLY A 144 2.88 -4.23 -16.31
CA GLY A 144 1.43 -4.48 -16.32
C GLY A 144 0.84 -4.12 -17.69
N THR A 145 0.66 -2.82 -17.83
CA THR A 145 0.10 -2.19 -19.06
C THR A 145 -0.57 -0.86 -18.74
N GLY A 146 -1.15 -0.74 -17.54
CA GLY A 146 -1.88 0.46 -17.15
C GLY A 146 -3.36 0.13 -17.23
N THR A 147 -3.64 -0.97 -17.95
CA THR A 147 -5.02 -1.43 -18.08
C THR A 147 -5.54 -1.63 -16.65
N ASP A 148 -5.96 -0.50 -16.09
CA ASP A 148 -6.52 -0.41 -14.74
C ASP A 148 -7.18 0.93 -14.49
N TYR A 149 -7.74 1.07 -13.29
CA TYR A 149 -8.33 2.31 -12.83
C TYR A 149 -8.01 2.44 -11.33
N ARG A 150 -7.68 3.66 -10.89
CA ARG A 150 -7.38 3.92 -9.48
C ARG A 150 -7.86 5.33 -9.10
N PHE A 151 -8.26 5.48 -7.84
CA PHE A 151 -8.73 6.78 -7.36
C PHE A 151 -7.56 7.74 -7.22
O1 MTN B . 7.50 -9.65 7.94
N1 MTN B . 7.80 -9.21 6.78
C1 MTN B . 6.84 -9.11 5.68
C2 MTN B . 7.73 -8.57 4.62
C3 MTN B . 8.98 -8.38 5.00
C4 MTN B . 10.08 -7.85 4.12
S1 MTN B . 10.69 -6.21 4.59
C5 MTN B . 9.20 -8.78 6.43
C6 MTN B . 10.26 -9.86 6.58
C7 MTN B . 9.57 -7.57 7.28
C8 MTN B . 6.27 -10.47 5.28
C9 MTN B . 5.73 -8.14 6.10
H2 MTN B . 7.38 -8.34 3.63
H41 MTN B . 9.72 -7.81 3.12
H42 MTN B . 10.90 -8.56 4.18
H61 MTN B . 11.23 -9.46 6.32
H62 MTN B . 10.02 -10.69 5.92
H63 MTN B . 10.27 -10.22 7.60
H71 MTN B . 9.50 -7.82 8.32
H72 MTN B . 8.88 -6.75 7.06
H73 MTN B . 10.58 -7.26 7.05
H81 MTN B . 5.65 -10.35 4.39
H82 MTN B . 5.66 -10.86 6.08
H83 MTN B . 7.07 -11.15 5.07
H91 MTN B . 6.07 -7.12 6.00
H92 MTN B . 4.86 -8.30 5.48
H93 MTN B . 5.47 -8.33 7.13
O1 MTN C . -2.73 -4.21 -4.71
N1 MTN C . -1.74 -4.55 -3.99
C1 MTN C . -1.88 -4.81 -2.56
C2 MTN C . -0.46 -5.17 -2.24
C3 MTN C . 0.36 -5.11 -3.29
C4 MTN C . 1.84 -5.40 -3.26
S1 MTN C . 2.91 -4.02 -3.83
C5 MTN C . -0.38 -4.73 -4.56
C6 MTN C . 0.19 -3.52 -5.30
C7 MTN C . -0.43 -5.93 -5.50
C8 MTN C . -2.38 -3.58 -1.78
C9 MTN C . -2.79 -6.01 -2.37
H2 MTN C . -0.14 -5.44 -1.26
H41 MTN C . 2.02 -6.24 -3.91
H42 MTN C . 2.11 -5.66 -2.25
H61 MTN C . 1.10 -3.79 -5.79
H62 MTN C . -0.53 -3.20 -6.03
H63 MTN C . 0.37 -2.72 -4.61
H71 MTN C . -1.06 -5.68 -6.35
H72 MTN C . 0.56 -6.17 -5.84
H73 MTN C . -0.85 -6.78 -4.99
H81 MTN C . -3.43 -3.68 -1.55
H82 MTN C . -2.25 -2.70 -2.39
H83 MTN C . -1.83 -3.47 -0.84
H91 MTN C . -3.68 -5.87 -2.96
H92 MTN C . -3.08 -6.09 -1.32
H93 MTN C . -2.31 -6.92 -2.68
O1 MTN D . -3.69 10.82 -6.16
N1 MTN D . -2.61 10.27 -5.79
C1 MTN D . -1.56 9.84 -6.74
C2 MTN D . -0.57 9.27 -5.80
C3 MTN D . -0.95 9.35 -4.53
C4 MTN D . -0.15 8.87 -3.37
S1 MTN D . 1.45 8.13 -3.79
C5 MTN D . -2.31 9.99 -4.36
C6 MTN D . -3.31 9.11 -3.64
C7 MTN D . -2.15 11.33 -3.64
C8 MTN D . -2.04 8.80 -7.74
C9 MTN D . -0.99 11.06 -7.46
H2 MTN D . 0.37 8.84 -6.12
H41 MTN D . -0.73 8.12 -2.86
H42 MTN D . 0.01 9.71 -2.71
H61 MTN D . -4.28 9.58 -3.66
H62 MTN D . -3.00 8.96 -2.63
H63 MTN D . -3.38 8.16 -4.15
H71 MTN D . -3.10 11.83 -3.62
H72 MTN D . -1.42 11.94 -4.17
H73 MTN D . -1.82 11.16 -2.63
H81 MTN D . -2.42 7.93 -7.22
H82 MTN D . -1.22 8.49 -8.38
H83 MTN D . -2.84 9.21 -8.36
H91 MTN D . -1.68 11.39 -8.21
H92 MTN D . -0.05 10.79 -7.93
H93 MTN D . -0.82 11.84 -6.75
N MET A 25 9.52 -4.48 33.33
CA MET A 25 8.07 -4.64 33.03
C MET A 25 7.93 -5.61 31.84
N SER A 26 6.71 -6.05 31.56
CA SER A 26 6.45 -6.97 30.46
C SER A 26 6.63 -6.26 29.10
N ASP A 27 7.11 -5.02 29.13
CA ASP A 27 7.36 -4.20 27.93
C ASP A 27 7.00 -2.75 28.20
N PHE A 28 7.80 -1.83 27.65
CA PHE A 28 7.54 -0.41 27.81
C PHE A 28 8.15 0.38 26.67
N ASP A 29 7.54 1.52 26.36
CA ASP A 29 8.02 2.39 25.30
C ASP A 29 7.70 3.84 25.64
N THR A 30 8.59 4.76 25.26
CA THR A 30 8.40 6.19 25.54
C THR A 30 8.09 6.94 24.25
N GLU A 31 8.27 8.24 24.29
CA GLU A 31 7.98 9.09 23.15
C GLU A 31 8.83 8.64 21.96
N ARG A 32 10.08 8.36 22.20
CA ARG A 32 10.89 7.89 21.09
C ARG A 32 10.46 6.49 20.69
N VAL A 33 10.58 5.59 21.62
CA VAL A 33 10.20 4.21 21.34
C VAL A 33 8.71 4.13 20.97
N SER A 34 7.83 4.67 21.80
CA SER A 34 6.38 4.63 21.49
C SER A 34 6.02 5.50 20.28
N ARG A 35 6.18 6.80 20.40
CA ARG A 35 5.79 7.70 19.31
C ARG A 35 6.58 7.42 18.03
N ALA A 36 7.89 7.20 18.16
CA ALA A 36 8.67 6.90 16.95
C ALA A 36 8.28 5.53 16.45
N VAL A 37 8.46 4.53 17.31
CA VAL A 37 8.12 3.18 16.86
C VAL A 37 6.65 3.17 16.52
N ALA A 38 5.79 3.54 17.45
CA ALA A 38 4.38 3.50 17.08
C ALA A 38 4.10 4.37 15.86
N ALA A 39 4.28 5.68 15.99
CA ALA A 39 3.95 6.54 14.85
C ALA A 39 4.70 6.08 13.60
N ALA A 40 6.00 5.97 13.70
CA ALA A 40 6.76 5.55 12.53
C ALA A 40 6.42 4.10 12.15
N LEU A 41 6.57 3.20 13.12
CA LEU A 41 6.31 1.76 12.85
C LEU A 41 4.88 1.63 12.32
N VAL A 42 3.91 2.15 13.09
CA VAL A 42 2.52 2.07 12.68
C VAL A 42 2.26 3.01 11.51
N GLY A 43 2.50 4.30 11.71
CA GLY A 43 2.24 5.30 10.71
C GLY A 43 3.04 5.05 9.45
N PRO A 44 3.06 6.00 8.58
CA PRO A 44 3.76 5.85 7.30
C PRO A 44 5.26 6.11 7.38
N GLY A 45 5.73 6.91 8.36
CA GLY A 45 7.16 7.23 8.40
C GLY A 45 8.03 6.01 8.63
N GLY A 46 7.85 5.32 9.74
CA GLY A 46 8.70 4.15 9.97
C GLY A 46 8.51 3.25 8.79
N VAL A 47 7.25 2.94 8.51
CA VAL A 47 6.96 2.08 7.37
C VAL A 47 7.57 2.75 6.12
N ALA A 48 7.62 4.10 6.09
CA ALA A 48 8.17 4.76 4.90
C ALA A 48 9.63 4.34 4.72
N LEU A 49 10.50 4.67 5.67
CA LEU A 49 11.92 4.34 5.51
C LEU A 49 12.15 2.85 5.41
N VAL A 50 11.52 2.09 6.28
CA VAL A 50 11.74 0.65 6.25
C VAL A 50 11.33 0.08 4.91
N VAL A 51 10.07 0.24 4.54
CA VAL A 51 9.59 -0.32 3.29
C VAL A 51 10.38 0.22 2.12
N LYS A 52 10.74 1.48 2.21
CA LYS A 52 11.51 2.11 1.15
C LYS A 52 12.89 1.47 1.05
N VAL A 53 13.59 1.49 2.17
CA VAL A 53 14.95 0.95 2.18
C VAL A 53 14.92 -0.53 1.85
N CYS A 54 14.04 -1.28 2.52
CA CYS A 54 13.97 -2.69 2.28
C CYS A 54 13.50 -2.96 0.86
N ALA A 55 12.29 -2.53 0.55
CA ALA A 55 11.72 -2.80 -0.76
C ALA A 55 12.62 -2.27 -1.84
N GLY A 56 13.00 -1.01 -1.70
CA GLY A 56 13.84 -0.38 -2.70
C GLY A 56 12.99 -0.06 -3.91
N LEU A 57 12.11 0.93 -3.72
CA LEU A 57 11.17 1.39 -4.73
C LEU A 57 9.86 0.62 -4.59
N PRO A 58 9.01 1.06 -3.70
CA PRO A 58 7.69 0.40 -3.45
C PRO A 58 6.88 0.15 -4.73
N GLY A 59 7.05 0.98 -5.77
CA GLY A 59 6.24 0.77 -6.98
C GLY A 59 6.56 -0.60 -7.58
N VAL A 60 7.82 -0.82 -7.99
CA VAL A 60 8.21 -2.12 -8.55
C VAL A 60 8.58 -3.02 -7.40
N ILE A 61 8.71 -4.34 -7.68
CA ILE A 61 9.07 -5.37 -6.68
C ILE A 61 7.92 -6.36 -6.48
N HIS A 62 8.10 -7.58 -6.98
CA HIS A 62 7.07 -8.61 -6.83
C HIS A 62 7.74 -9.95 -6.55
N THR A 63 7.19 -10.70 -5.58
CA THR A 63 7.75 -12.01 -5.23
C THR A 63 6.85 -13.13 -5.74
N PRO A 64 7.38 -14.13 -6.42
CA PRO A 64 6.53 -15.24 -6.94
C PRO A 64 5.90 -16.08 -5.84
N ALA A 65 6.51 -16.08 -4.65
CA ALA A 65 5.98 -16.80 -3.49
C ALA A 65 5.90 -15.87 -2.28
N ARG A 66 4.80 -15.92 -1.55
CA ARG A 66 4.67 -15.09 -0.36
C ARG A 66 3.44 -15.47 0.44
N ARG A 67 3.30 -14.88 1.61
CA ARG A 67 2.14 -15.17 2.45
C ARG A 67 0.85 -14.69 1.73
N GLY A 68 0.91 -14.59 0.40
CA GLY A 68 -0.25 -14.16 -0.40
C GLY A 68 -0.43 -12.66 -0.30
N PHE A 69 0.05 -12.12 0.81
CA PHE A 69 -0.04 -10.68 1.08
C PHE A 69 0.69 -10.37 2.38
N PHE A 70 0.57 -9.10 2.80
CA PHE A 70 1.20 -8.56 4.02
C PHE A 70 2.32 -7.59 3.66
N ARG A 71 2.06 -6.29 3.87
CA ARG A 71 3.03 -5.22 3.57
C ARG A 71 2.76 -4.59 2.23
N CYS A 72 3.17 -3.34 2.08
CA CYS A 72 2.91 -2.61 0.84
C CYS A 72 1.41 -2.38 0.73
N ASN A 73 0.95 -1.29 1.34
CA ASN A 73 -0.48 -0.96 1.32
C ASN A 73 -0.70 0.55 1.45
N PRO A 74 -1.86 1.03 1.08
CA PRO A 74 -2.21 2.48 1.21
C PRO A 74 -2.23 2.93 2.68
N GLU A 75 -1.09 2.81 3.36
CA GLU A 75 -0.97 3.23 4.75
C GLU A 75 -2.20 2.82 5.57
N ARG A 76 -2.73 1.64 5.27
CA ARG A 76 -3.92 1.13 5.97
C ARG A 76 -3.89 -0.38 6.12
N ILE A 77 -4.79 -0.90 6.96
CA ILE A 77 -4.92 -2.34 7.16
C ILE A 77 -5.65 -2.93 5.95
N GLN A 78 -5.61 -4.25 5.76
CA GLN A 78 -6.29 -4.88 4.64
C GLN A 78 -7.07 -6.10 5.16
N ILE A 79 -8.35 -6.21 4.78
CA ILE A 79 -9.17 -7.35 5.19
C ILE A 79 -10.12 -7.76 4.07
N GLY A 80 -10.55 -9.02 4.03
CA GLY A 80 -11.44 -9.48 2.96
C GLY A 80 -10.65 -10.31 1.96
N ASP A 81 -9.36 -10.51 2.23
CA ASP A 81 -8.47 -11.26 1.33
C ASP A 81 -8.43 -12.76 1.63
N TRP A 82 -9.03 -13.50 0.71
CA TRP A 82 -9.06 -14.98 0.75
C TRP A 82 -7.76 -15.50 0.16
N ARG A 83 -7.59 -16.82 0.04
CA ARG A 83 -6.38 -17.40 -0.56
C ARG A 83 -6.62 -17.78 -2.05
N TYR A 84 -7.66 -18.58 -2.28
CA TYR A 84 -8.06 -19.09 -3.62
C TYR A 84 -8.84 -18.04 -4.43
N GLU A 85 -9.24 -16.96 -3.79
CA GLU A 85 -9.97 -15.93 -4.50
C GLU A 85 -9.03 -15.05 -5.25
N VAL A 86 -7.76 -15.12 -4.91
CA VAL A 86 -6.78 -14.23 -5.52
C VAL A 86 -7.02 -14.18 -7.00
N ALA A 87 -7.21 -15.32 -7.61
CA ALA A 87 -7.50 -15.34 -8.99
C ALA A 87 -8.86 -14.69 -9.20
N HIS A 88 -9.83 -15.10 -8.35
CA HIS A 88 -11.18 -14.53 -8.46
C HIS A 88 -11.15 -13.00 -8.29
N ASP A 89 -10.70 -12.51 -7.16
CA ASP A 89 -10.62 -11.07 -6.95
C ASP A 89 -9.51 -10.45 -7.85
N GLY A 90 -8.29 -10.96 -7.73
CA GLY A 90 -7.14 -10.51 -8.53
C GLY A 90 -7.35 -10.83 -10.01
N ARG A 91 -8.60 -10.79 -10.43
CA ARG A 91 -8.97 -10.98 -11.82
C ARG A 91 -8.70 -9.72 -12.61
N LEU A 92 -8.06 -8.73 -11.97
CA LEU A 92 -7.76 -7.44 -12.65
C LEU A 92 -7.51 -7.76 -14.14
N LEU A 93 -7.00 -8.95 -14.40
CA LEU A 93 -6.81 -9.32 -15.80
C LEU A 93 -8.21 -9.36 -16.46
N ALA A 94 -9.06 -10.30 -16.01
CA ALA A 94 -10.43 -10.38 -16.55
C ALA A 94 -11.23 -9.25 -15.89
N ALA A 95 -11.53 -9.42 -14.59
CA ALA A 95 -12.26 -8.46 -13.76
C ALA A 95 -11.69 -7.05 -13.87
N HIS A 96 -10.70 -6.88 -14.75
CA HIS A 96 -10.00 -5.61 -14.93
C HIS A 96 -10.77 -4.44 -14.36
N MET A 97 -11.83 -4.02 -14.99
CA MET A 97 -12.60 -2.93 -14.43
C MET A 97 -13.35 -3.39 -13.19
N VAL A 98 -13.94 -4.59 -13.24
CA VAL A 98 -14.76 -5.07 -12.12
C VAL A 98 -14.07 -4.76 -10.78
N ASN A 99 -12.76 -5.05 -10.66
CA ASN A 99 -12.03 -4.76 -9.40
C ASN A 99 -12.48 -3.44 -8.77
N GLY A 100 -13.10 -2.63 -9.59
CA GLY A 100 -13.64 -1.34 -9.16
C GLY A 100 -14.36 -1.52 -7.80
N ILE A 101 -14.69 -2.77 -7.49
CA ILE A 101 -15.38 -3.09 -6.23
C ILE A 101 -14.32 -3.37 -5.18
N VAL A 102 -13.37 -4.24 -5.51
CA VAL A 102 -12.33 -4.64 -4.59
C VAL A 102 -11.98 -3.43 -3.71
N ILE A 103 -12.04 -2.24 -4.31
CA ILE A 103 -11.76 -1.01 -3.58
C ILE A 103 -13.06 -0.42 -3.01
N ALA A 104 -14.20 -0.78 -3.57
CA ALA A 104 -15.51 -0.36 -3.07
C ALA A 104 -16.13 -1.38 -2.08
N GLU A 105 -15.51 -2.57 -1.95
CA GLU A 105 -16.06 -3.63 -1.11
C GLU A 105 -15.75 -3.41 0.37
N ASP A 106 -14.52 -3.69 0.77
CA ASP A 106 -14.11 -3.53 2.16
C ASP A 106 -13.63 -2.12 2.43
N ALA A 107 -13.33 -1.36 1.40
CA ALA A 107 -12.79 -0.04 1.67
C ALA A 107 -13.76 0.81 2.49
N LEU A 108 -15.05 0.73 2.20
CA LEU A 108 -16.03 1.57 2.87
C LEU A 108 -15.72 1.80 4.35
N ILE A 109 -15.20 0.79 5.03
CA ILE A 109 -14.88 0.94 6.44
C ILE A 109 -13.70 1.88 6.65
N ALA A 110 -12.83 1.98 5.64
CA ALA A 110 -11.65 2.83 5.74
C ALA A 110 -11.95 4.27 5.32
N GLU A 111 -13.08 4.46 4.65
CA GLU A 111 -13.45 5.81 4.19
C GLU A 111 -13.41 6.79 5.36
N ALA A 112 -13.24 6.26 6.57
CA ALA A 112 -13.18 7.11 7.76
C ALA A 112 -11.74 7.46 8.06
N VAL A 113 -10.84 6.82 7.35
CA VAL A 113 -9.42 7.04 7.49
C VAL A 113 -9.02 8.12 6.49
N GLY A 114 -9.91 9.12 6.25
CA GLY A 114 -9.59 10.22 5.38
C GLY A 114 -8.25 10.85 5.76
N PRO A 115 -7.78 10.81 7.03
CA PRO A 115 -6.41 11.30 7.42
C PRO A 115 -5.34 11.09 6.34
N HIS A 116 -5.71 10.49 5.22
CA HIS A 116 -4.79 10.28 4.13
C HIS A 116 -4.11 11.60 3.85
N LEU A 117 -4.79 12.73 4.10
CA LEU A 117 -4.17 14.02 3.91
C LEU A 117 -2.94 14.10 4.82
N ALA A 118 -3.15 13.84 6.09
CA ALA A 118 -2.03 13.91 7.04
C ALA A 118 -0.89 13.10 6.45
N ARG A 119 -1.18 11.85 6.17
CA ARG A 119 -0.20 10.99 5.55
C ARG A 119 0.21 11.60 4.23
N ALA A 120 -0.73 12.31 3.57
CA ALA A 120 -0.40 12.91 2.26
C ALA A 120 0.80 13.78 2.48
N LEU A 121 0.69 14.61 3.50
CA LEU A 121 1.80 15.53 3.84
C LEU A 121 3.13 14.76 3.58
N GLY A 122 3.05 13.42 3.69
CA GLY A 122 4.20 12.56 3.34
C GLY A 122 4.24 12.26 1.82
N GLN A 123 3.10 11.77 1.32
CA GLN A 123 2.93 11.47 -0.08
C GLN A 123 2.66 12.76 -0.84
N ILE A 124 2.78 13.90 -0.16
CA ILE A 124 2.56 15.18 -0.79
C ILE A 124 3.52 15.32 -1.91
N VAL A 125 4.79 15.07 -1.65
CA VAL A 125 5.71 15.17 -2.77
C VAL A 125 5.28 14.17 -3.83
N CYS A 126 5.20 12.91 -3.41
CA CYS A 126 4.88 11.85 -4.33
C CYS A 126 3.67 12.25 -5.22
N ARG A 127 2.74 12.93 -4.55
CA ARG A 127 1.50 13.49 -5.18
C ARG A 127 1.79 14.60 -6.20
N TYR A 128 2.51 15.60 -5.78
CA TYR A 128 2.93 16.75 -6.57
C TYR A 128 4.29 16.44 -7.12
N GLY A 129 4.58 15.17 -7.41
CA GLY A 129 5.83 14.80 -7.98
C GLY A 129 5.88 13.26 -8.00
N ALA A 130 7.06 12.77 -7.71
CA ALA A 130 7.42 11.34 -7.63
C ALA A 130 8.33 10.80 -8.75
N THR A 131 9.60 10.54 -8.39
CA THR A 131 10.55 9.92 -9.33
C THR A 131 10.19 8.44 -9.54
N VAL A 132 10.05 7.69 -8.47
CA VAL A 132 9.74 6.24 -8.59
C VAL A 132 8.39 5.99 -9.31
N ILE A 133 7.37 6.74 -8.91
CA ILE A 133 6.02 6.55 -9.50
C ILE A 133 6.12 6.28 -11.01
N PRO A 134 6.70 7.16 -11.80
CA PRO A 134 6.77 6.94 -13.26
C PRO A 134 7.45 5.61 -13.61
N ASN A 135 8.27 5.03 -12.70
CA ASN A 135 8.91 3.76 -13.01
C ASN A 135 7.86 2.67 -13.15
N ILE A 136 7.16 2.35 -12.05
CA ILE A 136 6.14 1.30 -12.12
C ILE A 136 5.28 1.51 -13.36
N ASN A 137 5.18 2.73 -13.80
CA ASN A 137 4.40 3.02 -14.98
C ASN A 137 5.25 2.79 -16.23
N ALA A 138 6.39 3.40 -16.25
CA ALA A 138 7.24 3.26 -17.40
C ALA A 138 7.55 1.79 -17.66
N ALA A 139 8.11 1.14 -16.66
CA ALA A 139 8.46 -0.28 -16.77
C ALA A 139 7.28 -1.23 -16.56
N ILE A 140 6.65 -1.19 -15.40
CA ILE A 140 5.59 -2.16 -15.15
C ILE A 140 4.36 -1.96 -16.04
N GLU A 141 3.79 -0.77 -16.00
CA GLU A 141 2.52 -0.51 -16.72
C GLU A 141 2.54 -1.20 -18.06
N VAL A 142 3.42 -0.77 -18.96
CA VAL A 142 3.44 -1.40 -20.27
C VAL A 142 3.37 -2.91 -20.12
N LEU A 143 3.68 -3.43 -18.92
CA LEU A 143 3.57 -4.86 -18.68
C LEU A 143 2.17 -5.28 -18.18
N GLY A 144 1.67 -4.65 -17.09
CA GLY A 144 0.37 -5.07 -16.53
C GLY A 144 -0.82 -4.28 -17.06
N THR A 145 -0.84 -4.06 -18.37
CA THR A 145 -1.94 -3.35 -19.05
C THR A 145 -1.86 -1.87 -18.76
N GLY A 146 -1.30 -1.56 -17.61
CA GLY A 146 -1.10 -0.20 -17.11
C GLY A 146 -2.07 0.09 -15.99
N THR A 147 -3.30 -0.43 -16.06
CA THR A 147 -4.30 -0.17 -15.05
C THR A 147 -3.70 0.04 -13.66
N ASP A 148 -3.55 1.30 -13.29
CA ASP A 148 -3.04 1.67 -11.98
C ASP A 148 -3.80 2.92 -11.50
N TYR A 149 -4.07 2.98 -10.22
CA TYR A 149 -4.81 4.08 -9.60
C TYR A 149 -4.40 4.23 -8.14
N ARG A 150 -4.46 5.46 -7.64
CA ARG A 150 -4.15 5.74 -6.23
C ARG A 150 -4.96 6.95 -5.75
N PHE A 151 -5.24 7.00 -4.44
CA PHE A 151 -6.01 8.12 -3.87
C PHE A 151 -5.47 8.45 -2.48
O1 MTN B . 7.62 -8.83 7.10
N1 MTN B . 8.32 -8.71 6.05
C1 MTN B . 7.99 -9.36 4.74
C2 MTN B . 9.10 -8.85 3.89
C3 MTN B . 9.95 -8.07 4.52
C4 MTN B . 11.16 -7.43 3.90
S1 MTN B . 11.21 -5.62 4.01
C5 MTN B . 9.59 -7.88 5.99
C6 MTN B . 10.70 -8.39 6.92
C7 MTN B . 9.28 -6.40 6.29
C8 MTN B . 8.03 -10.89 4.81
C9 MTN B . 6.64 -8.91 4.23
H2 MTN B . 9.19 -9.09 2.84
H41 MTN B . 11.20 -7.71 2.86
H42 MTN B . 12.04 -7.83 4.40
H61 MTN B . 11.58 -7.77 6.79
H62 MTN B . 10.95 -9.41 6.67
H63 MTN B . 10.37 -8.34 7.94
H71 MTN B . 10.17 -5.89 6.65
H72 MTN B . 8.51 -6.35 7.04
H73 MTN B . 8.94 -5.91 5.40
H81 MTN B . 8.99 -11.20 5.21
H82 MTN B . 7.91 -11.30 3.82
H83 MTN B . 7.24 -11.25 5.45
H91 MTN B . 6.63 -7.85 4.10
H92 MTN B . 6.43 -9.39 3.28
H93 MTN B . 5.86 -9.20 4.93
O1 MTN C . -2.79 -4.54 -3.31
N1 MTN C . -1.56 -4.25 -3.35
C1 MTN C . -0.50 -5.27 -3.23
C2 MTN C . 0.69 -4.39 -3.33
C3 MTN C . 0.40 -3.11 -3.49
C4 MTN C . 1.40 -2.02 -3.62
S1 MTN C . 1.99 -1.35 -2.04
C5 MTN C . -1.09 -2.86 -3.52
C6 MTN C . -1.56 -1.89 -2.44
C7 MTN C . -1.51 -2.38 -4.92
C8 MTN C . -0.54 -6.02 -1.90
C9 MTN C . -0.57 -6.22 -4.40
H2 MTN C . 1.70 -4.77 -3.29
H41 MTN C . 0.96 -1.21 -4.17
H42 MTN C . 2.25 -2.41 -4.18
H61 MTN C . -0.89 -1.04 -2.39
H62 MTN C . -2.56 -1.54 -2.66
H63 MTN C . -1.57 -2.39 -1.49
H71 MTN C . -2.58 -2.41 -5.00
H72 MTN C . -1.18 -1.35 -5.06
H73 MTN C . -1.07 -3.01 -5.68
H81 MTN C . -0.59 -5.32 -1.08
H82 MTN C . 0.33 -6.63 -1.80
H83 MTN C . -1.42 -6.65 -1.87
H91 MTN C . -1.45 -6.86 -4.29
H92 MTN C . 0.31 -6.83 -4.42
H93 MTN C . -0.65 -5.66 -5.32
O1 MTN D . -3.28 11.43 -7.06
N1 MTN D . -2.19 10.82 -6.89
C1 MTN D . -1.18 10.64 -7.95
C2 MTN D . -0.15 9.89 -7.20
C3 MTN D . -0.45 9.66 -5.94
C4 MTN D . 0.47 8.98 -4.95
S1 MTN D . 1.58 10.12 -4.06
C5 MTN D . -1.81 10.22 -5.57
C6 MTN D . -2.81 9.19 -5.08
C7 MTN D . -1.65 11.32 -4.53
C8 MTN D . -1.69 9.83 -9.15
C9 MTN D . -0.64 11.98 -8.39
H2 MTN D . 0.77 9.57 -7.65
H41 MTN D . 1.08 8.27 -5.49
H42 MTN D . -0.13 8.45 -4.23
H61 MTN D . -2.38 8.62 -4.27
H62 MTN D . -3.05 8.56 -5.89
H63 MTN D . -3.70 9.69 -4.72
H71 MTN D . -0.89 11.98 -4.85
H72 MTN D . -1.38 10.89 -3.59
H73 MTN D . -2.58 11.87 -4.43
H81 MTN D . -2.15 8.92 -8.79
H82 MTN D . -0.87 9.60 -9.80
H83 MTN D . -2.43 10.42 -9.68
H91 MTN D . -0.38 12.56 -7.53
H92 MTN D . -1.38 12.50 -8.98
H93 MTN D . 0.24 11.83 -8.99
N MET A 25 13.72 -5.36 31.11
CA MET A 25 12.40 -5.37 30.39
C MET A 25 12.50 -6.31 29.19
N SER A 26 11.34 -6.67 28.65
CA SER A 26 11.24 -7.57 27.50
C SER A 26 10.91 -6.78 26.24
N ASP A 27 10.97 -5.46 26.35
CA ASP A 27 10.71 -4.58 25.20
C ASP A 27 10.50 -3.14 25.68
N PHE A 28 11.55 -2.33 25.59
CA PHE A 28 11.47 -0.93 26.01
C PHE A 28 12.43 -0.09 25.17
N ASP A 29 12.03 1.15 24.88
CA ASP A 29 12.86 2.03 24.09
C ASP A 29 12.52 3.47 24.42
N THR A 30 13.48 4.39 24.22
CA THR A 30 13.29 5.80 24.54
C THR A 30 11.86 6.27 24.21
N GLU A 31 11.57 7.52 24.51
CA GLU A 31 10.23 8.06 24.27
C GLU A 31 9.93 8.12 22.78
N ARG A 32 10.73 8.84 22.00
CA ARG A 32 10.50 8.91 20.56
C ARG A 32 10.74 7.57 19.90
N VAL A 33 11.68 6.83 20.46
CA VAL A 33 11.98 5.53 19.89
C VAL A 33 10.78 4.64 20.10
N SER A 34 10.32 4.49 21.33
CA SER A 34 9.15 3.68 21.58
C SER A 34 7.90 4.32 21.02
N ARG A 35 7.78 5.65 21.12
CA ARG A 35 6.61 6.33 20.61
C ARG A 35 6.61 6.38 19.09
N ALA A 36 7.56 7.08 18.43
CA ALA A 36 7.57 7.13 16.98
C ALA A 36 7.49 5.75 16.40
N VAL A 37 8.05 4.79 17.12
CA VAL A 37 7.94 3.44 16.62
C VAL A 37 6.46 3.17 16.47
N ALA A 38 5.64 3.41 17.48
CA ALA A 38 4.22 3.18 17.27
C ALA A 38 3.68 4.06 16.12
N ALA A 39 3.73 5.39 16.29
CA ALA A 39 3.18 6.30 15.25
C ALA A 39 3.77 5.99 13.88
N ALA A 40 5.07 6.01 13.86
CA ALA A 40 5.76 5.75 12.60
C ALA A 40 5.44 4.32 12.13
N LEU A 41 5.68 3.38 13.02
CA LEU A 41 5.48 1.96 12.66
C LEU A 41 4.04 1.76 12.21
N VAL A 42 3.08 2.20 13.04
CA VAL A 42 1.68 2.06 12.65
C VAL A 42 1.41 2.97 11.45
N GLY A 43 1.69 4.27 11.61
CA GLY A 43 1.46 5.23 10.55
C GLY A 43 2.30 4.92 9.33
N PRO A 44 2.38 5.85 8.42
CA PRO A 44 3.13 5.67 7.16
C PRO A 44 4.65 5.91 7.28
N GLY A 45 5.04 6.84 8.15
CA GLY A 45 6.48 7.17 8.29
C GLY A 45 7.34 5.95 8.65
N GLY A 46 7.00 5.31 9.75
CA GLY A 46 7.85 4.18 10.17
C GLY A 46 7.84 3.20 9.03
N VAL A 47 6.64 2.91 8.59
CA VAL A 47 6.47 2.01 7.47
C VAL A 47 7.22 2.59 6.27
N ALA A 48 7.25 3.92 6.16
CA ALA A 48 7.95 4.50 5.01
C ALA A 48 9.41 4.04 5.00
N LEU A 49 10.21 4.38 6.01
CA LEU A 49 11.62 4.00 6.00
C LEU A 49 11.81 2.49 6.03
N VAL A 50 11.05 1.79 6.85
CA VAL A 50 11.24 0.36 6.97
C VAL A 50 11.00 -0.29 5.62
N VAL A 51 9.81 -0.11 5.07
CA VAL A 51 9.46 -0.72 3.79
C VAL A 51 10.38 -0.27 2.67
N LYS A 52 10.81 0.98 2.72
CA LYS A 52 11.66 1.50 1.65
C LYS A 52 12.98 0.77 1.68
N VAL A 53 13.56 0.79 2.85
CA VAL A 53 14.87 0.19 3.06
C VAL A 53 14.79 -1.30 2.80
N CYS A 54 13.79 -1.97 3.35
CA CYS A 54 13.71 -3.39 3.14
C CYS A 54 13.45 -3.65 1.65
N ALA A 55 12.34 -3.14 1.13
CA ALA A 55 11.96 -3.38 -0.26
C ALA A 55 13.00 -2.88 -1.23
N GLY A 56 13.39 -1.62 -1.09
CA GLY A 56 14.35 -1.04 -1.99
C GLY A 56 13.66 -0.56 -3.26
N LEU A 57 13.00 0.61 -3.15
CA LEU A 57 12.28 1.22 -4.27
C LEU A 57 10.84 0.64 -4.38
N PRO A 58 9.80 1.38 -4.05
CA PRO A 58 8.40 0.85 -4.12
C PRO A 58 7.91 0.59 -5.55
N GLY A 59 8.44 1.31 -6.53
CA GLY A 59 7.95 1.11 -7.89
C GLY A 59 8.20 -0.33 -8.32
N VAL A 60 9.47 -0.72 -8.33
CA VAL A 60 9.83 -2.10 -8.68
C VAL A 60 9.68 -2.93 -7.41
N ILE A 61 9.20 -4.17 -7.54
CA ILE A 61 9.01 -5.08 -6.40
C ILE A 61 7.86 -6.04 -6.69
N HIS A 62 8.12 -7.19 -7.31
CA HIS A 62 7.06 -8.17 -7.55
C HIS A 62 7.62 -9.55 -7.17
N THR A 63 6.89 -10.27 -6.32
CA THR A 63 7.33 -11.59 -5.87
C THR A 63 6.28 -12.64 -6.25
N PRO A 64 6.63 -13.90 -6.33
CA PRO A 64 5.65 -14.95 -6.69
C PRO A 64 4.85 -15.48 -5.49
N ALA A 65 5.51 -16.34 -4.73
CA ALA A 65 4.90 -17.02 -3.59
C ALA A 65 4.80 -16.09 -2.39
N ARG A 66 3.56 -15.95 -1.92
CA ARG A 66 3.26 -15.12 -0.76
C ARG A 66 1.82 -15.34 -0.33
N ARG A 67 1.46 -14.79 0.81
CA ARG A 67 0.11 -14.89 1.34
C ARG A 67 -0.87 -14.19 0.38
N GLY A 68 -0.44 -13.96 -0.86
CA GLY A 68 -1.28 -13.32 -1.84
C GLY A 68 -1.27 -11.81 -1.66
N PHE A 69 -0.99 -11.37 -0.43
CA PHE A 69 -0.96 -9.95 -0.13
C PHE A 69 -0.19 -9.70 1.18
N PHE A 70 0.21 -8.43 1.38
CA PHE A 70 0.96 -7.94 2.56
C PHE A 70 2.09 -6.99 2.14
N ARG A 71 1.78 -5.69 1.99
CA ARG A 71 2.76 -4.63 1.61
C ARG A 71 2.18 -3.77 0.49
N CYS A 72 2.40 -2.45 0.53
CA CYS A 72 1.87 -1.59 -0.51
C CYS A 72 0.36 -1.44 -0.32
N ASN A 73 -0.07 -0.71 0.71
CA ASN A 73 -1.49 -0.51 1.00
C ASN A 73 -1.70 0.97 1.34
N PRO A 74 -2.54 1.72 0.63
CA PRO A 74 -2.79 3.16 0.97
C PRO A 74 -3.16 3.40 2.45
N GLU A 75 -2.23 3.10 3.35
CA GLU A 75 -2.47 3.27 4.79
C GLU A 75 -3.57 2.34 5.28
N ARG A 76 -3.61 1.13 4.73
CA ARG A 76 -4.62 0.14 5.12
C ARG A 76 -3.97 -1.01 5.88
N ILE A 77 -4.62 -1.46 6.94
CA ILE A 77 -4.08 -2.56 7.73
C ILE A 77 -4.07 -3.86 6.92
N GLN A 78 -3.01 -4.61 7.13
CA GLN A 78 -2.78 -5.84 6.38
C GLN A 78 -3.92 -6.86 6.70
N ILE A 79 -5.07 -6.69 6.03
CA ILE A 79 -6.21 -7.60 6.21
C ILE A 79 -7.05 -7.68 4.91
N GLY A 80 -7.82 -8.75 4.74
CA GLY A 80 -8.64 -8.92 3.52
C GLY A 80 -8.10 -10.04 2.66
N ASP A 81 -6.95 -10.56 3.03
CA ASP A 81 -6.39 -11.67 2.30
C ASP A 81 -7.14 -12.94 2.70
N TRP A 82 -8.11 -13.32 1.88
CA TRP A 82 -8.96 -14.48 2.12
C TRP A 82 -8.37 -15.78 1.54
N ARG A 83 -9.08 -16.84 1.86
CA ARG A 83 -8.70 -18.20 1.41
C ARG A 83 -9.28 -18.56 0.04
N TYR A 84 -10.60 -18.50 -0.05
CA TYR A 84 -11.34 -18.85 -1.27
C TYR A 84 -11.56 -17.64 -2.19
N GLU A 85 -11.42 -16.46 -1.65
CA GLU A 85 -11.64 -15.27 -2.42
C GLU A 85 -10.46 -15.01 -3.33
N VAL A 86 -9.35 -15.69 -3.10
CA VAL A 86 -8.16 -15.39 -3.88
C VAL A 86 -8.54 -15.28 -5.33
N ALA A 87 -9.16 -16.28 -5.89
CA ALA A 87 -9.57 -16.22 -7.27
C ALA A 87 -10.64 -15.14 -7.43
N HIS A 88 -11.65 -15.17 -6.55
CA HIS A 88 -12.72 -14.18 -6.65
C HIS A 88 -12.11 -12.77 -6.67
N ASP A 89 -11.38 -12.43 -5.61
CA ASP A 89 -10.73 -11.12 -5.56
C ASP A 89 -9.67 -11.05 -6.67
N GLY A 90 -8.87 -12.12 -6.80
CA GLY A 90 -7.82 -12.19 -7.81
C GLY A 90 -8.40 -12.25 -9.21
N ARG A 91 -9.60 -11.75 -9.38
CA ARG A 91 -10.21 -11.67 -10.70
C ARG A 91 -9.77 -10.36 -11.36
N LEU A 92 -9.11 -9.48 -10.59
CA LEU A 92 -8.68 -8.17 -11.12
C LEU A 92 -7.66 -8.30 -12.25
N LEU A 93 -6.77 -9.26 -12.21
CA LEU A 93 -5.78 -9.31 -13.29
C LEU A 93 -6.50 -9.27 -14.64
N ALA A 94 -7.25 -10.32 -14.91
CA ALA A 94 -7.96 -10.36 -16.19
C ALA A 94 -8.98 -9.21 -16.16
N ALA A 95 -10.04 -9.44 -15.41
CA ALA A 95 -11.17 -8.56 -15.17
C ALA A 95 -10.84 -7.20 -14.54
N HIS A 96 -9.57 -6.76 -14.52
CA HIS A 96 -9.16 -5.50 -13.84
C HIS A 96 -10.31 -4.51 -13.65
N MET A 97 -11.31 -4.51 -14.50
CA MET A 97 -12.42 -3.63 -14.21
C MET A 97 -13.05 -4.12 -12.88
N VAL A 98 -13.46 -5.41 -12.82
CA VAL A 98 -14.14 -5.93 -11.62
C VAL A 98 -13.56 -5.33 -10.34
N ASN A 99 -12.24 -5.36 -10.14
CA ASN A 99 -11.59 -4.85 -8.91
C ASN A 99 -12.35 -3.66 -8.28
N GLY A 100 -13.23 -3.07 -9.04
CA GLY A 100 -14.07 -2.00 -8.55
C GLY A 100 -14.71 -2.40 -7.20
N ILE A 101 -14.86 -3.72 -6.94
CA ILE A 101 -15.43 -4.19 -5.68
C ILE A 101 -14.40 -3.99 -4.56
N VAL A 102 -13.26 -4.58 -4.82
CA VAL A 102 -12.18 -4.57 -3.82
C VAL A 102 -12.22 -3.17 -3.17
N ILE A 103 -12.57 -2.15 -4.00
CA ILE A 103 -12.74 -0.77 -3.52
C ILE A 103 -14.21 -0.35 -3.30
N ALA A 104 -15.11 -0.81 -4.15
CA ALA A 104 -16.55 -0.48 -4.06
C ALA A 104 -17.31 -1.33 -3.06
N GLU A 105 -16.71 -2.42 -2.59
CA GLU A 105 -17.37 -3.30 -1.66
C GLU A 105 -17.07 -2.94 -0.21
N ASP A 106 -15.85 -3.20 0.32
CA ASP A 106 -15.54 -2.90 1.73
C ASP A 106 -14.89 -1.53 1.97
N ALA A 107 -14.36 -0.89 0.92
CA ALA A 107 -13.69 0.41 1.14
C ALA A 107 -14.60 1.37 1.90
N LEU A 108 -15.89 1.42 1.53
CA LEU A 108 -16.82 2.33 2.20
C LEU A 108 -16.57 2.42 3.72
N ILE A 109 -15.81 1.47 4.26
CA ILE A 109 -15.49 1.50 5.70
C ILE A 109 -14.11 2.14 5.95
N ALA A 110 -13.17 1.99 5.00
CA ALA A 110 -11.82 2.56 5.15
C ALA A 110 -11.71 3.93 4.49
N GLU A 111 -12.48 4.16 3.45
CA GLU A 111 -12.39 5.45 2.77
C GLU A 111 -12.58 6.59 3.76
N ALA A 112 -12.95 6.25 4.99
CA ALA A 112 -13.13 7.28 6.04
C ALA A 112 -11.78 7.68 6.60
N VAL A 113 -10.77 7.03 6.04
CA VAL A 113 -9.37 7.29 6.40
C VAL A 113 -8.72 8.15 5.33
N GLY A 114 -9.48 9.07 4.73
CA GLY A 114 -8.93 9.95 3.70
C GLY A 114 -7.91 10.92 4.31
N PRO A 115 -8.14 11.42 5.50
CA PRO A 115 -7.17 12.32 6.17
C PRO A 115 -5.76 11.76 6.09
N HIS A 116 -5.67 10.53 5.61
CA HIS A 116 -4.39 9.86 5.47
C HIS A 116 -3.51 10.73 4.59
N LEU A 117 -4.15 11.60 3.80
CA LEU A 117 -3.41 12.50 2.94
C LEU A 117 -2.54 13.42 3.81
N ALA A 118 -3.16 14.16 4.70
CA ALA A 118 -2.43 15.07 5.58
C ALA A 118 -1.38 14.26 6.33
N ARG A 119 -1.83 13.19 6.97
CA ARG A 119 -0.90 12.34 7.70
C ARG A 119 0.13 11.85 6.70
N ALA A 120 -0.28 11.14 5.69
CA ALA A 120 0.70 10.65 4.76
C ALA A 120 1.67 11.73 4.37
N LEU A 121 1.32 13.01 4.68
CA LEU A 121 2.00 14.21 4.13
C LEU A 121 2.98 13.77 3.07
N GLY A 122 3.87 12.86 3.31
CA GLY A 122 4.69 12.41 2.22
C GLY A 122 3.75 12.05 1.04
N GLN A 123 2.45 11.72 1.28
CA GLN A 123 1.61 11.47 0.10
C GLN A 123 1.45 12.79 -0.62
N ILE A 124 1.69 13.90 0.09
CA ILE A 124 1.61 15.20 -0.57
C ILE A 124 2.70 15.32 -1.60
N VAL A 125 3.94 14.92 -1.29
CA VAL A 125 4.96 15.07 -2.34
C VAL A 125 4.51 14.24 -3.54
N CYS A 126 4.28 12.95 -3.32
CA CYS A 126 3.85 12.06 -4.39
C CYS A 126 2.63 12.62 -5.15
N ARG A 127 1.80 13.35 -4.42
CA ARG A 127 0.60 13.95 -5.02
C ARG A 127 0.90 15.30 -5.68
N TYR A 128 1.61 16.10 -4.93
CA TYR A 128 2.00 17.41 -5.40
C TYR A 128 2.63 17.27 -6.79
N GLY A 129 3.07 16.07 -7.16
CA GLY A 129 3.65 15.94 -8.49
C GLY A 129 3.96 14.50 -8.80
N ALA A 130 4.58 13.80 -7.86
CA ALA A 130 4.94 12.43 -8.06
C ALA A 130 6.05 12.28 -9.09
N THR A 131 7.33 12.44 -8.69
CA THR A 131 8.41 12.25 -9.64
C THR A 131 8.86 10.82 -9.53
N VAL A 132 8.14 10.07 -8.67
CA VAL A 132 8.41 8.65 -8.46
C VAL A 132 7.59 7.78 -9.44
N ILE A 133 7.08 8.30 -10.58
CA ILE A 133 6.35 7.48 -11.54
C ILE A 133 7.20 7.19 -12.80
N PRO A 134 8.27 7.96 -13.08
CA PRO A 134 9.02 7.76 -14.35
C PRO A 134 9.58 6.36 -14.50
N ASN A 135 10.28 5.84 -13.50
CA ASN A 135 10.85 4.51 -13.66
C ASN A 135 9.72 3.49 -13.72
N ILE A 136 9.03 3.31 -12.62
CA ILE A 136 7.98 2.33 -12.55
C ILE A 136 7.02 2.43 -13.74
N ASN A 137 6.75 3.65 -14.15
CA ASN A 137 5.87 3.82 -15.31
C ASN A 137 6.63 3.30 -16.49
N ALA A 138 7.89 3.63 -16.48
CA ALA A 138 8.75 3.18 -17.55
C ALA A 138 8.76 1.64 -17.56
N ALA A 139 9.02 1.01 -16.40
CA ALA A 139 9.03 -0.46 -16.34
C ALA A 139 7.64 -1.11 -16.24
N ILE A 140 6.84 -0.81 -15.19
CA ILE A 140 5.49 -1.46 -15.03
C ILE A 140 4.71 -1.43 -16.34
N GLU A 141 4.64 -0.23 -16.90
CA GLU A 141 3.91 -0.06 -18.16
C GLU A 141 4.29 -1.25 -19.02
N VAL A 142 5.57 -1.41 -19.30
CA VAL A 142 6.00 -2.56 -20.08
C VAL A 142 5.58 -3.87 -19.38
N LEU A 143 5.96 -4.02 -18.10
CA LEU A 143 5.64 -5.25 -17.36
C LEU A 143 4.13 -5.51 -17.51
N GLY A 144 3.31 -4.70 -16.84
CA GLY A 144 1.87 -4.89 -16.93
C GLY A 144 1.34 -4.50 -18.33
N THR A 145 1.28 -3.18 -18.49
CA THR A 145 0.77 -2.53 -19.73
C THR A 145 0.09 -1.20 -19.39
N GLY A 146 -0.47 -1.11 -18.19
CA GLY A 146 -1.20 0.08 -17.76
C GLY A 146 -2.69 -0.25 -17.86
N THR A 147 -2.96 -1.31 -18.62
CA THR A 147 -4.33 -1.77 -18.78
C THR A 147 -4.89 -1.98 -17.37
N ASP A 148 -5.38 -0.87 -16.83
CA ASP A 148 -5.96 -0.81 -15.49
C ASP A 148 -6.79 0.44 -15.28
N TYR A 149 -7.52 0.46 -14.17
CA TYR A 149 -8.32 1.60 -13.76
C TYR A 149 -8.32 1.68 -12.22
N ARG A 150 -8.32 2.91 -11.70
CA ARG A 150 -8.37 3.16 -10.26
C ARG A 150 -9.16 4.45 -9.99
N PHE A 151 -9.83 4.50 -8.84
CA PHE A 151 -10.60 5.69 -8.47
C PHE A 151 -9.71 6.64 -7.66
O1 MTN B . 7.23 -10.04 7.11
N1 MTN B . 7.80 -9.09 6.50
C1 MTN B . 7.25 -8.47 5.27
C2 MTN B . 8.29 -7.44 5.01
C3 MTN B . 9.28 -7.44 5.89
C4 MTN B . 10.46 -6.53 5.84
S1 MTN B . 11.57 -6.82 4.43
C5 MTN B . 9.10 -8.50 6.96
C6 MTN B . 10.27 -9.48 7.02
C7 MTN B . 8.88 -7.84 8.31
C8 MTN B . 7.16 -9.44 4.10
C9 MTN B . 5.92 -7.80 5.56
H2 MTN B . 8.25 -6.75 4.18
H41 MTN B . 11.02 -6.66 6.75
H42 MTN B . 10.09 -5.52 5.80
H61 MTN B . 11.14 -8.97 7.41
H62 MTN B . 10.49 -9.84 6.03
H63 MTN B . 10.02 -10.30 7.66
H71 MTN B . 8.07 -7.13 8.24
H72 MTN B . 9.78 -7.31 8.60
H73 MTN B . 8.65 -8.59 9.04
H81 MTN B . 6.86 -8.89 3.21
H82 MTN B . 6.43 -10.21 4.31
H83 MTN B . 8.12 -9.90 3.93
H91 MTN B . 5.16 -8.57 5.69
H92 MTN B . 5.99 -7.21 6.46
H93 MTN B . 5.64 -7.18 4.72
O1 MTN C . -2.64 -5.08 -3.88
N1 MTN C . -1.72 -4.24 -4.15
C1 MTN C . -0.33 -4.65 -4.43
C2 MTN C . 0.29 -3.32 -4.66
C3 MTN C . -0.56 -2.31 -4.56
C4 MTN C . -0.20 -0.87 -4.72
S1 MTN C . 0.44 -0.08 -3.24
C5 MTN C . -1.97 -2.77 -4.22
C6 MTN C . -2.54 -2.15 -2.93
C7 MTN C . -2.89 -2.51 -5.42
C8 MTN C . 0.33 -5.40 -3.28
C9 MTN C . -0.29 -5.48 -5.71
H2 MTN C . 1.33 -3.19 -4.91
H41 MTN C . -1.09 -0.34 -5.03
H42 MTN C . 0.54 -0.81 -5.52
H61 MTN C . -2.09 -1.19 -2.75
H62 MTN C . -3.61 -2.03 -3.00
H63 MTN C . -2.32 -2.81 -2.10
H71 MTN C . -3.05 -1.45 -5.53
H72 MTN C . -2.42 -2.88 -6.33
H73 MTN C . -3.83 -3.01 -5.27
H81 MTN C . -0.13 -6.36 -3.17
H82 MTN C . 0.23 -4.83 -2.38
H83 MTN C . 1.38 -5.54 -3.50
H91 MTN C . 0.74 -5.61 -6.02
H92 MTN C . -0.84 -4.96 -6.49
H93 MTN C . -0.74 -6.43 -5.53
O1 MTN D . -3.58 9.92 -6.33
N1 MTN D . -2.32 9.79 -6.40
C1 MTN D . -1.53 10.37 -7.51
C2 MTN D . -0.17 9.93 -7.10
C3 MTN D . -0.16 9.22 -5.99
C4 MTN D . 1.06 8.63 -5.35
S1 MTN D . 2.61 9.03 -6.19
C5 MTN D . -1.53 9.04 -5.40
C6 MTN D . -1.93 7.58 -5.23
C7 MTN D . -1.63 9.79 -4.07
C8 MTN D . -1.91 9.81 -8.89
C9 MTN D . -1.66 11.89 -7.48
H2 MTN D . 0.72 10.17 -7.67
H41 MTN D . 0.94 7.55 -5.35
H42 MTN D . 1.10 8.97 -4.32
H61 MTN D . -1.32 7.13 -4.46
H62 MTN D . -1.79 7.06 -6.16
H63 MTN D . -2.97 7.52 -4.94
H71 MTN D . -2.65 9.76 -3.72
H72 MTN D . -1.32 10.81 -4.20
H73 MTN D . -1.00 9.31 -3.34
H81 MTN D . -1.25 10.21 -9.63
H82 MTN D . -2.93 10.09 -9.12
H83 MTN D . -1.83 8.74 -8.87
H91 MTN D . -2.59 12.19 -7.95
H92 MTN D . -0.84 12.34 -8.02
H93 MTN D . -1.65 12.22 -6.45
N MET A 25 10.36 -5.88 31.51
CA MET A 25 9.04 -5.78 30.84
C MET A 25 9.04 -6.67 29.61
N SER A 26 7.86 -6.91 29.03
CA SER A 26 7.71 -7.76 27.85
C SER A 26 7.44 -6.91 26.62
N ASP A 27 7.55 -5.58 26.78
CA ASP A 27 7.32 -4.63 25.68
C ASP A 27 7.20 -3.21 26.22
N PHE A 28 8.31 -2.47 26.18
CA PHE A 28 8.31 -1.09 26.67
C PHE A 28 9.35 -0.27 25.91
N ASP A 29 9.06 1.01 25.70
CA ASP A 29 9.97 1.89 24.98
C ASP A 29 9.69 3.35 25.32
N THR A 30 10.71 4.18 25.19
CA THR A 30 10.57 5.59 25.49
C THR A 30 9.69 6.27 24.45
N GLU A 31 9.34 7.50 24.73
CA GLU A 31 8.48 8.30 23.84
C GLU A 31 9.09 8.35 22.44
N ARG A 32 10.30 8.85 22.38
CA ARG A 32 10.94 8.99 21.06
C ARG A 32 10.87 7.63 20.34
N VAL A 33 11.36 6.61 21.00
CA VAL A 33 11.32 5.26 20.41
C VAL A 33 9.85 4.78 20.25
N SER A 34 9.08 4.91 21.32
CA SER A 34 7.68 4.46 21.35
C SER A 34 6.75 5.19 20.38
N ARG A 35 6.87 6.51 20.21
CA ARG A 35 6.04 7.22 19.24
C ARG A 35 6.63 7.04 17.85
N ALA A 36 7.91 7.40 17.77
CA ALA A 36 8.61 7.34 16.48
C ALA A 36 8.27 5.98 15.87
N VAL A 37 8.43 4.94 16.66
CA VAL A 37 8.07 3.63 16.14
C VAL A 37 6.58 3.67 15.79
N ALA A 38 5.71 4.14 16.69
CA ALA A 38 4.27 4.20 16.36
C ALA A 38 4.02 5.09 15.12
N ALA A 39 4.35 6.36 15.25
CA ALA A 39 4.12 7.32 14.15
C ALA A 39 4.74 6.81 12.87
N ALA A 40 6.02 6.54 12.96
CA ALA A 40 6.76 6.05 11.80
C ALA A 40 6.18 4.68 11.38
N LEU A 41 6.15 3.78 12.35
CA LEU A 41 5.66 2.42 12.01
C LEU A 41 4.25 2.52 11.41
N VAL A 42 3.33 3.17 12.12
CA VAL A 42 1.96 3.31 11.59
C VAL A 42 1.98 4.23 10.35
N GLY A 43 2.48 5.44 10.52
CA GLY A 43 2.53 6.40 9.42
C GLY A 43 3.45 5.95 8.28
N PRO A 44 3.65 6.79 7.29
CA PRO A 44 4.52 6.46 6.12
C PRO A 44 6.03 6.56 6.39
N GLY A 45 6.44 7.33 7.40
CA GLY A 45 7.88 7.51 7.66
C GLY A 45 8.54 6.16 7.95
N GLY A 46 8.06 5.50 8.98
CA GLY A 46 8.67 4.21 9.34
C GLY A 46 8.59 3.32 8.12
N VAL A 47 7.39 3.20 7.59
CA VAL A 47 7.15 2.38 6.41
C VAL A 47 8.01 2.88 5.24
N ALA A 48 8.27 4.19 5.21
CA ALA A 48 9.09 4.71 4.12
C ALA A 48 10.48 4.06 4.19
N LEU A 49 11.20 4.24 5.30
CA LEU A 49 12.54 3.66 5.42
C LEU A 49 12.52 2.12 5.34
N VAL A 50 11.63 1.46 6.08
CA VAL A 50 11.64 0.00 6.06
C VAL A 50 11.38 -0.50 4.64
N VAL A 51 10.23 -0.17 4.06
CA VAL A 51 9.91 -0.65 2.71
C VAL A 51 10.95 -0.21 1.67
N LYS A 52 11.52 0.98 1.83
CA LYS A 52 12.49 1.45 0.85
C LYS A 52 13.72 0.57 0.92
N VAL A 53 14.24 0.47 2.12
CA VAL A 53 15.47 -0.29 2.35
C VAL A 53 15.25 -1.77 2.10
N CYS A 54 14.19 -2.35 2.66
CA CYS A 54 14.00 -3.76 2.40
C CYS A 54 13.73 -3.98 0.92
N ALA A 55 12.65 -3.38 0.41
CA ALA A 55 12.23 -3.60 -0.96
C ALA A 55 13.17 -3.02 -2.02
N GLY A 56 13.46 -1.72 -1.95
CA GLY A 56 14.32 -1.11 -2.95
C GLY A 56 13.54 -0.65 -4.17
N LEU A 57 12.76 0.42 -4.03
CA LEU A 57 11.99 0.97 -5.15
C LEU A 57 10.78 0.05 -5.50
N PRO A 58 9.58 0.38 -5.06
CA PRO A 58 8.33 -0.43 -5.32
C PRO A 58 8.17 -0.96 -6.75
N GLY A 59 9.00 -0.49 -7.68
CA GLY A 59 8.85 -0.97 -9.06
C GLY A 59 9.01 -2.49 -9.10
N VAL A 60 10.16 -2.97 -8.65
CA VAL A 60 10.43 -4.40 -8.62
C VAL A 60 9.89 -4.99 -7.32
N ILE A 61 10.54 -6.03 -6.79
CA ILE A 61 10.12 -6.66 -5.54
C ILE A 61 8.89 -7.52 -5.70
N HIS A 62 9.06 -8.74 -6.21
CA HIS A 62 7.96 -9.68 -6.35
C HIS A 62 8.47 -11.03 -5.86
N THR A 63 7.76 -11.65 -4.92
CA THR A 63 8.19 -12.95 -4.37
C THR A 63 7.33 -14.08 -4.98
N PRO A 64 7.92 -15.19 -5.37
CA PRO A 64 7.13 -16.30 -5.97
C PRO A 64 5.95 -16.76 -5.09
N ALA A 65 6.10 -16.68 -3.77
CA ALA A 65 5.04 -17.10 -2.85
C ALA A 65 4.72 -16.01 -1.84
N ARG A 66 3.46 -15.69 -1.65
CA ARG A 66 3.08 -14.72 -0.64
C ARG A 66 1.62 -14.90 -0.29
N ARG A 67 1.24 -14.41 0.88
CA ARG A 67 -0.14 -14.52 1.34
C ARG A 67 -1.07 -13.78 0.38
N GLY A 68 -0.63 -13.62 -0.88
CA GLY A 68 -1.42 -12.94 -1.88
C GLY A 68 -1.29 -11.44 -1.73
N PHE A 69 -0.98 -11.00 -0.50
CA PHE A 69 -0.85 -9.57 -0.22
C PHE A 69 -0.49 -9.33 1.26
N PHE A 70 -0.46 -8.03 1.63
CA PHE A 70 -0.12 -7.55 3.00
C PHE A 70 1.13 -6.69 2.95
N ARG A 71 0.92 -5.37 3.10
CA ARG A 71 1.98 -4.36 3.05
C ARG A 71 1.96 -3.71 1.67
N CYS A 72 2.68 -2.59 1.50
CA CYS A 72 2.70 -1.87 0.21
C CYS A 72 1.40 -1.08 -0.01
N ASN A 73 0.35 -1.44 0.74
CA ASN A 73 -0.95 -0.78 0.61
C ASN A 73 -0.87 0.72 0.96
N PRO A 74 -1.66 1.59 0.31
CA PRO A 74 -1.68 3.05 0.66
C PRO A 74 -2.11 3.29 2.12
N GLU A 75 -1.28 2.85 3.05
CA GLU A 75 -1.56 3.05 4.48
C GLU A 75 -3.01 2.69 4.88
N ARG A 76 -3.45 1.44 4.58
CA ARG A 76 -4.81 0.97 4.95
C ARG A 76 -4.79 -0.50 5.35
N ILE A 77 -5.76 -0.98 6.17
CA ILE A 77 -5.73 -2.34 6.68
C ILE A 77 -6.11 -3.46 5.67
N GLN A 78 -5.17 -4.39 5.66
CA GLN A 78 -5.19 -5.58 4.79
C GLN A 78 -6.37 -6.48 5.17
N ILE A 79 -7.55 -6.18 4.61
CA ILE A 79 -8.76 -6.99 4.86
C ILE A 79 -9.65 -6.99 3.60
N GLY A 80 -10.51 -8.02 3.43
CA GLY A 80 -11.39 -8.09 2.25
C GLY A 80 -10.93 -9.17 1.28
N ASP A 81 -9.80 -9.74 1.59
CA ASP A 81 -9.23 -10.83 0.78
C ASP A 81 -9.27 -12.11 1.61
N TRP A 82 -9.80 -13.23 1.06
CA TRP A 82 -9.87 -14.48 1.80
C TRP A 82 -9.39 -15.64 0.91
N ARG A 83 -8.88 -16.63 1.59
CA ARG A 83 -8.32 -17.81 0.94
C ARG A 83 -9.16 -18.19 -0.32
N TYR A 84 -10.48 -18.10 -0.22
CA TYR A 84 -11.38 -18.44 -1.34
C TYR A 84 -11.62 -17.26 -2.30
N GLU A 85 -11.49 -16.06 -1.78
CA GLU A 85 -11.66 -14.86 -2.58
C GLU A 85 -10.42 -14.59 -3.38
N VAL A 86 -9.32 -15.27 -3.06
CA VAL A 86 -8.07 -14.99 -3.77
C VAL A 86 -8.32 -15.00 -5.26
N ALA A 87 -8.82 -16.10 -5.80
CA ALA A 87 -9.04 -16.15 -7.23
C ALA A 87 -10.09 -15.15 -7.64
N HIS A 88 -11.28 -15.29 -7.04
CA HIS A 88 -12.39 -14.38 -7.36
C HIS A 88 -11.88 -12.93 -7.33
N ASP A 89 -11.33 -12.54 -6.20
CA ASP A 89 -10.80 -11.18 -6.04
C ASP A 89 -9.47 -11.02 -6.78
N GLY A 90 -8.55 -11.95 -6.60
CA GLY A 90 -7.28 -11.91 -7.30
C GLY A 90 -7.49 -12.32 -8.75
N ARG A 91 -8.70 -12.10 -9.22
CA ARG A 91 -9.07 -12.30 -10.62
C ARG A 91 -8.39 -11.18 -11.38
N LEU A 92 -7.57 -10.39 -10.64
CA LEU A 92 -6.88 -9.23 -11.22
C LEU A 92 -6.58 -9.51 -12.68
N LEU A 93 -6.40 -10.79 -12.97
CA LEU A 93 -6.13 -11.17 -14.36
C LEU A 93 -7.36 -10.82 -15.21
N ALA A 94 -8.49 -11.50 -14.98
CA ALA A 94 -9.70 -11.16 -15.75
C ALA A 94 -10.26 -9.89 -15.12
N ALA A 95 -10.92 -10.06 -13.98
CA ALA A 95 -11.50 -8.96 -13.20
C ALA A 95 -10.60 -7.74 -13.07
N HIS A 96 -9.43 -7.68 -13.73
CA HIS A 96 -8.54 -6.53 -13.58
C HIS A 96 -9.30 -5.23 -13.36
N MET A 97 -10.25 -4.90 -14.24
CA MET A 97 -11.03 -3.69 -14.04
C MET A 97 -12.00 -3.96 -12.90
N VAL A 98 -12.84 -4.99 -13.05
CA VAL A 98 -13.86 -5.28 -12.06
C VAL A 98 -13.29 -5.20 -10.64
N ASN A 99 -12.07 -5.73 -10.32
CA ASN A 99 -11.50 -5.61 -8.94
C ASN A 99 -11.85 -4.26 -8.30
N GLY A 100 -12.30 -3.38 -9.15
CA GLY A 100 -12.81 -2.10 -8.70
C GLY A 100 -13.80 -2.40 -7.56
N ILE A 101 -14.29 -3.66 -7.53
CA ILE A 101 -15.24 -4.08 -6.53
C ILE A 101 -14.67 -3.96 -5.11
N VAL A 102 -13.46 -4.45 -4.77
CA VAL A 102 -12.94 -4.31 -3.41
C VAL A 102 -12.85 -2.86 -2.96
N ILE A 103 -12.87 -1.93 -3.90
CA ILE A 103 -12.83 -0.52 -3.51
C ILE A 103 -14.29 -0.07 -3.34
N ALA A 104 -15.14 -0.56 -4.23
CA ALA A 104 -16.57 -0.27 -4.19
C ALA A 104 -17.36 -1.12 -3.18
N GLU A 105 -16.79 -2.23 -2.69
CA GLU A 105 -17.51 -3.07 -1.75
C GLU A 105 -17.20 -2.72 -0.28
N ASP A 106 -16.00 -3.03 0.24
CA ASP A 106 -15.69 -2.74 1.65
C ASP A 106 -15.09 -1.34 1.93
N ALA A 107 -14.59 -0.63 0.92
CA ALA A 107 -13.97 0.68 1.19
C ALA A 107 -14.92 1.61 1.97
N LEU A 108 -16.19 1.70 1.57
CA LEU A 108 -17.14 2.57 2.28
C LEU A 108 -16.92 2.50 3.81
N ILE A 109 -16.43 1.36 4.29
CA ILE A 109 -16.15 1.20 5.72
C ILE A 109 -14.76 1.77 6.08
N ALA A 110 -13.78 1.59 5.18
CA ALA A 110 -12.42 2.11 5.43
C ALA A 110 -12.24 3.50 4.83
N GLU A 111 -12.99 3.83 3.78
CA GLU A 111 -12.88 5.12 3.14
C GLU A 111 -13.06 6.24 4.16
N ALA A 112 -13.50 5.88 5.36
CA ALA A 112 -13.66 6.87 6.43
C ALA A 112 -12.29 7.24 6.96
N VAL A 113 -11.31 6.63 6.30
CA VAL A 113 -9.90 6.86 6.61
C VAL A 113 -9.20 7.53 5.44
N GLY A 114 -9.91 8.43 4.75
CA GLY A 114 -9.32 9.14 3.62
C GLY A 114 -8.40 10.26 4.12
N PRO A 115 -8.76 10.95 5.19
CA PRO A 115 -7.91 12.04 5.76
C PRO A 115 -6.47 11.56 5.96
N HIS A 116 -6.31 10.27 5.75
CA HIS A 116 -5.01 9.63 5.87
C HIS A 116 -4.05 10.35 4.92
N LEU A 117 -4.62 11.19 4.04
CA LEU A 117 -3.81 11.97 3.12
C LEU A 117 -3.02 13.02 3.89
N ALA A 118 -3.71 13.91 4.62
CA ALA A 118 -3.01 14.92 5.39
C ALA A 118 -2.06 14.25 6.38
N ARG A 119 -2.60 13.30 7.13
CA ARG A 119 -1.78 12.58 8.09
C ARG A 119 -0.59 11.96 7.32
N ALA A 120 -0.86 11.15 6.34
CA ALA A 120 0.23 10.57 5.61
C ALA A 120 1.23 11.65 5.18
N LEU A 121 0.88 12.97 5.35
CA LEU A 121 1.61 14.12 4.73
C LEU A 121 2.63 13.59 3.77
N GLY A 122 3.44 12.64 4.05
CA GLY A 122 4.25 12.11 2.99
C GLY A 122 3.31 11.83 1.79
N GLN A 123 1.97 11.63 2.05
CA GLN A 123 1.04 11.45 0.89
C GLN A 123 0.93 12.80 0.19
N ILE A 124 1.20 13.87 0.93
CA ILE A 124 1.18 15.21 0.33
C ILE A 124 2.31 15.32 -0.69
N VAL A 125 3.52 14.87 -0.33
CA VAL A 125 4.62 14.92 -1.29
C VAL A 125 4.18 14.20 -2.55
N CYS A 126 3.88 12.93 -2.41
CA CYS A 126 3.47 12.13 -3.55
C CYS A 126 2.36 12.79 -4.37
N ARG A 127 1.63 13.70 -3.75
CA ARG A 127 0.52 14.44 -4.43
C ARG A 127 1.01 15.72 -5.10
N TYR A 128 1.75 16.42 -4.31
CA TYR A 128 2.43 17.67 -4.64
C TYR A 128 3.88 17.33 -4.98
N GLY A 129 4.15 16.10 -5.43
CA GLY A 129 5.49 15.71 -5.77
C GLY A 129 5.44 14.39 -6.53
N ALA A 130 5.74 13.30 -5.83
CA ALA A 130 5.76 12.00 -6.45
C ALA A 130 6.98 11.83 -7.35
N THR A 131 8.22 11.94 -6.86
CA THR A 131 9.33 11.68 -7.75
C THR A 131 9.48 10.18 -7.82
N VAL A 132 8.53 9.47 -7.19
CA VAL A 132 8.56 8.01 -7.24
C VAL A 132 7.89 7.50 -8.52
N ILE A 133 6.64 7.90 -8.81
CA ILE A 133 5.93 7.39 -10.00
C ILE A 133 6.73 7.43 -11.31
N PRO A 134 7.53 8.42 -11.61
CA PRO A 134 8.22 8.43 -12.94
C PRO A 134 8.94 7.12 -13.24
N ASN A 135 9.77 6.59 -12.33
CA ASN A 135 10.47 5.35 -12.66
C ASN A 135 9.51 4.17 -12.70
N ILE A 136 8.97 3.74 -11.56
CA ILE A 136 8.04 2.60 -11.56
C ILE A 136 7.03 2.75 -12.69
N ASN A 137 6.76 4.00 -13.02
CA ASN A 137 5.79 4.27 -14.08
C ASN A 137 6.31 3.66 -15.35
N ALA A 138 7.52 4.00 -15.78
CA ALA A 138 8.04 3.44 -17.00
C ALA A 138 8.17 1.94 -16.94
N ALA A 139 8.55 1.33 -15.79
CA ALA A 139 8.66 -0.12 -15.76
C ALA A 139 7.28 -0.74 -15.72
N ILE A 140 6.50 -0.42 -14.67
CA ILE A 140 5.16 -1.02 -14.53
C ILE A 140 4.42 -0.89 -15.85
N GLU A 141 4.46 0.33 -16.35
CA GLU A 141 3.79 0.61 -17.63
C GLU A 141 4.07 -0.59 -18.53
N VAL A 142 5.34 -0.81 -18.77
CA VAL A 142 5.74 -1.97 -19.59
C VAL A 142 5.24 -3.28 -18.95
N LEU A 143 5.58 -3.48 -17.67
CA LEU A 143 5.17 -4.72 -17.00
C LEU A 143 3.63 -4.87 -17.17
N GLY A 144 2.85 -4.03 -16.47
CA GLY A 144 1.39 -4.13 -16.59
C GLY A 144 0.94 -3.74 -18.01
N THR A 145 0.95 -2.43 -18.18
CA THR A 145 0.54 -1.74 -19.43
C THR A 145 -0.12 -0.40 -19.12
N GLY A 146 -0.75 -0.32 -17.96
CA GLY A 146 -1.50 0.87 -17.57
C GLY A 146 -2.97 0.55 -17.68
N THR A 147 -3.25 -0.54 -18.40
CA THR A 147 -4.63 -0.97 -18.55
C THR A 147 -5.18 -1.24 -17.14
N ASP A 148 -5.58 -0.12 -16.55
CA ASP A 148 -6.17 -0.07 -15.22
C ASP A 148 -6.88 1.26 -15.00
N TYR A 149 -7.59 1.34 -13.88
CA TYR A 149 -8.25 2.57 -13.48
C TYR A 149 -8.15 2.65 -11.95
N ARG A 150 -7.95 3.85 -11.42
CA ARG A 150 -7.87 4.07 -9.99
C ARG A 150 -8.38 5.46 -9.63
N PHE A 151 -8.90 5.61 -8.41
CA PHE A 151 -9.43 6.91 -7.95
C PHE A 151 -8.74 7.35 -6.65
O1 MTN B . 7.59 -9.34 7.70
N1 MTN B . 8.20 -9.08 6.62
C1 MTN B . 7.51 -9.02 5.30
C2 MTN B . 8.66 -8.69 4.42
C3 MTN B . 9.81 -8.57 5.07
C4 MTN B . 11.11 -8.24 4.43
S1 MTN B . 11.08 -6.76 3.37
C5 MTN B . 9.66 -8.80 6.56
C6 MTN B . 10.57 -9.90 7.08
C7 MTN B . 9.93 -7.49 7.30
C8 MTN B . 6.88 -10.35 4.90
C9 MTN B . 6.49 -7.90 5.29
H2 MTN B . 8.57 -8.56 3.36
H41 MTN B . 11.39 -9.08 3.80
H42 MTN B . 11.85 -8.11 5.20
H61 MTN B . 10.28 -10.16 8.09
H62 MTN B . 11.60 -9.57 7.07
H63 MTN B . 10.47 -10.78 6.45
H71 MTN B . 9.76 -7.63 8.36
H72 MTN B . 9.28 -6.71 6.93
H73 MTN B . 10.96 -7.18 7.15
H81 MTN B . 6.53 -10.29 3.88
H82 MTN B . 6.05 -10.57 5.55
H83 MTN B . 7.62 -11.14 4.97
H91 MTN B . 6.18 -7.70 4.28
H92 MTN B . 5.63 -8.18 5.88
H93 MTN B . 6.94 -7.01 5.71
O1 MTN C . -2.78 -5.01 -4.13
N1 MTN C . -1.87 -4.19 -3.82
C1 MTN C . -1.75 -3.58 -2.48
C2 MTN C . -0.54 -2.74 -2.69
C3 MTN C . -0.03 -2.83 -3.90
C4 MTN C . 1.18 -2.11 -4.37
S1 MTN C . 2.74 -2.94 -3.97
C5 MTN C . -0.82 -3.77 -4.79
C6 MTN C . -1.36 -3.08 -6.05
C7 MTN C . 0.03 -4.97 -5.15
C8 MTN C . -2.98 -2.72 -2.13
C9 MTN C . -1.51 -4.65 -1.44
H2 MTN C . -0.11 -2.13 -1.91
H41 MTN C . 1.20 -1.14 -3.90
H42 MTN C . 1.10 -1.99 -5.44
H61 MTN C . -0.55 -2.94 -6.76
H62 MTN C . -2.12 -3.69 -6.49
H63 MTN C . -1.76 -2.11 -5.80
H71 MTN C . -0.53 -5.63 -5.80
H72 MTN C . 0.93 -4.64 -5.66
H73 MTN C . 0.31 -5.50 -4.26
H81 MTN C . -3.02 -1.86 -2.77
H82 MTN C . -2.92 -2.41 -1.10
H83 MTN C . -3.88 -3.31 -2.27
H91 MTN C . -2.40 -5.26 -1.33
H92 MTN C . -1.27 -4.19 -0.49
H93 MTN C . -0.68 -5.28 -1.75
O1 MTN D . -3.71 10.62 -5.38
N1 MTN D . -2.59 10.15 -5.73
C1 MTN D . -2.13 10.14 -7.14
C2 MTN D . -0.80 9.51 -6.97
C3 MTN D . -0.52 9.20 -5.72
C4 MTN D . 0.77 8.59 -5.27
S1 MTN D . 2.22 9.57 -5.73
C5 MTN D . -1.63 9.56 -4.76
C6 MTN D . -2.20 8.35 -3.99
C7 MTN D . -1.16 10.67 -3.82
C8 MTN D . -3.03 9.34 -8.07
C9 MTN D . -1.97 11.57 -7.64
H2 MTN D . -0.14 9.32 -7.80
H41 MTN D . 0.86 7.62 -5.73
H42 MTN D . 0.74 8.48 -4.20
H61 MTN D . -1.41 7.64 -3.79
H62 MTN D . -2.96 7.88 -4.58
H63 MTN D . -2.63 8.67 -3.05
H71 MTN D . -2.01 11.04 -3.26
H72 MTN D . -0.74 11.48 -4.39
H73 MTN D . -0.42 10.27 -3.15
H81 MTN D . -2.67 9.43 -9.09
H82 MTN D . -4.04 9.73 -8.03
H83 MTN D . -3.03 8.30 -7.78
H91 MTN D . -1.50 11.56 -8.61
H92 MTN D . -1.34 12.13 -6.95
H93 MTN D . -2.94 12.05 -7.71
N MET A 25 10.39 -5.56 31.19
CA MET A 25 9.43 -6.69 31.38
C MET A 25 9.42 -7.58 30.13
N SER A 26 8.22 -7.89 29.63
CA SER A 26 8.06 -8.71 28.44
C SER A 26 7.62 -7.85 27.25
N ASP A 27 7.56 -6.54 27.48
CA ASP A 27 7.16 -5.61 26.42
C ASP A 27 7.02 -4.18 26.93
N PHE A 28 8.09 -3.40 26.78
CA PHE A 28 8.07 -2.00 27.22
C PHE A 28 9.02 -1.17 26.36
N ASP A 29 8.66 0.10 26.13
CA ASP A 29 9.49 1.00 25.33
C ASP A 29 9.19 2.45 25.72
N THR A 30 10.17 3.32 25.55
CA THR A 30 10.00 4.74 25.91
C THR A 30 9.03 5.41 24.93
N GLU A 31 8.60 6.61 25.25
CA GLU A 31 7.62 7.32 24.41
C GLU A 31 8.18 7.49 22.99
N ARG A 32 9.31 8.16 22.90
CA ARG A 32 9.91 8.41 21.57
C ARG A 32 9.96 7.04 20.83
N VAL A 33 10.56 6.07 21.49
CA VAL A 33 10.64 4.75 20.88
C VAL A 33 9.24 4.13 20.77
N SER A 34 8.47 4.12 21.84
CA SER A 34 7.12 3.53 21.77
C SER A 34 6.24 4.30 20.78
N ARG A 35 5.96 5.57 21.07
CA ARG A 35 5.06 6.35 20.23
C ARG A 35 5.63 6.58 18.84
N ALA A 36 6.76 7.25 18.74
CA ALA A 36 7.32 7.54 17.41
C ALA A 36 7.30 6.22 16.62
N VAL A 37 7.78 5.15 17.25
CA VAL A 37 7.74 3.86 16.57
C VAL A 37 6.27 3.50 16.33
N ALA A 38 5.41 3.56 17.33
CA ALA A 38 4.02 3.21 17.08
C ALA A 38 3.49 4.09 15.94
N ALA A 39 3.48 5.40 16.16
CA ALA A 39 2.98 6.33 15.16
C ALA A 39 3.66 6.08 13.81
N ALA A 40 4.97 6.10 13.84
CA ALA A 40 5.74 5.89 12.61
C ALA A 40 5.48 4.47 12.08
N LEU A 41 5.76 3.51 12.92
CA LEU A 41 5.60 2.10 12.52
C LEU A 41 4.14 1.90 12.06
N VAL A 42 3.18 2.26 12.91
CA VAL A 42 1.77 2.10 12.50
C VAL A 42 1.44 3.09 11.37
N GLY A 43 1.63 4.39 11.62
CA GLY A 43 1.34 5.41 10.63
C GLY A 43 2.12 5.13 9.36
N PRO A 44 2.14 6.08 8.45
CA PRO A 44 2.84 5.92 7.14
C PRO A 44 4.37 6.12 7.20
N GLY A 45 4.84 6.99 8.10
CA GLY A 45 6.28 7.30 8.14
C GLY A 45 7.15 6.06 8.44
N GLY A 46 6.89 5.42 9.57
CA GLY A 46 7.74 4.27 9.94
C GLY A 46 7.72 3.30 8.77
N VAL A 47 6.53 2.96 8.34
CA VAL A 47 6.40 2.06 7.21
C VAL A 47 7.06 2.71 5.99
N ALA A 48 7.03 4.04 5.91
CA ALA A 48 7.65 4.68 4.74
C ALA A 48 9.13 4.27 4.67
N LEU A 49 9.94 4.61 5.67
CA LEU A 49 11.36 4.27 5.61
C LEU A 49 11.57 2.76 5.59
N VAL A 50 10.88 2.05 6.48
CA VAL A 50 11.07 0.61 6.54
C VAL A 50 10.76 0.00 5.17
N VAL A 51 9.57 0.21 4.68
CA VAL A 51 9.16 -0.34 3.39
C VAL A 51 10.06 0.18 2.28
N LYS A 52 10.45 1.45 2.37
CA LYS A 52 11.28 2.03 1.33
C LYS A 52 12.64 1.34 1.31
N VAL A 53 13.27 1.38 2.45
CA VAL A 53 14.61 0.82 2.57
C VAL A 53 14.55 -0.68 2.33
N CYS A 54 13.61 -1.35 2.98
CA CYS A 54 13.52 -2.78 2.80
C CYS A 54 13.11 -3.11 1.38
N ALA A 55 11.93 -2.65 0.97
CA ALA A 55 11.40 -2.97 -0.36
C ALA A 55 12.28 -2.41 -1.46
N GLY A 56 12.57 -1.12 -1.39
CA GLY A 56 13.38 -0.49 -2.42
C GLY A 56 12.52 -0.13 -3.60
N LEU A 57 11.63 0.86 -3.40
CA LEU A 57 10.71 1.37 -4.43
C LEU A 57 9.38 0.62 -4.42
N PRO A 58 8.46 1.00 -3.55
CA PRO A 58 7.11 0.37 -3.46
C PRO A 58 6.36 0.37 -4.80
N GLY A 59 6.69 1.33 -5.67
CA GLY A 59 6.00 1.40 -6.96
C GLY A 59 6.19 0.06 -7.69
N VAL A 60 7.44 -0.32 -7.93
CA VAL A 60 7.73 -1.61 -8.56
C VAL A 60 8.08 -2.57 -7.42
N ILE A 61 8.19 -3.88 -7.72
CA ILE A 61 8.53 -4.93 -6.73
C ILE A 61 7.37 -5.91 -6.58
N HIS A 62 7.59 -7.18 -6.93
CA HIS A 62 6.55 -8.19 -6.80
C HIS A 62 7.18 -9.47 -6.25
N THR A 63 6.60 -10.03 -5.20
CA THR A 63 7.14 -11.26 -4.60
C THR A 63 6.33 -12.45 -5.11
N PRO A 64 6.94 -13.52 -5.56
CA PRO A 64 6.16 -14.70 -6.07
C PRO A 64 5.36 -15.37 -4.95
N ALA A 65 5.92 -16.42 -4.39
CA ALA A 65 5.27 -17.18 -3.33
C ALA A 65 5.04 -16.30 -2.13
N ARG A 66 3.79 -16.20 -1.69
CA ARG A 66 3.47 -15.39 -0.54
C ARG A 66 2.03 -15.67 -0.12
N ARG A 67 1.68 -15.21 1.06
CA ARG A 67 0.33 -15.41 1.55
C ARG A 67 -0.68 -14.61 0.70
N GLY A 68 -0.34 -14.37 -0.58
CA GLY A 68 -1.22 -13.64 -1.49
C GLY A 68 -1.11 -12.12 -1.29
N PHE A 69 -0.74 -11.72 -0.07
CA PHE A 69 -0.63 -10.30 0.24
C PHE A 69 -0.07 -10.09 1.66
N PHE A 70 0.18 -8.83 2.03
CA PHE A 70 0.64 -8.48 3.38
C PHE A 70 1.26 -7.11 3.40
N ARG A 71 1.06 -6.32 2.34
CA ARG A 71 1.66 -5.01 2.29
C ARG A 71 1.20 -4.25 1.04
N CYS A 72 1.51 -2.96 1.01
CA CYS A 72 1.10 -2.13 -0.11
C CYS A 72 -0.39 -1.88 -0.01
N ASN A 73 -0.85 -1.12 0.99
CA ASN A 73 -2.28 -0.86 1.16
C ASN A 73 -2.51 0.65 1.38
N PRO A 74 -3.32 1.31 0.58
CA PRO A 74 -3.57 2.78 0.75
C PRO A 74 -3.84 3.22 2.19
N GLU A 75 -2.80 3.16 3.04
CA GLU A 75 -2.89 3.53 4.45
C GLU A 75 -3.86 2.64 5.24
N ARG A 76 -4.10 1.44 4.73
CA ARG A 76 -5.03 0.50 5.37
C ARG A 76 -4.28 -0.61 6.12
N ILE A 77 -4.98 -1.24 7.07
CA ILE A 77 -4.39 -2.32 7.87
C ILE A 77 -4.28 -3.60 7.06
N GLN A 78 -3.14 -4.27 7.20
CA GLN A 78 -2.90 -5.47 6.40
C GLN A 78 -3.95 -6.53 6.70
N ILE A 79 -5.11 -6.39 6.05
CA ILE A 79 -6.20 -7.36 6.19
C ILE A 79 -7.01 -7.46 4.90
N GLY A 80 -7.73 -8.56 4.70
CA GLY A 80 -8.54 -8.75 3.49
C GLY A 80 -7.97 -9.86 2.62
N ASP A 81 -6.85 -10.43 3.04
CA ASP A 81 -6.25 -11.53 2.29
C ASP A 81 -6.97 -12.82 2.64
N TRP A 82 -7.91 -13.18 1.77
CA TRP A 82 -8.72 -14.37 1.97
C TRP A 82 -8.08 -15.62 1.36
N ARG A 83 -8.76 -16.72 1.66
CA ARG A 83 -8.31 -18.05 1.22
C ARG A 83 -8.80 -18.41 -0.19
N TYR A 84 -10.10 -18.44 -0.38
CA TYR A 84 -10.74 -18.79 -1.67
C TYR A 84 -11.01 -17.60 -2.56
N GLU A 85 -10.98 -16.41 -1.99
CA GLU A 85 -11.24 -15.20 -2.74
C GLU A 85 -10.00 -14.82 -3.55
N VAL A 86 -8.86 -15.42 -3.27
CA VAL A 86 -7.64 -15.01 -3.99
C VAL A 86 -7.91 -14.92 -5.47
N ALA A 87 -8.39 -15.98 -6.08
CA ALA A 87 -8.67 -15.94 -7.51
C ALA A 87 -9.82 -14.98 -7.80
N HIS A 88 -10.92 -15.16 -7.08
CA HIS A 88 -12.07 -14.28 -7.30
C HIS A 88 -11.64 -12.82 -7.11
N ASP A 89 -11.10 -12.48 -5.97
CA ASP A 89 -10.64 -11.12 -5.72
C ASP A 89 -9.35 -10.83 -6.51
N GLY A 90 -8.34 -11.69 -6.36
CA GLY A 90 -7.09 -11.53 -7.08
C GLY A 90 -7.28 -11.69 -8.58
N ARG A 91 -8.46 -11.33 -9.06
CA ARG A 91 -8.76 -11.34 -10.48
C ARG A 91 -8.20 -10.06 -11.07
N LEU A 92 -7.54 -9.24 -10.22
CA LEU A 92 -6.99 -7.96 -10.70
C LEU A 92 -6.38 -8.14 -12.09
N LEU A 93 -5.88 -9.33 -12.35
CA LEU A 93 -5.20 -9.56 -13.64
C LEU A 93 -6.17 -9.52 -14.83
N ALA A 94 -7.06 -10.50 -14.95
CA ALA A 94 -7.94 -10.53 -16.12
C ALA A 94 -9.00 -9.45 -15.99
N ALA A 95 -10.00 -9.75 -15.18
CA ALA A 95 -11.13 -8.88 -14.86
C ALA A 95 -10.71 -7.61 -14.17
N HIS A 96 -9.42 -7.28 -14.21
CA HIS A 96 -8.86 -6.13 -13.49
C HIS A 96 -9.90 -5.10 -13.08
N MET A 97 -10.97 -4.94 -13.82
CA MET A 97 -12.01 -4.02 -13.39
C MET A 97 -12.65 -4.54 -12.10
N VAL A 98 -13.16 -5.79 -12.11
CA VAL A 98 -13.89 -6.28 -10.93
C VAL A 98 -13.17 -5.92 -9.65
N ASN A 99 -11.88 -6.22 -9.46
CA ASN A 99 -11.19 -5.87 -8.20
C ASN A 99 -11.64 -4.51 -7.69
N GLY A 100 -12.20 -3.72 -8.58
CA GLY A 100 -12.74 -2.42 -8.18
C GLY A 100 -13.60 -2.66 -6.93
N ILE A 101 -14.09 -3.88 -6.79
CA ILE A 101 -14.93 -4.20 -5.66
C ILE A 101 -14.20 -3.95 -4.37
N VAL A 102 -12.93 -4.33 -4.20
CA VAL A 102 -12.22 -4.11 -2.94
C VAL A 102 -12.18 -2.67 -2.48
N ILE A 103 -12.29 -1.74 -3.43
CA ILE A 103 -12.30 -0.33 -3.07
C ILE A 103 -13.74 0.09 -2.85
N ALA A 104 -14.63 -0.46 -3.67
CA ALA A 104 -16.06 -0.17 -3.57
C ALA A 104 -16.74 -0.99 -2.44
N GLU A 105 -16.09 -2.05 -1.96
CA GLU A 105 -16.64 -2.85 -0.87
C GLU A 105 -16.14 -2.34 0.46
N ASP A 106 -14.84 -2.47 0.77
CA ASP A 106 -14.37 -2.02 2.06
C ASP A 106 -14.33 -0.51 2.19
N ALA A 107 -14.36 0.24 1.06
CA ALA A 107 -14.36 1.72 1.13
C ALA A 107 -14.84 2.25 2.47
N LEU A 108 -15.99 1.77 2.94
CA LEU A 108 -16.58 2.28 4.20
C LEU A 108 -15.51 2.69 5.21
N ILE A 109 -14.43 1.91 5.29
CA ILE A 109 -13.33 2.24 6.20
C ILE A 109 -12.23 3.03 5.46
N ALA A 110 -11.95 2.62 4.23
CA ALA A 110 -10.90 3.27 3.45
C ALA A 110 -11.10 4.79 3.37
N GLU A 111 -12.25 5.22 2.83
CA GLU A 111 -12.52 6.63 2.69
C GLU A 111 -12.58 7.30 4.05
N ALA A 112 -12.68 6.50 5.10
CA ALA A 112 -12.72 7.04 6.45
C ALA A 112 -11.30 7.46 6.86
N VAL A 113 -10.35 6.90 6.13
CA VAL A 113 -8.93 7.18 6.33
C VAL A 113 -8.35 7.90 5.12
N GLY A 114 -9.17 8.77 4.49
CA GLY A 114 -8.72 9.56 3.35
C GLY A 114 -7.70 10.63 3.75
N PRO A 115 -7.79 11.21 4.94
CA PRO A 115 -6.79 12.23 5.41
C PRO A 115 -5.34 11.80 5.15
N HIS A 116 -5.18 10.59 4.62
CA HIS A 116 -3.88 10.02 4.34
C HIS A 116 -3.04 11.03 3.56
N LEU A 117 -3.70 12.03 3.01
CA LEU A 117 -2.99 13.06 2.30
C LEU A 117 -2.12 13.84 3.29
N ALA A 118 -2.76 14.42 4.31
CA ALA A 118 -2.01 15.17 5.31
C ALA A 118 -0.99 14.27 5.99
N ARG A 119 -1.46 13.18 6.59
CA ARG A 119 -0.55 12.30 7.28
C ARG A 119 0.46 11.72 6.30
N ALA A 120 0.05 10.96 5.32
CA ALA A 120 1.04 10.43 4.43
C ALA A 120 1.98 11.51 3.94
N LEU A 121 1.62 12.80 4.19
CA LEU A 121 2.27 14.00 3.58
C LEU A 121 3.26 13.57 2.53
N GLY A 122 4.13 12.66 2.76
CA GLY A 122 4.95 12.19 1.68
C GLY A 122 3.99 11.83 0.53
N GLN A 123 2.69 11.51 0.85
CA GLN A 123 1.77 11.26 -0.27
C GLN A 123 1.63 12.57 -0.99
N ILE A 124 1.89 13.64 -0.29
CA ILE A 124 1.81 14.93 -0.93
C ILE A 124 2.88 15.00 -2.02
N VAL A 125 4.05 14.40 -1.76
CA VAL A 125 5.10 14.41 -2.77
C VAL A 125 4.59 13.74 -4.05
N CYS A 126 4.24 12.47 -3.99
CA CYS A 126 3.78 11.83 -5.22
C CYS A 126 2.70 12.67 -5.93
N ARG A 127 2.09 13.62 -5.23
CA ARG A 127 1.07 14.49 -5.85
C ARG A 127 1.70 15.76 -6.47
N TYR A 128 2.55 16.35 -5.65
CA TYR A 128 3.35 17.55 -5.94
C TYR A 128 4.82 17.16 -6.22
N GLY A 129 5.10 15.90 -6.61
CA GLY A 129 6.49 15.56 -6.89
C GLY A 129 6.66 14.21 -7.59
N ALA A 130 5.60 13.40 -7.62
CA ALA A 130 5.63 12.06 -8.25
C ALA A 130 6.75 11.86 -9.26
N THR A 131 8.01 11.88 -8.81
CA THR A 131 9.12 11.64 -9.69
C THR A 131 9.59 10.22 -9.43
N VAL A 132 8.98 9.57 -8.43
CA VAL A 132 9.28 8.18 -8.12
C VAL A 132 8.25 7.27 -8.80
N ILE A 133 7.43 7.79 -9.74
CA ILE A 133 6.46 6.96 -10.47
C ILE A 133 6.82 6.86 -11.97
N PRO A 134 7.50 7.85 -12.57
CA PRO A 134 7.75 7.88 -14.05
C PRO A 134 8.66 6.78 -14.54
N ASN A 135 9.67 6.41 -13.75
CA ASN A 135 10.58 5.38 -14.21
C ASN A 135 9.83 4.08 -14.34
N ILE A 136 9.40 3.53 -13.21
CA ILE A 136 8.66 2.28 -13.23
C ILE A 136 7.50 2.42 -14.20
N ASN A 137 6.88 3.57 -14.11
CA ASN A 137 5.69 3.80 -14.94
C ASN A 137 6.02 3.44 -16.36
N ALA A 138 7.07 4.00 -16.92
CA ALA A 138 7.40 3.66 -18.29
C ALA A 138 7.74 2.18 -18.46
N ALA A 139 8.39 1.55 -17.46
CA ALA A 139 8.71 0.12 -17.58
C ALA A 139 7.55 -0.79 -17.17
N ILE A 140 7.13 -0.65 -15.89
CA ILE A 140 6.07 -1.51 -15.36
C ILE A 140 4.86 -1.42 -16.29
N GLU A 141 4.33 -0.21 -16.38
CA GLU A 141 3.13 0.03 -17.19
C GLU A 141 3.36 -0.70 -18.51
N VAL A 142 4.53 -0.47 -19.12
CA VAL A 142 4.85 -1.14 -20.36
C VAL A 142 4.92 -2.64 -20.14
N LEU A 143 5.29 -3.13 -18.94
CA LEU A 143 5.31 -4.57 -18.75
C LEU A 143 3.89 -5.02 -18.47
N GLY A 144 3.28 -4.56 -17.35
CA GLY A 144 1.92 -4.96 -17.11
C GLY A 144 1.06 -4.43 -18.26
N THR A 145 0.62 -3.20 -18.08
CA THR A 145 -0.21 -2.54 -19.08
C THR A 145 -0.77 -1.19 -18.60
N GLY A 146 -1.22 -1.11 -17.35
CA GLY A 146 -1.85 0.12 -16.83
C GLY A 146 -3.36 -0.09 -16.83
N THR A 147 -3.77 -1.11 -17.58
CA THR A 147 -5.20 -1.45 -17.67
C THR A 147 -5.67 -1.59 -16.21
N ASP A 148 -6.06 -0.44 -15.64
CA ASP A 148 -6.51 -0.38 -14.26
C ASP A 148 -7.24 0.93 -13.96
N TYR A 149 -7.82 0.98 -12.77
CA TYR A 149 -8.49 2.18 -12.27
C TYR A 149 -8.35 2.22 -10.75
N ARG A 150 -8.22 3.44 -10.19
CA ARG A 150 -8.11 3.63 -8.73
C ARG A 150 -8.81 4.93 -8.35
N PHE A 151 -9.36 4.98 -7.14
CA PHE A 151 -10.04 6.19 -6.67
C PHE A 151 -9.05 7.20 -6.10
O1 MTN B . 8.40 -9.95 7.31
N1 MTN B . 8.58 -9.00 6.49
C1 MTN B . 7.86 -8.91 5.20
C2 MTN B . 8.43 -7.65 4.68
C3 MTN B . 9.32 -7.09 5.48
C4 MTN B . 10.05 -5.83 5.19
S1 MTN B . 10.74 -5.78 3.52
C5 MTN B . 9.53 -7.89 6.76
C6 MTN B . 10.98 -8.31 6.97
C7 MTN B . 9.02 -7.08 7.94
C8 MTN B . 8.14 -10.08 4.27
C9 MTN B . 6.38 -8.74 5.45
H2 MTN B . 8.16 -7.23 3.73
H41 MTN B . 10.85 -5.73 5.90
H42 MTN B . 9.35 -5.01 5.32
H61 MTN B . 11.56 -7.47 7.29
H62 MTN B . 11.38 -8.70 6.04
H63 MTN B . 11.02 -9.09 7.72
H71 MTN B . 7.97 -6.87 7.81
H72 MTN B . 9.57 -6.16 8.02
H73 MTN B . 9.16 -7.66 8.85
H81 MTN B . 9.20 -10.16 4.09
H82 MTN B . 7.63 -9.92 3.33
H83 MTN B . 7.79 -11.00 4.72
H91 MTN B . 6.22 -8.00 6.23
H92 MTN B . 5.89 -8.43 4.54
H93 MTN B . 5.96 -9.68 5.76
O1 MTN C . -2.38 -3.88 -4.60
N1 MTN C . -1.43 -4.53 -4.07
C1 MTN C . -1.62 -5.44 -2.93
C2 MTN C . -0.21 -5.90 -2.74
C3 MTN C . 0.66 -5.38 -3.61
C4 MTN C . 2.13 -5.72 -3.67
S1 MTN C . 3.30 -4.41 -3.21
C5 MTN C . -0.03 -4.43 -4.58
C6 MTN C . 0.51 -3.00 -4.62
C7 MTN C . -0.01 -5.07 -5.98
C8 MTN C . -2.20 -4.71 -1.72
C9 MTN C . -2.50 -6.62 -3.39
H2 MTN C . 0.09 -6.58 -1.96
H41 MTN C . 2.35 -6.03 -4.68
H42 MTN C . 2.29 -6.58 -3.01
H61 MTN C . 0.08 -2.43 -3.81
H62 MTN C . 1.58 -3.01 -4.52
H63 MTN C . 0.25 -2.53 -5.56
H71 MTN C . -0.65 -4.50 -6.64
H72 MTN C . 1.00 -5.06 -6.37
H73 MTN C . -0.37 -6.08 -5.93
H81 MTN C . -2.99 -5.30 -1.25
H82 MTN C . -2.62 -3.76 -2.02
H83 MTN C . -1.43 -4.55 -1.00
H91 MTN C . -2.53 -7.36 -2.62
H92 MTN C . -2.08 -7.05 -4.29
H93 MTN C . -3.49 -6.26 -3.59
O1 MTN D . -2.94 10.54 -8.05
N1 MTN D . -2.58 10.19 -6.89
C1 MTN D . -3.54 9.99 -5.78
C2 MTN D . -2.60 9.61 -4.71
C3 MTN D . -1.33 9.60 -5.10
C4 MTN D . -0.18 9.26 -4.23
S1 MTN D . 0.66 10.73 -3.64
C5 MTN D . -1.17 9.96 -6.55
C6 MTN D . -0.29 11.19 -6.78
C7 MTN D . -0.67 8.77 -7.35
C8 MTN D . -4.33 11.24 -5.44
C9 MTN D . -4.47 8.83 -6.10
H2 MTN D . -2.92 9.37 -3.70
H41 MTN D . 0.51 8.68 -4.81
H42 MTN D . -0.55 8.69 -3.39
H61 MTN D . 0.67 11.04 -6.31
H62 MTN D . -0.76 12.06 -6.35
H63 MTN D . -0.14 11.33 -7.84
H71 MTN D . 0.35 8.56 -7.10
H72 MTN D . -0.74 8.99 -8.42
H73 MTN D . -1.28 7.91 -7.14
H81 MTN D . -5.00 11.48 -6.25
H82 MTN D . -3.65 12.08 -5.29
H83 MTN D . -4.90 11.08 -4.53
H91 MTN D . -5.14 9.11 -6.90
H92 MTN D . -5.04 8.57 -5.22
H93 MTN D . -3.88 7.97 -6.42
N MET A 25 7.74 -5.76 34.01
CA MET A 25 6.39 -5.73 33.40
C MET A 25 6.33 -6.72 32.23
N SER A 26 5.12 -7.06 31.81
CA SER A 26 4.93 -7.98 30.69
C SER A 26 5.36 -7.31 29.37
N ASP A 27 6.00 -6.14 29.47
CA ASP A 27 6.50 -5.37 28.31
C ASP A 27 6.23 -3.88 28.52
N PHE A 28 7.17 -3.05 28.08
CA PHE A 28 7.02 -1.59 28.21
C PHE A 28 7.88 -0.87 27.18
N ASP A 29 7.44 0.32 26.79
CA ASP A 29 8.16 1.13 25.81
C ASP A 29 7.92 2.61 26.10
N THR A 30 8.93 3.46 25.86
CA THR A 30 8.79 4.90 26.14
C THR A 30 8.17 5.65 24.93
N GLU A 31 7.97 6.94 25.09
CA GLU A 31 7.34 7.76 24.04
C GLU A 31 8.13 7.67 22.74
N ARG A 32 9.39 8.04 22.84
CA ARG A 32 10.24 8.04 21.65
C ARG A 32 10.18 6.65 21.04
N VAL A 33 10.55 5.67 21.86
CA VAL A 33 10.51 4.29 21.42
C VAL A 33 9.07 3.83 21.16
N SER A 34 8.17 3.97 22.12
CA SER A 34 6.78 3.51 21.92
C SER A 34 6.04 4.32 20.86
N ARG A 35 5.83 5.60 21.13
CA ARG A 35 5.04 6.44 20.22
C ARG A 35 5.71 6.56 18.86
N ALA A 36 6.92 7.08 18.87
CA ALA A 36 7.59 7.32 17.58
C ALA A 36 7.50 6.00 16.80
N VAL A 37 7.83 4.93 17.51
CA VAL A 37 7.73 3.62 16.88
C VAL A 37 6.28 3.39 16.52
N ALA A 38 5.35 3.56 17.45
CA ALA A 38 3.97 3.30 17.09
C ALA A 38 3.60 4.16 15.90
N ALA A 39 3.64 5.47 16.09
CA ALA A 39 3.27 6.38 15.00
C ALA A 39 4.09 6.05 13.75
N ALA A 40 5.40 6.02 13.89
CA ALA A 40 6.27 5.72 12.75
C ALA A 40 6.01 4.29 12.24
N LEU A 41 6.19 3.34 13.15
CA LEU A 41 6.02 1.91 12.81
C LEU A 41 4.62 1.72 12.24
N VAL A 42 3.61 2.15 12.99
CA VAL A 42 2.24 2.00 12.50
C VAL A 42 2.03 2.95 11.32
N GLY A 43 2.23 4.24 11.55
CA GLY A 43 2.02 5.25 10.53
C GLY A 43 2.83 4.95 9.29
N PRO A 44 2.95 5.89 8.41
CA PRO A 44 3.66 5.73 7.16
C PRO A 44 5.16 5.95 7.31
N GLY A 45 5.58 6.80 8.27
CA GLY A 45 7.02 7.10 8.40
C GLY A 45 7.84 5.86 8.73
N GLY A 46 7.53 5.21 9.84
CA GLY A 46 8.32 4.03 10.20
C GLY A 46 8.24 3.09 9.01
N VAL A 47 7.01 2.82 8.58
CA VAL A 47 6.84 1.96 7.42
C VAL A 47 7.55 2.58 6.20
N ALA A 48 7.58 3.91 6.13
CA ALA A 48 8.22 4.54 4.97
C ALA A 48 9.68 4.13 4.88
N LEU A 49 10.49 4.48 5.87
CA LEU A 49 11.90 4.14 5.79
C LEU A 49 12.09 2.64 5.77
N VAL A 50 11.36 1.94 6.63
CA VAL A 50 11.52 0.50 6.68
C VAL A 50 11.25 -0.10 5.30
N VAL A 51 10.04 0.09 4.80
CA VAL A 51 9.66 -0.48 3.52
C VAL A 51 10.55 0.04 2.40
N LYS A 52 10.93 1.30 2.49
CA LYS A 52 11.78 1.89 1.46
C LYS A 52 13.14 1.21 1.48
N VAL A 53 13.76 1.24 2.64
CA VAL A 53 15.09 0.65 2.78
C VAL A 53 15.02 -0.84 2.46
N CYS A 54 14.05 -1.53 3.05
CA CYS A 54 13.95 -2.95 2.79
C CYS A 54 13.60 -3.20 1.33
N ALA A 55 12.45 -2.70 0.90
CA ALA A 55 11.98 -2.95 -0.45
C ALA A 55 12.96 -2.43 -1.48
N GLY A 56 13.35 -1.17 -1.33
CA GLY A 56 14.27 -0.57 -2.27
C GLY A 56 13.52 -0.19 -3.53
N LEU A 57 12.68 0.83 -3.39
CA LEU A 57 11.86 1.33 -4.50
C LEU A 57 10.51 0.60 -4.55
N PRO A 58 9.60 0.95 -3.68
CA PRO A 58 8.24 0.32 -3.63
C PRO A 58 7.56 0.28 -5.00
N GLY A 59 7.97 1.18 -5.90
CA GLY A 59 7.33 1.20 -7.21
C GLY A 59 7.48 -0.18 -7.88
N VAL A 60 8.72 -0.61 -8.11
CA VAL A 60 8.98 -1.94 -8.70
C VAL A 60 9.24 -2.88 -7.54
N ILE A 61 9.32 -4.19 -7.82
CA ILE A 61 9.56 -5.24 -6.80
C ILE A 61 8.34 -6.12 -6.66
N HIS A 62 8.48 -7.40 -7.05
CA HIS A 62 7.38 -8.35 -6.95
C HIS A 62 7.94 -9.69 -6.49
N THR A 63 7.29 -10.32 -5.52
CA THR A 63 7.74 -11.62 -5.00
C THR A 63 6.80 -12.73 -5.46
N PRO A 64 7.22 -13.61 -6.35
CA PRO A 64 6.33 -14.70 -6.86
C PRO A 64 5.52 -15.35 -5.72
N ALA A 65 6.07 -16.40 -5.14
CA ALA A 65 5.42 -17.14 -4.06
C ALA A 65 5.30 -16.23 -2.84
N ARG A 66 4.07 -16.09 -2.34
CA ARG A 66 3.83 -15.26 -1.17
C ARG A 66 2.38 -15.37 -0.72
N ARG A 67 2.07 -14.70 0.38
CA ARG A 67 0.70 -14.72 0.86
C ARG A 67 -0.21 -14.18 -0.25
N GLY A 68 0.19 -13.06 -0.87
CA GLY A 68 -0.59 -12.43 -1.94
C GLY A 68 -0.94 -10.99 -1.60
N PHE A 69 -1.00 -10.67 -0.30
CA PHE A 69 -1.27 -9.31 0.15
C PHE A 69 -0.55 -9.10 1.48
N PHE A 70 -0.22 -7.84 1.76
CA PHE A 70 0.50 -7.38 2.97
C PHE A 70 1.69 -6.53 2.53
N ARG A 71 1.51 -5.19 2.51
CA ARG A 71 2.55 -4.19 2.12
C ARG A 71 2.11 -3.42 0.90
N CYS A 72 2.34 -2.11 0.92
CA CYS A 72 1.97 -1.26 -0.20
C CYS A 72 0.46 -1.10 -0.27
N ASN A 73 -0.07 -0.24 0.59
CA ASN A 73 -1.52 0.00 0.60
C ASN A 73 -1.82 1.46 0.93
N PRO A 74 -2.87 2.02 0.36
CA PRO A 74 -3.23 3.45 0.62
C PRO A 74 -3.57 3.74 2.09
N GLU A 75 -2.62 3.40 2.97
CA GLU A 75 -2.76 3.65 4.40
C GLU A 75 -3.90 2.80 5.00
N ARG A 76 -3.67 1.50 5.04
CA ARG A 76 -4.66 0.56 5.60
C ARG A 76 -3.95 -0.60 6.30
N ILE A 77 -4.63 -1.19 7.27
CA ILE A 77 -4.07 -2.32 8.01
C ILE A 77 -3.89 -3.53 7.10
N GLN A 78 -2.69 -4.09 7.11
CA GLN A 78 -2.40 -5.22 6.24
C GLN A 78 -3.38 -6.36 6.54
N ILE A 79 -4.54 -6.28 5.88
CA ILE A 79 -5.57 -7.30 6.01
C ILE A 79 -6.33 -7.46 4.71
N GLY A 80 -6.99 -8.60 4.51
CA GLY A 80 -7.72 -8.86 3.28
C GLY A 80 -7.08 -10.00 2.52
N ASP A 81 -6.01 -10.57 3.08
CA ASP A 81 -5.36 -11.69 2.42
C ASP A 81 -6.14 -12.98 2.71
N TRP A 82 -7.05 -13.32 1.82
CA TRP A 82 -7.87 -14.51 1.99
C TRP A 82 -7.21 -15.77 1.40
N ARG A 83 -7.83 -16.86 1.75
CA ARG A 83 -7.36 -18.20 1.33
C ARG A 83 -7.85 -18.61 -0.07
N TYR A 84 -9.15 -18.70 -0.25
CA TYR A 84 -9.75 -19.10 -1.54
C TYR A 84 -10.01 -17.91 -2.49
N GLU A 85 -10.04 -16.72 -1.94
CA GLU A 85 -10.31 -15.54 -2.72
C GLU A 85 -9.16 -15.21 -3.62
N VAL A 86 -8.03 -15.83 -3.40
CA VAL A 86 -6.84 -15.50 -4.17
C VAL A 86 -7.18 -15.38 -5.63
N ALA A 87 -7.75 -16.42 -6.19
CA ALA A 87 -8.11 -16.39 -7.57
C ALA A 87 -9.22 -15.37 -7.79
N HIS A 88 -10.26 -15.47 -6.96
CA HIS A 88 -11.37 -14.54 -7.09
C HIS A 88 -10.85 -13.08 -7.05
N ASP A 89 -10.21 -12.72 -5.95
CA ASP A 89 -9.63 -11.38 -5.80
C ASP A 89 -8.44 -11.19 -6.79
N GLY A 90 -7.47 -12.09 -6.74
CA GLY A 90 -6.32 -12.01 -7.63
C GLY A 90 -6.71 -12.24 -9.10
N ARG A 91 -7.93 -11.89 -9.44
CA ARG A 91 -8.38 -11.97 -10.82
C ARG A 91 -7.80 -10.80 -11.59
N LEU A 92 -7.04 -9.93 -10.88
CA LEU A 92 -6.48 -8.72 -11.52
C LEU A 92 -6.18 -9.05 -13.00
N LEU A 93 -5.95 -10.34 -13.27
CA LEU A 93 -5.72 -10.75 -14.67
C LEU A 93 -7.03 -10.55 -15.46
N ALA A 94 -8.08 -11.34 -15.17
CA ALA A 94 -9.35 -11.17 -15.89
C ALA A 94 -10.06 -9.95 -15.29
N ALA A 95 -10.60 -10.10 -14.08
CA ALA A 95 -11.29 -9.03 -13.34
C ALA A 95 -10.46 -7.73 -13.31
N HIS A 96 -9.34 -7.72 -14.04
CA HIS A 96 -8.44 -6.57 -14.09
C HIS A 96 -9.12 -5.28 -13.68
N MET A 97 -9.93 -4.69 -14.54
CA MET A 97 -10.60 -3.49 -14.14
C MET A 97 -11.64 -3.82 -13.08
N VAL A 98 -12.43 -4.89 -13.29
CA VAL A 98 -13.50 -5.23 -12.35
C VAL A 98 -13.03 -5.04 -10.92
N ASN A 99 -11.79 -5.45 -10.58
CA ASN A 99 -11.24 -5.28 -9.23
C ASN A 99 -11.71 -3.93 -8.62
N GLY A 100 -12.20 -3.08 -9.50
CA GLY A 100 -12.75 -1.79 -9.11
C GLY A 100 -13.64 -1.98 -7.87
N ILE A 101 -14.07 -3.23 -7.64
CA ILE A 101 -14.91 -3.54 -6.46
C ILE A 101 -14.01 -3.52 -5.20
N VAL A 102 -12.92 -4.25 -5.35
CA VAL A 102 -11.98 -4.43 -4.26
C VAL A 102 -11.93 -3.10 -3.45
N ILE A 103 -12.03 -1.97 -4.16
CA ILE A 103 -12.04 -0.63 -3.54
C ILE A 103 -13.49 -0.13 -3.32
N ALA A 104 -14.43 -0.63 -4.13
CA ALA A 104 -15.85 -0.25 -4.01
C ALA A 104 -16.55 -1.02 -2.87
N GLU A 105 -15.92 -2.09 -2.39
CA GLU A 105 -16.46 -2.87 -1.29
C GLU A 105 -16.12 -2.18 0.01
N ASP A 106 -14.83 -2.16 0.38
CA ASP A 106 -14.47 -1.53 1.62
C ASP A 106 -14.90 -0.08 1.60
N ALA A 107 -14.36 0.68 0.62
CA ALA A 107 -14.68 2.12 0.47
C ALA A 107 -15.21 2.72 1.78
N LEU A 108 -16.40 2.30 2.21
CA LEU A 108 -17.05 2.81 3.45
C LEU A 108 -16.04 3.28 4.49
N ILE A 109 -15.02 2.49 4.74
CA ILE A 109 -14.01 2.88 5.69
C ILE A 109 -12.89 3.64 4.96
N ALA A 110 -12.58 3.20 3.74
CA ALA A 110 -11.52 3.85 2.98
C ALA A 110 -11.72 5.37 2.96
N GLU A 111 -12.89 5.79 2.49
CA GLU A 111 -13.18 7.22 2.42
C GLU A 111 -13.15 7.86 3.80
N ALA A 112 -12.76 7.06 4.81
CA ALA A 112 -12.68 7.56 6.19
C ALA A 112 -11.22 7.76 6.60
N VAL A 113 -10.31 7.04 5.92
CA VAL A 113 -8.88 7.16 6.22
C VAL A 113 -8.27 8.28 5.37
N GLY A 114 -9.07 8.79 4.41
CA GLY A 114 -8.59 9.85 3.51
C GLY A 114 -7.74 10.89 4.24
N PRO A 115 -8.19 11.44 5.36
CA PRO A 115 -7.36 12.43 6.13
C PRO A 115 -5.92 11.96 6.28
N HIS A 116 -5.72 10.64 6.27
CA HIS A 116 -4.37 10.12 6.47
C HIS A 116 -3.47 10.73 5.39
N LEU A 117 -4.02 10.98 4.20
CA LEU A 117 -3.20 11.57 3.12
C LEU A 117 -2.32 12.68 3.69
N ALA A 118 -2.94 13.62 4.40
CA ALA A 118 -2.18 14.70 5.00
C ALA A 118 -1.10 14.09 5.87
N ARG A 119 -1.53 13.22 6.78
CA ARG A 119 -0.59 12.52 7.65
C ARG A 119 0.48 11.92 6.75
N ALA A 120 0.09 11.06 5.83
CA ALA A 120 1.05 10.45 4.97
C ALA A 120 1.98 11.51 4.37
N LEU A 121 1.59 12.79 4.53
CA LEU A 121 2.22 13.95 3.87
C LEU A 121 3.28 13.55 2.88
N GLY A 122 4.21 12.72 3.19
CA GLY A 122 5.14 12.28 2.19
C GLY A 122 4.33 11.74 1.02
N GLN A 123 3.07 11.33 1.26
CA GLN A 123 2.30 10.88 0.11
C GLN A 123 1.97 12.09 -0.72
N ILE A 124 1.99 13.26 -0.05
CA ILE A 124 1.71 14.54 -0.74
C ILE A 124 2.83 14.83 -1.73
N VAL A 125 4.05 14.45 -1.39
CA VAL A 125 5.17 14.71 -2.28
C VAL A 125 4.85 14.06 -3.61
N CYS A 126 4.62 12.76 -3.56
CA CYS A 126 4.29 11.99 -4.73
C CYS A 126 3.15 12.68 -5.50
N ARG A 127 2.29 13.43 -4.76
CA ARG A 127 1.17 14.16 -5.40
C ARG A 127 1.70 15.35 -6.17
N TYR A 128 2.43 16.24 -5.49
CA TYR A 128 3.07 17.42 -6.06
C TYR A 128 4.45 17.05 -6.49
N GLY A 129 4.72 15.79 -6.81
CA GLY A 129 6.04 15.47 -7.30
C GLY A 129 5.99 14.22 -8.13
N ALA A 130 6.19 13.07 -7.50
CA ALA A 130 6.17 11.83 -8.24
C ALA A 130 7.25 11.88 -9.34
N THR A 131 8.30 11.03 -9.25
CA THR A 131 9.36 10.99 -10.28
C THR A 131 9.66 9.53 -10.62
N VAL A 132 9.96 8.69 -9.61
CA VAL A 132 10.27 7.28 -9.85
C VAL A 132 8.97 6.56 -10.26
N ILE A 133 7.91 6.88 -9.53
CA ILE A 133 6.60 6.25 -9.76
C ILE A 133 6.35 6.08 -11.28
N PRO A 134 6.60 7.09 -12.08
CA PRO A 134 6.46 7.05 -13.57
C PRO A 134 7.45 6.06 -14.22
N ASN A 135 8.56 5.79 -13.52
CA ASN A 135 9.58 4.89 -14.03
C ASN A 135 9.00 3.48 -14.19
N ILE A 136 8.68 2.83 -13.09
CA ILE A 136 8.09 1.50 -13.11
C ILE A 136 6.70 1.56 -13.69
N ASN A 137 6.02 2.62 -13.36
CA ASN A 137 4.65 2.80 -13.83
C ASN A 137 4.64 2.50 -15.31
N ALA A 138 5.51 3.16 -16.06
CA ALA A 138 5.64 2.92 -17.48
C ALA A 138 6.07 1.48 -17.74
N ALA A 139 6.74 0.85 -16.76
CA ALA A 139 7.14 -0.53 -16.94
C ALA A 139 5.96 -1.48 -16.75
N ILE A 140 5.33 -1.45 -15.57
CA ILE A 140 4.19 -2.34 -15.29
C ILE A 140 3.00 -2.00 -16.16
N GLU A 141 2.64 -0.73 -16.16
CA GLU A 141 1.46 -0.28 -16.92
C GLU A 141 1.48 -0.97 -18.26
N VAL A 142 2.55 -0.70 -19.00
CA VAL A 142 2.77 -1.31 -20.29
C VAL A 142 2.62 -2.82 -20.17
N LEU A 143 2.82 -3.38 -18.96
CA LEU A 143 2.68 -4.81 -18.77
C LEU A 143 1.21 -5.21 -18.60
N GLY A 144 0.53 -4.73 -17.53
CA GLY A 144 -0.87 -5.13 -17.40
C GLY A 144 -1.71 -4.50 -18.52
N THR A 145 -2.16 -3.29 -18.26
CA THR A 145 -2.98 -2.53 -19.20
C THR A 145 -2.95 -1.06 -18.76
N GLY A 146 -2.69 -0.88 -17.46
CA GLY A 146 -2.58 0.42 -16.78
C GLY A 146 -3.68 0.69 -15.76
N THR A 147 -4.93 0.24 -15.99
CA THR A 147 -6.02 0.50 -15.02
C THR A 147 -5.54 0.53 -13.57
N ASP A 148 -5.19 1.72 -13.10
CA ASP A 148 -4.77 1.91 -11.72
C ASP A 148 -5.33 3.24 -11.22
N TYR A 149 -5.73 3.30 -9.94
CA TYR A 149 -6.29 4.52 -9.36
C TYR A 149 -5.94 4.58 -7.87
N ARG A 150 -5.67 5.78 -7.38
CA ARG A 150 -5.34 5.97 -5.95
C ARG A 150 -5.74 7.38 -5.51
N PHE A 151 -5.99 7.53 -4.20
CA PHE A 151 -6.36 8.83 -3.64
C PHE A 151 -6.36 8.76 -2.12
O1 MTN B . 8.07 -9.82 7.15
N1 MTN B . 8.41 -8.94 6.31
C1 MTN B . 7.50 -8.45 5.26
C2 MTN B . 8.39 -7.47 4.59
C3 MTN B . 9.59 -7.40 5.12
C4 MTN B . 10.69 -6.52 4.63
S1 MTN B . 10.19 -4.82 4.28
C5 MTN B . 9.77 -8.32 6.30
C6 MTN B . 10.94 -9.28 6.11
C7 MTN B . 9.94 -7.50 7.58
C8 MTN B . 7.04 -9.54 4.29
C9 MTN B . 6.32 -7.73 5.90
H2 MTN B . 8.08 -6.88 3.74
H41 MTN B . 11.08 -6.95 3.72
H42 MTN B . 11.48 -6.51 5.38
H61 MTN B . 10.80 -9.84 5.20
H62 MTN B . 10.98 -9.96 6.95
H63 MTN B . 11.86 -8.72 6.07
H71 MTN B . 9.15 -6.78 7.66
H72 MTN B . 10.89 -6.99 7.56
H73 MTN B . 9.92 -8.17 8.44
H81 MTN B . 6.47 -10.28 4.84
H82 MTN B . 7.90 -10.01 3.83
H83 MTN B . 6.42 -9.10 3.52
H91 MTN B . 5.70 -8.45 6.40
H92 MTN B . 6.68 -6.99 6.60
H93 MTN B . 5.74 -7.24 5.13
O1 MTN C . -2.30 -5.27 -3.25
N1 MTN C . -1.31 -4.56 -3.58
C1 MTN C . 0.08 -5.03 -3.51
C2 MTN C . 0.79 -3.81 -3.98
C3 MTN C . -0.01 -2.80 -4.27
C4 MTN C . 0.46 -1.46 -4.74
S1 MTN C . 0.71 -0.27 -3.40
C5 MTN C . -1.47 -3.15 -4.07
C6 MTN C . -2.22 -2.20 -3.12
C7 MTN C . -2.16 -3.21 -5.44
C8 MTN C . 0.49 -5.43 -2.09
C9 MTN C . 0.29 -6.16 -4.50
H2 MTN C . 1.87 -3.75 -4.06
H41 MTN C . -0.29 -1.06 -5.40
H42 MTN C . 1.38 -1.60 -5.30
H61 MTN C . -3.27 -2.17 -3.37
H62 MTN C . -2.10 -2.56 -2.11
H63 MTN C . -1.81 -1.21 -3.21
H71 MTN C . -1.59 -3.82 -6.13
H72 MTN C . -3.14 -3.64 -5.33
H73 MTN C . -2.26 -2.22 -5.86
H81 MTN C . 0.28 -6.48 -1.93
H82 MTN C . -0.06 -4.85 -1.38
H83 MTN C . 1.55 -5.26 -1.96
H91 MTN C . -0.04 -5.86 -5.49
H92 MTN C . -0.27 -7.03 -4.19
H93 MTN C . 1.35 -6.41 -4.55
O1 MTN D . -3.60 10.16 -5.93
N1 MTN D . -2.46 10.45 -6.41
C1 MTN D . -2.17 11.73 -7.11
C2 MTN D . -0.73 11.53 -7.40
C3 MTN D . -0.25 10.37 -6.99
C4 MTN D . 1.16 9.90 -7.24
S1 MTN D . 1.91 8.96 -5.89
C5 MTN D . -1.30 9.52 -6.31
C6 MTN D . -1.57 8.19 -7.04
C7 MTN D . -1.02 9.30 -4.82
C8 MTN D . -2.94 11.86 -8.42
C9 MTN D . -2.46 12.92 -6.20
H2 MTN D . -0.12 12.27 -7.90
H41 MTN D . 1.78 10.77 -7.43
H42 MTN D . 1.15 9.28 -8.12
H61 MTN D . -1.23 8.25 -8.06
H62 MTN D . -2.63 8.02 -7.04
H63 MTN D . -1.07 7.37 -6.55
H71 MTN D . -0.34 8.49 -4.68
H72 MTN D . -1.94 9.08 -4.32
H73 MTN D . -0.58 10.21 -4.40
H81 MTN D . -2.73 11.02 -9.06
H82 MTN D . -2.64 12.77 -8.92
H83 MTN D . -4.00 11.91 -8.22
H91 MTN D . -3.44 13.31 -6.39
H92 MTN D . -1.73 13.69 -6.38
H93 MTN D . -2.41 12.61 -5.18
N MET A 25 9.25 -6.34 31.52
CA MET A 25 8.05 -6.28 30.64
C MET A 25 8.28 -7.16 29.41
N SER A 26 7.21 -7.52 28.71
CA SER A 26 7.27 -8.35 27.50
C SER A 26 6.98 -7.51 26.25
N ASP A 27 6.95 -6.20 26.43
CA ASP A 27 6.68 -5.28 25.31
C ASP A 27 6.38 -3.87 25.84
N PHE A 28 7.42 -3.05 25.96
CA PHE A 28 7.25 -1.68 26.44
C PHE A 28 8.28 -0.77 25.78
N ASP A 29 7.88 0.46 25.49
CA ASP A 29 8.77 1.42 24.83
C ASP A 29 8.38 2.85 25.18
N THR A 30 9.35 3.75 25.24
CA THR A 30 9.08 5.16 25.56
C THR A 30 8.33 5.84 24.41
N GLU A 31 8.05 7.13 24.58
CA GLU A 31 7.29 7.91 23.58
C GLU A 31 8.00 7.90 22.22
N ARG A 32 9.24 8.33 22.25
CA ARG A 32 10.01 8.39 21.01
C ARG A 32 9.89 7.02 20.33
N VAL A 33 10.28 6.03 21.10
CA VAL A 33 10.20 4.66 20.62
C VAL A 33 8.73 4.24 20.41
N SER A 34 7.88 4.45 21.39
CA SER A 34 6.47 4.03 21.26
C SER A 34 5.71 4.84 20.19
N ARG A 35 5.54 6.13 20.43
CA ARG A 35 4.75 6.97 19.52
C ARG A 35 5.43 7.09 18.15
N ALA A 36 6.66 7.59 18.15
CA ALA A 36 7.33 7.79 16.85
C ALA A 36 7.19 6.47 16.09
N VAL A 37 7.53 5.39 16.76
CA VAL A 37 7.36 4.10 16.11
C VAL A 37 5.88 3.93 15.78
N ALA A 38 4.96 4.17 16.73
CA ALA A 38 3.55 4.00 16.39
C ALA A 38 3.19 4.88 15.19
N ALA A 39 3.32 6.18 15.36
CA ALA A 39 2.97 7.12 14.28
C ALA A 39 3.69 6.73 12.98
N ALA A 40 4.99 6.61 13.09
CA ALA A 40 5.81 6.26 11.94
C ALA A 40 5.37 4.86 11.43
N LEU A 41 5.43 3.93 12.36
CA LEU A 41 5.11 2.52 12.02
C LEU A 41 3.70 2.47 11.42
N VAL A 42 2.72 3.03 12.11
CA VAL A 42 1.36 3.03 11.58
C VAL A 42 1.31 3.94 10.36
N GLY A 43 1.71 5.20 10.53
CA GLY A 43 1.71 6.16 9.45
C GLY A 43 2.72 5.75 8.38
N PRO A 44 2.97 6.60 7.42
CA PRO A 44 3.92 6.29 6.34
C PRO A 44 5.38 6.51 6.73
N GLY A 45 5.61 7.31 7.76
CA GLY A 45 7.01 7.60 8.16
C GLY A 45 7.76 6.29 8.47
N GLY A 46 7.22 5.55 9.42
CA GLY A 46 7.84 4.28 9.80
C GLY A 46 7.82 3.37 8.59
N VAL A 47 6.63 3.20 8.05
CA VAL A 47 6.48 2.32 6.89
C VAL A 47 7.44 2.82 5.78
N ALA A 48 7.55 4.13 5.67
CA ALA A 48 8.42 4.71 4.63
C ALA A 48 9.85 4.17 4.82
N LEU A 49 10.47 4.44 5.97
CA LEU A 49 11.84 4.00 6.17
C LEU A 49 11.92 2.48 6.14
N VAL A 50 10.99 1.77 6.77
CA VAL A 50 11.08 0.33 6.77
C VAL A 50 11.00 -0.21 5.34
N VAL A 51 9.89 0.02 4.63
CA VAL A 51 9.73 -0.53 3.29
C VAL A 51 10.81 -0.07 2.33
N LYS A 52 11.20 1.18 2.47
CA LYS A 52 12.20 1.73 1.57
C LYS A 52 13.53 1.09 1.87
N VAL A 53 13.90 1.17 3.13
CA VAL A 53 15.19 0.63 3.55
C VAL A 53 15.23 -0.87 3.35
N CYS A 54 14.21 -1.57 3.82
CA CYS A 54 14.21 -3.01 3.67
C CYS A 54 14.09 -3.39 2.20
N ALA A 55 12.98 -3.01 1.55
CA ALA A 55 12.73 -3.40 0.18
C ALA A 55 13.73 -2.83 -0.80
N GLY A 56 13.89 -1.51 -0.76
CA GLY A 56 14.79 -0.85 -1.69
C GLY A 56 14.01 -0.50 -2.95
N LEU A 57 13.13 0.50 -2.81
CA LEU A 57 12.29 0.96 -3.91
C LEU A 57 11.05 0.06 -4.09
N PRO A 58 9.84 0.60 -4.02
CA PRO A 58 8.61 -0.24 -4.19
C PRO A 58 8.42 -0.77 -5.62
N GLY A 59 9.09 -0.18 -6.62
CA GLY A 59 8.88 -0.69 -7.97
C GLY A 59 9.23 -2.17 -8.00
N VAL A 60 10.48 -2.47 -7.69
CA VAL A 60 10.88 -3.86 -7.65
C VAL A 60 10.17 -4.47 -6.46
N ILE A 61 10.76 -5.48 -5.84
CA ILE A 61 10.20 -6.16 -4.65
C ILE A 61 9.09 -7.16 -5.02
N HIS A 62 9.48 -8.32 -5.55
CA HIS A 62 8.50 -9.35 -5.89
C HIS A 62 9.05 -10.70 -5.43
N THR A 63 8.22 -11.45 -4.71
CA THR A 63 8.63 -12.77 -4.21
C THR A 63 7.85 -13.86 -4.96
N PRO A 64 8.46 -15.00 -5.22
CA PRO A 64 7.79 -16.11 -5.96
C PRO A 64 6.74 -16.84 -5.13
N ALA A 65 6.93 -16.88 -3.81
CA ALA A 65 5.97 -17.54 -2.91
C ALA A 65 5.55 -16.61 -1.80
N ARG A 66 4.26 -16.52 -1.51
CA ARG A 66 3.81 -15.70 -0.41
C ARG A 66 2.32 -15.93 -0.17
N ARG A 67 1.84 -15.37 0.92
CA ARG A 67 0.43 -15.50 1.27
C ARG A 67 -0.40 -14.69 0.26
N GLY A 68 0.21 -14.33 -0.86
CA GLY A 68 -0.46 -13.58 -1.91
C GLY A 68 -0.21 -12.09 -1.73
N PHE A 69 0.17 -11.71 -0.50
CA PHE A 69 0.45 -10.33 -0.20
C PHE A 69 1.18 -10.22 1.15
N PHE A 70 1.67 -9.00 1.42
CA PHE A 70 2.39 -8.63 2.69
C PHE A 70 3.46 -7.55 2.39
N ARG A 71 3.04 -6.31 2.10
CA ARG A 71 3.96 -5.17 1.82
C ARG A 71 3.36 -4.32 0.73
N CYS A 72 3.52 -3.00 0.83
CA CYS A 72 2.95 -2.12 -0.18
C CYS A 72 1.44 -2.11 -0.02
N ASN A 73 0.96 -1.53 1.08
CA ASN A 73 -0.46 -1.44 1.37
C ASN A 73 -0.74 -0.05 1.97
N PRO A 74 -1.34 0.86 1.25
CA PRO A 74 -1.62 2.26 1.76
C PRO A 74 -2.31 2.30 3.14
N GLU A 75 -1.58 1.90 4.18
CA GLU A 75 -2.11 1.89 5.55
C GLU A 75 -3.13 0.77 5.73
N ARG A 76 -3.72 0.34 4.62
CA ARG A 76 -4.72 -0.72 4.66
C ARG A 76 -4.18 -1.88 5.50
N ILE A 77 -4.82 -2.14 6.64
CA ILE A 77 -4.37 -3.20 7.51
C ILE A 77 -4.29 -4.52 6.74
N GLN A 78 -3.29 -5.31 7.09
CA GLN A 78 -3.11 -6.56 6.38
C GLN A 78 -4.30 -7.48 6.66
N ILE A 79 -5.44 -7.23 5.98
CA ILE A 79 -6.62 -8.07 6.12
C ILE A 79 -7.44 -8.07 4.83
N GLY A 80 -8.27 -9.09 4.63
CA GLY A 80 -9.11 -9.22 3.45
C GLY A 80 -8.69 -10.41 2.62
N ASP A 81 -7.41 -10.77 2.69
CA ASP A 81 -6.93 -11.91 1.92
C ASP A 81 -7.73 -13.15 2.27
N TRP A 82 -8.66 -13.50 1.41
CA TRP A 82 -9.53 -14.65 1.59
C TRP A 82 -8.88 -15.94 1.07
N ARG A 83 -9.61 -17.01 1.31
CA ARG A 83 -9.19 -18.34 0.89
C ARG A 83 -9.70 -18.70 -0.51
N TYR A 84 -11.01 -18.64 -0.66
CA TYR A 84 -11.69 -18.96 -1.93
C TYR A 84 -11.87 -17.75 -2.84
N GLU A 85 -11.81 -16.58 -2.25
CA GLU A 85 -11.97 -15.36 -3.01
C GLU A 85 -10.69 -15.05 -3.72
N VAL A 86 -9.60 -15.71 -3.35
CA VAL A 86 -8.31 -15.38 -3.94
C VAL A 86 -8.45 -15.24 -5.44
N ALA A 87 -8.94 -16.26 -6.10
CA ALA A 87 -9.08 -16.19 -7.52
C ALA A 87 -10.10 -15.13 -7.88
N HIS A 88 -11.30 -15.26 -7.29
CA HIS A 88 -12.36 -14.28 -7.57
C HIS A 88 -11.81 -12.84 -7.44
N ASP A 89 -11.30 -12.54 -6.27
CA ASP A 89 -10.73 -11.21 -6.01
C ASP A 89 -9.42 -11.04 -6.80
N GLY A 90 -8.57 -12.05 -6.74
CA GLY A 90 -7.32 -12.01 -7.47
C GLY A 90 -7.61 -12.17 -8.96
N ARG A 91 -8.79 -11.73 -9.35
CA ARG A 91 -9.20 -11.73 -10.73
C ARG A 91 -8.48 -10.59 -11.42
N LEU A 92 -7.62 -9.87 -10.66
CA LEU A 92 -6.94 -8.68 -11.20
C LEU A 92 -6.65 -8.89 -12.68
N LEU A 93 -6.57 -10.16 -13.08
CA LEU A 93 -6.33 -10.44 -14.49
C LEU A 93 -7.56 -10.02 -15.32
N ALA A 94 -8.72 -10.67 -15.10
CA ALA A 94 -9.92 -10.25 -15.83
C ALA A 94 -10.45 -9.03 -15.09
N ALA A 95 -11.10 -9.26 -13.96
CA ALA A 95 -11.69 -8.23 -13.09
C ALA A 95 -10.78 -7.02 -12.91
N HIS A 96 -9.59 -7.03 -13.54
CA HIS A 96 -8.61 -5.96 -13.42
C HIS A 96 -9.29 -4.62 -13.09
N MET A 97 -10.20 -4.17 -13.94
CA MET A 97 -10.91 -2.95 -13.66
C MET A 97 -11.98 -3.20 -12.58
N VAL A 98 -12.78 -4.25 -12.77
CA VAL A 98 -13.89 -4.50 -11.84
C VAL A 98 -13.47 -4.36 -10.39
N ASN A 99 -12.28 -4.84 -9.96
CA ASN A 99 -11.81 -4.64 -8.57
C ASN A 99 -12.13 -3.23 -8.04
N GLY A 100 -12.47 -2.36 -8.97
CA GLY A 100 -12.83 -0.99 -8.64
C GLY A 100 -13.79 -1.01 -7.43
N ILE A 101 -14.46 -2.14 -7.29
CA ILE A 101 -15.45 -2.32 -6.22
C ILE A 101 -14.77 -2.90 -4.96
N VAL A 102 -14.20 -4.10 -5.09
CA VAL A 102 -13.58 -4.77 -3.96
C VAL A 102 -12.90 -3.74 -3.09
N ILE A 103 -12.44 -2.66 -3.70
CA ILE A 103 -11.80 -1.63 -2.93
C ILE A 103 -12.81 -1.01 -1.97
N ALA A 104 -13.96 -0.55 -2.47
CA ALA A 104 -14.90 0.08 -1.57
C ALA A 104 -15.26 -0.86 -0.41
N GLU A 105 -15.89 -2.00 -0.70
CA GLU A 105 -16.26 -2.90 0.40
C GLU A 105 -15.06 -3.16 1.30
N ASP A 106 -14.08 -3.91 0.84
CA ASP A 106 -12.94 -4.19 1.72
C ASP A 106 -12.22 -2.90 2.08
N ALA A 107 -11.66 -2.22 1.09
CA ALA A 107 -10.92 -1.01 1.40
C ALA A 107 -11.78 -0.04 2.23
N LEU A 108 -13.14 -0.23 2.33
CA LEU A 108 -13.98 0.70 3.11
C LEU A 108 -13.32 1.11 4.40
N ILE A 109 -12.32 0.38 4.80
CA ILE A 109 -11.63 0.69 6.02
C ILE A 109 -10.99 2.06 5.89
N ALA A 110 -10.40 2.36 4.71
CA ALA A 110 -9.75 3.63 4.45
C ALA A 110 -10.67 4.61 3.68
N GLU A 111 -11.86 4.13 3.36
CA GLU A 111 -12.82 4.97 2.63
C GLU A 111 -12.98 6.31 3.35
N ALA A 112 -12.63 6.35 4.64
CA ALA A 112 -12.73 7.60 5.42
C ALA A 112 -11.37 7.95 6.02
N VAL A 113 -10.34 7.27 5.49
CA VAL A 113 -8.95 7.51 5.92
C VAL A 113 -8.20 8.21 4.80
N GLY A 114 -8.92 9.00 4.00
CA GLY A 114 -8.30 9.77 2.94
C GLY A 114 -7.44 10.87 3.55
N PRO A 115 -7.93 11.56 4.57
CA PRO A 115 -7.14 12.63 5.25
C PRO A 115 -5.72 12.17 5.50
N HIS A 116 -5.51 10.86 5.39
CA HIS A 116 -4.20 10.32 5.62
C HIS A 116 -3.23 11.01 4.68
N LEU A 117 -3.77 11.65 3.65
CA LEU A 117 -2.92 12.38 2.72
C LEU A 117 -2.20 13.50 3.47
N ALA A 118 -2.97 14.36 4.13
CA ALA A 118 -2.41 15.46 4.88
C ALA A 118 -1.46 14.90 5.92
N ARG A 119 -1.98 13.96 6.71
CA ARG A 119 -1.16 13.32 7.72
C ARG A 119 0.03 12.71 7.00
N ALA A 120 -0.21 11.84 6.06
CA ALA A 120 0.90 11.27 5.33
C ALA A 120 1.86 12.34 4.87
N LEU A 121 1.46 13.62 5.00
CA LEU A 121 2.10 14.77 4.32
C LEU A 121 3.12 14.33 3.29
N GLY A 122 3.99 13.39 3.56
CA GLY A 122 4.83 12.94 2.50
C GLY A 122 3.90 12.52 1.35
N GLN A 123 2.61 12.19 1.65
CA GLN A 123 1.70 11.86 0.55
C GLN A 123 1.67 13.06 -0.36
N ILE A 124 2.05 14.18 0.24
CA ILE A 124 2.13 15.43 -0.52
C ILE A 124 3.22 15.33 -1.56
N VAL A 125 4.38 14.75 -1.21
CA VAL A 125 5.47 14.70 -2.18
C VAL A 125 5.02 14.08 -3.51
N CYS A 126 4.62 12.83 -3.47
CA CYS A 126 4.21 12.12 -4.68
C CYS A 126 3.21 12.92 -5.51
N ARG A 127 2.51 13.86 -4.86
CA ARG A 127 1.51 14.71 -5.54
C ARG A 127 2.13 15.94 -6.19
N TYR A 128 2.97 16.56 -5.41
CA TYR A 128 3.74 17.75 -5.77
C TYR A 128 5.14 17.33 -6.22
N GLY A 129 5.40 16.07 -6.61
CA GLY A 129 6.71 15.71 -7.11
C GLY A 129 6.40 14.54 -8.03
N ALA A 130 6.32 13.35 -7.44
CA ALA A 130 5.96 12.16 -8.16
C ALA A 130 7.05 11.60 -9.09
N THR A 131 8.21 11.24 -8.57
CA THR A 131 9.25 10.70 -9.46
C THR A 131 8.99 9.20 -9.72
N VAL A 132 8.94 8.41 -8.64
CA VAL A 132 8.70 6.95 -8.74
C VAL A 132 7.29 6.64 -9.28
N ILE A 133 6.51 7.68 -9.40
CA ILE A 133 5.13 7.55 -9.90
C ILE A 133 5.09 7.51 -11.45
N PRO A 134 5.47 8.56 -12.14
CA PRO A 134 5.47 8.63 -13.65
C PRO A 134 6.49 7.67 -14.29
N ASN A 135 7.62 7.48 -13.62
CA ASN A 135 8.67 6.62 -14.17
C ASN A 135 8.19 5.18 -14.23
N ILE A 136 7.98 4.56 -13.07
CA ILE A 136 7.49 3.20 -13.03
C ILE A 136 6.25 3.11 -13.89
N ASN A 137 5.66 4.26 -14.05
CA ASN A 137 4.43 4.32 -14.82
C ASN A 137 4.73 3.84 -16.23
N ALA A 138 5.70 4.41 -16.89
CA ALA A 138 6.00 3.98 -18.24
C ALA A 138 6.26 2.46 -18.31
N ALA A 139 6.77 1.87 -17.22
CA ALA A 139 7.01 0.42 -17.20
C ALA A 139 5.73 -0.34 -16.85
N ILE A 140 5.12 0.10 -15.76
CA ILE A 140 3.88 -0.54 -15.27
C ILE A 140 2.95 -0.75 -16.47
N GLU A 141 2.72 0.36 -17.15
CA GLU A 141 1.83 0.37 -18.32
C GLU A 141 2.14 -0.94 -19.05
N VAL A 142 3.44 -1.12 -19.28
CA VAL A 142 3.93 -2.34 -19.95
C VAL A 142 3.78 -3.58 -19.01
N LEU A 143 4.31 -3.50 -17.77
CA LEU A 143 4.31 -4.61 -16.79
C LEU A 143 2.91 -5.14 -16.38
N GLY A 144 1.83 -4.33 -16.48
CA GLY A 144 0.48 -4.86 -16.15
C GLY A 144 -0.59 -4.44 -17.17
N THR A 145 -0.64 -3.16 -17.52
CA THR A 145 -1.64 -2.58 -18.43
C THR A 145 -1.55 -1.11 -18.08
N GLY A 146 -1.41 -0.93 -16.76
CA GLY A 146 -1.21 0.35 -16.09
C GLY A 146 -2.31 0.81 -15.15
N THR A 147 -3.58 0.53 -15.39
CA THR A 147 -4.61 1.03 -14.46
C THR A 147 -4.19 0.92 -12.99
N ASP A 148 -3.71 2.05 -12.44
CA ASP A 148 -3.33 2.12 -11.02
C ASP A 148 -3.84 3.46 -10.48
N TYR A 149 -4.39 3.47 -9.28
CA TYR A 149 -4.92 4.70 -8.72
C TYR A 149 -4.92 4.64 -7.18
N ARG A 150 -4.85 5.81 -6.56
CA ARG A 150 -4.90 5.91 -5.10
C ARG A 150 -5.52 7.24 -4.65
N PHE A 151 -6.11 7.26 -3.45
CA PHE A 151 -6.74 8.47 -2.93
C PHE A 151 -6.15 8.84 -1.57
O1 MTN B . 6.51 -9.23 6.70
N1 MTN B . 7.56 -8.83 6.12
C1 MTN B . 7.99 -9.30 4.77
C2 MTN B . 9.23 -8.51 4.61
C3 MTN B . 9.51 -7.72 5.63
C4 MTN B . 10.72 -6.84 5.71
S1 MTN B . 10.96 -5.79 4.25
C5 MTN B . 8.48 -7.83 6.74
C6 MTN B . 9.09 -8.24 8.07
C7 MTN B . 7.74 -6.49 6.87
C8 MTN B . 8.29 -10.80 4.74
C9 MTN B . 6.95 -8.92 3.73
H2 MTN B . 9.86 -8.57 3.72
H41 MTN B . 11.58 -7.47 5.83
H42 MTN B . 10.61 -6.21 6.59
H61 MTN B . 8.30 -8.39 8.80
H62 MTN B . 9.76 -7.47 8.42
H63 MTN B . 9.64 -9.16 7.94
H71 MTN B . 8.42 -5.73 7.22
H72 MTN B . 6.93 -6.61 7.58
H73 MTN B . 7.34 -6.20 5.92
H81 MTN B . 9.04 -11.04 5.49
H82 MTN B . 8.66 -11.07 3.76
H83 MTN B . 7.39 -11.35 4.95
H91 MTN B . 7.43 -8.83 2.76
H92 MTN B . 6.20 -9.67 3.68
H93 MTN B . 6.51 -7.98 4.00
O1 MTN C . -2.41 -5.09 -3.32
N1 MTN C . -1.15 -4.90 -3.39
C1 MTN C . -0.17 -5.75 -2.71
C2 MTN C . 1.08 -5.09 -3.15
C3 MTN C . 0.90 -4.03 -3.92
C4 MTN C . 1.97 -3.16 -4.49
S1 MTN C . 1.90 -1.43 -3.94
C5 MTN C . -0.57 -3.77 -4.18
C6 MTN C . -1.03 -2.37 -3.75
C7 MTN C . -0.88 -4.00 -5.65
C8 MTN C . -0.32 -5.74 -1.20
C9 MTN C . -0.24 -7.17 -3.28
H2 MTN C . 2.07 -5.43 -2.85
H41 MTN C . 1.87 -3.17 -5.56
H42 MTN C . 2.94 -3.58 -4.23
H61 MTN C . -0.60 -2.14 -2.78
H62 MTN C . -0.72 -1.64 -4.47
H63 MTN C . -2.10 -2.35 -3.67
H71 MTN C . -1.95 -3.92 -5.82
H72 MTN C . -0.36 -3.26 -6.26
H73 MTN C . -0.56 -4.99 -5.94
H81 MTN C . 0.52 -6.26 -0.75
H82 MTN C . -1.24 -6.25 -0.93
H83 MTN C . -0.36 -4.73 -0.85
H91 MTN C . -0.17 -7.13 -4.36
H92 MTN C . -1.20 -7.61 -3.00
H93 MTN C . 0.56 -7.76 -2.88
O1 MTN D . -3.45 9.09 -6.14
N1 MTN D . -2.82 10.05 -5.62
C1 MTN D . -3.21 11.46 -5.79
C2 MTN D . -2.12 12.10 -5.03
C3 MTN D . -1.25 11.26 -4.52
C4 MTN D . 0.00 11.64 -3.79
S1 MTN D . 0.91 10.25 -3.08
C5 MTN D . -1.60 9.81 -4.81
C6 MTN D . -0.49 9.01 -5.52
C7 MTN D . -2.10 9.13 -3.53
C8 MTN D . -3.23 11.90 -7.25
C9 MTN D . -4.56 11.68 -5.13
H2 MTN D . -2.05 13.17 -4.90
H41 MTN D . -0.30 12.31 -3.00
H42 MTN D . 0.62 12.16 -4.49
H61 MTN D . -0.93 8.42 -6.30
H62 MTN D . 0.01 8.36 -4.81
H63 MTN D . 0.24 9.68 -5.95
H71 MTN D . -1.33 9.11 -2.78
H72 MTN D . -2.38 8.11 -3.77
H73 MTN D . -2.96 9.66 -3.14
H81 MTN D . -3.40 12.96 -7.30
H82 MTN D . -4.02 11.38 -7.77
H83 MTN D . -2.28 11.67 -7.71
H91 MTN D . -5.33 11.17 -5.71
H92 MTN D . -4.78 12.74 -5.10
H93 MTN D . -4.55 11.28 -4.12
N MET A 25 11.94 -6.53 32.15
CA MET A 25 10.55 -6.58 31.60
C MET A 25 10.56 -7.47 30.35
N SER A 26 9.37 -7.84 29.87
CA SER A 26 9.23 -8.68 28.68
C SER A 26 8.72 -7.86 27.50
N ASP A 27 8.67 -6.54 27.66
CA ASP A 27 8.19 -5.65 26.59
C ASP A 27 7.97 -4.23 27.13
N PHE A 28 9.00 -3.38 26.98
CA PHE A 28 8.90 -1.99 27.45
C PHE A 28 9.78 -1.08 26.59
N ASP A 29 9.31 0.14 26.36
CA ASP A 29 10.06 1.10 25.54
C ASP A 29 9.72 2.54 25.95
N THR A 30 10.68 3.45 25.82
CA THR A 30 10.43 4.85 26.18
C THR A 30 9.44 5.48 25.20
N GLU A 31 9.05 6.70 25.46
CA GLU A 31 8.06 7.41 24.63
C GLU A 31 8.59 7.59 23.22
N ARG A 32 9.76 8.20 23.12
CA ARG A 32 10.34 8.44 21.80
C ARG A 32 10.31 7.11 21.03
N VAL A 33 10.96 6.12 21.60
CA VAL A 33 11.02 4.78 20.99
C VAL A 33 9.63 4.13 20.95
N SER A 34 8.92 4.17 22.06
CA SER A 34 7.56 3.56 22.08
C SER A 34 6.67 4.30 21.09
N ARG A 35 6.51 5.60 21.28
CA ARG A 35 5.66 6.38 20.40
C ARG A 35 6.23 6.44 18.98
N ALA A 36 7.48 6.88 18.84
CA ALA A 36 8.05 7.03 17.48
C ALA A 36 7.79 5.74 16.73
N VAL A 37 8.21 4.66 17.35
CA VAL A 37 7.98 3.38 16.71
C VAL A 37 6.47 3.21 16.56
N ALA A 38 5.69 3.47 17.61
CA ALA A 38 4.25 3.30 17.42
C ALA A 38 3.78 4.16 16.25
N ALA A 39 3.93 5.47 16.36
CA ALA A 39 3.48 6.39 15.30
C ALA A 39 4.09 5.99 13.96
N ALA A 40 5.40 5.92 13.93
CA ALA A 40 6.11 5.55 12.70
C ALA A 40 5.69 4.12 12.28
N LEU A 41 5.90 3.20 13.21
CA LEU A 41 5.59 1.78 12.91
C LEU A 41 4.12 1.68 12.51
N VAL A 42 3.22 2.22 13.33
CA VAL A 42 1.79 2.17 12.98
C VAL A 42 1.52 3.08 11.79
N GLY A 43 1.85 4.36 11.93
CA GLY A 43 1.62 5.33 10.87
C GLY A 43 2.38 4.95 9.61
N PRO A 44 2.33 5.78 8.61
CA PRO A 44 2.99 5.52 7.32
C PRO A 44 4.47 5.90 7.32
N GLY A 45 4.85 6.87 8.16
CA GLY A 45 6.25 7.34 8.17
C GLY A 45 7.22 6.19 8.48
N GLY A 46 7.04 5.57 9.63
CA GLY A 46 7.97 4.48 10.02
C GLY A 46 7.94 3.48 8.91
N VAL A 47 6.76 3.07 8.57
CA VAL A 47 6.61 2.13 7.49
C VAL A 47 7.22 2.73 6.21
N ALA A 48 7.16 4.06 6.08
CA ALA A 48 7.70 4.68 4.86
C ALA A 48 9.18 4.34 4.70
N LEU A 49 10.05 4.77 5.63
CA LEU A 49 11.48 4.49 5.47
C LEU A 49 11.77 3.00 5.53
N VAL A 50 11.15 2.29 6.46
CA VAL A 50 11.45 0.87 6.58
C VAL A 50 11.11 0.17 5.27
N VAL A 51 9.86 0.24 4.84
CA VAL A 51 9.44 -0.44 3.62
C VAL A 51 10.24 0.05 2.42
N LYS A 52 10.58 1.33 2.43
CA LYS A 52 11.33 1.91 1.33
C LYS A 52 12.73 1.32 1.29
N VAL A 53 13.42 1.44 2.42
CA VAL A 53 14.78 0.93 2.50
C VAL A 53 14.78 -0.58 2.31
N CYS A 54 13.88 -1.29 3.00
CA CYS A 54 13.87 -2.73 2.84
C CYS A 54 13.42 -3.12 1.45
N ALA A 55 12.18 -2.78 1.08
CA ALA A 55 11.65 -3.18 -0.22
C ALA A 55 12.48 -2.62 -1.35
N GLY A 56 12.72 -1.33 -1.30
CA GLY A 56 13.48 -0.67 -2.34
C GLY A 56 12.57 -0.32 -3.49
N LEU A 57 11.75 0.74 -3.30
CA LEU A 57 10.78 1.23 -4.31
C LEU A 57 9.44 0.48 -4.18
N PRO A 58 8.43 1.06 -3.54
CA PRO A 58 7.10 0.37 -3.35
C PRO A 58 6.26 0.23 -4.63
N GLY A 59 6.37 1.18 -5.58
CA GLY A 59 5.54 1.06 -6.79
C GLY A 59 5.85 -0.27 -7.47
N VAL A 60 7.11 -0.47 -7.85
CA VAL A 60 7.54 -1.73 -8.46
C VAL A 60 8.04 -2.61 -7.34
N ILE A 61 8.21 -3.92 -7.61
CA ILE A 61 8.71 -4.90 -6.61
C ILE A 61 7.62 -5.94 -6.34
N HIS A 62 7.94 -7.21 -6.58
CA HIS A 62 7.00 -8.30 -6.33
C HIS A 62 7.75 -9.52 -5.81
N THR A 63 7.21 -10.17 -4.78
CA THR A 63 7.85 -11.36 -4.20
C THR A 63 6.97 -12.60 -4.49
N PRO A 64 7.42 -13.51 -5.34
CA PRO A 64 6.62 -14.71 -5.68
C PRO A 64 5.93 -15.35 -4.46
N ALA A 65 6.66 -16.22 -3.78
CA ALA A 65 6.15 -16.95 -2.61
C ALA A 65 5.88 -16.00 -1.46
N ARG A 66 4.63 -15.96 -1.02
CA ARG A 66 4.26 -15.13 0.11
C ARG A 66 2.80 -15.38 0.49
N ARG A 67 2.39 -14.75 1.56
CA ARG A 67 1.01 -14.93 2.01
C ARG A 67 0.10 -14.52 0.84
N GLY A 68 0.42 -13.40 0.18
CA GLY A 68 -0.38 -12.90 -0.94
C GLY A 68 -0.88 -11.49 -0.65
N PHE A 69 -0.92 -11.11 0.63
CA PHE A 69 -1.34 -9.76 1.02
C PHE A 69 -0.63 -9.39 2.33
N PHE A 70 -0.45 -8.07 2.53
CA PHE A 70 0.22 -7.47 3.73
C PHE A 70 1.31 -6.49 3.29
N ARG A 71 0.97 -5.19 3.26
CA ARG A 71 1.86 -4.07 2.86
C ARG A 71 1.42 -3.50 1.52
N CYS A 72 1.86 -2.27 1.24
CA CYS A 72 1.50 -1.57 0.01
C CYS A 72 0.01 -1.25 0.05
N ASN A 73 -0.39 -0.30 0.90
CA ASN A 73 -1.81 0.06 1.02
C ASN A 73 -1.94 1.58 1.08
N PRO A 74 -2.78 2.20 0.28
CA PRO A 74 -2.95 3.68 0.29
C PRO A 74 -3.11 4.27 1.71
N GLU A 75 -2.02 4.35 2.46
CA GLU A 75 -2.07 4.90 3.81
C GLU A 75 -3.21 4.28 4.61
N ARG A 76 -3.77 3.18 4.10
CA ARG A 76 -4.88 2.48 4.78
C ARG A 76 -4.47 1.09 5.21
N ILE A 77 -5.24 0.51 6.14
CA ILE A 77 -4.91 -0.81 6.67
C ILE A 77 -5.12 -1.99 5.69
N GLN A 78 -4.10 -2.82 5.76
CA GLN A 78 -4.02 -4.02 4.91
C GLN A 78 -4.98 -5.10 5.44
N ILE A 79 -6.25 -5.04 4.96
CA ILE A 79 -7.30 -6.01 5.32
C ILE A 79 -8.24 -6.23 4.12
N GLY A 80 -8.94 -7.38 4.06
CA GLY A 80 -9.86 -7.68 2.95
C GLY A 80 -9.33 -8.79 2.06
N ASP A 81 -8.13 -9.26 2.38
CA ASP A 81 -7.49 -10.33 1.60
C ASP A 81 -7.92 -11.72 2.10
N TRP A 82 -8.80 -12.33 1.32
CA TRP A 82 -9.34 -13.65 1.66
C TRP A 82 -8.45 -14.82 1.09
N ARG A 83 -8.86 -15.98 1.56
CA ARG A 83 -8.15 -17.24 1.23
C ARG A 83 -8.44 -17.78 -0.20
N TYR A 84 -9.70 -18.09 -0.45
CA TYR A 84 -10.18 -18.63 -1.76
C TYR A 84 -10.61 -17.53 -2.72
N GLU A 85 -10.66 -16.33 -2.20
CA GLU A 85 -11.06 -15.19 -2.98
C GLU A 85 -9.92 -14.72 -3.85
N VAL A 86 -8.70 -15.18 -3.59
CA VAL A 86 -7.55 -14.70 -4.35
C VAL A 86 -7.89 -14.77 -5.82
N ALA A 87 -8.25 -15.91 -6.31
CA ALA A 87 -8.58 -16.03 -7.70
C ALA A 87 -9.80 -15.16 -8.00
N HIS A 88 -10.87 -15.40 -7.25
CA HIS A 88 -12.10 -14.64 -7.45
C HIS A 88 -11.80 -13.12 -7.47
N ASP A 89 -11.24 -12.64 -6.39
CA ASP A 89 -10.88 -11.23 -6.27
C ASP A 89 -9.64 -10.90 -7.14
N GLY A 90 -8.58 -11.68 -6.99
CA GLY A 90 -7.38 -11.50 -7.79
C GLY A 90 -7.62 -11.87 -9.25
N ARG A 91 -8.85 -11.71 -9.68
CA ARG A 91 -9.23 -11.96 -11.06
C ARG A 91 -8.78 -10.78 -11.90
N LEU A 92 -7.99 -9.87 -11.27
CA LEU A 92 -7.52 -8.66 -11.97
C LEU A 92 -7.28 -9.00 -13.45
N LEU A 93 -6.96 -10.26 -13.71
CA LEU A 93 -6.74 -10.67 -15.11
C LEU A 93 -8.07 -10.51 -15.87
N ALA A 94 -9.08 -11.31 -15.48
CA ALA A 94 -10.38 -11.14 -16.13
C ALA A 94 -11.01 -9.92 -15.46
N ALA A 95 -11.47 -10.11 -14.22
CA ALA A 95 -12.08 -9.07 -13.40
C ALA A 95 -11.30 -7.76 -13.42
N HIS A 96 -10.24 -7.68 -14.22
CA HIS A 96 -9.42 -6.46 -14.30
C HIS A 96 -10.22 -5.22 -13.98
N MET A 97 -11.31 -5.00 -14.69
CA MET A 97 -12.15 -3.86 -14.39
C MET A 97 -12.96 -4.15 -13.14
N VAL A 98 -13.68 -5.30 -13.15
CA VAL A 98 -14.55 -5.64 -12.04
C VAL A 98 -13.85 -5.38 -10.69
N ASN A 99 -12.54 -5.72 -10.51
CA ASN A 99 -11.80 -5.46 -9.24
C ASN A 99 -12.23 -4.16 -8.56
N GLY A 100 -12.92 -3.36 -9.32
CA GLY A 100 -13.50 -2.11 -8.85
C GLY A 100 -14.15 -2.38 -7.47
N ILE A 101 -14.41 -3.66 -7.20
CA ILE A 101 -14.99 -4.05 -5.92
C ILE A 101 -13.89 -3.90 -4.85
N VAL A 102 -12.80 -4.56 -5.13
CA VAL A 102 -11.65 -4.57 -4.21
C VAL A 102 -11.62 -3.19 -3.53
N ILE A 103 -11.96 -2.15 -4.30
CA ILE A 103 -12.04 -0.79 -3.80
C ILE A 103 -13.50 -0.39 -3.47
N ALA A 104 -14.48 -0.87 -4.22
CA ALA A 104 -15.90 -0.55 -3.96
C ALA A 104 -16.56 -1.45 -2.91
N GLU A 105 -15.86 -2.52 -2.50
CA GLU A 105 -16.42 -3.47 -1.56
C GLU A 105 -16.12 -3.14 -0.09
N ASP A 106 -14.88 -3.38 0.37
CA ASP A 106 -14.53 -3.11 1.77
C ASP A 106 -13.96 -1.69 1.98
N ALA A 107 -13.54 -1.03 0.92
CA ALA A 107 -12.95 0.31 1.08
C ALA A 107 -13.79 1.17 2.01
N LEU A 108 -15.11 1.12 1.85
CA LEU A 108 -16.02 1.94 2.67
C LEU A 108 -15.50 2.04 4.10
N ILE A 109 -15.11 0.90 4.63
CA ILE A 109 -14.62 0.86 5.99
C ILE A 109 -13.32 1.64 6.12
N ALA A 110 -12.45 1.58 5.09
CA ALA A 110 -11.18 2.29 5.13
C ALA A 110 -11.30 3.70 4.55
N GLU A 111 -12.26 3.89 3.66
CA GLU A 111 -12.47 5.19 3.01
C GLU A 111 -12.64 6.26 4.06
N ALA A 112 -13.08 5.83 5.24
CA ALA A 112 -13.27 6.76 6.35
C ALA A 112 -11.91 7.15 6.86
N VAL A 113 -10.93 6.46 6.32
CA VAL A 113 -9.54 6.73 6.62
C VAL A 113 -9.03 7.71 5.58
N GLY A 114 -9.92 8.66 5.16
CA GLY A 114 -9.55 9.69 4.23
C GLY A 114 -8.35 10.50 4.71
N PRO A 115 -8.07 10.60 6.03
CA PRO A 115 -6.83 11.25 6.55
C PRO A 115 -5.61 11.08 5.64
N HIS A 116 -5.79 10.42 4.48
CA HIS A 116 -4.71 10.25 3.56
C HIS A 116 -4.10 11.63 3.34
N LEU A 117 -4.88 12.71 3.38
CA LEU A 117 -4.29 14.03 3.23
C LEU A 117 -3.28 14.22 4.35
N ALA A 118 -3.75 14.09 5.58
CA ALA A 118 -2.87 14.27 6.72
C ALA A 118 -1.64 13.39 6.51
N ARG A 119 -1.86 12.10 6.27
CA ARG A 119 -0.77 11.16 6.02
C ARG A 119 -0.03 11.51 4.71
N ALA A 120 -0.81 12.03 3.76
CA ALA A 120 -0.24 12.36 2.43
C ALA A 120 1.03 13.12 2.70
N LEU A 121 0.91 13.95 3.71
CA LEU A 121 2.03 14.81 4.16
C LEU A 121 3.36 14.01 3.91
N GLY A 122 3.22 12.66 3.88
CA GLY A 122 4.35 11.78 3.47
C GLY A 122 4.35 11.52 1.93
N GLN A 123 3.20 11.06 1.44
CA GLN A 123 3.01 10.80 0.03
C GLN A 123 2.77 12.14 -0.64
N ILE A 124 2.94 13.21 0.14
CA ILE A 124 2.77 14.56 -0.36
C ILE A 124 3.74 14.75 -1.45
N VAL A 125 5.01 14.47 -1.17
CA VAL A 125 6.00 14.60 -2.23
C VAL A 125 5.47 13.79 -3.41
N CYS A 126 5.22 12.51 -3.18
CA CYS A 126 4.74 11.65 -4.25
C CYS A 126 3.58 12.36 -4.99
N ARG A 127 2.99 13.35 -4.34
CA ARG A 127 1.91 14.15 -4.95
C ARG A 127 2.39 15.44 -5.61
N TYR A 128 3.20 16.18 -4.88
CA TYR A 128 3.80 17.45 -5.28
C TYR A 128 5.27 17.27 -5.66
N GLY A 129 5.70 16.06 -6.02
CA GLY A 129 7.09 15.87 -6.38
C GLY A 129 7.29 14.55 -7.08
N ALA A 130 6.23 13.72 -7.10
CA ALA A 130 6.28 12.42 -7.77
C ALA A 130 7.27 12.44 -8.95
N THR A 131 8.32 11.61 -8.89
CA THR A 131 9.29 11.56 -9.98
C THR A 131 9.59 10.09 -10.25
N VAL A 132 10.07 9.36 -9.26
CA VAL A 132 10.40 7.98 -9.48
C VAL A 132 9.12 7.18 -9.67
N ILE A 133 8.05 7.82 -10.20
CA ILE A 133 6.78 7.15 -10.44
C ILE A 133 6.53 7.01 -11.97
N PRO A 134 6.75 8.06 -12.76
CA PRO A 134 6.52 8.04 -14.24
C PRO A 134 7.50 7.09 -14.95
N ASN A 135 8.69 6.92 -14.36
CA ASN A 135 9.69 6.07 -14.97
C ASN A 135 9.24 4.61 -14.90
N ILE A 136 9.19 4.03 -13.70
CA ILE A 136 8.74 2.65 -13.54
C ILE A 136 7.42 2.46 -14.25
N ASN A 137 6.72 3.55 -14.28
CA ASN A 137 5.40 3.54 -14.89
C ASN A 137 5.55 3.09 -16.33
N ALA A 138 6.44 3.73 -17.08
CA ALA A 138 6.65 3.37 -18.48
C ALA A 138 7.08 1.92 -18.64
N ALA A 139 7.83 1.39 -17.68
CA ALA A 139 8.26 -0.01 -17.74
C ALA A 139 7.13 -0.93 -17.27
N ILE A 140 6.64 -0.63 -16.08
CA ILE A 140 5.58 -1.43 -15.46
C ILE A 140 4.45 -1.59 -16.47
N GLU A 141 3.92 -0.44 -16.83
CA GLU A 141 2.78 -0.39 -17.76
C GLU A 141 3.08 -1.41 -18.87
N VAL A 142 4.25 -1.29 -19.47
CA VAL A 142 4.66 -2.24 -20.48
C VAL A 142 4.70 -3.65 -19.86
N LEU A 143 5.43 -3.79 -18.74
CA LEU A 143 5.53 -5.09 -18.09
C LEU A 143 4.10 -5.62 -17.91
N GLY A 144 3.34 -4.99 -17.02
CA GLY A 144 1.97 -5.44 -16.80
C GLY A 144 1.06 -5.07 -17.98
N THR A 145 0.57 -3.84 -17.91
CA THR A 145 -0.31 -3.27 -18.94
C THR A 145 -0.92 -1.93 -18.51
N GLY A 146 -1.32 -1.82 -17.25
CA GLY A 146 -2.00 -0.62 -16.77
C GLY A 146 -3.49 -0.93 -16.74
N THR A 147 -3.82 -1.99 -17.49
CA THR A 147 -5.22 -2.46 -17.55
C THR A 147 -5.63 -2.65 -16.09
N ASP A 148 -6.05 -1.52 -15.50
CA ASP A 148 -6.50 -1.49 -14.11
C ASP A 148 -7.12 -0.12 -13.77
N TYR A 149 -7.47 0.02 -12.48
CA TYR A 149 -7.99 1.28 -11.94
C TYR A 149 -7.51 1.44 -10.49
N ARG A 150 -7.22 2.68 -10.08
CA ARG A 150 -6.76 2.97 -8.71
C ARG A 150 -7.29 4.33 -8.26
N PHE A 151 -7.57 4.47 -6.97
CA PHE A 151 -8.07 5.74 -6.43
C PHE A 151 -7.62 5.93 -4.98
O1 MTN B . 8.13 -9.98 6.62
N1 MTN B . 8.57 -8.83 6.30
C1 MTN B . 7.73 -7.76 5.77
C2 MTN B . 8.73 -6.66 5.62
C3 MTN B . 9.95 -7.02 5.97
C4 MTN B . 11.15 -6.11 5.88
S1 MTN B . 12.03 -6.20 4.29
C5 MTN B . 10.02 -8.45 6.46
C6 MTN B . 10.99 -9.29 5.62
C7 MTN B . 10.41 -8.49 7.93
C8 MTN B . 7.14 -8.14 4.40
C9 MTN B . 6.66 -7.37 6.77
H2 MTN B . 8.48 -5.68 5.25
H41 MTN B . 11.84 -6.40 6.66
H42 MTN B . 10.82 -5.10 6.05
H61 MTN B . 11.99 -8.86 5.69
H62 MTN B . 10.67 -9.28 4.59
H63 MTN B . 11.00 -10.30 6.00
H71 MTN B . 11.44 -8.21 8.04
H72 MTN B . 10.27 -9.49 8.30
H73 MTN B . 9.78 -7.81 8.48
H81 MTN B . 7.90 -8.10 3.64
H82 MTN B . 6.35 -7.45 4.13
H83 MTN B . 6.75 -9.14 4.45
H91 MTN B . 6.08 -6.54 6.40
H92 MTN B . 6.02 -8.22 6.96
H93 MTN B . 7.13 -7.08 7.70
O1 MTN C . -2.19 -4.04 -4.96
N1 MTN C . -1.14 -4.27 -4.28
C1 MTN C . -1.19 -4.87 -2.93
C2 MTN C . 0.26 -4.92 -2.63
C3 MTN C . 1.03 -4.44 -3.60
C4 MTN C . 2.54 -4.38 -3.58
S1 MTN C . 3.24 -2.72 -3.86
C5 MTN C . 0.22 -3.97 -4.78
C6 MTN C . 0.45 -2.51 -5.15
C7 MTN C . 0.49 -4.88 -5.97
C8 MTN C . -1.99 -4.02 -1.94
C9 MTN C . -1.74 -6.29 -3.03
H2 MTN C . 0.66 -5.29 -1.69
H41 MTN C . 2.90 -5.03 -4.35
H42 MTN C . 2.88 -4.76 -2.63
H61 MTN C . 1.36 -2.41 -5.74
H62 MTN C . -0.39 -2.14 -5.72
H63 MTN C . 0.55 -1.92 -4.25
H71 MTN C . -0.12 -4.58 -6.82
H72 MTN C . 1.53 -4.82 -6.26
H73 MTN C . 0.25 -5.91 -5.71
H81 MTN C . -1.59 -4.13 -0.95
H82 MTN C . -3.03 -4.32 -1.94
H83 MTN C . -1.93 -2.99 -2.24
H91 MTN C . -1.66 -6.79 -2.07
H92 MTN C . -1.19 -6.85 -3.77
H93 MTN C . -2.79 -6.25 -3.32
O1 MTN D . -3.24 10.69 -6.78
N1 MTN D . -2.03 10.35 -6.96
C1 MTN D . -1.16 11.01 -7.95
C2 MTN D . 0.10 10.25 -7.71
C3 MTN D . 0.00 9.32 -6.77
C4 MTN D . 1.10 8.43 -6.32
S1 MTN D . 2.68 9.27 -6.02
C5 MTN D . -1.40 9.26 -6.17
C6 MTN D . -2.05 7.91 -6.33
C7 MTN D . -1.35 9.67 -4.69
C8 MTN D . -1.67 10.81 -9.38
C9 MTN D . -1.02 12.50 -7.61
H2 MTN D . 1.02 10.44 -8.25
H41 MTN D . 1.26 7.68 -7.10
H42 MTN D . 0.78 7.93 -5.41
H61 MTN D . -3.06 7.94 -5.92
H62 MTN D . -1.48 7.17 -5.80
H63 MTN D . -2.11 7.65 -7.38
H71 MTN D . -0.97 8.85 -4.11
H72 MTN D . -2.34 9.92 -4.37
H73 MTN D . -0.71 10.53 -4.57
H81 MTN D . -0.94 11.21 -10.08
H82 MTN D . -2.60 11.33 -9.51
H83 MTN D . -1.80 9.76 -9.58
H91 MTN D . -1.97 12.87 -7.27
H92 MTN D . -0.70 13.05 -8.48
H93 MTN D . -0.29 12.63 -6.82
N MET A 25 9.69 -6.74 31.89
CA MET A 25 8.40 -6.70 31.13
C MET A 25 8.52 -7.57 29.88
N SER A 26 7.37 -7.88 29.27
CA SER A 26 7.32 -8.70 28.05
C SER A 26 6.99 -7.83 26.84
N ASP A 27 7.02 -6.51 27.03
CA ASP A 27 6.74 -5.56 25.96
C ASP A 27 6.51 -4.15 26.53
N PHE A 28 7.56 -3.34 26.52
CA PHE A 28 7.48 -1.96 27.02
C PHE A 28 8.44 -1.06 26.26
N ASP A 29 8.05 0.19 26.04
CA ASP A 29 8.89 1.14 25.32
C ASP A 29 8.56 2.56 25.75
N THR A 30 9.55 3.44 25.73
CA THR A 30 9.31 4.83 26.12
C THR A 30 8.46 5.55 25.07
N GLU A 31 8.13 6.80 25.34
CA GLU A 31 7.29 7.60 24.44
C GLU A 31 7.97 7.72 23.07
N ARG A 32 9.19 8.21 23.11
CA ARG A 32 9.93 8.41 21.86
C ARG A 32 9.87 7.09 21.06
N VAL A 33 10.35 6.05 21.71
CA VAL A 33 10.38 4.73 21.08
C VAL A 33 8.93 4.22 20.84
N SER A 34 8.08 4.30 21.86
CA SER A 34 6.67 3.85 21.71
C SER A 34 5.95 4.69 20.63
N ARG A 35 5.88 6.00 20.84
CA ARG A 35 5.16 6.87 19.90
C ARG A 35 5.88 6.90 18.53
N ALA A 36 7.16 7.23 18.52
CA ALA A 36 7.86 7.28 17.21
C ALA A 36 7.59 5.95 16.49
N VAL A 37 7.86 4.85 17.19
CA VAL A 37 7.55 3.56 16.56
C VAL A 37 6.04 3.48 16.32
N ALA A 38 5.17 3.76 17.28
CA ALA A 38 3.74 3.67 16.96
C ALA A 38 3.41 4.59 15.78
N ALA A 39 3.63 5.88 15.97
CA ALA A 39 3.30 6.87 14.92
C ALA A 39 3.97 6.46 13.59
N ALA A 40 5.26 6.30 13.66
CA ALA A 40 6.01 5.93 12.46
C ALA A 40 5.54 4.54 11.98
N LEU A 41 5.60 3.59 12.90
CA LEU A 41 5.23 2.21 12.55
C LEU A 41 3.80 2.21 11.99
N VAL A 42 2.85 2.76 12.74
CA VAL A 42 1.47 2.80 12.26
C VAL A 42 1.38 3.76 11.06
N GLY A 43 1.80 5.00 11.28
CA GLY A 43 1.75 6.03 10.25
C GLY A 43 2.66 5.74 9.06
N PRO A 44 2.90 6.72 8.23
CA PRO A 44 3.76 6.57 7.02
C PRO A 44 5.25 6.65 7.34
N GLY A 45 5.59 7.31 8.43
CA GLY A 45 7.02 7.48 8.75
C GLY A 45 7.71 6.12 8.89
N GLY A 46 7.20 5.32 9.80
CA GLY A 46 7.80 4.00 10.04
C GLY A 46 7.68 3.20 8.77
N VAL A 47 6.45 3.10 8.29
CA VAL A 47 6.21 2.34 7.07
C VAL A 47 7.08 2.91 5.94
N ALA A 48 7.24 4.23 5.91
CA ALA A 48 8.06 4.84 4.86
C ALA A 48 9.50 4.33 4.93
N LEU A 49 10.21 4.55 6.02
CA LEU A 49 11.62 4.15 6.11
C LEU A 49 11.82 2.63 6.03
N VAL A 50 11.04 1.88 6.80
CA VAL A 50 11.23 0.44 6.79
C VAL A 50 11.00 -0.13 5.39
N VAL A 51 9.80 0.08 4.82
CA VAL A 51 9.49 -0.47 3.51
C VAL A 51 10.38 0.09 2.41
N LYS A 52 10.70 1.37 2.50
CA LYS A 52 11.53 1.97 1.48
C LYS A 52 12.92 1.37 1.56
N VAL A 53 13.48 1.46 2.74
CA VAL A 53 14.83 0.96 2.96
C VAL A 53 14.88 -0.55 2.74
N CYS A 54 13.95 -1.27 3.34
CA CYS A 54 13.97 -2.72 3.17
C CYS A 54 13.71 -3.07 1.72
N ALA A 55 12.55 -2.69 1.20
CA ALA A 55 12.17 -3.05 -0.15
C ALA A 55 13.09 -2.45 -1.18
N GLY A 56 13.29 -1.13 -1.10
CA GLY A 56 14.15 -0.45 -2.06
C GLY A 56 13.33 -0.01 -3.27
N LEU A 57 12.52 1.05 -3.07
CA LEU A 57 11.64 1.59 -4.14
C LEU A 57 10.42 0.67 -4.37
N PRO A 58 9.20 1.17 -4.32
CA PRO A 58 7.98 0.32 -4.52
C PRO A 58 7.75 -0.14 -5.97
N GLY A 59 8.46 0.45 -6.94
CA GLY A 59 8.21 0.02 -8.33
C GLY A 59 8.51 -1.47 -8.47
N VAL A 60 9.74 -1.86 -8.19
CA VAL A 60 10.10 -3.26 -8.25
C VAL A 60 9.57 -3.92 -6.99
N ILE A 61 10.29 -4.92 -6.46
CA ILE A 61 9.90 -5.58 -5.22
C ILE A 61 8.75 -6.57 -5.42
N HIS A 62 9.04 -7.76 -5.93
CA HIS A 62 8.00 -8.79 -6.12
C HIS A 62 8.62 -10.12 -5.65
N THR A 63 7.94 -10.81 -4.75
CA THR A 63 8.43 -12.09 -4.21
C THR A 63 7.67 -13.26 -4.83
N PRO A 64 8.29 -14.41 -4.98
CA PRO A 64 7.62 -15.58 -5.60
C PRO A 64 6.61 -16.29 -4.70
N ALA A 65 6.86 -16.34 -3.38
CA ALA A 65 5.94 -16.97 -2.42
C ALA A 65 5.61 -16.05 -1.25
N ARG A 66 4.34 -15.95 -0.87
CA ARG A 66 4.00 -15.12 0.28
C ARG A 66 2.54 -15.34 0.70
N ARG A 67 2.20 -14.84 1.87
CA ARG A 67 0.84 -14.97 2.38
C ARG A 67 -0.12 -14.15 1.52
N GLY A 68 0.33 -13.82 0.32
CA GLY A 68 -0.48 -13.05 -0.61
C GLY A 68 -0.45 -11.56 -0.26
N PHE A 69 -0.18 -11.24 1.01
CA PHE A 69 -0.15 -9.84 1.46
C PHE A 69 0.84 -9.70 2.62
N PHE A 70 1.46 -8.51 2.74
CA PHE A 70 2.45 -8.19 3.82
C PHE A 70 3.60 -7.29 3.31
N ARG A 71 3.30 -5.99 3.08
CA ARG A 71 4.29 -4.98 2.57
C ARG A 71 3.63 -4.18 1.48
N CYS A 72 4.00 -2.90 1.26
CA CYS A 72 3.35 -2.09 0.19
C CYS A 72 1.84 -2.12 0.30
N ASN A 73 1.29 -1.62 1.41
CA ASN A 73 -0.17 -1.57 1.58
C ASN A 73 -0.65 -0.12 1.54
N PRO A 74 -1.84 0.15 1.03
CA PRO A 74 -2.40 1.54 0.96
C PRO A 74 -2.79 2.06 2.34
N GLU A 75 -1.83 2.03 3.25
CA GLU A 75 -2.01 2.51 4.63
C GLU A 75 -3.00 1.62 5.41
N ARG A 76 -3.55 0.63 4.72
CA ARG A 76 -4.51 -0.27 5.34
C ARG A 76 -3.82 -1.44 6.04
N ILE A 77 -4.50 -1.99 7.05
CA ILE A 77 -3.97 -3.11 7.80
C ILE A 77 -3.92 -4.36 6.92
N GLN A 78 -2.82 -5.06 7.06
CA GLN A 78 -2.60 -6.25 6.24
C GLN A 78 -3.72 -7.27 6.52
N ILE A 79 -4.88 -7.06 5.88
CA ILE A 79 -6.03 -7.97 6.02
C ILE A 79 -6.86 -7.97 4.73
N GLY A 80 -7.63 -9.03 4.49
CA GLY A 80 -8.46 -9.14 3.27
C GLY A 80 -7.92 -10.21 2.35
N ASP A 81 -6.78 -10.76 2.72
CA ASP A 81 -6.20 -11.83 1.92
C ASP A 81 -6.95 -13.12 2.22
N TRP A 82 -7.88 -13.45 1.33
CA TRP A 82 -8.73 -14.61 1.49
C TRP A 82 -8.11 -15.88 0.89
N ARG A 83 -8.82 -16.96 1.14
CA ARG A 83 -8.40 -18.28 0.68
C ARG A 83 -8.82 -18.57 -0.77
N TYR A 84 -10.13 -18.58 -0.98
CA TYR A 84 -10.74 -18.86 -2.29
C TYR A 84 -10.97 -17.60 -3.15
N GLU A 85 -10.90 -16.44 -2.52
CA GLU A 85 -11.11 -15.20 -3.25
C GLU A 85 -9.87 -14.82 -4.03
N VAL A 86 -8.74 -15.44 -3.73
CA VAL A 86 -7.50 -15.04 -4.38
C VAL A 86 -7.71 -14.89 -5.86
N ALA A 87 -8.20 -15.90 -6.52
CA ALA A 87 -8.43 -15.84 -7.95
C ALA A 87 -9.54 -14.84 -8.26
N HIS A 88 -10.69 -15.03 -7.58
CA HIS A 88 -11.82 -14.12 -7.82
C HIS A 88 -11.32 -12.67 -7.71
N ASP A 89 -10.73 -12.34 -6.58
CA ASP A 89 -10.18 -11.01 -6.36
C ASP A 89 -8.94 -10.80 -7.24
N GLY A 90 -8.03 -11.76 -7.23
CA GLY A 90 -6.84 -11.69 -8.07
C GLY A 90 -7.24 -11.85 -9.52
N ARG A 91 -8.46 -11.45 -9.81
CA ARG A 91 -8.98 -11.42 -11.15
C ARG A 91 -8.27 -10.29 -11.85
N LEU A 92 -7.37 -9.59 -11.12
CA LEU A 92 -6.69 -8.41 -11.67
C LEU A 92 -6.48 -8.59 -13.17
N LEU A 93 -6.33 -9.85 -13.55
CA LEU A 93 -6.13 -10.17 -14.96
C LEU A 93 -7.39 -9.88 -15.79
N ALA A 94 -8.49 -10.64 -15.58
CA ALA A 94 -9.70 -10.36 -16.38
C ALA A 94 -10.42 -9.17 -15.76
N ALA A 95 -11.14 -9.43 -14.67
CA ALA A 95 -11.91 -8.42 -13.96
C ALA A 95 -11.06 -7.19 -13.58
N HIS A 96 -9.82 -7.12 -14.10
CA HIS A 96 -8.89 -6.03 -13.81
C HIS A 96 -9.59 -4.73 -13.42
N MET A 97 -10.55 -4.27 -14.22
CA MET A 97 -11.25 -3.06 -13.86
C MET A 97 -12.21 -3.36 -12.70
N VAL A 98 -12.99 -4.43 -12.86
CA VAL A 98 -14.00 -4.76 -11.85
C VAL A 98 -13.47 -4.62 -10.44
N ASN A 99 -12.23 -5.06 -10.14
CA ASN A 99 -11.66 -4.92 -8.78
C ASN A 99 -12.01 -3.56 -8.16
N GLY A 100 -12.49 -2.66 -8.99
CA GLY A 100 -12.91 -1.34 -8.52
C GLY A 100 -13.69 -1.52 -7.20
N ILE A 101 -14.26 -2.73 -7.04
CA ILE A 101 -14.99 -3.06 -5.81
C ILE A 101 -13.95 -3.18 -4.69
N VAL A 102 -12.90 -3.93 -4.98
CA VAL A 102 -11.85 -4.21 -4.00
C VAL A 102 -11.71 -2.94 -3.12
N ILE A 103 -11.85 -1.76 -3.74
CA ILE A 103 -11.78 -0.49 -3.01
C ILE A 103 -13.18 0.06 -2.65
N ALA A 104 -14.19 -0.32 -3.46
CA ALA A 104 -15.60 0.08 -3.25
C ALA A 104 -16.37 -0.86 -2.30
N GLU A 105 -15.80 -2.02 -1.95
CA GLU A 105 -16.43 -2.92 -1.04
C GLU A 105 -16.23 -2.38 0.35
N ASP A 106 -14.98 -2.42 0.84
CA ASP A 106 -14.73 -1.90 2.15
C ASP A 106 -15.12 -0.43 2.16
N ALA A 107 -14.46 0.38 1.30
CA ALA A 107 -14.77 1.82 1.19
C ALA A 107 -15.23 2.40 2.53
N LEU A 108 -16.37 1.93 3.02
CA LEU A 108 -16.97 2.43 4.27
C LEU A 108 -15.92 2.84 5.31
N ILE A 109 -14.82 2.09 5.38
CA ILE A 109 -13.74 2.42 6.32
C ILE A 109 -12.63 3.14 5.54
N ALA A 110 -12.45 2.71 4.29
CA ALA A 110 -11.42 3.28 3.44
C ALA A 110 -11.70 4.77 3.19
N GLU A 111 -12.85 5.10 2.58
CA GLU A 111 -13.19 6.49 2.30
C GLU A 111 -13.37 7.28 3.61
N ALA A 112 -12.88 6.72 4.72
CA ALA A 112 -12.97 7.39 6.02
C ALA A 112 -11.56 7.69 6.52
N VAL A 113 -10.58 7.02 5.87
CA VAL A 113 -9.16 7.23 6.19
C VAL A 113 -8.48 7.97 5.04
N GLY A 114 -9.24 8.83 4.36
CA GLY A 114 -8.71 9.61 3.25
C GLY A 114 -7.73 10.67 3.77
N PRO A 115 -8.02 11.31 4.90
CA PRO A 115 -7.11 12.34 5.47
C PRO A 115 -5.67 11.85 5.52
N HIS A 116 -5.50 10.56 5.23
CA HIS A 116 -4.18 9.97 5.23
C HIS A 116 -3.31 10.74 4.25
N LEU A 117 -3.94 11.55 3.40
CA LEU A 117 -3.17 12.36 2.46
C LEU A 117 -2.32 13.35 3.26
N ALA A 118 -2.99 14.13 4.12
CA ALA A 118 -2.31 15.10 4.97
C ALA A 118 -1.27 14.37 5.79
N ARG A 119 -1.70 13.29 6.45
CA ARG A 119 -0.78 12.50 7.24
C ARG A 119 0.28 12.00 6.31
N ALA A 120 -0.07 11.26 5.29
CA ALA A 120 0.92 10.78 4.40
C ALA A 120 1.88 11.89 4.00
N LEU A 121 1.50 13.16 4.28
CA LEU A 121 2.17 14.37 3.73
C LEU A 121 3.21 13.98 2.71
N GLY A 122 4.13 13.09 2.97
CA GLY A 122 5.00 12.68 1.90
C GLY A 122 4.10 12.29 0.69
N GLN A 123 2.80 11.91 0.94
CA GLN A 123 1.94 11.60 -0.21
C GLN A 123 1.73 12.90 -0.96
N ILE A 124 1.96 13.98 -0.24
CA ILE A 124 1.83 15.29 -0.87
C ILE A 124 2.90 15.36 -1.97
N VAL A 125 4.10 14.83 -1.68
CA VAL A 125 5.17 14.85 -2.69
C VAL A 125 4.69 14.10 -3.91
N CYS A 126 4.41 12.83 -3.75
CA CYS A 126 3.95 12.00 -4.84
C CYS A 126 2.88 12.68 -5.70
N ARG A 127 2.13 13.60 -5.08
CA ARG A 127 1.04 14.37 -5.73
C ARG A 127 1.55 15.65 -6.42
N TYR A 128 2.34 16.34 -5.65
CA TYR A 128 3.03 17.58 -6.00
C TYR A 128 4.48 17.22 -6.39
N GLY A 129 4.74 15.98 -6.85
CA GLY A 129 6.08 15.61 -7.27
C GLY A 129 5.93 14.33 -8.10
N ALA A 130 6.11 13.18 -7.45
CA ALA A 130 6.03 11.88 -8.09
C ALA A 130 7.20 11.58 -9.04
N THR A 131 8.45 11.49 -8.56
CA THR A 131 9.54 11.15 -9.48
C THR A 131 9.55 9.63 -9.72
N VAL A 132 9.68 8.80 -8.67
CA VAL A 132 9.79 7.36 -8.85
C VAL A 132 8.43 6.68 -9.08
N ILE A 133 7.41 7.41 -9.59
CA ILE A 133 6.11 6.79 -9.90
C ILE A 133 5.89 6.71 -11.45
N PRO A 134 6.30 7.71 -12.24
CA PRO A 134 6.18 7.70 -13.74
C PRO A 134 7.09 6.62 -14.36
N ASN A 135 8.14 6.24 -13.63
CA ASN A 135 9.08 5.23 -14.13
C ASN A 135 8.38 3.88 -14.17
N ILE A 136 8.06 3.31 -13.00
CA ILE A 136 7.35 2.04 -12.93
C ILE A 136 6.15 2.10 -13.86
N ASN A 137 5.64 3.30 -13.99
CA ASN A 137 4.46 3.51 -14.82
C ASN A 137 4.74 2.97 -16.21
N ALA A 138 5.82 3.43 -16.84
CA ALA A 138 6.17 2.98 -18.18
C ALA A 138 6.35 1.46 -18.27
N ALA A 139 6.81 0.80 -17.20
CA ALA A 139 6.96 -0.67 -17.22
C ALA A 139 5.63 -1.36 -16.95
N ILE A 140 4.99 -0.91 -15.90
CA ILE A 140 3.70 -1.48 -15.50
C ILE A 140 2.80 -1.49 -16.76
N GLU A 141 2.64 -0.30 -17.30
CA GLU A 141 1.78 -0.10 -18.50
C GLU A 141 2.01 -1.32 -19.38
N VAL A 142 3.28 -1.51 -19.70
CA VAL A 142 3.71 -2.66 -20.52
C VAL A 142 3.27 -3.95 -19.82
N LEU A 143 3.62 -4.07 -18.54
CA LEU A 143 3.28 -5.28 -17.81
C LEU A 143 1.75 -5.52 -17.85
N GLY A 144 0.95 -4.72 -17.10
CA GLY A 144 -0.50 -4.95 -17.12
C GLY A 144 -1.18 -4.39 -18.40
N THR A 145 -1.43 -3.12 -18.29
CA THR A 145 -2.13 -2.31 -19.29
C THR A 145 -1.91 -0.87 -18.85
N GLY A 146 -1.63 -0.77 -17.55
CA GLY A 146 -1.32 0.47 -16.88
C GLY A 146 -2.40 0.95 -15.93
N THR A 147 -3.67 0.74 -16.20
CA THR A 147 -4.69 1.27 -15.30
C THR A 147 -4.33 1.10 -13.82
N ASP A 148 -3.97 2.23 -13.21
CA ASP A 148 -3.62 2.30 -11.78
C ASP A 148 -4.15 3.61 -11.22
N TYR A 149 -4.59 3.58 -9.96
CA TYR A 149 -5.09 4.76 -9.30
C TYR A 149 -4.85 4.65 -7.78
N ARG A 150 -4.59 5.79 -7.16
CA ARG A 150 -4.39 5.88 -5.71
C ARG A 150 -4.93 7.21 -5.20
N PHE A 151 -5.36 7.25 -3.94
CA PHE A 151 -5.88 8.51 -3.36
C PHE A 151 -5.34 8.69 -1.94
O1 MTN B . 8.24 -9.72 7.23
N1 MTN B . 8.42 -8.82 6.37
C1 MTN B . 7.56 -8.63 5.22
C2 MTN B . 8.25 -7.50 4.55
C3 MTN B . 9.32 -7.07 5.18
C4 MTN B . 10.19 -5.94 4.70
S1 MTN B . 11.79 -5.77 5.53
C5 MTN B . 9.59 -7.86 6.44
C6 MTN B . 10.99 -8.52 6.50
C7 MTN B . 9.34 -6.95 7.63
C8 MTN B . 7.46 -9.86 4.31
C9 MTN B . 6.22 -8.19 5.78
H2 MTN B . 7.91 -7.06 3.63
H41 MTN B . 9.64 -5.03 4.84
H42 MTN B . 10.36 -6.10 3.64
H61 MTN B . 11.66 -7.90 7.10
H62 MTN B . 11.40 -8.61 5.51
H63 MTN B . 10.91 -9.49 6.96
H71 MTN B . 10.02 -6.11 7.60
H72 MTN B . 9.50 -7.50 8.55
H73 MTN B . 8.32 -6.58 7.61
H81 MTN B . 8.43 -10.06 3.87
H82 MTN B . 6.75 -9.66 3.52
H83 MTN B . 7.14 -10.71 4.89
H91 MTN B . 5.65 -7.73 5.02
H92 MTN B . 5.71 -9.06 6.16
H93 MTN B . 6.38 -7.49 6.58
O1 MTN C . -2.42 -3.73 -4.17
N1 MTN C . -1.61 -4.66 -3.86
C1 MTN C . -1.71 -6.02 -4.41
C2 MTN C . -0.57 -6.64 -3.73
C3 MTN C . 0.09 -5.83 -2.93
C4 MTN C . 1.32 -6.17 -2.17
S1 MTN C . 1.83 -4.89 -1.06
C5 MTN C . -0.51 -4.42 -2.92
C6 MTN C . -1.04 -3.91 -1.56
C7 MTN C . 0.44 -3.43 -3.62
C8 MTN C . -3.05 -6.67 -4.08
C9 MTN C . -1.46 -5.98 -5.92
H2 MTN C . -0.31 -7.68 -3.85
H41 MTN C . 2.11 -6.35 -2.88
H42 MTN C . 1.12 -7.08 -1.62
H61 MTN C . -0.81 -2.87 -1.44
H62 MTN C . -2.11 -4.03 -1.53
H63 MTN C . -0.62 -4.48 -0.75
H71 MTN C . 1.30 -3.24 -3.01
H72 MTN C . 0.76 -3.85 -4.56
H73 MTN C . -0.09 -2.51 -3.80
H81 MTN C . -2.94 -7.75 -4.02
H82 MTN C . -3.78 -6.44 -4.85
H83 MTN C . -3.42 -6.29 -3.14
H91 MTN C . -2.29 -5.50 -6.41
H92 MTN C . -1.36 -6.99 -6.29
H93 MTN C . -0.55 -5.42 -6.12
O1 MTN D . -3.51 11.01 -5.92
N1 MTN D . -2.51 10.42 -6.45
C1 MTN D . -2.37 10.23 -7.91
C2 MTN D . -1.09 9.50 -7.96
C3 MTN D . -0.54 9.30 -6.77
C4 MTN D . 0.79 8.64 -6.55
S1 MTN D . 2.18 9.75 -6.79
C5 MTN D . -1.39 9.86 -5.64
C6 MTN D . -1.86 8.82 -4.61
C7 MTN D . -0.67 11.03 -4.96
C8 MTN D . -3.51 9.42 -8.53
C9 MTN D . -2.24 11.58 -8.59
H2 MTN D . -0.64 9.16 -8.87
H41 MTN D . 0.86 7.83 -7.26
H42 MTN D . 0.81 8.24 -5.55
H61 MTN D . -2.03 9.28 -3.65
H62 MTN D . -1.12 8.05 -4.50
H63 MTN D . -2.77 8.39 -4.96
H71 MTN D . 0.06 10.64 -4.24
H72 MTN D . -1.39 11.64 -4.42
H73 MTN D . -0.16 11.64 -5.69
H81 MTN D . -3.27 9.20 -9.57
H82 MTN D . -4.42 9.98 -8.48
H83 MTN D . -3.63 8.49 -8.00
H91 MTN D . -3.15 12.15 -8.46
H92 MTN D . -2.04 11.44 -9.63
H93 MTN D . -1.41 12.13 -8.13
N MET A 25 9.48 -5.79 33.14
CA MET A 25 8.16 -5.71 32.42
C MET A 25 8.17 -6.67 31.22
N SER A 26 6.97 -6.98 30.75
CA SER A 26 6.80 -7.89 29.61
C SER A 26 6.93 -7.13 28.30
N ASP A 27 7.37 -5.87 28.38
CA ASP A 27 7.59 -5.00 27.21
C ASP A 27 7.36 -3.53 27.54
N PHE A 28 8.36 -2.71 27.21
CA PHE A 28 8.26 -1.27 27.46
C PHE A 28 9.20 -0.51 26.55
N ASP A 29 8.84 0.73 26.25
CA ASP A 29 9.65 1.58 25.39
C ASP A 29 9.42 3.05 25.77
N THR A 30 10.44 3.87 25.62
CA THR A 30 10.33 5.29 25.97
C THR A 30 9.45 6.01 24.95
N GLU A 31 9.12 7.25 25.23
CA GLU A 31 8.22 7.99 24.35
C GLU A 31 8.76 7.98 22.93
N ARG A 32 9.86 8.67 22.72
CA ARG A 32 10.43 8.81 21.37
C ARG A 32 10.35 7.46 20.66
N VAL A 33 10.85 6.46 21.33
CA VAL A 33 10.80 5.09 20.78
C VAL A 33 9.33 4.58 20.71
N SER A 34 8.60 4.70 21.79
CA SER A 34 7.21 4.24 21.87
C SER A 34 6.30 4.84 20.82
N ARG A 35 6.46 6.14 20.53
CA ARG A 35 5.69 6.77 19.46
C ARG A 35 6.39 6.57 18.11
N ALA A 36 7.67 6.97 18.07
CA ALA A 36 8.40 6.92 16.81
C ALA A 36 8.16 5.56 16.22
N VAL A 37 8.42 4.55 17.00
CA VAL A 37 8.16 3.25 16.47
C VAL A 37 6.67 3.12 16.16
N ALA A 38 5.79 3.38 17.11
CA ALA A 38 4.37 3.25 16.78
C ALA A 38 3.99 4.16 15.62
N ALA A 39 4.09 5.46 15.82
CA ALA A 39 3.74 6.41 14.76
C ALA A 39 4.48 6.10 13.45
N ALA A 40 5.79 6.04 13.52
CA ALA A 40 6.57 5.75 12.31
C ALA A 40 6.22 4.33 11.81
N LEU A 41 6.41 3.37 12.69
CA LEU A 41 6.16 1.96 12.31
C LEU A 41 4.74 1.84 11.78
N VAL A 42 3.77 2.28 12.59
CA VAL A 42 2.38 2.21 12.15
C VAL A 42 2.15 3.19 11.00
N GLY A 43 2.43 4.46 11.25
CA GLY A 43 2.24 5.50 10.25
C GLY A 43 3.05 5.22 9.02
N PRO A 44 3.22 6.19 8.19
CA PRO A 44 3.95 6.03 6.92
C PRO A 44 5.47 6.16 7.07
N GLY A 45 5.93 6.96 8.02
CA GLY A 45 7.38 7.19 8.17
C GLY A 45 8.16 5.91 8.50
N GLY A 46 7.82 5.27 9.60
CA GLY A 46 8.59 4.07 9.98
C GLY A 46 8.53 3.11 8.83
N VAL A 47 7.32 2.82 8.42
CA VAL A 47 7.16 1.92 7.30
C VAL A 47 7.81 2.53 6.04
N ALA A 48 7.82 3.88 5.93
CA ALA A 48 8.39 4.50 4.73
C ALA A 48 9.84 4.05 4.53
N LEU A 49 10.73 4.39 5.47
CA LEU A 49 12.13 4.03 5.31
C LEU A 49 12.33 2.53 5.32
N VAL A 50 11.64 1.85 6.23
CA VAL A 50 11.82 0.41 6.30
C VAL A 50 11.47 -0.24 4.98
N VAL A 51 10.24 -0.07 4.52
CA VAL A 51 9.83 -0.69 3.26
C VAL A 51 10.63 -0.15 2.08
N LYS A 52 10.94 1.13 2.12
CA LYS A 52 11.68 1.72 1.01
C LYS A 52 13.07 1.12 0.96
N VAL A 53 13.77 1.26 2.06
CA VAL A 53 15.13 0.76 2.11
C VAL A 53 15.13 -0.75 1.98
N CYS A 54 14.27 -1.44 2.72
CA CYS A 54 14.23 -2.88 2.63
C CYS A 54 13.74 -3.32 1.25
N ALA A 55 12.51 -2.96 0.88
CA ALA A 55 11.95 -3.42 -0.40
C ALA A 55 12.77 -2.91 -1.55
N GLY A 56 13.08 -1.63 -1.50
CA GLY A 56 13.86 -1.02 -2.57
C GLY A 56 12.96 -0.74 -3.76
N LEU A 57 12.05 0.22 -3.58
CA LEU A 57 11.07 0.63 -4.61
C LEU A 57 9.82 -0.27 -4.59
N PRO A 58 8.81 0.04 -3.78
CA PRO A 58 7.57 -0.78 -3.75
C PRO A 58 6.80 -0.72 -5.08
N GLY A 59 7.15 0.27 -5.91
CA GLY A 59 6.45 0.38 -7.18
C GLY A 59 6.55 -0.93 -7.94
N VAL A 60 7.78 -1.34 -8.23
CA VAL A 60 8.02 -2.62 -8.90
C VAL A 60 8.36 -3.59 -7.80
N ILE A 61 8.49 -4.89 -8.12
CA ILE A 61 8.82 -5.94 -7.13
C ILE A 61 7.64 -6.90 -6.95
N HIS A 62 7.85 -8.18 -7.24
CA HIS A 62 6.78 -9.16 -7.08
C HIS A 62 7.40 -10.45 -6.53
N THR A 63 6.79 -11.01 -5.48
CA THR A 63 7.32 -12.24 -4.87
C THR A 63 6.63 -13.48 -5.46
N PRO A 64 7.37 -14.51 -5.85
CA PRO A 64 6.75 -15.76 -6.41
C PRO A 64 5.69 -16.38 -5.50
N ALA A 65 5.97 -16.44 -4.19
CA ALA A 65 5.05 -17.02 -3.22
C ALA A 65 4.78 -16.03 -2.09
N ARG A 66 3.52 -15.83 -1.72
CA ARG A 66 3.22 -14.93 -0.62
C ARG A 66 1.78 -15.13 -0.17
N ARG A 67 1.47 -14.63 1.01
CA ARG A 67 0.11 -14.77 1.55
C ARG A 67 -0.90 -14.02 0.65
N GLY A 68 -0.54 -13.84 -0.64
CA GLY A 68 -1.40 -13.15 -1.59
C GLY A 68 -1.47 -11.67 -1.30
N PHE A 69 -1.32 -11.31 -0.04
CA PHE A 69 -1.35 -9.91 0.36
C PHE A 69 -0.67 -9.76 1.71
N PHE A 70 -0.29 -8.52 2.01
CA PHE A 70 0.41 -8.12 3.25
C PHE A 70 1.56 -7.23 2.84
N ARG A 71 1.34 -5.91 2.79
CA ARG A 71 2.36 -4.90 2.41
C ARG A 71 1.82 -4.04 1.28
N CYS A 72 2.09 -2.74 1.35
CA CYS A 72 1.61 -1.82 0.33
C CYS A 72 0.09 -1.67 0.48
N ASN A 73 -0.35 -0.96 1.51
CA ASN A 73 -1.79 -0.78 1.73
C ASN A 73 -2.06 0.70 2.00
N PRO A 74 -3.02 1.34 1.33
CA PRO A 74 -3.37 2.79 1.56
C PRO A 74 -3.65 3.13 3.04
N GLU A 75 -2.68 2.87 3.91
CA GLU A 75 -2.81 3.13 5.33
C GLU A 75 -3.86 2.21 5.97
N ARG A 76 -4.42 1.31 5.17
CA ARG A 76 -5.43 0.38 5.67
C ARG A 76 -4.75 -0.77 6.42
N ILE A 77 -5.45 -1.37 7.38
CA ILE A 77 -4.89 -2.47 8.15
C ILE A 77 -4.73 -3.72 7.30
N GLN A 78 -3.59 -4.39 7.43
CA GLN A 78 -3.32 -5.56 6.61
C GLN A 78 -4.40 -6.64 6.84
N ILE A 79 -5.54 -6.50 6.16
CA ILE A 79 -6.63 -7.47 6.24
C ILE A 79 -7.41 -7.55 4.93
N GLY A 80 -8.15 -8.64 4.71
CA GLY A 80 -8.93 -8.81 3.48
C GLY A 80 -8.37 -9.93 2.62
N ASP A 81 -7.28 -10.52 3.07
CA ASP A 81 -6.67 -11.62 2.34
C ASP A 81 -7.40 -12.93 2.60
N TRP A 82 -8.28 -13.27 1.68
CA TRP A 82 -9.05 -14.49 1.81
C TRP A 82 -8.30 -15.70 1.24
N ARG A 83 -8.93 -16.82 1.52
CA ARG A 83 -8.37 -18.13 1.13
C ARG A 83 -8.69 -18.53 -0.33
N TYR A 84 -9.97 -18.64 -0.60
CA TYR A 84 -10.50 -19.02 -1.92
C TYR A 84 -10.78 -17.81 -2.81
N GLU A 85 -10.81 -16.65 -2.23
CA GLU A 85 -11.08 -15.45 -2.98
C GLU A 85 -9.81 -14.97 -3.68
N VAL A 86 -8.66 -15.49 -3.28
CA VAL A 86 -7.42 -15.02 -3.87
C VAL A 86 -7.55 -14.98 -5.36
N ALA A 87 -7.92 -16.07 -5.97
CA ALA A 87 -8.06 -16.09 -7.41
C ALA A 87 -9.20 -15.18 -7.81
N HIS A 88 -10.36 -15.41 -7.20
CA HIS A 88 -11.55 -14.60 -7.53
C HIS A 88 -11.20 -13.10 -7.47
N ASP A 89 -10.76 -12.68 -6.31
CA ASP A 89 -10.34 -11.30 -6.10
C ASP A 89 -9.06 -11.03 -6.91
N GLY A 90 -8.07 -11.90 -6.76
CA GLY A 90 -6.82 -11.77 -7.50
C GLY A 90 -7.01 -12.02 -8.98
N ARG A 91 -8.18 -11.69 -9.45
CA ARG A 91 -8.51 -11.78 -10.86
C ARG A 91 -7.82 -10.66 -11.60
N LEU A 92 -6.97 -9.89 -10.89
CA LEU A 92 -6.29 -8.73 -11.49
C LEU A 92 -5.99 -9.04 -12.96
N LEU A 93 -5.81 -10.32 -13.24
CA LEU A 93 -5.51 -10.71 -14.63
C LEU A 93 -6.76 -10.50 -15.52
N ALA A 94 -7.83 -11.28 -15.31
CA ALA A 94 -9.03 -11.10 -16.14
C ALA A 94 -9.79 -9.90 -15.62
N ALA A 95 -10.50 -10.09 -14.50
CA ALA A 95 -11.27 -9.06 -13.82
C ALA A 95 -10.42 -7.81 -13.53
N HIS A 96 -9.23 -7.75 -14.12
CA HIS A 96 -8.29 -6.64 -13.94
C HIS A 96 -8.94 -5.36 -13.47
N MET A 97 -9.84 -4.79 -14.24
CA MET A 97 -10.50 -3.59 -13.83
C MET A 97 -11.46 -3.91 -12.69
N VAL A 98 -12.25 -4.99 -12.83
CA VAL A 98 -13.26 -5.32 -11.83
C VAL A 98 -12.71 -5.09 -10.45
N ASN A 99 -11.43 -5.44 -10.18
CA ASN A 99 -10.80 -5.22 -8.86
C ASN A 99 -11.33 -3.92 -8.21
N GLY A 100 -11.97 -3.12 -9.05
CA GLY A 100 -12.65 -1.94 -8.61
C GLY A 100 -13.54 -2.33 -7.44
N ILE A 101 -13.89 -3.64 -7.36
CA ILE A 101 -14.74 -4.12 -6.27
C ILE A 101 -14.12 -3.86 -4.91
N VAL A 102 -12.86 -4.27 -4.62
CA VAL A 102 -12.27 -4.04 -3.32
C VAL A 102 -12.38 -2.60 -2.89
N ILE A 103 -12.56 -1.71 -3.84
CA ILE A 103 -12.68 -0.29 -3.53
C ILE A 103 -14.15 0.10 -3.42
N ALA A 104 -14.96 -0.46 -4.32
CA ALA A 104 -16.38 -0.16 -4.34
C ALA A 104 -17.12 -0.93 -3.25
N GLU A 105 -16.49 -2.00 -2.73
CA GLU A 105 -17.08 -2.77 -1.68
C GLU A 105 -16.73 -2.16 -0.33
N ASP A 106 -15.44 -2.20 0.08
CA ASP A 106 -15.09 -1.64 1.36
C ASP A 106 -15.44 -0.17 1.38
N ALA A 107 -14.81 0.61 0.47
CA ALA A 107 -15.06 2.08 0.37
C ALA A 107 -15.59 2.66 1.67
N LEU A 108 -16.82 2.28 2.06
CA LEU A 108 -17.47 2.80 3.28
C LEU A 108 -16.45 3.10 4.38
N ILE A 109 -15.49 2.21 4.56
CA ILE A 109 -14.45 2.40 5.56
C ILE A 109 -13.24 3.05 4.92
N ALA A 110 -12.91 2.57 3.72
CA ALA A 110 -11.77 3.09 2.99
C ALA A 110 -11.87 4.62 2.84
N GLU A 111 -12.96 5.09 2.23
CA GLU A 111 -13.14 6.53 2.01
C GLU A 111 -13.44 7.26 3.33
N ALA A 112 -13.28 6.57 4.46
CA ALA A 112 -13.51 7.16 5.80
C ALA A 112 -12.16 7.58 6.41
N VAL A 113 -11.15 6.97 5.84
CA VAL A 113 -9.75 7.22 6.22
C VAL A 113 -9.08 8.06 5.17
N GLY A 114 -9.82 9.02 4.60
CA GLY A 114 -9.25 9.93 3.62
C GLY A 114 -8.16 10.82 4.24
N PRO A 115 -8.35 11.34 5.46
CA PRO A 115 -7.32 12.21 6.13
C PRO A 115 -5.91 11.66 5.93
N HIS A 116 -5.82 10.45 5.44
CA HIS A 116 -4.54 9.83 5.21
C HIS A 116 -3.71 10.74 4.33
N LEU A 117 -4.35 11.66 3.64
CA LEU A 117 -3.61 12.58 2.79
C LEU A 117 -2.69 13.41 3.66
N ALA A 118 -3.28 14.11 4.63
CA ALA A 118 -2.51 14.94 5.54
C ALA A 118 -1.49 14.06 6.26
N ARG A 119 -1.97 13.04 6.95
CA ARG A 119 -1.06 12.16 7.66
C ARG A 119 -0.06 11.61 6.65
N ALA A 120 -0.53 10.91 5.65
CA ALA A 120 0.41 10.36 4.70
C ALA A 120 1.42 11.41 4.26
N LEU A 121 1.11 12.68 4.54
CA LEU A 121 1.83 13.84 3.99
C LEU A 121 2.88 13.43 2.95
N GLY A 122 3.80 12.56 3.20
CA GLY A 122 4.68 12.15 2.13
C GLY A 122 3.83 11.78 0.90
N GLN A 123 2.54 11.40 1.12
CA GLN A 123 1.70 11.10 -0.08
C GLN A 123 1.40 12.41 -0.76
N ILE A 124 1.52 13.50 -0.02
CA ILE A 124 1.31 14.81 -0.60
C ILE A 124 2.44 15.08 -1.60
N VAL A 125 3.66 14.70 -1.24
CA VAL A 125 4.77 14.92 -2.15
C VAL A 125 4.41 14.22 -3.44
N CYS A 126 4.19 12.93 -3.34
CA CYS A 126 3.84 12.14 -4.51
C CYS A 126 2.76 12.82 -5.32
N ARG A 127 2.01 13.72 -4.67
CA ARG A 127 0.94 14.49 -5.33
C ARG A 127 1.48 15.80 -5.95
N TYR A 128 2.32 16.42 -5.14
CA TYR A 128 3.05 17.66 -5.44
C TYR A 128 4.49 17.29 -5.87
N GLY A 129 4.70 16.07 -6.36
CA GLY A 129 6.03 15.72 -6.83
C GLY A 129 5.90 14.44 -7.60
N ALA A 130 6.08 13.32 -6.92
CA ALA A 130 5.98 12.03 -7.55
C ALA A 130 7.12 11.78 -8.55
N THR A 131 8.38 11.74 -8.10
CA THR A 131 9.50 11.50 -9.02
C THR A 131 9.70 10.00 -9.29
N VAL A 132 10.06 9.22 -8.29
CA VAL A 132 10.33 7.81 -8.49
C VAL A 132 9.04 7.02 -8.75
N ILE A 133 8.03 7.67 -9.32
CA ILE A 133 6.79 7.00 -9.69
C ILE A 133 6.69 6.99 -11.25
N PRO A 134 6.81 8.13 -11.95
CA PRO A 134 6.76 8.18 -13.44
C PRO A 134 7.73 7.17 -14.05
N ASN A 135 8.84 6.87 -13.36
CA ASN A 135 9.81 5.92 -13.90
C ASN A 135 9.19 4.53 -14.06
N ILE A 136 8.89 3.88 -12.94
CA ILE A 136 8.28 2.54 -12.96
C ILE A 136 7.04 2.56 -13.86
N ASN A 137 6.45 3.73 -13.84
CA ASN A 137 5.22 3.95 -14.59
C ASN A 137 5.47 3.53 -16.02
N ALA A 138 6.53 4.04 -16.63
CA ALA A 138 6.85 3.69 -17.99
C ALA A 138 7.10 2.20 -18.16
N ALA A 139 7.65 1.53 -17.13
CA ALA A 139 7.89 0.09 -17.20
C ALA A 139 6.62 -0.72 -16.90
N ILE A 140 6.06 -0.47 -15.73
CA ILE A 140 4.87 -1.21 -15.32
C ILE A 140 3.84 -1.12 -16.45
N GLU A 141 3.53 0.13 -16.73
CA GLU A 141 2.52 0.42 -17.77
C GLU A 141 2.77 -0.57 -18.88
N VAL A 142 4.01 -0.63 -19.35
CA VAL A 142 4.35 -1.60 -20.38
C VAL A 142 4.09 -3.01 -19.83
N LEU A 143 4.64 -3.33 -18.66
CA LEU A 143 4.47 -4.68 -18.13
C LEU A 143 2.97 -4.94 -17.98
N GLY A 144 2.30 -4.29 -17.02
CA GLY A 144 0.86 -4.53 -16.91
C GLY A 144 0.17 -3.98 -18.15
N THR A 145 -0.12 -2.69 -18.08
CA THR A 145 -0.78 -1.93 -19.17
C THR A 145 -1.41 -0.63 -18.69
N GLY A 146 -1.93 -0.60 -17.48
CA GLY A 146 -2.63 0.58 -16.97
C GLY A 146 -4.11 0.26 -16.99
N THR A 147 -4.42 -0.83 -17.70
CA THR A 147 -5.81 -1.30 -17.79
C THR A 147 -6.30 -1.49 -16.36
N ASP A 148 -6.70 -0.36 -15.78
CA ASP A 148 -7.19 -0.34 -14.41
C ASP A 148 -7.96 0.94 -14.10
N TYR A 149 -8.60 0.94 -12.92
CA TYR A 149 -9.33 2.13 -12.46
C TYR A 149 -9.34 2.16 -10.93
N ARG A 150 -9.36 3.37 -10.37
CA ARG A 150 -9.43 3.57 -8.92
C ARG A 150 -10.18 4.86 -8.61
N PHE A 151 -10.83 4.89 -7.45
CA PHE A 151 -11.58 6.07 -7.00
C PHE A 151 -10.80 6.76 -5.88
O1 MTN B . 8.51 -9.82 7.29
N1 MTN B . 8.85 -9.01 6.37
C1 MTN B . 7.91 -8.04 5.78
C2 MTN B . 8.82 -7.39 4.78
C3 MTN B . 10.04 -7.87 4.79
C4 MTN B . 11.14 -7.40 3.89
S1 MTN B . 11.24 -5.61 3.73
C5 MTN B . 10.23 -8.97 5.80
C6 MTN B . 10.73 -10.28 5.19
C7 MTN B . 11.18 -8.51 6.90
C8 MTN B . 6.72 -8.69 5.08
C9 MTN B . 7.47 -7.04 6.82
H2 MTN B . 8.50 -6.59 4.13
H41 MTN B . 10.97 -7.83 2.92
H42 MTN B . 12.07 -7.78 4.28
H61 MTN B . 10.75 -11.06 5.93
H62 MTN B . 11.72 -10.14 4.79
H63 MTN B . 10.07 -10.56 4.38
H71 MTN B . 10.85 -7.56 7.30
H72 MTN B . 12.18 -8.39 6.50
H73 MTN B . 11.21 -9.24 7.70
H81 MTN B . 6.12 -7.94 4.61
H82 MTN B . 6.12 -9.22 5.82
H83 MTN B . 7.07 -9.40 4.34
H91 MTN B . 6.68 -7.46 7.42
H92 MTN B . 8.31 -6.80 7.46
H93 MTN B . 7.11 -6.14 6.35
O1 MTN C . -2.26 -3.72 -4.90
N1 MTN C . -1.54 -4.19 -3.96
C1 MTN C . -2.05 -4.40 -2.59
C2 MTN C . -0.82 -4.93 -1.94
C3 MTN C . 0.22 -5.04 -2.77
C4 MTN C . 1.57 -5.63 -2.42
S1 MTN C . 3.01 -4.57 -2.78
C5 MTN C . -0.11 -4.57 -4.17
C6 MTN C . 0.79 -3.45 -4.67
C7 MTN C . -0.08 -5.76 -5.12
C8 MTN C . -2.57 -3.12 -1.94
C9 MTN C . -3.14 -5.47 -2.63
H2 MTN C . -0.76 -5.18 -0.90
H41 MTN C . 1.67 -6.54 -2.98
H42 MTN C . 1.56 -5.88 -1.37
H61 MTN C . 0.94 -2.73 -3.88
H62 MTN C . 1.73 -3.85 -4.99
H63 MTN C . 0.31 -2.96 -5.51
H71 MTN C . 0.93 -6.14 -5.20
H72 MTN C . -0.73 -6.54 -4.76
H73 MTN C . -0.42 -5.45 -6.10
H81 MTN C . -2.60 -3.25 -0.88
H82 MTN C . -3.57 -2.91 -2.31
H83 MTN C . -1.91 -2.30 -2.20
H91 MTN C . -2.73 -6.40 -3.01
H92 MTN C . -3.94 -5.15 -3.28
H93 MTN C . -3.52 -5.64 -1.64
O1 MTN D . -3.62 10.30 -5.61
N1 MTN D . -2.54 10.33 -6.27
C1 MTN D . -2.43 10.98 -7.60
C2 MTN D . -1.00 10.71 -7.89
C3 MTN D . -0.38 10.05 -6.93
C4 MTN D . 1.06 9.63 -7.02
S1 MTN D . 1.70 8.74 -5.59
C5 MTN D . -1.28 9.72 -5.76
C6 MTN D . -1.38 8.22 -5.44
C7 MTN D . -0.86 10.55 -4.52
C8 MTN D . -3.33 10.34 -8.66
C9 MTN D . -2.68 12.47 -7.48
H2 MTN D . -0.52 11.04 -8.79
H41 MTN D . 1.65 10.52 -7.17
H42 MTN D . 1.13 9.00 -7.89
H61 MTN D . -0.77 7.97 -4.59
H62 MTN D . -1.07 7.63 -6.29
H63 MTN D . -2.41 7.97 -5.22
H71 MTN D . -1.63 10.46 -3.76
H72 MTN D . -0.75 11.59 -4.79
H73 MTN D . 0.06 10.17 -4.12
H81 MTN D . -3.09 9.29 -8.76
H82 MTN D . -3.19 10.83 -9.60
H83 MTN D . -4.37 10.43 -8.35
H91 MTN D . -2.16 12.86 -6.61
H92 MTN D . -3.73 12.66 -7.38
H93 MTN D . -2.31 12.97 -8.37
N MET A 25 10.15 -5.29 32.79
CA MET A 25 8.87 -5.23 32.04
C MET A 25 8.95 -6.20 30.87
N SER A 26 7.79 -6.55 30.32
CA SER A 26 7.69 -7.47 29.19
C SER A 26 7.64 -6.70 27.87
N ASP A 27 7.91 -5.40 27.95
CA ASP A 27 7.93 -4.52 26.76
C ASP A 27 7.70 -3.07 27.17
N PHE A 28 8.74 -2.24 27.04
CA PHE A 28 8.65 -0.83 27.39
C PHE A 28 9.66 -0.01 26.59
N ASP A 29 9.30 1.25 26.31
CA ASP A 29 10.17 2.13 25.53
C ASP A 29 9.88 3.60 25.85
N THR A 30 10.90 4.46 25.73
CA THR A 30 10.73 5.89 26.02
C THR A 30 9.69 6.50 25.09
N GLU A 31 9.72 7.82 24.91
CA GLU A 31 8.75 8.48 24.05
C GLU A 31 9.06 8.22 22.61
N ARG A 32 10.19 8.73 22.11
CA ARG A 32 10.54 8.58 20.72
C ARG A 32 10.51 7.14 20.27
N VAL A 33 11.06 6.25 21.06
CA VAL A 33 11.01 4.87 20.64
C VAL A 33 9.55 4.39 20.61
N SER A 34 8.81 4.61 21.69
CA SER A 34 7.39 4.18 21.78
C SER A 34 6.47 4.88 20.75
N ARG A 35 6.61 6.18 20.50
CA ARG A 35 5.77 6.84 19.51
C ARG A 35 6.30 6.57 18.10
N ALA A 36 7.59 6.91 17.97
CA ALA A 36 8.26 6.79 16.65
C ALA A 36 7.89 5.43 16.10
N VAL A 37 8.02 4.41 16.92
CA VAL A 37 7.59 3.12 16.44
C VAL A 37 6.10 3.20 16.12
N ALA A 38 5.25 3.66 17.03
CA ALA A 38 3.82 3.72 16.70
C ALA A 38 3.56 4.62 15.47
N ALA A 39 3.86 5.90 15.60
CA ALA A 39 3.60 6.85 14.50
C ALA A 39 4.24 6.35 13.21
N ALA A 40 5.53 6.12 13.30
CA ALA A 40 6.28 5.66 12.13
C ALA A 40 5.75 4.27 11.72
N LEU A 41 5.75 3.35 12.68
CA LEU A 41 5.32 1.97 12.36
C LEU A 41 3.90 2.03 11.78
N VAL A 42 2.97 2.66 12.50
CA VAL A 42 1.59 2.75 11.99
C VAL A 42 1.55 3.70 10.78
N GLY A 43 1.98 4.94 10.96
CA GLY A 43 1.97 5.92 9.88
C GLY A 43 2.91 5.51 8.76
N PRO A 44 3.13 6.36 7.78
CA PRO A 44 4.02 6.06 6.61
C PRO A 44 5.52 6.16 6.90
N GLY A 45 5.91 6.90 7.93
CA GLY A 45 7.35 7.08 8.20
C GLY A 45 8.05 5.75 8.47
N GLY A 46 7.55 5.04 9.47
CA GLY A 46 8.20 3.78 9.84
C GLY A 46 8.19 2.88 8.63
N VAL A 47 7.01 2.67 8.10
CA VAL A 47 6.87 1.81 6.94
C VAL A 47 7.65 2.41 5.76
N ALA A 48 7.68 3.73 5.66
CA ALA A 48 8.41 4.32 4.55
C ALA A 48 9.85 3.78 4.56
N LEU A 49 10.62 4.01 5.63
CA LEU A 49 12.00 3.53 5.69
C LEU A 49 12.08 2.01 5.65
N VAL A 50 11.24 1.32 6.42
CA VAL A 50 11.34 -0.13 6.45
C VAL A 50 11.11 -0.69 5.05
N VAL A 51 9.94 -0.45 4.46
CA VAL A 51 9.63 -0.97 3.13
C VAL A 51 10.62 -0.50 2.08
N LYS A 52 11.07 0.73 2.18
CA LYS A 52 12.01 1.26 1.20
C LYS A 52 13.32 0.49 1.29
N VAL A 53 13.86 0.47 2.49
CA VAL A 53 15.13 -0.20 2.71
C VAL A 53 15.00 -1.69 2.42
N CYS A 54 13.96 -2.36 2.93
CA CYS A 54 13.84 -3.78 2.67
C CYS A 54 13.55 -4.01 1.18
N ALA A 55 12.42 -3.50 0.68
CA ALA A 55 12.04 -3.76 -0.72
C ALA A 55 12.99 -3.19 -1.73
N GLY A 56 13.28 -1.90 -1.64
CA GLY A 56 14.14 -1.27 -2.62
C GLY A 56 13.30 -0.91 -3.85
N LEU A 57 12.46 0.12 -3.69
CA LEU A 57 11.57 0.61 -4.76
C LEU A 57 10.25 -0.17 -4.81
N PRO A 58 9.27 0.21 -4.02
CA PRO A 58 7.93 -0.46 -3.98
C PRO A 58 7.22 -0.51 -5.33
N GLY A 59 7.54 0.44 -6.21
CA GLY A 59 6.87 0.45 -7.52
C GLY A 59 7.10 -0.91 -8.16
N VAL A 60 8.37 -1.27 -8.31
CA VAL A 60 8.75 -2.57 -8.87
C VAL A 60 9.02 -3.51 -7.70
N ILE A 61 9.04 -4.84 -7.96
CA ILE A 61 9.28 -5.88 -6.93
C ILE A 61 8.10 -6.84 -6.90
N HIS A 62 8.34 -8.10 -7.23
CA HIS A 62 7.29 -9.12 -7.20
C HIS A 62 7.90 -10.40 -6.61
N THR A 63 7.24 -10.98 -5.62
CA THR A 63 7.75 -12.20 -4.97
C THR A 63 7.11 -13.44 -5.61
N PRO A 64 7.77 -14.56 -5.57
CA PRO A 64 7.23 -15.81 -6.17
C PRO A 64 6.16 -16.50 -5.33
N ALA A 65 6.36 -16.56 -4.01
CA ALA A 65 5.40 -17.17 -3.09
C ALA A 65 5.01 -16.20 -2.00
N ARG A 66 3.72 -16.04 -1.73
CA ARG A 66 3.31 -15.14 -0.66
C ARG A 66 1.83 -15.34 -0.32
N ARG A 67 1.44 -14.84 0.84
CA ARG A 67 0.04 -14.99 1.29
C ARG A 67 -0.92 -14.26 0.35
N GLY A 68 -0.48 -14.03 -0.89
CA GLY A 68 -1.30 -13.35 -1.88
C GLY A 68 -1.45 -11.87 -1.57
N PHE A 69 -1.37 -11.49 -0.29
CA PHE A 69 -1.51 -10.10 0.12
C PHE A 69 -0.73 -9.84 1.40
N PHE A 70 -0.22 -8.61 1.57
CA PHE A 70 0.56 -8.18 2.76
C PHE A 70 1.72 -7.24 2.32
N ARG A 71 1.43 -5.93 2.15
CA ARG A 71 2.43 -4.91 1.73
C ARG A 71 1.79 -3.99 0.69
N CYS A 72 1.98 -2.66 0.81
CA CYS A 72 1.41 -1.74 -0.15
C CYS A 72 -0.09 -1.56 0.10
N ASN A 73 -0.51 -0.91 1.19
CA ASN A 73 -1.93 -0.73 1.45
C ASN A 73 -2.26 0.76 1.39
N PRO A 74 -3.44 1.13 0.95
CA PRO A 74 -3.83 2.57 0.87
C PRO A 74 -4.07 3.16 2.25
N GLU A 75 -3.06 3.11 3.11
CA GLU A 75 -3.18 3.65 4.45
C GLU A 75 -4.30 2.96 5.22
N ARG A 76 -4.19 1.64 5.37
CA ARG A 76 -5.20 0.86 6.10
C ARG A 76 -4.54 -0.30 6.84
N ILE A 77 -5.35 -1.08 7.56
CA ILE A 77 -4.84 -2.23 8.30
C ILE A 77 -4.79 -3.47 7.41
N GLN A 78 -3.71 -4.21 7.55
CA GLN A 78 -3.51 -5.41 6.72
C GLN A 78 -4.63 -6.40 7.02
N ILE A 79 -5.79 -6.20 6.36
CA ILE A 79 -6.94 -7.11 6.50
C ILE A 79 -7.76 -7.14 5.21
N GLY A 80 -8.55 -8.19 5.00
CA GLY A 80 -9.38 -8.31 3.78
C GLY A 80 -8.84 -9.39 2.87
N ASP A 81 -7.69 -9.95 3.24
CA ASP A 81 -7.09 -11.02 2.46
C ASP A 81 -7.82 -12.33 2.77
N TRP A 82 -8.71 -12.71 1.85
CA TRP A 82 -9.53 -13.92 2.03
C TRP A 82 -8.86 -15.20 1.47
N ARG A 83 -9.57 -16.27 1.74
CA ARG A 83 -9.14 -17.63 1.36
C ARG A 83 -9.43 -17.96 -0.12
N TYR A 84 -10.70 -17.90 -0.46
CA TYR A 84 -11.22 -18.23 -1.79
C TYR A 84 -11.25 -17.04 -2.75
N GLU A 85 -11.00 -15.86 -2.23
CA GLU A 85 -11.05 -14.66 -3.03
C GLU A 85 -9.88 -14.54 -3.99
N VAL A 86 -8.85 -15.33 -3.80
CA VAL A 86 -7.65 -15.16 -4.64
C VAL A 86 -8.10 -15.07 -6.08
N ALA A 87 -8.73 -16.08 -6.56
CA ALA A 87 -9.18 -16.07 -7.94
C ALA A 87 -10.24 -15.01 -8.18
N HIS A 88 -11.33 -15.08 -7.41
CA HIS A 88 -12.39 -14.08 -7.60
C HIS A 88 -11.80 -12.67 -7.51
N ASP A 89 -11.15 -12.37 -6.41
CA ASP A 89 -10.55 -11.05 -6.23
C ASP A 89 -9.24 -10.92 -7.03
N GLY A 90 -8.31 -11.85 -6.88
CA GLY A 90 -7.07 -11.80 -7.63
C GLY A 90 -7.32 -12.13 -9.10
N ARG A 91 -8.54 -11.84 -9.53
CA ARG A 91 -8.95 -12.00 -10.91
C ARG A 91 -8.34 -10.85 -11.69
N LEU A 92 -7.52 -10.06 -10.97
CA LEU A 92 -6.88 -8.87 -11.57
C LEU A 92 -6.58 -9.14 -13.04
N LEU A 93 -6.37 -10.42 -13.34
CA LEU A 93 -6.05 -10.78 -14.73
C LEU A 93 -7.26 -10.49 -15.64
N ALA A 94 -8.39 -11.21 -15.45
CA ALA A 94 -9.55 -10.96 -16.32
C ALA A 94 -10.26 -9.71 -15.80
N ALA A 95 -11.03 -9.89 -14.74
CA ALA A 95 -11.80 -8.84 -14.06
C ALA A 95 -10.96 -7.61 -13.73
N HIS A 96 -9.74 -7.54 -14.25
CA HIS A 96 -8.82 -6.45 -13.97
C HIS A 96 -9.52 -5.15 -13.54
N MET A 97 -10.38 -4.60 -14.36
CA MET A 97 -11.05 -3.38 -13.97
C MET A 97 -12.02 -3.69 -12.84
N VAL A 98 -12.81 -4.78 -12.97
CA VAL A 98 -13.82 -5.09 -11.97
C VAL A 98 -13.26 -4.96 -10.56
N ASN A 99 -12.03 -5.45 -10.24
CA ASN A 99 -11.47 -5.31 -8.88
C ASN A 99 -11.79 -3.94 -8.28
N GLY A 100 -12.29 -3.06 -9.13
CA GLY A 100 -12.69 -1.73 -8.69
C GLY A 100 -13.42 -1.89 -7.34
N ILE A 101 -14.03 -3.07 -7.16
CA ILE A 101 -14.70 -3.38 -5.91
C ILE A 101 -13.63 -3.54 -4.81
N VAL A 102 -12.62 -4.33 -5.10
CA VAL A 102 -11.57 -4.64 -4.12
C VAL A 102 -11.37 -3.41 -3.20
N ILE A 103 -11.43 -2.20 -3.79
CA ILE A 103 -11.31 -0.96 -3.01
C ILE A 103 -12.70 -0.36 -2.69
N ALA A 104 -13.69 -0.71 -3.53
CA ALA A 104 -15.09 -0.29 -3.35
C ALA A 104 -15.90 -1.24 -2.44
N GLU A 105 -15.37 -2.43 -2.08
CA GLU A 105 -16.08 -3.36 -1.25
C GLU A 105 -15.79 -3.05 0.20
N ASP A 106 -14.58 -3.31 0.70
CA ASP A 106 -14.27 -3.00 2.07
C ASP A 106 -14.19 -1.51 2.27
N ALA A 107 -14.17 -0.74 1.16
CA ALA A 107 -14.14 0.73 1.24
C ALA A 107 -14.58 1.23 2.60
N LEU A 108 -15.65 0.67 3.15
CA LEU A 108 -16.21 1.15 4.42
C LEU A 108 -15.14 1.84 5.29
N ILE A 109 -13.89 1.40 5.18
CA ILE A 109 -12.79 2.06 5.89
C ILE A 109 -12.05 3.02 4.93
N ALA A 110 -12.04 2.67 3.63
CA ALA A 110 -11.39 3.48 2.56
C ALA A 110 -12.38 4.47 1.89
N GLU A 111 -13.64 4.08 1.93
CA GLU A 111 -14.72 4.87 1.33
C GLU A 111 -14.59 6.34 1.75
N ALA A 112 -14.01 6.57 2.93
CA ALA A 112 -13.85 7.93 3.46
C ALA A 112 -12.52 8.10 4.17
N VAL A 113 -11.57 7.27 3.78
CA VAL A 113 -10.24 7.33 4.36
C VAL A 113 -9.49 8.52 3.78
N GLY A 114 -10.17 9.64 3.53
CA GLY A 114 -9.45 10.78 3.00
C GLY A 114 -8.46 11.32 4.03
N PRO A 115 -8.82 11.39 5.30
CA PRO A 115 -7.87 11.92 6.33
C PRO A 115 -6.48 11.36 6.11
N HIS A 116 -6.45 10.24 5.38
CA HIS A 116 -5.19 9.59 5.08
C HIS A 116 -4.29 10.54 4.30
N LEU A 117 -4.90 11.49 3.59
CA LEU A 117 -4.13 12.47 2.85
C LEU A 117 -3.31 13.29 3.83
N ALA A 118 -4.01 13.94 4.75
CA ALA A 118 -3.34 14.75 5.76
C ALA A 118 -2.35 13.88 6.52
N ARG A 119 -2.84 12.78 7.08
CA ARG A 119 -1.96 11.91 7.82
C ARG A 119 -0.87 11.41 6.89
N ALA A 120 -1.20 10.72 5.83
CA ALA A 120 -0.14 10.26 4.97
C ALA A 120 0.87 11.37 4.65
N LEU A 121 0.51 12.64 4.97
CA LEU A 121 1.22 13.85 4.47
C LEU A 121 2.29 13.48 3.48
N GLY A 122 3.22 12.60 3.72
CA GLY A 122 4.15 12.26 2.66
C GLY A 122 3.34 12.02 1.39
N GLN A 123 2.04 11.66 1.53
CA GLN A 123 1.24 11.51 0.31
C GLN A 123 1.14 12.86 -0.33
N ILE A 124 1.43 13.90 0.45
CA ILE A 124 1.40 15.25 -0.09
C ILE A 124 2.50 15.34 -1.13
N VAL A 125 3.68 14.82 -0.80
CA VAL A 125 4.78 14.86 -1.76
C VAL A 125 4.33 14.11 -3.00
N CYS A 126 4.03 12.84 -2.86
CA CYS A 126 3.61 12.04 -4.01
C CYS A 126 2.59 12.81 -4.86
N ARG A 127 1.98 13.82 -4.27
CA ARG A 127 1.03 14.67 -4.99
C ARG A 127 1.70 15.94 -5.55
N TYR A 128 2.51 16.53 -4.69
CA TYR A 128 3.32 17.74 -4.93
C TYR A 128 4.82 17.37 -5.06
N GLY A 129 5.16 16.12 -5.33
CA GLY A 129 6.57 15.78 -5.47
C GLY A 129 6.79 14.47 -6.18
N ALA A 130 5.72 13.69 -6.39
CA ALA A 130 5.82 12.41 -7.07
C ALA A 130 6.97 12.44 -8.07
N THR A 131 7.97 11.59 -7.91
CA THR A 131 9.09 11.51 -8.83
C THR A 131 9.30 10.03 -9.11
N VAL A 132 9.64 9.27 -8.10
CA VAL A 132 9.85 7.85 -8.32
C VAL A 132 8.55 7.20 -8.82
N ILE A 133 7.64 7.94 -9.53
CA ILE A 133 6.41 7.34 -10.08
C ILE A 133 6.45 7.28 -11.63
N PRO A 134 6.89 8.31 -12.37
CA PRO A 134 6.92 8.28 -13.87
C PRO A 134 7.90 7.22 -14.39
N ASN A 135 8.95 6.92 -13.63
CA ASN A 135 9.92 5.93 -14.10
C ASN A 135 9.28 4.53 -14.11
N ILE A 136 8.99 3.96 -12.93
CA ILE A 136 8.37 2.63 -12.85
C ILE A 136 7.20 2.60 -13.80
N ASN A 137 6.69 3.77 -13.96
CA ASN A 137 5.54 3.96 -14.82
C ASN A 137 5.91 3.42 -16.18
N ALA A 138 7.02 3.89 -16.74
CA ALA A 138 7.43 3.42 -18.05
C ALA A 138 7.71 1.92 -18.08
N ALA A 139 8.26 1.33 -17.00
CA ALA A 139 8.51 -0.11 -17.00
C ALA A 139 7.24 -0.87 -16.64
N ILE A 140 6.69 -0.54 -15.47
CA ILE A 140 5.46 -1.22 -14.99
C ILE A 140 4.46 -1.22 -16.14
N GLU A 141 4.13 -0.02 -16.52
CA GLU A 141 3.14 0.19 -17.59
C GLU A 141 3.45 -0.83 -18.68
N VAL A 142 4.70 -0.83 -19.14
CA VAL A 142 5.11 -1.80 -20.15
C VAL A 142 4.93 -3.23 -19.58
N LEU A 143 5.54 -3.49 -18.42
CA LEU A 143 5.43 -4.82 -17.81
C LEU A 143 3.95 -5.17 -17.70
N GLY A 144 3.21 -4.52 -16.78
CA GLY A 144 1.80 -4.83 -16.67
C GLY A 144 1.07 -4.40 -17.94
N THR A 145 0.70 -3.12 -17.90
CA THR A 145 -0.03 -2.46 -18.99
C THR A 145 -0.56 -1.09 -18.59
N GLY A 146 -1.08 -0.97 -17.37
CA GLY A 146 -1.69 0.28 -16.90
C GLY A 146 -3.19 0.11 -17.01
N THR A 147 -3.53 -0.89 -17.82
CA THR A 147 -4.93 -1.26 -18.04
C THR A 147 -5.53 -1.44 -16.65
N ASP A 148 -5.99 -0.32 -16.10
CA ASP A 148 -6.57 -0.31 -14.75
C ASP A 148 -7.44 0.93 -14.52
N TYR A 149 -8.23 0.88 -13.46
CA TYR A 149 -9.10 2.00 -13.11
C TYR A 149 -9.31 2.00 -11.58
N ARG A 150 -9.44 3.19 -11.01
CA ARG A 150 -9.71 3.37 -9.59
C ARG A 150 -10.56 4.63 -9.37
N PHE A 151 -11.37 4.64 -8.31
CA PHE A 151 -12.20 5.80 -7.99
C PHE A 151 -12.85 5.64 -6.63
O1 MTN B . 7.62 -9.61 7.79
N1 MTN B . 8.05 -9.30 6.64
C1 MTN B . 7.37 -9.69 5.37
C2 MTN B . 8.28 -9.05 4.39
C3 MTN B . 9.31 -8.42 4.92
C4 MTN B . 10.38 -7.69 4.16
S1 MTN B . 10.15 -5.89 4.08
C5 MTN B . 9.30 -8.50 6.44
C6 MTN B . 10.56 -9.12 7.01
C7 MTN B . 9.08 -7.10 7.02
C8 MTN B . 7.29 -11.20 5.19
C9 MTN B . 5.99 -9.05 5.32
H2 MTN B . 8.11 -9.11 3.32
H41 MTN B . 10.39 -8.07 3.15
H42 MTN B . 11.32 -7.91 4.64
H61 MTN B . 10.42 -9.36 8.05
H62 MTN B . 11.39 -8.43 6.91
H63 MTN B . 10.79 -10.03 6.46
H71 MTN B . 8.96 -7.17 8.09
H72 MTN B . 8.20 -6.66 6.58
H73 MTN B . 9.94 -6.48 6.79
H81 MTN B . 6.86 -11.41 4.22
H82 MTN B . 6.68 -11.63 5.97
H83 MTN B . 8.30 -11.62 5.24
H91 MTN B . 5.56 -9.22 4.34
H92 MTN B . 5.36 -9.50 6.07
H93 MTN B . 6.08 -7.98 5.51
O1 MTN C . -2.36 -3.97 -4.86
N1 MTN C . -1.32 -4.47 -4.33
C1 MTN C . -1.35 -5.34 -3.15
C2 MTN C . 0.11 -5.60 -2.98
C3 MTN C . 0.86 -5.01 -3.90
C4 MTN C . 2.37 -5.12 -3.97
S1 MTN C . 3.27 -3.56 -3.74
C5 MTN C . 0.05 -4.22 -4.90
C6 MTN C . 0.44 -2.75 -5.03
C7 MTN C . 0.12 -4.90 -6.25
C8 MTN C . -1.94 -4.67 -1.94
C9 MTN C . -2.08 -6.62 -3.47
H2 MTN C . 0.51 -6.21 -2.18
H41 MTN C . 2.62 -5.51 -4.95
H42 MTN C . 2.70 -5.84 -3.22
H61 MTN C . 1.43 -2.68 -5.43
H62 MTN C . -0.25 -2.25 -5.68
H63 MTN C . 0.41 -2.28 -4.06
H71 MTN C . 1.13 -4.84 -6.64
H72 MTN C . -0.16 -5.94 -6.16
H73 MTN C . -0.56 -4.41 -6.94
H81 MTN C . -1.41 -3.76 -1.74
H82 MTN C . -1.86 -5.32 -1.07
H83 MTN C . -2.99 -4.44 -2.11
H91 MTN C . -3.12 -6.42 -3.60
H92 MTN C . -1.95 -7.33 -2.67
H93 MTN C . -1.68 -7.05 -4.38
O1 MTN D . -3.39 10.31 -5.90
N1 MTN D . -2.21 10.29 -6.35
C1 MTN D . -1.73 11.21 -7.42
C2 MTN D . -0.33 10.77 -7.53
C3 MTN D . 0.00 9.79 -6.71
C4 MTN D . 1.35 9.16 -6.64
S1 MTN D . 1.79 8.42 -5.05
C5 MTN D . -1.18 9.36 -5.83
C6 MTN D . -1.54 7.88 -6.00
C7 MTN D . -0.93 9.70 -4.35
C8 MTN D . -2.48 11.00 -8.74
C9 MTN D . -1.82 12.66 -6.96
H2 MTN D . 0.37 11.21 -8.24
H41 MTN D . 2.08 9.93 -6.86
H42 MTN D . 1.39 8.40 -7.41
H61 MTN D . -0.77 7.27 -5.56
H62 MTN D . -1.63 7.65 -7.05
H63 MTN D . -2.48 7.69 -5.52
H71 MTN D . -1.89 9.94 -3.88
H72 MTN D . -0.29 10.57 -4.26
H73 MTN D . -0.49 8.87 -3.84
H81 MTN D . -2.07 11.65 -9.50
H82 MTN D . -3.53 11.25 -8.61
H83 MTN D . -2.40 9.98 -9.05
H91 MTN D . -1.45 12.74 -5.95
H92 MTN D . -2.85 12.99 -6.98
H93 MTN D . -1.23 13.27 -7.61
N MET A 25 10.33 -6.22 31.18
CA MET A 25 9.03 -6.11 30.47
C MET A 25 9.09 -7.01 29.23
N SER A 26 7.92 -7.30 28.64
CA SER A 26 7.84 -8.16 27.46
C SER A 26 7.49 -7.32 26.22
N ASP A 27 7.51 -6.01 26.40
CA ASP A 27 7.23 -5.07 25.30
C ASP A 27 7.02 -3.66 25.84
N PHE A 28 8.09 -2.87 25.85
CA PHE A 28 8.01 -1.49 26.34
C PHE A 28 9.02 -0.63 25.62
N ASP A 29 8.66 0.63 25.38
CA ASP A 29 9.56 1.56 24.70
C ASP A 29 9.22 2.99 25.09
N THR A 30 10.23 3.84 25.07
CA THR A 30 10.05 5.25 25.42
C THR A 30 9.17 5.94 24.37
N GLU A 31 8.83 7.17 24.66
CA GLU A 31 7.98 7.97 23.77
C GLU A 31 8.63 8.07 22.39
N ARG A 32 9.86 8.52 22.39
CA ARG A 32 10.57 8.69 21.11
C ARG A 32 10.51 7.36 20.36
N VAL A 33 11.02 6.34 21.00
CA VAL A 33 11.01 5.01 20.41
C VAL A 33 9.55 4.54 20.21
N SER A 34 8.73 4.66 21.23
CA SER A 34 7.31 4.24 21.09
C SER A 34 6.59 5.08 20.03
N ARG A 35 6.52 6.38 20.24
CA ARG A 35 5.80 7.25 19.30
C ARG A 35 6.46 7.21 17.92
N ALA A 36 7.74 7.51 17.91
CA ALA A 36 8.45 7.53 16.62
C ALA A 36 8.18 6.19 15.93
N VAL A 37 8.41 5.08 16.63
CA VAL A 37 8.11 3.80 16.00
C VAL A 37 6.59 3.74 15.72
N ALA A 38 5.73 4.10 16.65
CA ALA A 38 4.27 4.05 16.34
C ALA A 38 3.97 4.97 15.14
N ALA A 39 4.21 6.26 15.31
CA ALA A 39 3.91 7.24 14.26
C ALA A 39 4.54 6.78 12.95
N ALA A 40 5.83 6.56 13.03
CA ALA A 40 6.57 6.15 11.84
C ALA A 40 6.02 4.78 11.38
N LEU A 41 6.00 3.84 12.31
CA LEU A 41 5.55 2.48 11.98
C LEU A 41 4.12 2.54 11.41
N VAL A 42 3.18 3.13 12.15
CA VAL A 42 1.80 3.24 11.63
C VAL A 42 1.77 4.21 10.46
N GLY A 43 2.19 5.46 10.68
CA GLY A 43 2.19 6.46 9.60
C GLY A 43 3.16 6.09 8.47
N PRO A 44 3.46 7.00 7.57
CA PRO A 44 4.36 6.75 6.39
C PRO A 44 5.87 6.74 6.70
N GLY A 45 6.26 7.42 7.77
CA GLY A 45 7.70 7.54 8.10
C GLY A 45 8.33 6.16 8.28
N GLY A 46 7.78 5.40 9.20
CA GLY A 46 8.35 4.09 9.49
C GLY A 46 8.33 3.23 8.25
N VAL A 47 7.14 3.09 7.69
CA VAL A 47 6.96 2.27 6.49
C VAL A 47 7.77 2.86 5.34
N ALA A 48 7.83 4.17 5.27
CA ALA A 48 8.61 4.75 4.19
C ALA A 48 10.03 4.18 4.25
N LEU A 49 10.77 4.39 5.35
CA LEU A 49 12.13 3.87 5.43
C LEU A 49 12.21 2.35 5.45
N VAL A 50 11.36 1.66 6.21
CA VAL A 50 11.49 0.21 6.26
C VAL A 50 11.29 -0.36 4.86
N VAL A 51 10.12 -0.11 4.26
CA VAL A 51 9.81 -0.64 2.93
C VAL A 51 10.77 -0.16 1.84
N LYS A 52 11.19 1.08 1.93
CA LYS A 52 12.12 1.60 0.92
C LYS A 52 13.42 0.84 1.02
N VAL A 53 13.92 0.81 2.24
CA VAL A 53 15.20 0.16 2.51
C VAL A 53 15.09 -1.34 2.26
N CYS A 54 14.07 -1.99 2.79
CA CYS A 54 13.96 -3.41 2.56
C CYS A 54 13.72 -3.69 1.07
N ALA A 55 12.62 -3.20 0.52
CA ALA A 55 12.27 -3.47 -0.88
C ALA A 55 13.22 -2.87 -1.88
N GLY A 56 13.46 -1.57 -1.79
CA GLY A 56 14.33 -0.91 -2.75
C GLY A 56 13.51 -0.51 -3.99
N LEU A 57 12.68 0.52 -3.83
CA LEU A 57 11.82 1.06 -4.90
C LEU A 57 10.58 0.15 -5.11
N PRO A 58 9.39 0.56 -4.70
CA PRO A 58 8.13 -0.24 -4.88
C PRO A 58 7.88 -0.72 -6.31
N GLY A 59 8.57 -0.15 -7.30
CA GLY A 59 8.31 -0.62 -8.67
C GLY A 59 8.55 -2.13 -8.70
N VAL A 60 9.77 -2.53 -8.32
CA VAL A 60 10.10 -3.94 -8.28
C VAL A 60 9.52 -4.54 -7.00
N ILE A 61 10.21 -5.52 -6.43
CA ILE A 61 9.77 -6.21 -5.19
C ILE A 61 8.55 -7.09 -5.39
N HIS A 62 8.77 -8.28 -5.94
CA HIS A 62 7.71 -9.25 -6.14
C HIS A 62 8.23 -10.63 -5.75
N THR A 63 7.44 -11.34 -4.95
CA THR A 63 7.81 -12.66 -4.47
C THR A 63 6.65 -13.63 -4.75
N PRO A 64 6.81 -14.62 -5.60
CA PRO A 64 5.69 -15.54 -5.92
C PRO A 64 4.91 -15.93 -4.67
N ALA A 65 5.57 -16.67 -3.79
CA ALA A 65 4.96 -17.18 -2.57
C ALA A 65 4.80 -16.12 -1.50
N ARG A 66 3.54 -15.84 -1.18
CA ARG A 66 3.20 -14.86 -0.17
C ARG A 66 1.73 -14.99 0.22
N ARG A 67 1.38 -14.42 1.37
CA ARG A 67 0.00 -14.51 1.85
C ARG A 67 -0.94 -13.73 0.91
N GLY A 68 -0.47 -13.49 -0.30
CA GLY A 68 -1.26 -12.78 -1.27
C GLY A 68 -1.41 -11.31 -0.89
N PHE A 69 -1.31 -11.00 0.40
CA PHE A 69 -1.46 -9.62 0.88
C PHE A 69 -0.73 -9.47 2.22
N PHE A 70 -0.24 -8.25 2.48
CA PHE A 70 0.42 -7.95 3.77
C PHE A 70 1.07 -6.58 3.80
N ARG A 71 0.85 -5.77 2.75
CA ARG A 71 1.43 -4.43 2.69
C ARG A 71 1.18 -3.82 1.32
N CYS A 72 1.73 -2.63 1.11
CA CYS A 72 1.57 -1.94 -0.18
C CYS A 72 0.11 -1.46 -0.31
N ASN A 73 -0.33 -0.56 0.58
CA ASN A 73 -1.71 -0.03 0.53
C ASN A 73 -1.69 1.39 1.12
N PRO A 74 -2.30 2.39 0.51
CA PRO A 74 -2.28 3.78 1.08
C PRO A 74 -2.82 3.86 2.53
N GLU A 75 -2.02 3.39 3.49
CA GLU A 75 -2.36 3.44 4.91
C GLU A 75 -3.63 2.63 5.25
N ARG A 76 -3.54 1.30 5.17
CA ARG A 76 -4.68 0.44 5.52
C ARG A 76 -4.16 -0.80 6.26
N ILE A 77 -4.96 -1.37 7.15
CA ILE A 77 -4.52 -2.54 7.92
C ILE A 77 -4.51 -3.81 7.05
N GLN A 78 -3.45 -4.58 7.21
CA GLN A 78 -3.26 -5.79 6.40
C GLN A 78 -4.38 -6.78 6.68
N ILE A 79 -5.53 -6.58 6.03
CA ILE A 79 -6.68 -7.47 6.17
C ILE A 79 -7.49 -7.50 4.88
N GLY A 80 -8.30 -8.55 4.67
CA GLY A 80 -9.11 -8.65 3.45
C GLY A 80 -8.62 -9.79 2.57
N ASP A 81 -7.55 -10.44 3.01
CA ASP A 81 -7.00 -11.56 2.27
C ASP A 81 -7.77 -12.83 2.60
N TRP A 82 -8.70 -13.18 1.74
CA TRP A 82 -9.55 -14.35 1.95
C TRP A 82 -8.93 -15.63 1.43
N ARG A 83 -9.65 -16.69 1.74
CA ARG A 83 -9.25 -18.05 1.35
C ARG A 83 -9.74 -18.42 -0.06
N TYR A 84 -11.04 -18.33 -0.26
CA TYR A 84 -11.69 -18.65 -1.55
C TYR A 84 -11.85 -17.46 -2.47
N GLU A 85 -11.75 -16.27 -1.91
CA GLU A 85 -11.89 -15.07 -2.67
C GLU A 85 -10.63 -14.75 -3.43
N VAL A 86 -9.53 -15.42 -3.10
CA VAL A 86 -8.27 -15.09 -3.75
C VAL A 86 -8.48 -15.02 -5.24
N ALA A 87 -8.99 -16.05 -5.85
CA ALA A 87 -9.15 -16.01 -7.28
C ALA A 87 -10.23 -15.00 -7.62
N HIS A 88 -11.41 -15.18 -7.04
CA HIS A 88 -12.53 -14.25 -7.31
C HIS A 88 -12.02 -12.81 -7.26
N ASP A 89 -11.47 -12.45 -6.12
CA ASP A 89 -10.90 -11.11 -5.95
C ASP A 89 -9.58 -11.00 -6.72
N GLY A 90 -8.70 -11.97 -6.59
CA GLY A 90 -7.46 -11.95 -7.35
C GLY A 90 -7.72 -12.31 -8.82
N ARG A 91 -8.95 -12.06 -9.25
CA ARG A 91 -9.34 -12.25 -10.64
C ARG A 91 -8.69 -11.13 -11.42
N LEU A 92 -7.84 -10.36 -10.71
CA LEU A 92 -7.18 -9.19 -11.31
C LEU A 92 -6.89 -9.48 -12.78
N LEU A 93 -6.70 -10.76 -13.08
CA LEU A 93 -6.47 -11.12 -14.49
C LEU A 93 -7.73 -10.73 -15.30
N ALA A 94 -8.86 -11.38 -15.03
CA ALA A 94 -10.09 -11.00 -15.73
C ALA A 94 -10.54 -9.70 -15.05
N ALA A 95 -11.07 -9.85 -13.85
CA ALA A 95 -11.58 -8.74 -13.01
C ALA A 95 -10.71 -7.48 -13.01
N HIS A 96 -9.62 -7.42 -13.79
CA HIS A 96 -8.73 -6.25 -13.76
C HIS A 96 -9.43 -4.93 -13.43
N MET A 97 -10.05 -4.31 -14.42
CA MET A 97 -10.71 -3.06 -14.16
C MET A 97 -11.87 -3.26 -13.18
N VAL A 98 -12.80 -4.19 -13.45
CA VAL A 98 -13.95 -4.34 -12.57
C VAL A 98 -13.54 -4.35 -11.08
N ASN A 99 -12.36 -4.94 -10.68
CA ASN A 99 -11.89 -4.93 -9.26
C ASN A 99 -12.15 -3.58 -8.57
N GLY A 100 -12.55 -2.63 -9.39
CA GLY A 100 -12.90 -1.30 -8.91
C GLY A 100 -13.73 -1.48 -7.62
N ILE A 101 -14.30 -2.68 -7.49
CA ILE A 101 -15.09 -3.03 -6.29
C ILE A 101 -14.13 -3.30 -5.12
N VAL A 102 -13.16 -4.19 -5.35
CA VAL A 102 -12.29 -4.61 -4.25
C VAL A 102 -12.02 -3.38 -3.33
N ILE A 103 -12.04 -2.17 -3.94
CA ILE A 103 -11.87 -0.90 -3.19
C ILE A 103 -13.27 -0.30 -2.84
N ALA A 104 -14.26 -0.62 -3.68
CA ALA A 104 -15.66 -0.21 -3.50
C ALA A 104 -16.49 -1.20 -2.63
N GLU A 105 -15.96 -2.40 -2.31
CA GLU A 105 -16.68 -3.34 -1.47
C GLU A 105 -16.45 -2.96 -0.02
N ASP A 106 -15.25 -3.16 0.50
CA ASP A 106 -14.98 -2.83 1.88
C ASP A 106 -14.76 -1.34 2.07
N ALA A 107 -14.59 -0.58 0.97
CA ALA A 107 -14.43 0.89 1.04
C ALA A 107 -14.99 1.49 2.32
N LEU A 108 -16.19 1.07 2.75
CA LEU A 108 -16.85 1.64 3.94
C LEU A 108 -15.86 1.98 5.04
N ILE A 109 -14.82 1.18 5.18
CA ILE A 109 -13.79 1.43 6.17
C ILE A 109 -12.59 2.08 5.46
N ALA A 110 -12.31 1.54 4.28
CA ALA A 110 -11.18 2.03 3.48
C ALA A 110 -11.39 3.51 3.15
N GLU A 111 -12.50 3.86 2.53
CA GLU A 111 -12.71 5.26 2.14
C GLU A 111 -12.97 6.18 3.35
N ALA A 112 -13.43 5.63 4.50
CA ALA A 112 -13.69 6.47 5.68
C ALA A 112 -12.35 6.88 6.30
N VAL A 113 -11.33 6.30 5.71
CA VAL A 113 -9.95 6.57 6.10
C VAL A 113 -9.25 7.35 5.01
N GLY A 114 -9.97 8.29 4.35
CA GLY A 114 -9.37 9.11 3.32
C GLY A 114 -8.48 10.20 3.92
N PRO A 115 -8.85 10.75 5.07
CA PRO A 115 -8.00 11.78 5.76
C PRO A 115 -6.56 11.29 5.85
N HIS A 116 -6.40 10.02 5.49
CA HIS A 116 -5.09 9.39 5.50
C HIS A 116 -4.18 10.23 4.64
N LEU A 117 -4.78 11.08 3.80
CA LEU A 117 -3.99 11.96 2.97
C LEU A 117 -3.20 12.92 3.86
N ALA A 118 -3.90 13.70 4.70
CA ALA A 118 -3.22 14.64 5.58
C ALA A 118 -2.22 13.91 6.46
N ARG A 119 -2.68 12.85 7.12
CA ARG A 119 -1.76 12.10 7.94
C ARG A 119 -0.64 11.59 7.05
N ALA A 120 -0.96 10.88 6.00
CA ALA A 120 0.08 10.40 5.15
C ALA A 120 1.06 11.53 4.84
N LEU A 121 0.65 12.80 5.15
CA LEU A 121 1.35 14.03 4.73
C LEU A 121 2.45 13.69 3.76
N GLY A 122 3.38 12.84 4.04
CA GLY A 122 4.33 12.50 3.01
C GLY A 122 3.56 12.15 1.72
N GLN A 123 2.26 11.73 1.84
CA GLN A 123 1.50 11.46 0.61
C GLN A 123 1.33 12.79 -0.08
N ILE A 124 1.57 13.85 0.68
CA ILE A 124 1.50 15.19 0.09
C ILE A 124 2.58 15.30 -0.97
N VAL A 125 3.80 14.84 -0.62
CA VAL A 125 4.89 14.90 -1.58
C VAL A 125 4.45 14.21 -2.85
N CYS A 126 4.15 12.95 -2.73
CA CYS A 126 3.76 12.19 -3.87
C CYS A 126 2.73 12.93 -4.74
N ARG A 127 2.03 13.89 -4.13
CA ARG A 127 1.05 14.74 -4.84
C ARG A 127 1.71 16.01 -5.44
N TYR A 128 2.56 16.61 -4.62
CA TYR A 128 3.34 17.80 -4.95
C TYR A 128 4.78 17.40 -5.29
N GLY A 129 5.02 16.13 -5.68
CA GLY A 129 6.33 15.68 -6.07
C GLY A 129 6.09 14.42 -6.89
N ALA A 130 6.16 13.26 -6.24
CA ALA A 130 5.97 11.98 -6.88
C ALA A 130 7.16 11.62 -7.79
N THR A 131 8.40 11.49 -7.27
CA THR A 131 9.51 11.13 -8.15
C THR A 131 9.53 9.61 -8.36
N VAL A 132 9.72 8.83 -7.28
CA VAL A 132 9.81 7.38 -7.41
C VAL A 132 8.53 6.74 -7.90
N ILE A 133 7.63 7.49 -8.57
CA ILE A 133 6.44 6.91 -9.18
C ILE A 133 6.54 7.05 -10.73
N PRO A 134 6.69 8.25 -11.31
CA PRO A 134 6.78 8.46 -12.79
C PRO A 134 7.83 7.57 -13.43
N ASN A 135 8.97 7.39 -12.76
CA ASN A 135 10.02 6.59 -13.37
C ASN A 135 9.55 5.16 -13.47
N ILE A 136 9.39 4.48 -12.33
CA ILE A 136 8.91 3.11 -12.38
C ILE A 136 7.64 3.12 -13.22
N ASN A 137 6.84 4.16 -12.99
CA ASN A 137 5.55 4.27 -13.67
C ASN A 137 5.77 3.95 -15.13
N ALA A 138 6.71 4.59 -15.80
CA ALA A 138 6.96 4.25 -17.18
C ALA A 138 7.44 2.83 -17.28
N ALA A 139 8.09 2.28 -16.24
CA ALA A 139 8.51 0.90 -16.34
C ALA A 139 7.28 0.04 -16.14
N ILE A 140 6.60 0.13 -14.96
CA ILE A 140 5.41 -0.65 -14.70
C ILE A 140 4.49 -0.51 -15.90
N GLU A 141 4.40 0.72 -16.40
CA GLU A 141 3.56 0.93 -17.59
C GLU A 141 3.81 -0.29 -18.47
N VAL A 142 5.07 -0.50 -18.75
CA VAL A 142 5.49 -1.69 -19.51
C VAL A 142 5.32 -2.97 -18.65
N LEU A 143 5.93 -3.04 -17.43
CA LEU A 143 5.89 -4.23 -16.54
C LEU A 143 4.47 -4.66 -16.07
N GLY A 144 3.43 -3.81 -16.13
CA GLY A 144 2.07 -4.25 -15.76
C GLY A 144 1.14 -4.05 -16.96
N THR A 145 1.30 -2.86 -17.60
CA THR A 145 0.52 -2.42 -18.78
C THR A 145 -0.06 -1.04 -18.48
N GLY A 146 -0.65 -0.91 -17.28
CA GLY A 146 -1.29 0.33 -16.83
C GLY A 146 -2.80 0.14 -16.91
N THR A 147 -3.14 -0.89 -17.65
CA THR A 147 -4.55 -1.26 -17.82
C THR A 147 -5.11 -1.42 -16.39
N ASP A 148 -5.48 -0.28 -15.80
CA ASP A 148 -6.03 -0.24 -14.45
C ASP A 148 -6.63 1.12 -14.12
N TYR A 149 -7.22 1.19 -12.92
CA TYR A 149 -7.79 2.43 -12.40
C TYR A 149 -7.43 2.51 -10.91
N ARG A 150 -7.06 3.70 -10.42
CA ARG A 150 -6.72 3.88 -9.00
C ARG A 150 -7.16 5.28 -8.54
N PHE A 151 -7.60 5.40 -7.30
CA PHE A 151 -8.05 6.68 -6.74
C PHE A 151 -7.01 7.28 -5.79
O1 MTN B . 6.95 -9.31 7.18
N1 MTN B . 7.85 -9.04 6.33
C1 MTN B . 7.92 -9.67 4.98
C2 MTN B . 9.14 -9.01 4.46
C3 MTN B . 9.68 -8.15 5.30
C4 MTN B . 10.90 -7.33 5.01
S1 MTN B . 10.61 -6.01 3.80
C5 MTN B . 8.94 -8.07 6.61
C6 MTN B . 9.80 -8.39 7.83
C7 MTN B . 8.31 -6.68 6.75
C8 MTN B . 8.09 -11.19 5.03
C9 MTN B . 6.71 -9.27 4.16
H2 MTN B . 9.54 -9.20 3.48
H41 MTN B . 11.66 -7.99 4.61
H42 MTN B . 11.25 -6.90 5.94
H61 MTN B . 9.16 -8.60 8.68
H62 MTN B . 10.44 -7.56 8.06
H63 MTN B . 10.40 -9.27 7.62
H71 MTN B . 9.09 -5.93 6.76
H72 MTN B . 7.75 -6.62 7.67
H73 MTN B . 7.65 -6.50 5.91
H81 MTN B . 7.20 -11.64 5.45
H82 MTN B . 8.94 -11.44 5.64
H83 MTN B . 8.24 -11.57 4.03
H91 MTN B . 5.84 -9.78 4.53
H92 MTN B . 6.58 -8.21 4.22
H93 MTN B . 6.88 -9.56 3.12
O1 MTN C . -2.69 -4.42 -4.14
N1 MTN C . -1.50 -4.71 -3.82
C1 MTN C . -1.15 -5.51 -2.65
C2 MTN C . 0.33 -5.51 -2.75
C3 MTN C . 0.79 -4.82 -3.79
C4 MTN C . 2.24 -4.62 -4.12
S1 MTN C . 2.76 -2.89 -4.26
C5 MTN C . -0.33 -4.24 -4.62
C6 MTN C . -0.24 -2.71 -4.83
C7 MTN C . -0.38 -4.96 -5.97
C8 MTN C . -1.67 -4.90 -1.35
C9 MTN C . -1.70 -6.93 -2.85
H2 MTN C . 0.97 -6.01 -2.04
H41 MTN C . 2.43 -5.12 -5.06
H42 MTN C . 2.84 -5.11 -3.34
H61 MTN C . 0.49 -2.50 -5.59
H62 MTN C . -1.20 -2.35 -5.16
H63 MTN C . 0.03 -2.24 -3.91
H71 MTN C . -1.19 -4.56 -6.56
H72 MTN C . 0.55 -4.83 -6.48
H73 MTN C . -0.55 -6.02 -5.79
H81 MTN C . -1.64 -5.63 -0.55
H82 MTN C . -2.69 -4.57 -1.51
H83 MTN C . -1.07 -4.05 -1.10
H91 MTN C . -1.31 -7.33 -3.77
H92 MTN C . -2.78 -6.90 -2.90
H93 MTN C . -1.40 -7.55 -2.02
O1 MTN D . -3.83 10.40 -5.28
N1 MTN D . -2.72 10.32 -5.88
C1 MTN D . -2.53 10.77 -7.27
C2 MTN D . -1.09 10.43 -7.45
C3 MTN D . -0.54 9.88 -6.39
C4 MTN D . 0.87 9.40 -6.37
S1 MTN D . 1.49 8.83 -4.76
C5 MTN D . -1.52 9.74 -5.23
C6 MTN D . -1.69 8.31 -4.72
C7 MTN D . -1.14 10.70 -4.09
C8 MTN D . -3.39 10.02 -8.27
C9 MTN D . -2.76 12.26 -7.37
H2 MTN D . -0.56 10.63 -8.36
H41 MTN D . 1.50 10.21 -6.70
H42 MTN D . 0.93 8.58 -7.06
H61 MTN D . -2.68 8.19 -4.29
H62 MTN D . -0.95 8.07 -3.97
H63 MTN D . -1.60 7.61 -5.54
H71 MTN D . -1.99 10.80 -3.42
H72 MTN D . -0.91 11.68 -4.50
H73 MTN D . -0.30 10.33 -3.55
H81 MTN D . -4.43 10.21 -8.07
H82 MTN D . -3.20 8.95 -8.17
H83 MTN D . -3.15 10.34 -9.27
H91 MTN D . -3.80 12.48 -7.19
H92 MTN D . -2.49 12.61 -8.36
H93 MTN D . -2.16 12.78 -6.63
N MET A 25 11.32 -5.85 32.45
CA MET A 25 9.96 -5.86 31.84
C MET A 25 9.97 -6.78 30.62
N SER A 26 8.78 -7.12 30.13
CA SER A 26 8.63 -8.01 28.97
C SER A 26 8.25 -7.22 27.71
N ASP A 27 8.31 -5.89 27.82
CA ASP A 27 7.99 -5.01 26.69
C ASP A 27 7.80 -3.56 27.16
N PHE A 28 8.85 -2.74 26.99
CA PHE A 28 8.78 -1.34 27.39
C PHE A 28 9.68 -0.50 26.50
N ASP A 29 9.26 0.73 26.20
CA ASP A 29 10.04 1.63 25.36
C ASP A 29 9.73 3.08 25.72
N THR A 30 10.73 3.96 25.58
CA THR A 30 10.50 5.37 25.93
C THR A 30 9.54 6.00 24.91
N GLU A 31 9.18 7.24 25.17
CA GLU A 31 8.23 7.98 24.33
C GLU A 31 8.78 8.10 22.90
N ARG A 32 9.97 8.62 22.82
CA ARG A 32 10.58 8.81 21.49
C ARG A 32 10.52 7.47 20.74
N VAL A 33 11.14 6.48 21.37
CA VAL A 33 11.16 5.14 20.77
C VAL A 33 9.72 4.56 20.70
N SER A 34 8.97 4.65 21.79
CA SER A 34 7.59 4.12 21.77
C SER A 34 6.77 4.91 20.74
N ARG A 35 6.66 6.22 20.93
CA ARG A 35 5.87 7.07 20.04
C ARG A 35 6.45 7.10 18.61
N ALA A 36 7.72 7.48 18.50
CA ALA A 36 8.30 7.54 17.14
C ALA A 36 8.03 6.19 16.47
N VAL A 37 8.37 5.14 17.18
CA VAL A 37 8.09 3.81 16.64
C VAL A 37 6.58 3.66 16.47
N ALA A 38 5.77 3.97 17.48
CA ALA A 38 4.32 3.82 17.28
C ALA A 38 3.87 4.70 16.12
N ALA A 39 4.07 6.01 16.24
CA ALA A 39 3.65 6.95 15.20
C ALA A 39 4.21 6.53 13.85
N ALA A 40 5.52 6.42 13.80
CA ALA A 40 6.18 6.05 12.56
C ALA A 40 5.71 4.64 12.16
N LEU A 41 5.85 3.73 13.10
CA LEU A 41 5.47 2.33 12.80
C LEU A 41 3.99 2.31 12.35
N VAL A 42 3.08 2.88 13.15
CA VAL A 42 1.67 2.88 12.74
C VAL A 42 1.48 3.79 11.52
N GLY A 43 1.90 5.06 11.64
CA GLY A 43 1.75 6.03 10.56
C GLY A 43 2.57 5.65 9.33
N PRO A 44 2.69 6.54 8.37
CA PRO A 44 3.45 6.29 7.12
C PRO A 44 4.97 6.43 7.30
N GLY A 45 5.39 7.20 8.30
CA GLY A 45 6.83 7.44 8.49
C GLY A 45 7.61 6.13 8.71
N GLY A 46 7.23 5.41 9.74
CA GLY A 46 7.95 4.17 10.06
C GLY A 46 7.81 3.28 8.86
N VAL A 47 6.58 3.12 8.44
CA VAL A 47 6.29 2.28 7.30
C VAL A 47 7.06 2.82 6.08
N ALA A 48 7.18 4.14 6.00
CA ALA A 48 7.91 4.71 4.86
C ALA A 48 9.37 4.22 4.86
N LEU A 49 10.15 4.53 5.92
CA LEU A 49 11.55 4.12 5.90
C LEU A 49 11.72 2.61 5.93
N VAL A 50 10.97 1.90 6.77
CA VAL A 50 11.15 0.46 6.84
C VAL A 50 10.84 -0.19 5.49
N VAL A 51 9.62 -0.01 4.99
CA VAL A 51 9.23 -0.65 3.74
C VAL A 51 10.11 -0.19 2.56
N LYS A 52 10.51 1.06 2.59
CA LYS A 52 11.32 1.59 1.50
C LYS A 52 12.69 0.95 1.51
N VAL A 53 13.34 1.02 2.65
CA VAL A 53 14.69 0.46 2.75
C VAL A 53 14.65 -1.05 2.53
N CYS A 54 13.70 -1.75 3.16
CA CYS A 54 13.64 -3.20 2.97
C CYS A 54 13.28 -3.52 1.52
N ALA A 55 12.11 -3.09 1.06
CA ALA A 55 11.64 -3.43 -0.28
C ALA A 55 12.51 -2.83 -1.37
N GLY A 56 12.74 -1.52 -1.30
CA GLY A 56 13.51 -0.86 -2.33
C GLY A 56 12.58 -0.49 -3.49
N LEU A 57 11.75 0.56 -3.27
CA LEU A 57 10.78 1.04 -4.27
C LEU A 57 9.45 0.25 -4.16
N PRO A 58 8.45 0.75 -3.45
CA PRO A 58 7.15 0.00 -3.25
C PRO A 58 6.28 -0.12 -4.52
N GLY A 59 6.39 0.83 -5.45
CA GLY A 59 5.55 0.72 -6.65
C GLY A 59 5.88 -0.57 -7.40
N VAL A 60 7.13 -0.73 -7.82
CA VAL A 60 7.55 -1.96 -8.49
C VAL A 60 8.00 -2.92 -7.40
N ILE A 61 8.08 -4.23 -7.69
CA ILE A 61 8.49 -5.27 -6.73
C ILE A 61 7.34 -6.26 -6.57
N HIS A 62 7.60 -7.53 -6.90
CA HIS A 62 6.59 -8.57 -6.78
C HIS A 62 7.28 -9.84 -6.30
N THR A 63 6.69 -10.50 -5.32
CA THR A 63 7.24 -11.73 -4.75
C THR A 63 6.34 -12.90 -5.16
N PRO A 64 6.87 -14.02 -5.61
CA PRO A 64 6.01 -15.16 -6.03
C PRO A 64 5.26 -15.76 -4.85
N ALA A 65 5.93 -16.67 -4.16
CA ALA A 65 5.35 -17.35 -3.02
C ALA A 65 5.11 -16.39 -1.89
N ARG A 66 3.87 -16.30 -1.47
CA ARG A 66 3.52 -15.43 -0.39
C ARG A 66 2.10 -15.73 0.07
N ARG A 67 1.74 -15.21 1.21
CA ARG A 67 0.41 -15.47 1.75
C ARG A 67 -0.65 -14.80 0.84
N GLY A 68 -0.31 -14.62 -0.45
CA GLY A 68 -1.22 -14.02 -1.43
C GLY A 68 -1.33 -12.51 -1.25
N PHE A 69 -1.06 -12.01 -0.05
CA PHE A 69 -1.14 -10.57 0.23
C PHE A 69 -0.38 -10.24 1.52
N PHE A 70 -0.09 -8.95 1.76
CA PHE A 70 0.62 -8.44 3.00
C PHE A 70 1.76 -7.49 2.63
N ARG A 71 1.45 -6.18 2.58
CA ARG A 71 2.42 -5.10 2.25
C ARG A 71 1.93 -4.38 1.00
N CYS A 72 2.27 -3.09 0.86
CA CYS A 72 1.82 -2.29 -0.28
C CYS A 72 0.32 -2.04 -0.13
N ASN A 73 -0.09 -1.21 0.84
CA ASN A 73 -1.51 -0.94 1.06
C ASN A 73 -1.69 0.59 1.25
N PRO A 74 -2.72 1.18 0.70
CA PRO A 74 -2.93 2.67 0.83
C PRO A 74 -3.22 3.11 2.27
N GLU A 75 -2.20 3.01 3.13
CA GLU A 75 -2.31 3.39 4.54
C GLU A 75 -3.31 2.52 5.31
N ARG A 76 -4.08 1.68 4.62
CA ARG A 76 -5.04 0.83 5.32
C ARG A 76 -4.34 -0.33 5.98
N ILE A 77 -5.06 -1.05 6.83
CA ILE A 77 -4.50 -2.19 7.53
C ILE A 77 -4.50 -3.43 6.64
N GLN A 78 -3.37 -4.11 6.69
CA GLN A 78 -3.20 -5.30 5.87
C GLN A 78 -4.25 -6.34 6.28
N ILE A 79 -5.48 -6.21 5.72
CA ILE A 79 -6.57 -7.14 5.99
C ILE A 79 -7.52 -7.23 4.77
N GLY A 80 -8.29 -8.32 4.66
CA GLY A 80 -9.26 -8.49 3.54
C GLY A 80 -8.77 -9.54 2.55
N ASP A 81 -7.57 -10.01 2.79
CA ASP A 81 -6.98 -11.05 1.95
C ASP A 81 -7.56 -12.42 2.32
N TRP A 82 -8.48 -12.92 1.48
CA TRP A 82 -9.17 -14.19 1.74
C TRP A 82 -8.44 -15.45 1.17
N ARG A 83 -9.02 -16.57 1.57
CA ARG A 83 -8.52 -17.90 1.17
C ARG A 83 -8.83 -18.22 -0.30
N TYR A 84 -10.12 -18.25 -0.60
CA TYR A 84 -10.66 -18.55 -1.94
C TYR A 84 -10.88 -17.30 -2.78
N GLU A 85 -10.77 -16.12 -2.19
CA GLU A 85 -11.01 -14.91 -2.90
C GLU A 85 -9.83 -14.53 -3.76
N VAL A 86 -8.67 -15.10 -3.50
CA VAL A 86 -7.48 -14.69 -4.23
C VAL A 86 -7.74 -14.67 -5.72
N ALA A 87 -8.21 -15.75 -6.28
CA ALA A 87 -8.48 -15.78 -7.71
C ALA A 87 -9.66 -14.89 -8.03
N HIS A 88 -10.74 -15.08 -7.27
CA HIS A 88 -11.93 -14.27 -7.51
C HIS A 88 -11.53 -12.79 -7.56
N ASP A 89 -10.90 -12.32 -6.50
CA ASP A 89 -10.43 -10.95 -6.44
C ASP A 89 -9.19 -10.79 -7.31
N GLY A 90 -8.24 -11.70 -7.21
CA GLY A 90 -7.05 -11.64 -8.04
C GLY A 90 -7.41 -12.03 -9.46
N ARG A 91 -8.68 -11.84 -9.80
CA ARG A 91 -9.15 -12.06 -11.15
C ARG A 91 -8.60 -10.91 -11.97
N LEU A 92 -7.73 -10.08 -11.34
CA LEU A 92 -7.19 -8.87 -12.01
C LEU A 92 -7.05 -9.17 -13.51
N LEU A 93 -6.84 -10.43 -13.81
CA LEU A 93 -6.73 -10.80 -15.23
C LEU A 93 -8.06 -10.49 -15.94
N ALA A 94 -9.14 -11.19 -15.54
CA ALA A 94 -10.45 -10.85 -16.15
C ALA A 94 -10.91 -9.60 -15.44
N ALA A 95 -11.36 -9.77 -14.19
CA ALA A 95 -11.86 -8.72 -13.32
C ALA A 95 -11.01 -7.45 -13.32
N HIS A 96 -9.94 -7.39 -14.14
CA HIS A 96 -9.06 -6.22 -14.18
C HIS A 96 -9.79 -4.94 -13.79
N MET A 97 -10.75 -4.52 -14.58
CA MET A 97 -11.49 -3.32 -14.24
C MET A 97 -12.37 -3.62 -13.02
N VAL A 98 -13.13 -4.70 -13.07
CA VAL A 98 -14.04 -5.01 -11.98
C VAL A 98 -13.37 -4.83 -10.61
N ASN A 99 -12.09 -5.25 -10.39
CA ASN A 99 -11.39 -5.08 -9.09
C ASN A 99 -11.74 -3.76 -8.38
N GLY A 100 -12.34 -2.91 -9.17
CA GLY A 100 -12.80 -1.61 -8.68
C GLY A 100 -13.48 -1.80 -7.31
N ILE A 101 -14.02 -3.01 -7.08
CA ILE A 101 -14.66 -3.29 -5.79
C ILE A 101 -13.55 -3.32 -4.72
N VAL A 102 -12.50 -4.07 -5.05
CA VAL A 102 -11.40 -4.26 -4.09
C VAL A 102 -11.26 -2.97 -3.25
N ILE A 103 -11.51 -1.81 -3.89
CA ILE A 103 -11.50 -0.51 -3.20
C ILE A 103 -12.92 -0.04 -2.83
N ALA A 104 -13.90 -0.48 -3.63
CA ALA A 104 -15.33 -0.15 -3.40
C ALA A 104 -16.05 -1.11 -2.45
N GLU A 105 -15.47 -2.29 -2.14
CA GLU A 105 -16.13 -3.22 -1.24
C GLU A 105 -15.85 -2.81 0.19
N ASP A 106 -14.61 -2.95 0.66
CA ASP A 106 -14.27 -2.57 2.00
C ASP A 106 -14.17 -1.06 2.13
N ALA A 107 -14.19 -0.34 0.98
CA ALA A 107 -14.17 1.13 0.97
C ALA A 107 -14.60 1.73 2.31
N LEU A 108 -15.69 1.22 2.92
CA LEU A 108 -16.23 1.74 4.19
C LEU A 108 -15.12 2.31 5.07
N ILE A 109 -13.94 1.70 4.99
CA ILE A 109 -12.79 2.20 5.73
C ILE A 109 -11.90 2.99 4.77
N ALA A 110 -11.80 2.50 3.56
CA ALA A 110 -10.97 3.18 2.57
C ALA A 110 -11.53 4.58 2.22
N GLU A 111 -12.76 4.70 1.70
CA GLU A 111 -13.30 6.02 1.35
C GLU A 111 -13.60 6.87 2.60
N ALA A 112 -13.71 6.23 3.76
CA ALA A 112 -13.97 6.98 5.00
C ALA A 112 -12.64 7.41 5.59
N VAL A 113 -11.63 6.78 5.03
CA VAL A 113 -10.26 7.06 5.39
C VAL A 113 -9.69 8.14 4.47
N GLY A 114 -10.51 9.17 4.12
CA GLY A 114 -10.02 10.27 3.30
C GLY A 114 -8.93 11.02 4.04
N PRO A 115 -8.94 11.09 5.39
CA PRO A 115 -7.81 11.73 6.14
C PRO A 115 -6.46 11.36 5.50
N HIS A 116 -6.49 10.46 4.51
CA HIS A 116 -5.30 10.03 3.85
C HIS A 116 -4.54 11.30 3.48
N LEU A 117 -5.25 12.43 3.35
CA LEU A 117 -4.57 13.68 3.08
C LEU A 117 -3.63 13.92 4.26
N ALA A 118 -4.19 13.88 5.46
CA ALA A 118 -3.37 14.10 6.64
C ALA A 118 -2.17 13.15 6.54
N ARG A 119 -2.43 11.87 6.34
CA ARG A 119 -1.35 10.88 6.20
C ARG A 119 -0.50 11.22 4.95
N ALA A 120 -1.14 11.85 3.98
CA ALA A 120 -0.45 12.16 2.70
C ALA A 120 0.87 12.83 3.06
N LEU A 121 0.78 13.63 4.10
CA LEU A 121 1.95 14.43 4.56
C LEU A 121 3.27 13.57 4.33
N GLY A 122 3.09 12.23 4.27
CA GLY A 122 4.18 11.31 3.87
C GLY A 122 4.19 11.11 2.33
N GLN A 123 3.02 10.73 1.83
CA GLN A 123 2.82 10.55 0.42
C GLN A 123 2.68 11.95 -0.17
N ILE A 124 2.92 12.97 0.68
CA ILE A 124 2.86 14.34 0.22
C ILE A 124 3.88 14.44 -0.84
N VAL A 125 5.13 14.04 -0.56
CA VAL A 125 6.12 14.10 -1.62
C VAL A 125 5.54 13.43 -2.85
N CYS A 126 5.20 12.17 -2.70
CA CYS A 126 4.66 11.41 -3.82
C CYS A 126 3.51 12.18 -4.50
N ARG A 127 2.81 12.96 -3.68
CA ARG A 127 1.63 13.76 -4.13
C ARG A 127 2.01 15.13 -4.75
N TYR A 128 2.78 15.88 -4.00
CA TYR A 128 3.30 17.19 -4.33
C TYR A 128 4.70 17.01 -4.93
N GLY A 129 5.01 15.81 -5.43
CA GLY A 129 6.28 15.58 -6.07
C GLY A 129 6.09 14.41 -7.01
N ALA A 130 6.34 13.20 -6.51
CA ALA A 130 6.19 12.00 -7.31
C ALA A 130 7.32 11.86 -8.34
N THR A 131 8.60 12.05 -7.98
CA THR A 131 9.63 11.83 -8.98
C THR A 131 9.80 10.33 -9.11
N VAL A 132 8.91 9.55 -8.45
CA VAL A 132 8.98 8.11 -8.56
C VAL A 132 8.17 7.65 -9.78
N ILE A 133 6.88 8.03 -9.96
CA ILE A 133 6.07 7.55 -11.09
C ILE A 133 6.71 7.63 -12.48
N PRO A 134 7.54 8.58 -12.82
CA PRO A 134 8.07 8.63 -14.21
C PRO A 134 8.76 7.32 -14.62
N ASN A 135 9.63 6.78 -13.76
CA ASN A 135 10.36 5.56 -14.12
C ASN A 135 9.45 4.34 -14.11
N ILE A 136 8.98 3.94 -12.94
CA ILE A 136 8.12 2.78 -12.81
C ILE A 136 7.01 2.75 -13.86
N ASN A 137 6.60 3.91 -14.30
CA ASN A 137 5.52 4.00 -15.32
C ASN A 137 6.09 3.55 -16.65
N ALA A 138 7.30 4.01 -16.80
CA ALA A 138 8.05 3.68 -17.99
C ALA A 138 8.08 2.14 -18.12
N ALA A 139 8.44 1.46 -17.03
CA ALA A 139 8.45 -0.02 -16.99
C ALA A 139 7.08 -0.68 -16.65
N ILE A 140 6.45 -0.18 -15.59
CA ILE A 140 5.10 -0.72 -15.17
C ILE A 140 4.30 -0.90 -16.44
N GLU A 141 4.33 0.15 -17.21
CA GLU A 141 3.64 0.14 -18.49
C GLU A 141 4.04 -1.19 -19.13
N VAL A 142 5.34 -1.39 -19.35
CA VAL A 142 5.82 -2.65 -19.94
C VAL A 142 5.87 -3.84 -18.92
N LEU A 143 6.60 -3.72 -17.80
CA LEU A 143 6.76 -4.76 -16.77
C LEU A 143 5.47 -5.22 -16.06
N GLY A 144 4.40 -4.39 -15.99
CA GLY A 144 3.16 -4.85 -15.37
C GLY A 144 1.97 -4.66 -16.32
N THR A 145 1.80 -3.42 -16.79
CA THR A 145 0.68 -3.01 -17.68
C THR A 145 0.18 -1.59 -17.36
N GLY A 146 -0.22 -1.40 -16.10
CA GLY A 146 -0.80 -0.15 -15.63
C GLY A 146 -2.32 -0.26 -15.76
N THR A 147 -2.68 -1.16 -16.67
CA THR A 147 -4.11 -1.43 -16.93
C THR A 147 -4.77 -1.59 -15.54
N ASP A 148 -5.28 -0.46 -15.02
CA ASP A 148 -5.95 -0.43 -13.72
C ASP A 148 -6.66 0.91 -13.45
N TYR A 149 -7.21 1.01 -12.24
CA TYR A 149 -7.85 2.23 -11.75
C TYR A 149 -7.65 2.33 -10.22
N ARG A 150 -7.54 3.56 -9.71
CA ARG A 150 -7.40 3.79 -8.27
C ARG A 150 -8.08 5.11 -7.88
N PHE A 151 -8.59 5.19 -6.65
CA PHE A 151 -9.27 6.40 -6.21
C PHE A 151 -8.32 7.35 -5.49
O1 MTN B . 7.88 -10.01 7.47
N1 MTN B . 8.20 -8.96 6.85
C1 MTN B . 7.32 -8.29 5.87
C2 MTN B . 8.16 -7.13 5.48
C3 MTN B . 9.33 -7.09 6.12
C4 MTN B . 10.38 -6.02 5.92
S1 MTN B . 11.89 -6.56 5.07
C5 MTN B . 9.51 -8.26 7.07
C6 MTN B . 10.74 -9.09 6.74
C7 MTN B . 9.58 -7.75 8.51
C8 MTN B . 7.04 -9.18 4.65
C9 MTN B . 6.03 -7.84 6.52
H2 MTN B . 7.85 -6.38 4.77
H41 MTN B . 10.66 -5.65 6.89
H42 MTN B . 9.93 -5.21 5.35
H61 MTN B . 11.64 -8.52 6.97
H62 MTN B . 10.74 -9.36 5.69
H63 MTN B . 10.74 -10.00 7.33
H71 MTN B . 10.49 -7.19 8.65
H72 MTN B . 9.57 -8.59 9.19
H73 MTN B . 8.73 -7.12 8.70
H81 MTN B . 7.98 -9.47 4.20
H82 MTN B . 6.45 -8.63 3.93
H83 MTN B . 6.51 -10.06 4.96
H91 MTN B . 6.26 -7.29 7.42
H92 MTN B . 5.47 -7.21 5.84
H93 MTN B . 5.43 -8.71 6.78
O1 MTN C . -2.48 -4.60 -3.96
N1 MTN C . -1.22 -4.58 -4.09
C1 MTN C . -0.33 -5.62 -3.53
C2 MTN C . 0.99 -5.10 -3.96
C3 MTN C . 0.92 -3.98 -4.64
C4 MTN C . 2.10 -3.21 -5.16
S1 MTN C . 2.38 -1.62 -4.32
C5 MTN C . -0.50 -3.51 -4.84
C6 MTN C . -0.76 -2.08 -4.36
C7 MTN C . -0.87 -3.64 -6.31
C8 MTN C . -0.43 -5.76 -2.01
C9 MTN C . -0.60 -6.95 -4.21
H2 MTN C . 1.92 -5.59 -3.72
H41 MTN C . 1.93 -3.01 -6.20
H42 MTN C . 2.98 -3.82 -5.06
H61 MTN C . -0.46 -1.99 -3.33
H62 MTN C . -0.20 -1.39 -4.97
H63 MTN C . -1.81 -1.85 -4.44
H71 MTN C . -0.30 -2.92 -6.90
H72 MTN C . -0.65 -4.63 -6.66
H73 MTN C . -1.93 -3.44 -6.44
H81 MTN C . -0.47 -4.77 -1.57
H82 MTN C . 0.43 -6.30 -1.64
H83 MTN C . -1.34 -6.30 -1.75
H91 MTN C . -1.59 -7.30 -3.94
H92 MTN C . 0.13 -7.69 -3.90
H93 MTN C . -0.55 -6.83 -5.28
O1 MTN D . -2.95 10.73 -6.63
N1 MTN D . -1.70 10.56 -6.78
C1 MTN D . -0.95 11.19 -7.89
C2 MTN D . 0.42 10.66 -7.60
C3 MTN D . 0.47 9.87 -6.54
C4 MTN D . 1.74 9.21 -6.05
S1 MTN D . 1.69 8.50 -4.38
C5 MTN D . -0.89 9.70 -5.88
C6 MTN D . -1.34 8.24 -5.81
C7 MTN D . -0.91 10.36 -4.48
C8 MTN D . -1.43 10.77 -9.27
C9 MTN D . -0.97 12.70 -7.73
H2 MTN D . 1.28 10.90 -8.20
H41 MTN D . 2.52 9.95 -6.08
H42 MTN D . 1.98 8.42 -6.75
H61 MTN D . -2.40 8.20 -5.60
H62 MTN D . -0.80 7.73 -5.04
H63 MTN D . -1.15 7.76 -6.76
H71 MTN D . -1.92 10.67 -4.26
H72 MTN D . -0.26 11.22 -4.46
H73 MTN D . -0.60 9.66 -3.73
H81 MTN D . -0.82 11.24 -10.03
H82 MTN D . -2.46 11.07 -9.40
H83 MTN D . -1.36 9.69 -9.37
H91 MTN D . -1.96 13.07 -7.92
H92 MTN D . -0.27 13.15 -8.44
H93 MTN D . -0.67 12.97 -6.73
N MET A 25 8.32 -5.48 31.92
CA MET A 25 6.90 -5.60 31.51
C MET A 25 6.81 -6.44 30.24
N SER A 26 5.59 -6.77 29.82
CA SER A 26 5.39 -7.58 28.62
C SER A 26 5.31 -6.71 27.37
N ASP A 27 5.45 -5.38 27.53
CA ASP A 27 5.41 -4.44 26.39
C ASP A 27 5.21 -2.99 26.87
N PHE A 28 6.19 -2.14 26.58
CA PHE A 28 6.09 -0.71 26.94
C PHE A 28 6.90 0.12 25.96
N ASP A 29 6.42 1.34 25.73
CA ASP A 29 7.10 2.27 24.82
C ASP A 29 6.80 3.71 25.24
N THR A 30 7.76 4.58 25.01
CA THR A 30 7.62 5.99 25.35
C THR A 30 7.40 6.82 24.08
N GLU A 31 7.50 8.11 24.22
CA GLU A 31 7.32 8.99 23.09
C GLU A 31 8.33 8.64 22.02
N ARG A 32 9.57 8.46 22.40
CA ARG A 32 10.53 8.12 21.37
C ARG A 32 10.21 6.74 20.81
N VAL A 33 10.27 5.77 21.68
CA VAL A 33 10.00 4.39 21.27
C VAL A 33 8.55 4.27 20.75
N SER A 34 7.57 4.70 21.53
CA SER A 34 6.15 4.63 21.08
C SER A 34 5.89 5.54 19.88
N ARG A 35 6.09 6.82 20.03
CA ARG A 35 5.77 7.75 18.95
C ARG A 35 6.64 7.43 17.72
N ALA A 36 7.94 7.19 17.97
CA ALA A 36 8.81 6.80 16.84
C ALA A 36 8.45 5.41 16.38
N VAL A 37 8.50 4.43 17.29
CA VAL A 37 8.17 3.08 16.85
C VAL A 37 6.76 3.10 16.36
N ALA A 38 5.82 3.56 17.14
CA ALA A 38 4.47 3.54 16.60
C ALA A 38 4.34 4.43 15.36
N ALA A 39 4.50 5.73 15.52
CA ALA A 39 4.31 6.61 14.36
C ALA A 39 5.20 6.19 13.19
N ALA A 40 6.48 6.11 13.42
CA ALA A 40 7.36 5.74 12.32
C ALA A 40 7.09 4.30 11.86
N LEU A 41 7.24 3.36 12.79
CA LEU A 41 7.02 1.93 12.44
C LEU A 41 5.64 1.80 11.80
N VAL A 42 4.61 2.26 12.51
CA VAL A 42 3.25 2.14 11.95
C VAL A 42 3.07 3.10 10.79
N GLY A 43 3.22 4.38 11.05
CA GLY A 43 3.01 5.39 10.05
C GLY A 43 3.84 5.16 8.81
N PRO A 44 3.96 6.19 8.01
CA PRO A 44 4.71 6.13 6.76
C PRO A 44 6.21 6.27 7.00
N GLY A 45 6.62 6.90 8.10
CA GLY A 45 8.06 7.11 8.31
C GLY A 45 8.79 5.77 8.41
N GLY A 46 8.43 5.00 9.40
CA GLY A 46 9.09 3.69 9.53
C GLY A 46 8.79 2.92 8.25
N VAL A 47 7.51 2.86 7.89
CA VAL A 47 7.15 2.12 6.67
C VAL A 47 7.93 2.74 5.49
N ALA A 48 8.13 4.07 5.55
CA ALA A 48 8.87 4.71 4.45
C ALA A 48 10.28 4.13 4.39
N LEU A 49 11.04 4.30 5.46
CA LEU A 49 12.42 3.84 5.44
C LEU A 49 12.47 2.35 5.20
N VAL A 50 11.63 1.60 5.90
CA VAL A 50 11.67 0.16 5.73
C VAL A 50 11.39 -0.20 4.29
N VAL A 51 10.20 0.17 3.80
CA VAL A 51 9.83 -0.17 2.43
C VAL A 51 10.84 0.39 1.45
N LYS A 52 11.29 1.59 1.69
CA LYS A 52 12.23 2.21 0.79
C LYS A 52 13.55 1.45 0.81
N VAL A 53 14.11 1.32 2.01
CA VAL A 53 15.40 0.65 2.15
C VAL A 53 15.30 -0.82 1.77
N CYS A 54 14.34 -1.53 2.35
CA CYS A 54 14.21 -2.92 2.04
C CYS A 54 13.77 -3.13 0.61
N ALA A 55 12.60 -2.63 0.26
CA ALA A 55 12.07 -2.86 -1.05
C ALA A 55 12.96 -2.24 -2.12
N GLY A 56 13.25 -0.96 -1.99
CA GLY A 56 14.08 -0.32 -2.97
C GLY A 56 13.30 -0.18 -4.28
N LEU A 57 12.27 0.64 -4.18
CA LEU A 57 11.34 0.96 -5.28
C LEU A 57 10.18 -0.04 -5.36
N PRO A 58 9.04 0.26 -4.78
CA PRO A 58 7.85 -0.66 -4.80
C PRO A 58 7.55 -1.27 -6.19
N GLY A 59 8.23 -0.79 -7.25
CA GLY A 59 7.92 -1.33 -8.58
C GLY A 59 8.21 -2.84 -8.61
N VAL A 60 9.46 -3.25 -8.35
CA VAL A 60 9.81 -4.68 -8.34
C VAL A 60 9.59 -5.24 -6.95
N ILE A 61 10.48 -6.10 -6.48
CA ILE A 61 10.37 -6.69 -5.14
C ILE A 61 9.18 -7.64 -5.02
N HIS A 62 9.36 -8.86 -5.52
CA HIS A 62 8.33 -9.89 -5.44
C HIS A 62 8.99 -11.22 -5.08
N THR A 63 8.41 -11.92 -4.11
CA THR A 63 8.98 -13.20 -3.66
C THR A 63 8.11 -14.36 -4.12
N PRO A 64 8.63 -15.56 -4.17
CA PRO A 64 7.85 -16.74 -4.60
C PRO A 64 6.82 -17.15 -3.54
N ALA A 65 7.07 -16.79 -2.27
CA ALA A 65 6.14 -17.13 -1.20
C ALA A 65 5.60 -15.88 -0.52
N ARG A 66 4.58 -15.30 -1.11
CA ARG A 66 4.02 -14.05 -0.59
C ARG A 66 2.71 -14.34 0.15
N ARG A 67 2.56 -13.74 1.30
CA ARG A 67 1.34 -13.94 2.05
C ARG A 67 0.14 -13.36 1.26
N GLY A 68 0.30 -13.24 -0.07
CA GLY A 68 -0.77 -12.73 -0.93
C GLY A 68 -0.98 -11.25 -0.71
N PHE A 69 -0.67 -10.82 0.51
CA PHE A 69 -0.80 -9.45 0.93
C PHE A 69 -0.03 -9.25 2.21
N PHE A 70 0.07 -7.97 2.63
CA PHE A 70 0.80 -7.52 3.84
C PHE A 70 1.95 -6.62 3.39
N ARG A 71 1.70 -5.28 3.43
CA ARG A 71 2.67 -4.22 3.03
C ARG A 71 2.13 -3.48 1.84
N CYS A 72 2.19 -2.14 1.91
CA CYS A 72 1.79 -1.23 0.84
C CYS A 72 0.71 -0.28 1.30
N ASN A 73 0.22 -0.48 2.53
CA ASN A 73 -0.83 0.39 3.08
C ASN A 73 -0.33 1.07 4.36
N PRO A 74 -0.80 2.26 4.67
CA PRO A 74 -0.36 3.00 5.89
C PRO A 74 -1.00 2.48 7.19
N GLU A 75 -0.38 1.48 7.79
CA GLU A 75 -0.84 0.95 9.09
C GLU A 75 -2.21 0.27 8.96
N ARG A 76 -3.03 0.78 8.07
CA ARG A 76 -4.37 0.25 7.88
C ARG A 76 -4.39 -1.28 7.84
N ILE A 77 -5.42 -1.83 8.46
CA ILE A 77 -5.63 -3.27 8.49
C ILE A 77 -6.32 -3.68 7.20
N GLN A 78 -6.34 -4.99 6.91
CA GLN A 78 -6.98 -5.49 5.71
C GLN A 78 -7.81 -6.73 6.08
N ILE A 79 -9.04 -6.78 5.57
CA ILE A 79 -9.93 -7.93 5.82
C ILE A 79 -10.74 -8.23 4.57
N GLY A 80 -11.17 -9.48 4.39
CA GLY A 80 -11.92 -9.87 3.21
C GLY A 80 -11.04 -10.67 2.26
N ASP A 81 -9.79 -10.91 2.69
CA ASP A 81 -8.82 -11.65 1.85
C ASP A 81 -8.92 -13.17 2.01
N TRP A 82 -9.52 -13.77 1.02
CA TRP A 82 -9.69 -15.22 0.92
C TRP A 82 -8.37 -15.85 0.46
N ARG A 83 -8.29 -17.19 0.34
CA ARG A 83 -7.05 -17.85 -0.12
C ARG A 83 -7.12 -18.27 -1.62
N TYR A 84 -8.15 -19.08 -1.94
CA TYR A 84 -8.41 -19.65 -3.29
C TYR A 84 -9.11 -18.65 -4.22
N GLU A 85 -9.61 -17.61 -3.63
CA GLU A 85 -10.26 -16.57 -4.38
C GLU A 85 -9.22 -15.68 -5.01
N VAL A 86 -7.99 -15.80 -4.55
CA VAL A 86 -6.92 -14.93 -5.03
C VAL A 86 -7.01 -14.82 -6.51
N ALA A 87 -7.22 -15.92 -7.17
CA ALA A 87 -7.36 -15.88 -8.59
C ALA A 87 -8.68 -15.18 -8.89
N HIS A 88 -9.74 -15.61 -8.18
CA HIS A 88 -11.06 -15.01 -8.37
C HIS A 88 -11.01 -13.48 -8.16
N ASP A 89 -10.63 -13.04 -6.96
CA ASP A 89 -10.51 -11.60 -6.71
C ASP A 89 -9.37 -11.01 -7.56
N GLY A 90 -8.17 -11.59 -7.44
CA GLY A 90 -6.99 -11.18 -8.22
C GLY A 90 -7.23 -11.42 -9.70
N ARG A 91 -8.48 -11.28 -10.09
CA ARG A 91 -8.90 -11.37 -11.45
C ARG A 91 -8.51 -10.09 -12.19
N LEU A 92 -7.83 -9.16 -11.48
CA LEU A 92 -7.46 -7.85 -12.11
C LEU A 92 -7.17 -8.14 -13.59
N LEU A 93 -6.71 -9.34 -13.87
CA LEU A 93 -6.51 -9.68 -15.28
C LEU A 93 -7.90 -9.61 -15.98
N ALA A 94 -8.83 -10.52 -15.58
CA ALA A 94 -10.20 -10.46 -16.13
C ALA A 94 -10.89 -9.29 -15.42
N ALA A 95 -11.15 -9.44 -14.11
CA ALA A 95 -11.78 -8.41 -13.26
C ALA A 95 -11.19 -7.03 -13.43
N HIS A 96 -10.24 -6.89 -14.34
CA HIS A 96 -9.50 -5.66 -14.53
C HIS A 96 -10.20 -4.43 -13.97
N MET A 97 -11.12 -3.85 -14.68
CA MET A 97 -11.83 -2.70 -14.16
C MET A 97 -12.84 -3.13 -13.09
N VAL A 98 -13.57 -4.22 -13.31
CA VAL A 98 -14.63 -4.60 -12.38
C VAL A 98 -14.13 -4.46 -10.92
N ASN A 99 -12.88 -4.88 -10.63
CA ASN A 99 -12.29 -4.76 -9.28
C ASN A 99 -12.66 -3.43 -8.63
N GLY A 100 -13.09 -2.53 -9.48
CA GLY A 100 -13.60 -1.21 -9.04
C GLY A 100 -14.51 -1.41 -7.80
N ILE A 101 -14.93 -2.66 -7.58
CA ILE A 101 -15.81 -3.01 -6.44
C ILE A 101 -14.94 -3.36 -5.23
N VAL A 102 -13.92 -4.18 -5.47
CA VAL A 102 -13.08 -4.68 -4.39
C VAL A 102 -12.95 -3.56 -3.29
N ILE A 103 -13.06 -2.29 -3.76
CA ILE A 103 -13.03 -1.07 -2.89
C ILE A 103 -14.45 -0.63 -2.44
N ALA A 104 -15.47 -1.13 -3.12
CA ALA A 104 -16.86 -0.84 -2.77
C ALA A 104 -17.23 -1.43 -1.41
N GLU A 105 -16.39 -2.33 -0.88
CA GLU A 105 -16.60 -2.89 0.46
C GLU A 105 -15.36 -2.62 1.32
N ASP A 106 -14.19 -2.93 0.75
CA ASP A 106 -12.94 -2.72 1.49
C ASP A 106 -12.81 -1.24 1.85
N ALA A 107 -12.74 -0.38 0.84
CA ALA A 107 -12.60 1.06 1.07
C ALA A 107 -13.59 1.54 2.12
N LEU A 108 -14.85 1.10 2.00
CA LEU A 108 -15.94 1.57 2.88
C LEU A 108 -15.42 1.99 4.26
N ILE A 109 -14.55 1.17 4.84
CA ILE A 109 -13.95 1.51 6.12
C ILE A 109 -12.64 2.26 5.89
N ALA A 110 -11.81 1.70 5.02
CA ALA A 110 -10.51 2.29 4.73
C ALA A 110 -10.66 3.78 4.42
N GLU A 111 -11.77 4.13 3.77
CA GLU A 111 -12.06 5.52 3.42
C GLU A 111 -12.10 6.38 4.69
N ALA A 112 -12.35 5.74 5.82
CA ALA A 112 -12.39 6.45 7.09
C ALA A 112 -10.97 6.84 7.52
N VAL A 113 -9.99 6.30 6.80
CA VAL A 113 -8.57 6.57 7.04
C VAL A 113 -8.04 7.52 5.98
N GLY A 114 -8.87 8.46 5.56
CA GLY A 114 -8.45 9.43 4.55
C GLY A 114 -7.36 10.35 5.10
N PRO A 115 -7.47 10.85 6.33
CA PRO A 115 -6.43 11.75 6.93
C PRO A 115 -5.01 11.29 6.61
N HIS A 116 -4.90 10.05 6.17
CA HIS A 116 -3.60 9.47 5.83
C HIS A 116 -2.99 10.30 4.72
N LEU A 117 -3.82 11.11 4.07
CA LEU A 117 -3.33 11.95 2.99
C LEU A 117 -2.49 13.07 3.58
N ALA A 118 -3.10 13.87 4.45
CA ALA A 118 -2.39 14.98 5.08
C ALA A 118 -1.19 14.47 5.85
N ARG A 119 -1.45 13.54 6.77
CA ARG A 119 -0.37 12.95 7.55
C ARG A 119 0.67 12.44 6.56
N ALA A 120 0.30 11.54 5.68
CA ALA A 120 1.29 11.03 4.79
C ALA A 120 2.14 12.12 4.18
N LEU A 121 1.74 13.40 4.44
CA LEU A 121 2.28 14.58 3.78
C LEU A 121 3.29 14.19 2.72
N GLY A 122 4.28 13.37 2.98
CA GLY A 122 5.12 12.94 1.91
C GLY A 122 4.24 12.38 0.81
N GLN A 123 2.98 12.05 1.13
CA GLN A 123 2.12 11.55 0.06
C GLN A 123 1.75 12.71 -0.82
N ILE A 124 1.79 13.90 -0.20
CA ILE A 124 1.48 15.15 -0.93
C ILE A 124 2.49 15.37 -2.04
N VAL A 125 3.74 14.99 -1.79
CA VAL A 125 4.74 15.19 -2.82
C VAL A 125 4.36 14.39 -4.04
N CYS A 126 4.22 13.07 -3.88
CA CYS A 126 3.91 12.23 -5.01
C CYS A 126 2.85 12.85 -5.91
N ARG A 127 2.04 13.72 -5.34
CA ARG A 127 0.99 14.41 -6.11
C ARG A 127 1.53 15.71 -6.73
N TYR A 128 2.43 16.30 -5.99
CA TYR A 128 3.16 17.54 -6.35
C TYR A 128 4.56 17.18 -6.87
N GLY A 129 4.81 15.93 -7.25
CA GLY A 129 6.10 15.61 -7.82
C GLY A 129 5.96 14.27 -8.48
N ALA A 130 6.07 13.22 -7.67
CA ALA A 130 5.94 11.87 -8.13
C ALA A 130 7.14 11.44 -9.01
N THR A 131 8.34 11.28 -8.42
CA THR A 131 9.48 10.82 -9.22
C THR A 131 9.34 9.31 -9.48
N VAL A 132 9.23 8.50 -8.42
CA VAL A 132 9.12 7.02 -8.56
C VAL A 132 7.75 6.61 -9.13
N ILE A 133 6.69 7.13 -8.56
CA ILE A 133 5.34 6.73 -9.02
C ILE A 133 5.32 6.64 -10.56
N PRO A 134 5.86 7.57 -11.34
CA PRO A 134 5.86 7.43 -12.81
C PRO A 134 6.70 6.21 -13.24
N ASN A 135 7.58 5.69 -12.36
CA ASN A 135 8.39 4.50 -12.70
C ASN A 135 7.45 3.33 -12.96
N ILE A 136 6.75 2.87 -11.91
CA ILE A 136 5.81 1.76 -12.08
C ILE A 136 4.96 2.05 -13.29
N ASN A 137 4.85 3.31 -13.65
CA ASN A 137 4.10 3.65 -14.83
C ASN A 137 4.98 3.52 -16.07
N ALA A 138 6.08 4.18 -16.02
CA ALA A 138 6.98 4.16 -17.14
C ALA A 138 7.35 2.71 -17.47
N ALA A 139 7.87 2.02 -16.46
CA ALA A 139 8.27 0.62 -16.61
C ALA A 139 7.10 -0.40 -16.52
N ILE A 140 6.41 -0.45 -15.38
CA ILE A 140 5.36 -1.46 -15.21
C ILE A 140 4.10 -1.21 -16.05
N GLU A 141 3.65 0.04 -16.15
CA GLU A 141 2.39 0.33 -16.88
C GLU A 141 2.40 -0.27 -18.23
N VAL A 142 3.34 0.17 -19.06
CA VAL A 142 3.35 -0.34 -20.39
C VAL A 142 3.43 -1.85 -20.33
N LEU A 143 3.77 -2.43 -19.15
CA LEU A 143 3.80 -3.88 -19.02
C LEU A 143 2.46 -4.49 -18.51
N GLY A 144 1.99 -4.02 -17.32
CA GLY A 144 0.80 -4.62 -16.72
C GLY A 144 -0.50 -4.36 -17.48
N THR A 145 -0.74 -3.08 -17.78
CA THR A 145 -1.95 -2.59 -18.47
C THR A 145 -2.11 -1.13 -18.08
N GLY A 146 -1.84 -0.90 -16.78
CA GLY A 146 -1.90 0.40 -16.10
C GLY A 146 -3.01 0.46 -15.05
N THR A 147 -4.16 -0.19 -15.23
CA THR A 147 -5.26 -0.11 -14.23
C THR A 147 -4.72 0.02 -12.80
N ASP A 148 -4.55 1.27 -12.36
CA ASP A 148 -4.08 1.55 -11.00
C ASP A 148 -4.76 2.83 -10.50
N TYR A 149 -5.04 2.89 -9.21
CA TYR A 149 -5.71 4.04 -8.61
C TYR A 149 -5.35 4.16 -7.13
N ARG A 150 -5.34 5.39 -6.62
CA ARG A 150 -5.07 5.63 -5.21
C ARG A 150 -5.83 6.87 -4.73
N PHE A 151 -6.19 6.89 -3.45
CA PHE A 151 -6.95 8.00 -2.86
C PHE A 151 -6.62 9.34 -3.54
O1 MTN B . 8.01 -9.68 6.68
N1 MTN B . 8.30 -8.78 5.83
C1 MTN B . 7.35 -7.77 5.38
C2 MTN B . 8.21 -7.00 4.41
C3 MTN B . 9.44 -7.47 4.32
C4 MTN B . 10.52 -6.91 3.43
S1 MTN B . 11.67 -5.79 4.27
C5 MTN B . 9.66 -8.68 5.19
C6 MTN B . 10.10 -9.91 4.40
C7 MTN B . 10.68 -8.34 6.27
C8 MTN B . 6.15 -8.41 4.68
C9 MTN B . 6.93 -6.89 6.55
H2 MTN B . 7.88 -6.15 3.86
H41 MTN B . 10.05 -6.37 2.62
H42 MTN B . 11.08 -7.74 3.02
H61 MTN B . 11.14 -9.80 4.11
H62 MTN B . 9.49 -10.01 3.51
H63 MTN B . 10.00 -10.80 5.02
H71 MTN B . 10.86 -9.21 6.89
H72 MTN B . 10.31 -7.53 6.88
H73 MTN B . 11.61 -8.04 5.81
H81 MTN B . 6.46 -8.87 3.75
H82 MTN B . 5.39 -7.66 4.47
H83 MTN B . 5.72 -9.17 5.32
H91 MTN B . 7.81 -6.52 7.05
H92 MTN B . 6.36 -6.05 6.18
H93 MTN B . 6.34 -7.47 7.23
O1 MTN C . -2.12 -5.43 -3.13
N1 MTN C . -1.01 -4.87 -3.33
C1 MTN C . 0.29 -5.52 -3.07
C2 MTN C . 1.22 -4.44 -3.48
C3 MTN C . 0.61 -3.34 -3.90
C4 MTN C . 1.29 -2.10 -4.39
S1 MTN C . 2.24 -1.17 -3.14
C5 MTN C . -0.90 -3.47 -3.85
C6 MTN C . -1.58 -2.41 -3.00
C7 MTN C . -1.47 -3.46 -5.28
C8 MTN C . 0.48 -5.90 -1.61
C9 MTN C . 0.45 -6.72 -3.99
H2 MTN C . 2.29 -4.53 -3.44
H41 MTN C . 0.55 -1.43 -4.80
H42 MTN C . 1.97 -2.39 -5.18
H61 MTN C . -1.31 -2.57 -1.96
H62 MTN C . -1.25 -1.43 -3.30
H63 MTN C . -2.65 -2.48 -3.10
H71 MTN C . -2.52 -3.67 -5.24
H72 MTN C . -1.32 -2.48 -5.72
H73 MTN C . -0.96 -4.19 -5.87
H81 MTN C . 0.35 -5.03 -0.99
H82 MTN C . 1.48 -6.30 -1.47
H83 MTN C . -0.25 -6.66 -1.34
H91 MTN C . 1.45 -7.11 -3.92
H92 MTN C . 0.23 -6.43 -5.01
H93 MTN C . -0.25 -7.50 -3.68
O1 MTN D . -3.92 11.28 -5.72
N1 MTN D . -2.96 10.47 -5.88
C1 MTN D . -2.47 10.06 -7.20
C2 MTN D . -1.38 9.13 -6.80
C3 MTN D . -1.25 9.00 -5.50
C4 MTN D . -0.23 8.15 -4.83
S1 MTN D . 1.50 8.58 -5.19
C5 MTN D . -2.24 9.86 -4.73
C6 MTN D . -3.15 9.10 -3.75
C7 MTN D . -1.48 10.99 -4.05
C8 MTN D . -3.53 9.35 -8.03
C9 MTN D . -1.90 11.27 -7.95
H2 MTN D . -0.77 8.60 -7.52
H41 MTN D . -0.39 7.14 -5.18
H42 MTN D . -0.39 8.19 -3.77
H61 MTN D . -4.07 8.83 -4.25
H62 MTN D . -3.39 9.72 -2.89
H63 MTN D . -2.66 8.21 -3.40
H71 MTN D . -0.88 11.52 -4.78
H72 MTN D . -0.84 10.57 -3.30
H73 MTN D . -2.18 11.68 -3.60
H81 MTN D . -3.07 8.92 -8.91
H82 MTN D . -4.28 10.06 -8.34
H83 MTN D . -3.99 8.58 -7.44
H91 MTN D . -1.19 11.78 -7.31
H92 MTN D . -2.70 11.93 -8.20
H93 MTN D . -1.40 10.94 -8.84
N MET A 25 9.88 -5.47 32.49
CA MET A 25 8.58 -5.41 31.75
C MET A 25 8.63 -6.43 30.61
N SER A 26 7.46 -6.78 30.08
CA SER A 26 7.34 -7.76 28.99
C SER A 26 7.29 -7.06 27.63
N ASP A 27 7.56 -5.75 27.64
CA ASP A 27 7.58 -4.93 26.42
C ASP A 27 7.36 -3.46 26.78
N PHE A 28 8.43 -2.67 26.64
CA PHE A 28 8.35 -1.24 26.94
C PHE A 28 9.37 -0.46 26.13
N ASP A 29 9.03 0.77 25.78
CA ASP A 29 9.93 1.61 25.00
C ASP A 29 9.62 3.09 25.28
N THR A 30 10.63 3.95 25.19
CA THR A 30 10.42 5.38 25.47
C THR A 30 9.41 5.98 24.48
N GLU A 31 8.93 7.17 24.78
CA GLU A 31 7.93 7.83 23.95
C GLU A 31 8.46 8.03 22.53
N ARG A 32 9.57 8.73 22.42
CA ARG A 32 10.10 9.02 21.09
C ARG A 32 10.20 7.71 20.31
N VAL A 33 10.89 6.77 20.92
CA VAL A 33 11.04 5.45 20.31
C VAL A 33 9.66 4.78 20.15
N SER A 34 8.87 4.79 21.21
CA SER A 34 7.52 4.17 21.16
C SER A 34 6.67 4.90 20.12
N ARG A 35 6.47 6.19 20.31
CA ARG A 35 5.62 6.95 19.39
C ARG A 35 6.25 6.96 17.99
N ALA A 36 7.48 7.44 17.90
CA ALA A 36 8.12 7.51 16.57
C ALA A 36 7.98 6.13 15.89
N VAL A 37 8.36 5.09 16.60
CA VAL A 37 8.18 3.77 15.99
C VAL A 37 6.68 3.57 15.74
N ALA A 38 5.80 3.80 16.72
CA ALA A 38 4.36 3.62 16.44
C ALA A 38 3.91 4.52 15.27
N ALA A 39 4.01 5.84 15.42
CA ALA A 39 3.56 6.74 14.35
C ALA A 39 4.28 6.41 13.04
N ALA A 40 5.59 6.41 13.09
CA ALA A 40 6.37 6.11 11.87
C ALA A 40 5.95 4.71 11.38
N LEU A 41 6.06 3.77 12.30
CA LEU A 41 5.74 2.36 11.95
C LEU A 41 4.32 2.34 11.36
N VAL A 42 3.38 2.99 12.04
CA VAL A 42 2.00 3.04 11.56
C VAL A 42 1.91 3.87 10.27
N GLY A 43 2.34 5.12 10.36
CA GLY A 43 2.29 6.05 9.23
C GLY A 43 3.32 5.70 8.17
N PRO A 44 3.61 6.62 7.27
CA PRO A 44 4.57 6.39 6.15
C PRO A 44 6.06 6.49 6.52
N GLY A 45 6.40 7.27 7.54
CA GLY A 45 7.84 7.43 7.87
C GLY A 45 8.48 6.08 8.18
N GLY A 46 7.94 5.41 9.18
CA GLY A 46 8.52 4.12 9.59
C GLY A 46 8.45 3.19 8.40
N VAL A 47 7.26 3.05 7.87
CA VAL A 47 7.05 2.17 6.72
C VAL A 47 7.94 2.61 5.57
N ALA A 48 8.11 3.91 5.44
CA ALA A 48 8.96 4.41 4.36
C ALA A 48 10.36 3.80 4.50
N LEU A 49 11.08 4.04 5.60
CA LEU A 49 12.42 3.48 5.73
C LEU A 49 12.40 1.95 5.73
N VAL A 50 11.48 1.33 6.47
CA VAL A 50 11.50 -0.13 6.51
C VAL A 50 11.28 -0.71 5.11
N VAL A 51 10.13 -0.42 4.49
CA VAL A 51 9.83 -0.96 3.17
C VAL A 51 10.86 -0.61 2.11
N LYS A 52 11.37 0.59 2.17
CA LYS A 52 12.34 1.04 1.18
C LYS A 52 13.61 0.25 1.36
N VAL A 53 14.09 0.27 2.59
CA VAL A 53 15.34 -0.40 2.92
C VAL A 53 15.22 -1.90 2.71
N CYS A 54 14.16 -2.51 3.25
CA CYS A 54 14.03 -3.95 3.06
C CYS A 54 13.81 -4.27 1.58
N ALA A 55 12.73 -3.74 1.01
CA ALA A 55 12.37 -4.04 -0.37
C ALA A 55 13.38 -3.53 -1.39
N GLY A 56 13.69 -2.24 -1.34
CA GLY A 56 14.62 -1.67 -2.31
C GLY A 56 13.85 -1.30 -3.59
N LEU A 57 13.11 -0.19 -3.50
CA LEU A 57 12.28 0.33 -4.61
C LEU A 57 10.90 -0.35 -4.62
N PRO A 58 9.96 0.16 -3.84
CA PRO A 58 8.57 -0.42 -3.76
C PRO A 58 7.85 -0.56 -5.11
N GLY A 59 8.15 0.33 -6.04
CA GLY A 59 7.47 0.26 -7.34
C GLY A 59 7.73 -1.11 -7.97
N VAL A 60 8.99 -1.44 -8.18
CA VAL A 60 9.36 -2.74 -8.75
C VAL A 60 9.73 -3.63 -7.59
N ILE A 61 9.81 -4.96 -7.81
CA ILE A 61 10.14 -5.95 -6.77
C ILE A 61 8.98 -6.91 -6.58
N HIS A 62 9.23 -8.20 -6.74
CA HIS A 62 8.18 -9.19 -6.56
C HIS A 62 8.80 -10.39 -5.85
N THR A 63 8.15 -10.88 -4.80
CA THR A 63 8.67 -12.03 -4.06
C THR A 63 8.11 -13.31 -4.67
N PRO A 64 8.86 -14.37 -4.67
CA PRO A 64 8.40 -15.66 -5.25
C PRO A 64 7.34 -16.35 -4.40
N ALA A 65 7.56 -16.38 -3.08
CA ALA A 65 6.65 -17.01 -2.14
C ALA A 65 6.27 -16.03 -1.05
N ARG A 66 5.00 -15.87 -0.77
CA ARG A 66 4.56 -14.99 0.29
C ARG A 66 3.08 -15.26 0.50
N ARG A 67 2.51 -14.95 1.66
CA ARG A 67 1.10 -15.24 1.90
C ARG A 67 0.19 -14.43 0.97
N GLY A 68 0.66 -14.18 -0.24
CA GLY A 68 -0.09 -13.43 -1.22
C GLY A 68 0.26 -11.95 -1.12
N PHE A 69 0.71 -11.52 0.06
CA PHE A 69 1.07 -10.11 0.26
C PHE A 69 1.64 -9.87 1.67
N PHE A 70 1.97 -8.59 1.94
CA PHE A 70 2.47 -8.15 3.28
C PHE A 70 3.12 -6.76 3.25
N ARG A 71 2.90 -6.00 2.20
CA ARG A 71 3.51 -4.67 2.11
C ARG A 71 3.00 -3.99 0.85
N CYS A 72 3.45 -2.76 0.57
CA CYS A 72 2.99 -2.05 -0.63
C CYS A 72 1.48 -1.83 -0.55
N ASN A 73 1.03 -1.06 0.44
CA ASN A 73 -0.40 -0.76 0.60
C ASN A 73 -0.55 0.73 0.94
N PRO A 74 -1.58 1.38 0.45
CA PRO A 74 -1.80 2.83 0.72
C PRO A 74 -2.26 3.10 2.15
N GLU A 75 -1.42 2.74 3.12
CA GLU A 75 -1.74 2.94 4.53
C GLU A 75 -3.00 2.22 4.94
N ARG A 76 -3.57 1.42 4.03
CA ARG A 76 -4.77 0.63 4.36
C ARG A 76 -4.35 -0.64 5.08
N ILE A 77 -5.10 -1.02 6.11
CA ILE A 77 -4.75 -2.19 6.89
C ILE A 77 -4.89 -3.51 6.13
N GLN A 78 -3.89 -4.33 6.37
CA GLN A 78 -3.79 -5.63 5.72
C GLN A 78 -4.98 -6.51 6.16
N ILE A 79 -6.16 -6.26 5.57
CA ILE A 79 -7.38 -7.03 5.87
C ILE A 79 -8.26 -7.10 4.61
N GLY A 80 -9.12 -8.13 4.50
CA GLY A 80 -9.99 -8.28 3.33
C GLY A 80 -9.53 -9.45 2.48
N ASP A 81 -8.43 -10.04 2.92
CA ASP A 81 -7.85 -11.18 2.25
C ASP A 81 -8.54 -12.47 2.71
N TRP A 82 -9.46 -12.93 1.85
CA TRP A 82 -10.25 -14.14 2.16
C TRP A 82 -9.56 -15.44 1.74
N ARG A 83 -10.25 -16.48 2.15
CA ARG A 83 -9.81 -17.85 1.91
C ARG A 83 -10.15 -18.32 0.48
N TYR A 84 -11.42 -18.23 0.15
CA TYR A 84 -11.98 -18.64 -1.15
C TYR A 84 -12.00 -17.53 -2.20
N GLU A 85 -11.77 -16.30 -1.77
CA GLU A 85 -11.83 -15.17 -2.67
C GLU A 85 -10.61 -15.05 -3.56
N VAL A 86 -9.54 -15.76 -3.27
CA VAL A 86 -8.33 -15.58 -4.07
C VAL A 86 -8.68 -15.66 -5.54
N ALA A 87 -9.25 -16.76 -5.95
CA ALA A 87 -9.61 -16.95 -7.34
C ALA A 87 -10.74 -16.01 -7.75
N HIS A 88 -11.89 -16.14 -7.09
CA HIS A 88 -13.02 -15.27 -7.44
C HIS A 88 -12.53 -13.82 -7.50
N ASP A 89 -11.95 -13.38 -6.40
CA ASP A 89 -11.43 -11.99 -6.32
C ASP A 89 -10.19 -11.83 -7.19
N GLY A 90 -9.27 -12.76 -7.13
CA GLY A 90 -8.04 -12.68 -7.94
C GLY A 90 -8.31 -13.08 -9.38
N ARG A 91 -9.56 -12.90 -9.81
CA ARG A 91 -9.95 -13.09 -11.21
C ARG A 91 -9.92 -11.71 -11.89
N LEU A 92 -9.77 -10.68 -11.07
CA LEU A 92 -9.75 -9.29 -11.51
C LEU A 92 -8.51 -8.94 -12.30
N LEU A 93 -7.36 -9.47 -11.92
CA LEU A 93 -6.13 -9.05 -12.63
C LEU A 93 -6.40 -9.06 -14.14
N ALA A 94 -6.80 -10.21 -14.63
CA ALA A 94 -7.14 -10.31 -16.06
C ALA A 94 -8.13 -9.16 -16.31
N ALA A 95 -9.32 -9.38 -15.79
CA ALA A 95 -10.50 -8.49 -15.82
C ALA A 95 -10.31 -7.18 -15.04
N HIS A 96 -9.07 -6.79 -14.75
CA HIS A 96 -8.74 -5.61 -13.91
C HIS A 96 -9.83 -4.51 -13.85
N MET A 97 -10.78 -4.47 -14.78
CA MET A 97 -11.84 -3.46 -14.68
C MET A 97 -12.80 -3.87 -13.54
N VAL A 98 -12.81 -5.19 -13.27
CA VAL A 98 -13.65 -5.75 -12.20
C VAL A 98 -13.22 -5.15 -10.86
N ASN A 99 -11.90 -5.21 -10.54
CA ASN A 99 -11.33 -4.70 -9.26
C ASN A 99 -12.06 -3.49 -8.71
N GLY A 100 -12.87 -2.89 -9.55
CA GLY A 100 -13.68 -1.77 -9.12
C GLY A 100 -14.43 -2.14 -7.83
N ILE A 101 -14.61 -3.46 -7.58
CA ILE A 101 -15.31 -3.92 -6.38
C ILE A 101 -14.35 -3.85 -5.18
N VAL A 102 -13.32 -4.64 -5.31
CA VAL A 102 -12.32 -4.76 -4.24
C VAL A 102 -12.20 -3.36 -3.59
N ILE A 103 -12.36 -2.32 -4.45
CA ILE A 103 -12.38 -0.91 -3.98
C ILE A 103 -13.86 -0.39 -3.80
N ALA A 104 -14.81 -0.82 -4.63
CA ALA A 104 -16.23 -0.37 -4.52
C ALA A 104 -17.07 -1.18 -3.52
N GLU A 105 -16.55 -2.30 -3.01
CA GLU A 105 -17.27 -3.10 -2.06
C GLU A 105 -16.99 -2.66 -0.62
N ASP A 106 -15.78 -2.89 -0.07
CA ASP A 106 -15.49 -2.49 1.32
C ASP A 106 -14.88 -1.08 1.50
N ALA A 107 -14.37 -0.44 0.45
CA ALA A 107 -13.76 0.88 0.64
C ALA A 107 -14.71 1.83 1.38
N LEU A 108 -15.99 1.85 1.02
CA LEU A 108 -16.96 2.75 1.67
C LEU A 108 -16.70 2.84 3.18
N ILE A 109 -16.01 1.85 3.73
CA ILE A 109 -15.71 1.84 5.16
C ILE A 109 -14.34 2.46 5.45
N ALA A 110 -13.37 2.27 4.54
CA ALA A 110 -12.03 2.83 4.72
C ALA A 110 -11.91 4.20 4.05
N GLU A 111 -12.69 4.45 3.01
CA GLU A 111 -12.59 5.74 2.32
C GLU A 111 -12.78 6.89 3.31
N ALA A 112 -13.16 6.56 4.54
CA ALA A 112 -13.34 7.58 5.59
C ALA A 112 -11.99 7.90 6.21
N VAL A 113 -11.00 7.16 5.72
CA VAL A 113 -9.61 7.30 6.16
C VAL A 113 -8.83 8.18 5.20
N GLY A 114 -9.49 9.20 4.61
CA GLY A 114 -8.81 10.11 3.69
C GLY A 114 -7.96 11.14 4.43
N PRO A 115 -8.39 11.64 5.59
CA PRO A 115 -7.59 12.61 6.38
C PRO A 115 -6.15 12.12 6.47
N HIS A 116 -6.01 10.84 6.13
CA HIS A 116 -4.71 10.19 6.14
C HIS A 116 -3.79 11.00 5.24
N LEU A 117 -4.37 11.87 4.41
CA LEU A 117 -3.57 12.74 3.57
C LEU A 117 -2.75 13.68 4.45
N ALA A 118 -3.44 14.47 5.29
CA ALA A 118 -2.75 15.38 6.18
C ALA A 118 -1.78 14.61 7.04
N ARG A 119 -2.29 13.56 7.70
CA ARG A 119 -1.43 12.77 8.55
C ARG A 119 -0.32 12.17 7.69
N ALA A 120 -0.63 11.37 6.71
CA ALA A 120 0.43 10.83 5.91
C ALA A 120 1.41 11.91 5.48
N LEU A 121 1.05 13.23 5.67
CA LEU A 121 1.76 14.39 5.06
C LEU A 121 2.80 13.90 4.10
N GLY A 122 3.66 12.98 4.40
CA GLY A 122 4.53 12.48 3.37
C GLY A 122 3.64 12.13 2.15
N GLN A 123 2.31 11.85 2.38
CA GLN A 123 1.45 11.58 1.21
C GLN A 123 1.40 12.86 0.41
N ILE A 124 1.73 13.96 1.06
CA ILE A 124 1.71 15.23 0.34
C ILE A 124 2.78 15.19 -0.74
N VAL A 125 3.93 14.60 -0.42
CA VAL A 125 5.02 14.56 -1.41
C VAL A 125 4.55 13.84 -2.68
N CYS A 126 4.21 12.55 -2.59
CA CYS A 126 3.80 11.83 -3.81
C CYS A 126 2.76 12.64 -4.61
N ARG A 127 2.13 13.60 -3.95
CA ARG A 127 1.15 14.48 -4.62
C ARG A 127 1.81 15.72 -5.24
N TYR A 128 2.62 16.37 -4.43
CA TYR A 128 3.42 17.56 -4.75
C TYR A 128 4.90 17.22 -4.92
N GLY A 129 5.23 15.95 -5.19
CA GLY A 129 6.64 15.58 -5.35
C GLY A 129 6.81 14.27 -6.12
N ALA A 130 5.69 13.60 -6.38
CA ALA A 130 5.70 12.33 -7.13
C ALA A 130 6.85 12.25 -8.12
N THR A 131 7.81 11.33 -7.91
CA THR A 131 8.92 11.14 -8.84
C THR A 131 9.04 9.64 -9.02
N VAL A 132 9.35 8.93 -7.94
CA VAL A 132 9.46 7.50 -8.02
C VAL A 132 8.12 6.89 -8.38
N ILE A 133 7.20 7.66 -9.01
CA ILE A 133 5.93 7.12 -9.50
C ILE A 133 5.92 7.23 -11.05
N PRO A 134 6.15 8.40 -11.69
CA PRO A 134 6.23 8.49 -13.20
C PRO A 134 7.24 7.48 -13.78
N ASN A 135 8.35 7.26 -13.09
CA ASN A 135 9.35 6.35 -13.63
C ASN A 135 8.82 4.91 -13.63
N ILE A 136 8.63 4.32 -12.45
CA ILE A 136 8.11 2.96 -12.36
C ILE A 136 6.84 2.88 -13.21
N ASN A 137 6.26 4.05 -13.32
CA ASN A 137 5.01 4.16 -14.05
C ASN A 137 5.25 3.69 -15.47
N ALA A 138 6.26 4.21 -16.15
CA ALA A 138 6.52 3.76 -17.50
C ALA A 138 6.92 2.30 -17.59
N ALA A 139 7.61 1.75 -16.57
CA ALA A 139 7.98 0.31 -16.61
C ALA A 139 6.84 -0.58 -16.10
N ILE A 140 6.44 -0.33 -14.86
CA ILE A 140 5.39 -1.14 -14.25
C ILE A 140 4.22 -1.17 -15.22
N GLU A 141 3.78 0.03 -15.52
CA GLU A 141 2.64 0.17 -16.44
C GLU A 141 2.96 -0.63 -17.68
N VAL A 142 4.15 -0.42 -18.26
CA VAL A 142 4.51 -1.19 -19.42
C VAL A 142 4.51 -2.68 -19.10
N LEU A 143 4.79 -3.09 -17.83
CA LEU A 143 4.74 -4.52 -17.54
C LEU A 143 3.27 -4.91 -17.38
N GLY A 144 2.55 -4.32 -16.39
CA GLY A 144 1.14 -4.65 -16.25
C GLY A 144 0.39 -4.17 -17.49
N THR A 145 0.06 -2.89 -17.48
CA THR A 145 -0.64 -2.24 -18.59
C THR A 145 -1.16 -0.83 -18.22
N GLY A 146 -1.67 -0.66 -17.01
CA GLY A 146 -2.28 0.63 -16.60
C GLY A 146 -3.79 0.46 -16.63
N THR A 147 -4.13 -0.63 -17.30
CA THR A 147 -5.52 -1.02 -17.45
C THR A 147 -6.03 -1.20 -16.00
N ASP A 148 -6.37 -0.05 -15.41
CA ASP A 148 -6.89 0.05 -14.03
C ASP A 148 -7.51 1.41 -13.74
N TYR A 149 -8.11 1.52 -12.55
CA TYR A 149 -8.67 2.79 -12.07
C TYR A 149 -8.40 2.87 -10.56
N ARG A 150 -8.03 4.06 -10.09
CA ARG A 150 -7.78 4.28 -8.66
C ARG A 150 -8.11 5.73 -8.28
N PHE A 151 -8.46 5.96 -7.02
CA PHE A 151 -8.80 7.29 -6.53
C PHE A 151 -7.86 7.72 -5.41
O1 MTN B . 6.58 -9.59 7.33
N1 MTN B . 7.58 -9.21 6.66
C1 MTN B . 8.00 -9.82 5.37
C2 MTN B . 9.18 -9.00 5.05
C3 MTN B . 9.44 -8.07 5.93
C4 MTN B . 10.58 -7.08 5.83
S1 MTN B . 11.50 -7.16 4.27
C5 MTN B . 8.46 -8.08 7.10
C6 MTN B . 9.15 -8.28 8.45
C7 MTN B . 7.64 -6.79 7.10
C8 MTN B . 8.36 -11.30 5.49
C9 MTN B . 6.93 -9.62 4.32
H2 MTN B . 9.76 -9.15 4.15
H41 MTN B . 11.25 -7.28 6.65
H42 MTN B . 10.15 -6.09 5.94
H61 MTN B . 9.72 -7.40 8.70
H62 MTN B . 9.81 -9.12 8.39
H63 MTN B . 8.40 -8.45 9.20
H71 MTN B . 8.29 -5.95 7.31
H72 MTN B . 6.88 -6.85 7.85
H73 MTN B . 7.18 -6.66 6.13
H81 MTN B . 8.75 -11.65 4.55
H82 MTN B . 7.49 -11.87 5.75
H83 MTN B . 9.11 -11.42 6.26
H91 MTN B . 7.31 -9.93 3.37
H92 MTN B . 6.05 -10.20 4.58
H93 MTN B . 6.68 -8.57 4.28
O1 MTN C . -2.57 -3.70 -3.80
N1 MTN C . -1.63 -4.53 -3.64
C1 MTN C . -1.58 -5.49 -2.52
C2 MTN C . -0.29 -6.17 -2.83
C3 MTN C . 0.31 -5.71 -3.91
C4 MTN C . 1.64 -6.18 -4.43
S1 MTN C . 3.03 -5.18 -3.85
C5 MTN C . -0.47 -4.60 -4.59
C6 MTN C . 0.32 -3.31 -4.75
C7 MTN C . -1.00 -5.11 -5.94
C8 MTN C . -1.57 -4.81 -1.16
C9 MTN C . -2.73 -6.47 -2.64
H2 MTN C . 0.11 -6.96 -2.21
H41 MTN C . 1.61 -6.13 -5.50
H42 MTN C . 1.78 -7.20 -4.11
H61 MTN C . 1.33 -3.53 -5.08
H62 MTN C . -0.16 -2.67 -5.48
H63 MTN C . 0.36 -2.78 -3.81
H71 MTN C . -0.19 -5.21 -6.63
H72 MTN C . -1.49 -6.06 -5.81
H73 MTN C . -1.71 -4.39 -6.33
H81 MTN C . -2.51 -4.33 -0.98
H82 MTN C . -0.77 -4.08 -1.12
H83 MTN C . -1.40 -5.56 -0.38
H91 MTN C . -2.74 -6.91 -3.62
H92 MTN C . -3.66 -5.94 -2.47
H93 MTN C . -2.63 -7.25 -1.89
O1 MTN D . -3.82 10.19 -5.48
N1 MTN D . -2.63 9.93 -5.13
C1 MTN D . -1.50 9.94 -6.08
C2 MTN D . -0.39 9.59 -5.16
C3 MTN D . -0.78 9.41 -3.91
C4 MTN D . 0.13 9.06 -2.77
S1 MTN D . 0.74 10.50 -1.88
C5 MTN D . -2.27 9.59 -3.73
C6 MTN D . -2.97 8.37 -3.16
C7 MTN D . -2.53 10.82 -2.87
C8 MTN D . -1.65 8.89 -7.19
C9 MTN D . -1.31 11.34 -6.66
H2 MTN D . 0.64 9.49 -5.48
H41 MTN D . 0.97 8.52 -3.17
H42 MTN D . -0.43 8.43 -2.10
H61 MTN D . -4.04 8.44 -3.36
H62 MTN D . -2.82 8.32 -2.10
H63 MTN D . -2.59 7.48 -3.62
H71 MTN D . -3.60 10.98 -2.78
H72 MTN D . -2.09 11.69 -3.34
H73 MTN D . -2.11 10.69 -1.89
H81 MTN D . -0.78 8.92 -7.82
H82 MTN D . -2.52 9.12 -7.78
H83 MTN D . -1.75 7.92 -6.76
H91 MTN D . -2.07 11.52 -7.41
H92 MTN D . -0.33 11.40 -7.12
H93 MTN D . -1.39 12.06 -5.86
N MET A 25 13.46 -4.97 31.92
CA MET A 25 12.20 -4.97 31.14
C MET A 25 12.30 -6.00 30.02
N SER A 26 11.15 -6.43 29.51
CA SER A 26 11.06 -7.42 28.43
C SER A 26 11.08 -6.72 27.07
N ASP A 27 11.42 -5.42 27.09
CA ASP A 27 11.52 -4.60 25.87
C ASP A 27 11.21 -3.14 26.20
N PHE A 28 12.21 -2.29 26.02
CA PHE A 28 12.04 -0.86 26.28
C PHE A 28 12.99 -0.05 25.39
N ASP A 29 12.56 1.15 25.02
CA ASP A 29 13.38 2.02 24.18
C ASP A 29 12.99 3.48 24.42
N THR A 30 13.94 4.38 24.22
CA THR A 30 13.68 5.81 24.42
C THR A 30 12.29 6.16 23.89
N GLU A 31 11.58 7.05 24.56
CA GLU A 31 10.21 7.37 24.22
C GLU A 31 10.02 7.61 22.74
N ARG A 32 10.78 8.47 22.08
CA ARG A 32 10.59 8.66 20.66
C ARG A 32 10.89 7.37 19.92
N VAL A 33 11.88 6.65 20.43
CA VAL A 33 12.20 5.38 19.80
C VAL A 33 10.98 4.48 19.91
N SER A 34 10.46 4.31 21.12
CA SER A 34 9.28 3.47 21.33
C SER A 34 8.00 4.04 20.70
N ARG A 35 7.82 5.37 20.75
CA ARG A 35 6.65 6.01 20.14
C ARG A 35 6.85 6.06 18.62
N ALA A 36 7.89 6.80 18.27
CA ALA A 36 8.16 7.05 16.83
C ALA A 36 8.05 5.69 16.15
N VAL A 37 8.52 4.69 16.86
CA VAL A 37 8.37 3.34 16.32
C VAL A 37 6.87 3.08 16.14
N ALA A 38 6.04 3.30 17.15
CA ALA A 38 4.61 3.06 16.95
C ALA A 38 4.04 3.95 15.84
N ALA A 39 4.05 5.26 16.03
CA ALA A 39 3.46 6.16 15.02
C ALA A 39 4.03 5.85 13.63
N ALA A 40 5.33 5.89 13.57
CA ALA A 40 6.02 5.65 12.32
C ALA A 40 5.70 4.20 11.87
N LEU A 41 5.94 3.26 12.77
CA LEU A 41 5.72 1.84 12.40
C LEU A 41 4.27 1.66 11.95
N VAL A 42 3.31 2.11 12.75
CA VAL A 42 1.92 1.96 12.35
C VAL A 42 1.64 2.88 11.15
N GLY A 43 1.91 4.18 11.33
CA GLY A 43 1.69 5.15 10.25
C GLY A 43 2.55 4.83 9.02
N PRO A 44 2.60 5.75 8.08
CA PRO A 44 3.38 5.57 6.82
C PRO A 44 4.89 5.85 6.92
N GLY A 45 5.28 6.80 7.77
CA GLY A 45 6.70 7.18 7.87
C GLY A 45 7.59 5.98 8.22
N GLY A 46 7.27 5.35 9.33
CA GLY A 46 8.09 4.20 9.77
C GLY A 46 8.09 3.20 8.64
N VAL A 47 6.90 2.89 8.18
CA VAL A 47 6.74 1.95 7.08
C VAL A 47 7.44 2.49 5.83
N ALA A 48 7.41 3.81 5.65
CA ALA A 48 8.05 4.38 4.47
C ALA A 48 9.52 3.97 4.44
N LEU A 49 10.32 4.36 5.45
CA LEU A 49 11.73 4.01 5.43
C LEU A 49 11.94 2.50 5.54
N VAL A 50 11.19 1.83 6.42
CA VAL A 50 11.42 0.40 6.57
C VAL A 50 11.18 -0.30 5.23
N VAL A 51 9.98 -0.16 4.67
CA VAL A 51 9.65 -0.85 3.41
C VAL A 51 10.51 -0.36 2.23
N LYS A 52 10.82 0.93 2.21
CA LYS A 52 11.61 1.46 1.10
C LYS A 52 12.99 0.82 1.15
N VAL A 53 13.60 0.93 2.31
CA VAL A 53 14.95 0.38 2.49
C VAL A 53 14.94 -1.11 2.22
N CYS A 54 13.95 -1.82 2.75
CA CYS A 54 13.91 -3.25 2.52
C CYS A 54 13.70 -3.51 1.01
N ALA A 55 12.63 -2.99 0.43
CA ALA A 55 12.28 -3.23 -0.96
C ALA A 55 13.25 -2.71 -2.01
N GLY A 56 13.53 -1.42 -1.96
CA GLY A 56 14.37 -0.82 -2.98
C GLY A 56 13.52 -0.52 -4.22
N LEU A 57 12.67 0.52 -4.10
CA LEU A 57 11.72 0.96 -5.16
C LEU A 57 10.44 0.10 -5.18
N PRO A 58 9.28 0.63 -4.78
CA PRO A 58 7.99 -0.14 -4.82
C PRO A 58 7.67 -0.74 -6.20
N GLY A 59 8.38 -0.26 -7.20
CA GLY A 59 8.11 -0.74 -8.56
C GLY A 59 8.26 -2.27 -8.60
N VAL A 60 9.43 -2.74 -8.18
CA VAL A 60 9.72 -4.18 -8.21
C VAL A 60 8.91 -4.98 -7.18
N ILE A 61 9.23 -4.81 -5.89
CA ILE A 61 8.55 -5.54 -4.78
C ILE A 61 7.65 -6.67 -5.25
N HIS A 62 8.12 -7.78 -5.83
CA HIS A 62 7.22 -8.85 -6.20
C HIS A 62 7.83 -10.14 -5.67
N THR A 63 7.14 -10.83 -4.78
CA THR A 63 7.67 -12.07 -4.20
C THR A 63 7.03 -13.29 -4.86
N PRO A 64 7.79 -14.19 -5.44
CA PRO A 64 7.22 -15.40 -6.10
C PRO A 64 6.21 -16.12 -5.20
N ALA A 65 6.48 -16.18 -3.89
CA ALA A 65 5.57 -16.81 -2.93
C ALA A 65 5.20 -15.83 -1.83
N ARG A 66 3.92 -15.68 -1.51
CA ARG A 66 3.56 -14.77 -0.44
C ARG A 66 2.10 -14.97 -0.05
N ARG A 67 1.72 -14.43 1.09
CA ARG A 67 0.34 -14.53 1.56
C ARG A 67 -0.56 -13.77 0.60
N GLY A 68 -0.05 -13.48 -0.59
CA GLY A 68 -0.82 -12.75 -1.58
C GLY A 68 -0.74 -11.26 -1.33
N PHE A 69 -0.47 -10.87 -0.08
CA PHE A 69 -0.40 -9.44 0.27
C PHE A 69 0.31 -9.26 1.63
N PHE A 70 0.73 -8.00 1.90
CA PHE A 70 1.39 -7.56 3.17
C PHE A 70 2.47 -6.49 2.92
N ARG A 71 2.62 -6.05 1.68
CA ARG A 71 3.64 -5.04 1.35
C ARG A 71 2.98 -3.77 0.83
N CYS A 72 3.69 -3.06 -0.06
CA CYS A 72 3.19 -1.79 -0.65
C CYS A 72 1.69 -1.65 -0.42
N ASN A 73 1.28 -0.96 0.64
CA ASN A 73 -0.15 -0.82 0.96
C ASN A 73 -0.49 0.68 1.04
N PRO A 74 -1.64 1.10 0.54
CA PRO A 74 -2.02 2.54 0.59
C PRO A 74 -2.41 2.99 1.99
N GLU A 75 -1.46 2.87 2.93
CA GLU A 75 -1.68 3.26 4.33
C GLU A 75 -2.68 2.35 5.04
N ARG A 76 -3.58 1.73 4.28
CA ARG A 76 -4.57 0.84 4.89
C ARG A 76 -3.88 -0.28 5.64
N ILE A 77 -4.66 -1.10 6.33
CA ILE A 77 -4.09 -2.21 7.11
C ILE A 77 -4.19 -3.53 6.34
N GLN A 78 -3.19 -4.34 6.55
CA GLN A 78 -3.09 -5.62 5.87
C GLN A 78 -4.25 -6.53 6.28
N ILE A 79 -5.44 -6.30 5.68
CA ILE A 79 -6.63 -7.12 5.91
C ILE A 79 -7.48 -7.13 4.64
N GLY A 80 -8.31 -8.16 4.48
CA GLY A 80 -9.16 -8.28 3.29
C GLY A 80 -8.68 -9.44 2.43
N ASP A 81 -7.56 -10.01 2.85
CA ASP A 81 -6.99 -11.14 2.13
C ASP A 81 -7.74 -12.41 2.52
N TRP A 82 -8.68 -12.81 1.66
CA TRP A 82 -9.52 -13.99 1.88
C TRP A 82 -8.86 -15.27 1.41
N ARG A 83 -9.61 -16.34 1.68
CA ARG A 83 -9.17 -17.69 1.32
C ARG A 83 -9.66 -18.08 -0.09
N TYR A 84 -10.99 -18.07 -0.25
CA TYR A 84 -11.66 -18.42 -1.52
C TYR A 84 -11.91 -17.22 -2.44
N GLU A 85 -11.85 -16.03 -1.91
CA GLU A 85 -12.07 -14.84 -2.72
C GLU A 85 -10.81 -14.43 -3.45
N VAL A 86 -9.68 -15.00 -3.06
CA VAL A 86 -8.42 -14.61 -3.68
C VAL A 86 -8.51 -14.68 -5.17
N ALA A 87 -8.88 -15.80 -5.75
CA ALA A 87 -8.91 -15.90 -7.19
C ALA A 87 -10.05 -15.06 -7.72
N HIS A 88 -11.25 -15.34 -7.19
CA HIS A 88 -12.43 -14.59 -7.61
C HIS A 88 -12.06 -13.09 -7.65
N ASP A 89 -11.55 -12.64 -6.52
CA ASP A 89 -11.13 -11.25 -6.38
C ASP A 89 -9.81 -10.99 -7.12
N GLY A 90 -8.83 -11.85 -6.89
CA GLY A 90 -7.54 -11.75 -7.58
C GLY A 90 -7.69 -12.23 -9.01
N ARG A 91 -8.90 -12.09 -9.51
CA ARG A 91 -9.23 -12.37 -10.90
C ARG A 91 -8.60 -11.23 -11.67
N LEU A 92 -7.80 -10.42 -10.97
CA LEU A 92 -7.17 -9.24 -11.56
C LEU A 92 -6.86 -9.53 -13.03
N LEU A 93 -6.62 -10.80 -13.30
CA LEU A 93 -6.39 -11.19 -14.69
C LEU A 93 -7.65 -10.89 -15.51
N ALA A 94 -8.77 -11.57 -15.20
CA ALA A 94 -10.02 -11.23 -15.91
C ALA A 94 -10.49 -9.95 -15.25
N ALA A 95 -10.99 -10.08 -14.03
CA ALA A 95 -11.50 -8.99 -13.21
C ALA A 95 -10.68 -7.72 -13.24
N HIS A 96 -9.60 -7.62 -14.02
CA HIS A 96 -8.76 -6.41 -14.00
C HIS A 96 -9.55 -5.15 -13.61
N MET A 97 -10.51 -4.75 -14.43
CA MET A 97 -11.31 -3.59 -14.06
C MET A 97 -12.25 -3.94 -12.91
N VAL A 98 -12.98 -5.07 -13.00
CA VAL A 98 -13.96 -5.39 -11.96
C VAL A 98 -13.39 -5.21 -10.54
N ASN A 99 -12.14 -5.63 -10.24
CA ASN A 99 -11.54 -5.43 -8.89
C ASN A 99 -11.96 -4.09 -8.24
N GLY A 100 -12.55 -3.26 -9.07
CA GLY A 100 -13.09 -1.98 -8.62
C GLY A 100 -13.88 -2.21 -7.32
N ILE A 101 -14.37 -3.45 -7.15
CA ILE A 101 -15.11 -3.82 -5.95
C ILE A 101 -14.17 -3.69 -4.74
N VAL A 102 -13.06 -4.39 -4.91
CA VAL A 102 -12.04 -4.46 -3.86
C VAL A 102 -12.00 -3.08 -3.18
N ILE A 103 -12.25 -2.02 -3.97
CA ILE A 103 -12.30 -0.65 -3.47
C ILE A 103 -13.76 -0.19 -3.22
N ALA A 104 -14.70 -0.69 -4.04
CA ALA A 104 -16.13 -0.34 -3.94
C ALA A 104 -16.94 -1.19 -2.92
N GLU A 105 -16.38 -2.30 -2.45
CA GLU A 105 -17.07 -3.12 -1.46
C GLU A 105 -16.73 -2.62 -0.08
N ASP A 106 -15.48 -2.76 0.37
CA ASP A 106 -15.12 -2.29 1.69
C ASP A 106 -15.04 -0.79 1.76
N ALA A 107 -15.01 -0.10 0.59
CA ALA A 107 -14.97 1.38 0.57
C ALA A 107 -15.46 1.99 1.90
N LEU A 108 -16.60 1.51 2.41
CA LEU A 108 -17.20 2.04 3.66
C LEU A 108 -16.15 2.48 4.69
N ILE A 109 -15.04 1.77 4.76
CA ILE A 109 -13.96 2.14 5.66
C ILE A 109 -12.89 2.87 4.87
N ALA A 110 -12.69 2.39 3.65
CA ALA A 110 -11.69 2.99 2.78
C ALA A 110 -12.06 4.46 2.52
N GLU A 111 -13.23 4.73 1.97
CA GLU A 111 -13.62 6.11 1.69
C GLU A 111 -13.94 6.90 2.97
N ALA A 112 -13.39 6.48 4.11
CA ALA A 112 -13.62 7.18 5.40
C ALA A 112 -12.27 7.52 6.02
N VAL A 113 -11.27 6.82 5.50
CA VAL A 113 -9.87 7.00 5.94
C VAL A 113 -9.15 7.86 4.92
N GLY A 114 -9.87 8.82 4.30
CA GLY A 114 -9.25 9.70 3.32
C GLY A 114 -8.27 10.66 3.99
N PRO A 115 -8.54 11.12 5.20
CA PRO A 115 -7.61 12.03 5.93
C PRO A 115 -6.18 11.48 5.90
N HIS A 116 -6.07 10.26 5.40
CA HIS A 116 -4.79 9.61 5.28
C HIS A 116 -3.89 10.48 4.43
N LEU A 117 -4.51 11.38 3.66
CA LEU A 117 -3.74 12.31 2.85
C LEU A 117 -2.97 13.23 3.77
N ALA A 118 -3.68 13.95 4.62
CA ALA A 118 -3.02 14.85 5.55
C ALA A 118 -1.98 14.07 6.34
N ARG A 119 -2.42 13.00 6.98
CA ARG A 119 -1.48 12.20 7.75
C ARG A 119 -0.38 11.73 6.82
N ALA A 120 -0.72 11.01 5.79
CA ALA A 120 0.32 10.55 4.93
C ALA A 120 1.27 11.67 4.55
N LEU A 121 0.86 12.95 4.81
CA LEU A 121 1.53 14.16 4.27
C LEU A 121 2.63 13.78 3.33
N GLY A 122 3.58 12.94 3.62
CA GLY A 122 4.51 12.57 2.57
C GLY A 122 3.69 12.19 1.32
N GLN A 123 2.40 11.78 1.52
CA GLN A 123 1.57 11.47 0.36
C GLN A 123 1.30 12.77 -0.36
N ILE A 124 1.49 13.86 0.36
CA ILE A 124 1.33 15.17 -0.24
C ILE A 124 2.41 15.32 -1.29
N VAL A 125 3.63 14.89 -0.95
CA VAL A 125 4.71 14.97 -1.92
C VAL A 125 4.26 14.23 -3.16
N CYS A 126 3.96 12.96 -3.01
CA CYS A 126 3.53 12.15 -4.14
C CYS A 126 2.45 12.88 -4.96
N ARG A 127 1.81 13.88 -4.38
CA ARG A 127 0.80 14.68 -5.12
C ARG A 127 1.44 15.92 -5.77
N TYR A 128 2.27 16.57 -4.97
CA TYR A 128 3.04 17.77 -5.31
C TYR A 128 4.53 17.44 -5.51
N GLY A 129 4.88 16.18 -5.80
CA GLY A 129 6.29 15.90 -6.01
C GLY A 129 6.55 14.50 -6.56
N ALA A 130 5.51 13.66 -6.64
CA ALA A 130 5.66 12.28 -7.11
C ALA A 130 6.76 12.10 -8.14
N THR A 131 8.01 12.23 -7.74
CA THR A 131 9.09 11.99 -8.66
C THR A 131 9.45 10.53 -8.50
N VAL A 132 8.65 9.82 -7.65
CA VAL A 132 8.88 8.41 -7.43
C VAL A 132 8.11 7.58 -8.47
N ILE A 133 6.77 7.72 -8.57
CA ILE A 133 6.01 6.88 -9.51
C ILE A 133 6.38 7.08 -10.99
N PRO A 134 6.67 8.28 -11.47
CA PRO A 134 6.94 8.48 -12.92
C PRO A 134 7.96 7.49 -13.50
N ASN A 135 9.07 7.24 -12.80
CA ASN A 135 10.07 6.33 -13.36
C ASN A 135 9.52 4.90 -13.42
N ILE A 136 9.32 4.30 -12.25
CA ILE A 136 8.78 2.93 -12.18
C ILE A 136 7.50 2.87 -13.00
N ASN A 137 6.90 4.03 -13.16
CA ASN A 137 5.64 4.12 -13.89
C ASN A 137 5.87 3.60 -15.30
N ALA A 138 6.88 4.12 -15.97
CA ALA A 138 7.17 3.66 -17.32
C ALA A 138 7.44 2.17 -17.35
N ALA A 139 7.96 1.59 -16.27
CA ALA A 139 8.17 0.14 -16.25
C ALA A 139 6.85 -0.57 -15.91
N ILE A 140 6.22 -0.08 -14.84
CA ILE A 140 4.92 -0.64 -14.39
C ILE A 140 4.12 -0.83 -15.68
N GLU A 141 4.15 0.25 -16.42
CA GLU A 141 3.48 0.27 -17.71
C GLU A 141 3.88 -1.02 -18.41
N VAL A 142 5.17 -1.22 -18.60
CA VAL A 142 5.64 -2.47 -19.21
C VAL A 142 5.30 -3.67 -18.32
N LEU A 143 5.77 -3.63 -17.06
CA LEU A 143 5.58 -4.70 -16.09
C LEU A 143 4.12 -5.14 -15.93
N GLY A 144 3.10 -4.35 -16.31
CA GLY A 144 1.71 -4.84 -16.27
C GLY A 144 1.06 -4.41 -17.62
N THR A 145 0.90 -3.10 -17.72
CA THR A 145 0.34 -2.41 -18.90
C THR A 145 -0.34 -1.09 -18.53
N GLY A 146 -0.94 -1.02 -17.33
CA GLY A 146 -1.65 0.20 -16.92
C GLY A 146 -3.15 -0.05 -17.02
N THR A 147 -3.47 -1.10 -17.77
CA THR A 147 -4.87 -1.49 -17.93
C THR A 147 -5.42 -1.68 -16.51
N ASP A 148 -5.84 -0.53 -15.94
CA ASP A 148 -6.37 -0.46 -14.58
C ASP A 148 -7.14 0.84 -14.31
N TYR A 149 -7.81 0.89 -13.17
CA TYR A 149 -8.53 2.07 -12.72
C TYR A 149 -8.39 2.13 -11.18
N ARG A 150 -8.17 3.34 -10.63
CA ARG A 150 -8.05 3.53 -9.18
C ARG A 150 -8.55 4.92 -8.80
N PHE A 151 -9.01 5.08 -7.56
CA PHE A 151 -9.49 6.38 -7.07
C PHE A 151 -8.91 6.69 -5.69
O1 MTN B . 8.11 -9.99 6.95
N1 MTN B . 8.35 -9.09 6.09
C1 MTN B . 7.33 -8.55 5.17
C2 MTN B . 8.15 -7.56 4.42
C3 MTN B . 9.42 -7.51 4.79
C4 MTN B . 10.47 -6.61 4.18
S1 MTN B . 9.98 -4.87 3.97
C5 MTN B . 9.72 -8.50 5.91
C6 MTN B . 10.81 -9.49 5.55
C7 MTN B . 10.08 -7.74 7.19
C8 MTN B . 6.76 -9.62 4.24
C9 MTN B . 6.23 -7.87 5.97
H2 MTN B . 7.74 -6.93 3.64
H41 MTN B . 10.70 -7.02 3.21
H42 MTN B . 11.34 -6.66 4.82
H61 MTN B . 10.96 -10.18 6.37
H62 MTN B . 11.73 -8.96 5.36
H63 MTN B . 10.52 -10.04 4.67
H71 MTN B . 10.16 -8.43 8.01
H72 MTN B . 9.32 -7.01 7.41
H73 MTN B . 11.03 -7.24 7.05
H81 MTN B . 6.04 -9.18 3.57
H82 MTN B . 6.28 -10.39 4.82
H83 MTN B . 7.56 -10.06 3.66
H91 MTN B . 5.67 -8.62 6.51
H92 MTN B . 6.66 -7.18 6.66
H93 MTN B . 5.57 -7.34 5.29
O1 MTN C . -2.94 -4.41 -3.41
N1 MTN C . -1.73 -4.42 -3.77
C1 MTN C . -0.76 -5.42 -3.30
C2 MTN C . 0.46 -4.97 -4.03
C3 MTN C . 0.25 -3.92 -4.80
C4 MTN C . 1.29 -3.26 -5.67
S1 MTN C . 2.92 -3.02 -4.90
C5 MTN C . -1.18 -3.42 -4.74
C6 MTN C . -1.30 -1.97 -4.30
C7 MTN C . -1.84 -3.64 -6.10
C8 MTN C . -0.55 -5.37 -1.78
C9 MTN C . -1.17 -6.80 -3.76
H2 MTN C . 1.41 -5.45 -3.94
H41 MTN C . 0.90 -2.30 -5.95
H42 MTN C . 1.40 -3.87 -6.55
H61 MTN C . -2.32 -1.76 -4.01
H62 MTN C . -0.64 -1.78 -3.47
H63 MTN C . -1.04 -1.31 -5.13
H71 MTN C . -2.88 -3.35 -6.05
H72 MTN C . -1.34 -3.06 -6.85
H73 MTN C . -1.78 -4.69 -6.36
H81 MTN C . 0.19 -6.09 -1.50
H82 MTN C . -1.48 -5.59 -1.29
H83 MTN C . -0.22 -4.38 -1.50
H91 MTN C . -1.36 -6.80 -4.82
H92 MTN C . -2.07 -7.09 -3.24
H93 MTN C . -0.39 -7.51 -3.53
O1 MTN D . -3.31 11.33 -6.83
N1 MTN D . -2.53 10.46 -6.30
C1 MTN D . -1.66 9.58 -7.12
C2 MTN D . -1.01 8.81 -6.04
C3 MTN D . -1.42 9.16 -4.83
C4 MTN D . -0.92 8.53 -3.56
S1 MTN D . 0.86 8.71 -3.29
C5 MTN D . -2.44 10.27 -4.85
C6 MTN D . -3.75 9.91 -4.18
C7 MTN D . -1.84 11.54 -4.24
C8 MTN D . -2.44 8.68 -8.07
C9 MTN D . -0.63 10.41 -7.87
H2 MTN D . -0.27 8.04 -6.22
H41 MTN D . -1.15 7.48 -3.60
H42 MTN D . -1.46 8.99 -2.75
H61 MTN D . -4.07 8.93 -4.52
H62 MTN D . -4.50 10.65 -4.44
H63 MTN D . -3.62 9.89 -3.12
H71 MTN D . -1.66 11.38 -3.19
H72 MTN D . -2.53 12.36 -4.36
H73 MTN D . -0.91 11.78 -4.73
H81 MTN D . -2.86 9.27 -8.88
H82 MTN D . -3.23 8.19 -7.54
H83 MTN D . -1.77 7.94 -8.49
H91 MTN D . -0.12 11.08 -7.18
H92 MTN D . -1.13 11.00 -8.63
H93 MTN D . 0.08 9.76 -8.34
N MET A 25 10.82 -5.01 33.74
CA MET A 25 9.55 -4.98 32.95
C MET A 25 9.63 -6.01 31.81
N SER A 26 8.45 -6.42 31.32
CA SER A 26 8.34 -7.39 30.24
C SER A 26 8.41 -6.70 28.87
N ASP A 27 8.84 -5.43 28.87
CA ASP A 27 8.99 -4.62 27.65
C ASP A 27 8.67 -3.15 27.94
N PHE A 28 9.64 -2.28 27.67
CA PHE A 28 9.45 -0.84 27.90
C PHE A 28 10.38 -0.04 26.98
N ASP A 29 9.94 1.17 26.61
CA ASP A 29 10.72 2.03 25.70
C ASP A 29 10.41 3.52 25.96
N THR A 30 11.40 4.41 25.77
CA THR A 30 11.19 5.85 26.02
C THR A 30 10.09 6.40 25.10
N GLU A 31 10.10 7.73 24.87
CA GLU A 31 9.10 8.34 24.01
C GLU A 31 9.39 8.05 22.57
N ARG A 32 10.49 8.59 21.99
CA ARG A 32 10.79 8.40 20.59
C ARG A 32 10.67 6.96 20.19
N VAL A 33 11.17 6.08 21.03
CA VAL A 33 11.05 4.67 20.71
C VAL A 33 9.58 4.26 20.79
N SER A 34 8.93 4.54 21.93
CA SER A 34 7.52 4.19 22.09
C SER A 34 6.65 4.84 21.04
N ARG A 35 6.85 6.14 20.69
CA ARG A 35 6.03 6.70 19.65
C ARG A 35 6.51 6.13 18.36
N ALA A 36 7.80 6.35 17.98
CA ALA A 36 8.27 5.88 16.68
C ALA A 36 7.66 4.55 16.41
N VAL A 37 7.63 3.68 17.40
CA VAL A 37 7.00 2.43 17.12
C VAL A 37 5.55 2.74 16.74
N ALA A 38 4.80 3.49 17.55
CA ALA A 38 3.43 3.81 17.12
C ALA A 38 3.38 4.71 15.86
N ALA A 39 3.86 5.96 15.95
CA ALA A 39 3.73 6.89 14.79
C ALA A 39 4.36 6.34 13.50
N ALA A 40 5.64 6.07 13.58
CA ALA A 40 6.37 5.58 12.40
C ALA A 40 5.77 4.23 11.93
N LEU A 41 5.74 3.32 12.88
CA LEU A 41 5.23 1.96 12.54
C LEU A 41 3.82 2.10 11.99
N VAL A 42 2.94 2.80 12.72
CA VAL A 42 1.57 2.96 12.21
C VAL A 42 1.56 3.88 10.99
N GLY A 43 2.06 5.10 11.14
CA GLY A 43 2.06 6.07 10.07
C GLY A 43 2.88 5.59 8.89
N PRO A 44 3.00 6.42 7.88
CA PRO A 44 3.74 6.09 6.65
C PRO A 44 5.23 6.32 6.80
N GLY A 45 5.60 7.20 7.75
CA GLY A 45 7.03 7.55 7.91
C GLY A 45 7.86 6.31 8.27
N GLY A 46 7.51 5.68 9.38
CA GLY A 46 8.28 4.51 9.82
C GLY A 46 8.27 3.53 8.68
N VAL A 47 7.08 3.23 8.23
CA VAL A 47 6.94 2.29 7.13
C VAL A 47 7.72 2.83 5.90
N ALA A 48 7.75 4.18 5.74
CA ALA A 48 8.47 4.75 4.59
C ALA A 48 9.93 4.25 4.56
N LEU A 49 10.74 4.57 5.58
CA LEU A 49 12.13 4.15 5.57
C LEU A 49 12.29 2.64 5.57
N VAL A 50 11.52 1.96 6.40
CA VAL A 50 11.68 0.52 6.46
C VAL A 50 11.43 -0.14 5.11
N VAL A 51 10.23 0.02 4.56
CA VAL A 51 9.88 -0.62 3.30
C VAL A 51 10.78 -0.17 2.16
N LYS A 52 11.20 1.07 2.20
CA LYS A 52 12.06 1.60 1.16
C LYS A 52 13.39 0.89 1.23
N VAL A 53 13.96 0.96 2.41
CA VAL A 53 15.28 0.38 2.60
C VAL A 53 15.24 -1.12 2.37
N CYS A 54 14.27 -1.82 2.96
CA CYS A 54 14.23 -3.25 2.74
C CYS A 54 13.88 -3.57 1.29
N ALA A 55 12.71 -3.14 0.81
CA ALA A 55 12.28 -3.46 -0.55
C ALA A 55 13.24 -2.91 -1.58
N GLY A 56 13.51 -1.61 -1.50
CA GLY A 56 14.40 -0.98 -2.46
C GLY A 56 13.57 -0.54 -3.65
N LEU A 57 12.79 0.54 -3.47
CA LEU A 57 11.93 1.07 -4.52
C LEU A 57 10.57 0.34 -4.53
N PRO A 58 9.63 0.77 -3.72
CA PRO A 58 8.27 0.15 -3.63
C PRO A 58 7.55 0.01 -4.98
N GLY A 59 7.80 0.91 -5.92
CA GLY A 59 7.11 0.83 -7.21
C GLY A 59 7.36 -0.52 -7.87
N VAL A 60 8.62 -0.80 -8.14
CA VAL A 60 9.01 -2.10 -8.71
C VAL A 60 9.24 -3.02 -7.54
N ILE A 61 9.21 -4.34 -7.78
CA ILE A 61 9.44 -5.37 -6.73
C ILE A 61 8.27 -6.34 -6.69
N HIS A 62 8.53 -7.60 -7.05
CA HIS A 62 7.50 -8.64 -7.03
C HIS A 62 8.12 -9.94 -6.51
N THR A 63 7.44 -10.58 -5.55
CA THR A 63 7.94 -11.82 -4.97
C THR A 63 7.27 -13.04 -5.60
N PRO A 64 7.95 -14.17 -5.69
CA PRO A 64 7.38 -15.41 -6.31
C PRO A 64 6.36 -16.13 -5.41
N ALA A 65 6.61 -16.15 -4.10
CA ALA A 65 5.70 -16.79 -3.14
C ALA A 65 5.35 -15.86 -1.99
N ARG A 66 4.08 -15.78 -1.61
CA ARG A 66 3.70 -14.93 -0.51
C ARG A 66 2.25 -15.20 -0.13
N ARG A 67 1.86 -14.71 1.04
CA ARG A 67 0.50 -14.91 1.51
C ARG A 67 -0.51 -14.24 0.54
N GLY A 68 -0.11 -14.07 -0.73
CA GLY A 68 -0.96 -13.47 -1.75
C GLY A 68 -1.00 -11.95 -1.57
N PHE A 69 -0.76 -11.51 -0.35
CA PHE A 69 -0.77 -10.09 -0.03
C PHE A 69 -0.22 -9.86 1.38
N PHE A 70 -0.02 -8.57 1.71
CA PHE A 70 0.48 -8.05 3.03
C PHE A 70 1.60 -7.05 2.81
N ARG A 71 1.29 -5.74 2.87
CA ARG A 71 2.29 -4.69 2.69
C ARG A 71 2.32 -4.23 1.24
N CYS A 72 3.11 -3.20 0.95
CA CYS A 72 3.17 -2.68 -0.41
C CYS A 72 1.81 -2.06 -0.69
N ASN A 73 1.47 -1.02 0.07
CA ASN A 73 0.21 -0.33 -0.12
C ASN A 73 0.35 1.09 0.44
N PRO A 74 -0.42 2.03 0.00
CA PRO A 74 -0.38 3.42 0.55
C PRO A 74 -0.88 3.50 2.01
N GLU A 75 -0.04 3.06 2.96
CA GLU A 75 -0.39 3.06 4.39
C GLU A 75 -1.84 2.65 4.65
N ARG A 76 -2.16 1.40 4.31
CA ARG A 76 -3.51 0.86 4.51
C ARG A 76 -3.49 -0.65 4.82
N ILE A 77 -4.29 -1.04 5.82
CA ILE A 77 -4.44 -2.45 6.23
C ILE A 77 -4.83 -3.25 4.96
N GLN A 78 -4.75 -4.60 4.91
CA GLN A 78 -5.13 -5.33 3.70
C GLN A 78 -6.27 -6.33 4.05
N ILE A 79 -7.48 -6.14 3.48
CA ILE A 79 -8.60 -7.08 3.72
C ILE A 79 -9.48 -7.18 2.46
N GLY A 80 -10.26 -8.27 2.29
CA GLY A 80 -11.11 -8.43 1.10
C GLY A 80 -10.63 -9.54 0.17
N ASP A 81 -9.46 -10.07 0.50
CA ASP A 81 -8.86 -11.17 -0.27
C ASP A 81 -8.85 -12.41 0.60
N TRP A 82 -9.37 -13.55 0.13
CA TRP A 82 -9.36 -14.77 0.94
C TRP A 82 -9.02 -15.96 0.04
N ARG A 83 -8.57 -16.97 0.72
CA ARG A 83 -8.15 -18.20 0.07
C ARG A 83 -9.16 -18.54 -1.06
N TYR A 84 -10.44 -18.26 -0.80
CA TYR A 84 -11.53 -18.51 -1.78
C TYR A 84 -11.79 -17.31 -2.67
N GLU A 85 -11.66 -16.11 -2.10
CA GLU A 85 -11.88 -14.91 -2.88
C GLU A 85 -10.69 -14.61 -3.76
N VAL A 86 -9.57 -15.26 -3.51
CA VAL A 86 -8.37 -14.94 -4.27
C VAL A 86 -8.72 -14.87 -5.75
N ALA A 87 -9.27 -15.91 -6.29
CA ALA A 87 -9.64 -15.92 -7.69
C ALA A 87 -10.72 -14.89 -7.95
N HIS A 88 -11.82 -15.00 -7.18
CA HIS A 88 -12.93 -14.06 -7.38
C HIS A 88 -12.41 -12.60 -7.31
N ASP A 89 -11.79 -12.25 -6.19
CA ASP A 89 -11.23 -10.90 -6.00
C ASP A 89 -9.95 -10.69 -6.86
N GLY A 90 -9.00 -11.60 -6.75
CA GLY A 90 -7.80 -11.52 -7.55
C GLY A 90 -8.12 -11.81 -9.01
N ARG A 91 -9.34 -11.52 -9.40
CA ARG A 91 -9.77 -11.67 -10.78
C ARG A 91 -9.19 -10.53 -11.57
N LEU A 92 -8.35 -9.72 -10.91
CA LEU A 92 -7.75 -8.52 -11.55
C LEU A 92 -7.57 -8.83 -13.06
N LEU A 93 -7.45 -10.12 -13.39
CA LEU A 93 -7.33 -10.50 -14.81
C LEU A 93 -8.64 -10.13 -15.53
N ALA A 94 -9.75 -10.79 -15.16
CA ALA A 94 -11.03 -10.41 -15.78
C ALA A 94 -11.47 -9.18 -15.02
N ALA A 95 -11.93 -9.39 -13.79
CA ALA A 95 -12.40 -8.34 -12.89
C ALA A 95 -11.51 -7.11 -12.88
N HIS A 96 -10.43 -7.10 -13.69
CA HIS A 96 -9.51 -5.95 -13.74
C HIS A 96 -10.23 -4.67 -13.36
N MET A 97 -11.23 -4.27 -14.14
CA MET A 97 -11.95 -3.07 -13.79
C MET A 97 -12.88 -3.35 -12.62
N VAL A 98 -13.68 -4.41 -12.72
CA VAL A 98 -14.68 -4.70 -11.69
C VAL A 98 -14.12 -4.58 -10.28
N ASN A 99 -12.93 -5.14 -9.96
CA ASN A 99 -12.34 -4.98 -8.62
C ASN A 99 -12.50 -3.55 -8.09
N GLY A 100 -12.80 -2.65 -9.02
CA GLY A 100 -12.99 -1.22 -8.67
C GLY A 100 -13.86 -1.13 -7.42
N ILE A 101 -14.67 -2.16 -7.24
CA ILE A 101 -15.61 -2.21 -6.12
C ILE A 101 -14.93 -2.79 -4.88
N VAL A 102 -14.48 -4.06 -4.97
CA VAL A 102 -13.86 -4.72 -3.85
C VAL A 102 -13.00 -3.73 -3.09
N ILE A 103 -12.51 -2.70 -3.78
CA ILE A 103 -11.70 -1.69 -3.11
C ILE A 103 -12.55 -0.87 -2.11
N ALA A 104 -13.68 -0.31 -2.56
CA ALA A 104 -14.48 0.49 -1.64
C ALA A 104 -14.96 -0.35 -0.45
N GLU A 105 -15.78 -1.38 -0.71
CA GLU A 105 -16.28 -2.20 0.38
C GLU A 105 -15.10 -2.63 1.28
N ASP A 106 -14.26 -3.55 0.82
CA ASP A 106 -13.17 -3.97 1.69
C ASP A 106 -12.29 -2.79 2.05
N ALA A 107 -11.66 -2.19 1.05
CA ALA A 107 -10.80 -1.05 1.35
C ALA A 107 -11.64 0.17 1.79
N LEU A 108 -12.42 -0.02 2.88
CA LEU A 108 -13.27 1.04 3.43
C LEU A 108 -12.39 1.97 4.28
N ILE A 109 -11.09 1.72 4.19
CA ILE A 109 -10.11 2.51 4.90
C ILE A 109 -9.63 3.64 3.99
N ALA A 110 -10.05 3.59 2.73
CA ALA A 110 -9.66 4.61 1.75
C ALA A 110 -10.74 5.70 1.60
N GLU A 111 -11.94 5.41 2.14
CA GLU A 111 -13.08 6.35 2.04
C GLU A 111 -13.14 7.38 3.19
N ALA A 112 -12.77 6.96 4.40
CA ALA A 112 -12.81 7.86 5.58
C ALA A 112 -11.39 8.15 6.10
N VAL A 113 -10.43 7.43 5.54
CA VAL A 113 -9.02 7.63 5.91
C VAL A 113 -8.35 8.49 4.88
N GLY A 114 -9.11 9.42 4.31
CA GLY A 114 -8.54 10.35 3.35
C GLY A 114 -7.55 11.29 4.06
N PRO A 115 -7.86 11.81 5.26
CA PRO A 115 -6.92 12.69 6.01
C PRO A 115 -5.49 12.16 5.94
N HIS A 116 -5.35 10.92 5.50
CA HIS A 116 -4.06 10.31 5.39
C HIS A 116 -3.21 11.18 4.47
N LEU A 117 -3.86 12.03 3.70
CA LEU A 117 -3.14 12.91 2.80
C LEU A 117 -2.32 13.89 3.63
N ALA A 118 -3.00 14.63 4.49
CA ALA A 118 -2.34 15.60 5.36
C ALA A 118 -1.34 14.88 6.22
N ARG A 119 -1.78 13.83 6.92
CA ARG A 119 -0.85 13.07 7.73
C ARG A 119 0.24 12.56 6.82
N ALA A 120 -0.08 11.80 5.80
CA ALA A 120 0.97 11.32 4.94
C ALA A 120 1.94 12.44 4.57
N LEU A 121 1.55 13.71 4.88
CA LEU A 121 2.22 14.92 4.40
C LEU A 121 3.23 14.56 3.33
N GLY A 122 4.17 13.69 3.54
CA GLY A 122 5.03 13.32 2.44
C GLY A 122 4.12 13.03 1.23
N GLN A 123 2.81 12.69 1.47
CA GLN A 123 1.92 12.48 0.29
C GLN A 123 1.78 13.78 -0.44
N ILE A 124 2.06 14.85 0.29
CA ILE A 124 2.01 16.18 -0.30
C ILE A 124 3.07 16.26 -1.38
N VAL A 125 4.28 15.81 -1.06
CA VAL A 125 5.33 15.86 -2.06
C VAL A 125 4.85 15.00 -3.24
N CYS A 126 4.59 13.73 -2.98
CA CYS A 126 4.14 12.83 -4.02
C CYS A 126 3.04 13.50 -4.87
N ARG A 127 2.45 14.55 -4.33
CA ARG A 127 1.41 15.30 -5.06
C ARG A 127 1.98 16.53 -5.79
N TYR A 128 2.83 17.22 -5.05
CA TYR A 128 3.56 18.43 -5.44
C TYR A 128 5.05 18.16 -5.66
N GLY A 129 5.45 16.90 -5.92
CA GLY A 129 6.86 16.63 -6.14
C GLY A 129 7.10 15.22 -6.64
N ALA A 130 6.07 14.36 -6.60
CA ALA A 130 6.18 12.98 -7.05
C ALA A 130 7.22 12.76 -8.12
N THR A 131 8.47 12.79 -7.75
CA THR A 131 9.52 12.55 -8.70
C THR A 131 9.78 11.07 -8.69
N VAL A 132 8.95 10.33 -7.92
CA VAL A 132 9.05 8.88 -7.85
C VAL A 132 8.08 8.23 -8.82
N ILE A 133 7.52 8.93 -9.82
CA ILE A 133 6.64 8.29 -10.76
C ILE A 133 7.34 8.10 -12.13
N PRO A 134 8.49 8.75 -12.42
CA PRO A 134 9.12 8.63 -13.77
C PRO A 134 9.66 7.23 -14.05
N ASN A 135 10.41 6.66 -13.11
CA ASN A 135 10.97 5.34 -13.34
C ASN A 135 9.84 4.30 -13.39
N ILE A 136 9.16 4.08 -12.27
CA ILE A 136 8.10 3.08 -12.19
C ILE A 136 7.15 3.12 -13.41
N ASN A 137 6.82 4.31 -13.86
CA ASN A 137 5.96 4.43 -15.06
C ASN A 137 6.70 3.94 -16.28
N ALA A 138 7.94 4.31 -16.31
CA ALA A 138 8.79 3.90 -17.42
C ALA A 138 8.83 2.35 -17.47
N ALA A 139 9.14 1.69 -16.35
CA ALA A 139 9.20 0.23 -16.32
C ALA A 139 7.82 -0.44 -16.21
N ILE A 140 7.02 -0.13 -15.17
CA ILE A 140 5.71 -0.82 -15.00
C ILE A 140 4.86 -0.77 -16.25
N GLU A 141 4.72 0.44 -16.76
CA GLU A 141 3.85 0.61 -17.92
C GLU A 141 4.21 -0.52 -18.86
N VAL A 142 5.47 -0.58 -19.23
CA VAL A 142 5.93 -1.66 -20.09
C VAL A 142 5.62 -3.03 -19.41
N LEU A 143 6.08 -3.20 -18.16
CA LEU A 143 5.86 -4.48 -17.46
C LEU A 143 4.35 -4.78 -17.54
N GLY A 144 3.53 -3.98 -16.84
CA GLY A 144 2.07 -4.20 -16.85
C GLY A 144 1.43 -3.78 -18.19
N THR A 145 1.18 -2.49 -18.25
CA THR A 145 0.58 -1.82 -19.43
C THR A 145 -0.12 -0.51 -19.06
N GLY A 146 -0.72 -0.46 -17.87
CA GLY A 146 -1.46 0.72 -17.46
C GLY A 146 -2.92 0.37 -17.60
N THR A 147 -3.14 -0.71 -18.38
CA THR A 147 -4.50 -1.21 -18.59
C THR A 147 -5.07 -1.47 -17.20
N ASP A 148 -5.52 -0.37 -16.62
CA ASP A 148 -6.12 -0.35 -15.28
C ASP A 148 -6.84 0.98 -15.00
N TYR A 149 -7.44 1.06 -13.82
CA TYR A 149 -8.10 2.28 -13.34
C TYR A 149 -7.94 2.34 -11.81
N ARG A 150 -7.76 3.56 -11.28
CA ARG A 150 -7.68 3.74 -9.82
C ARG A 150 -8.19 5.13 -9.42
N PHE A 151 -8.63 5.25 -8.17
CA PHE A 151 -9.14 6.53 -7.64
C PHE A 151 -8.22 7.04 -6.52
O1 MTN B . 7.11 -9.71 6.74
N1 MTN B . 7.67 -8.80 6.07
C1 MTN B . 6.92 -7.74 5.35
C2 MTN B . 8.08 -6.99 4.76
C3 MTN B . 9.25 -7.48 5.06
C4 MTN B . 10.55 -6.91 4.58
S1 MTN B . 10.51 -5.13 4.29
C5 MTN B . 9.16 -8.71 5.93
C6 MTN B . 9.85 -9.90 5.29
C7 MTN B . 9.76 -8.41 7.31
C8 MTN B . 6.03 -8.32 4.24
C9 MTN B . 6.11 -6.91 6.36
H2 MTN B . 7.97 -6.12 4.13
H41 MTN B . 10.79 -7.39 3.65
H42 MTN B . 11.30 -7.14 5.33
H61 MTN B . 10.89 -9.67 5.11
H62 MTN B . 9.36 -10.14 4.36
H63 MTN B . 9.79 -10.75 5.95
H71 MTN B . 9.50 -9.19 8.00
H72 MTN B . 9.40 -7.46 7.68
H73 MTN B . 10.84 -8.36 7.23
H81 MTN B . 5.25 -8.91 4.67
H82 MTN B . 6.63 -8.94 3.59
H83 MTN B . 5.61 -7.51 3.66
H91 MTN B . 5.17 -6.58 5.92
H92 MTN B . 5.89 -7.51 7.23
H93 MTN B . 6.67 -6.04 6.67
O1 MTN C . -2.60 -3.78 -4.30
N1 MTN C . -1.34 -3.97 -4.31
C1 MTN C . -0.70 -5.17 -3.77
C2 MTN C . 0.72 -4.85 -4.05
C3 MTN C . 0.90 -3.68 -4.64
C4 MTN C . 2.23 -3.11 -5.03
S1 MTN C . 2.96 -2.02 -3.77
C5 MTN C . -0.40 -2.95 -4.89
C6 MTN C . -0.46 -1.58 -4.23
C7 MTN C . -0.67 -2.83 -6.39
C8 MTN C . -0.96 -5.34 -2.27
C9 MTN C . -1.15 -6.39 -4.55
H2 MTN C . 1.53 -5.51 -3.79
H41 MTN C . 2.09 -2.54 -5.93
H42 MTN C . 2.90 -3.93 -5.23
H61 MTN C . -0.48 -1.70 -3.15
H62 MTN C . 0.43 -1.02 -4.50
H63 MTN C . -1.34 -1.05 -4.55
H71 MTN C . -0.52 -3.80 -6.87
H72 MTN C . -1.69 -2.51 -6.55
H73 MTN C . 0.00 -2.11 -6.83
H81 MTN C . -0.37 -6.17 -1.90
H82 MTN C . -2.01 -5.55 -2.11
H83 MTN C . -0.67 -4.44 -1.75
H91 MTN C . -1.05 -6.19 -5.61
H92 MTN C . -2.17 -6.61 -4.32
H93 MTN C . -0.52 -7.23 -4.29
O1 MTN D . -3.39 10.81 -5.75
N1 MTN D . -2.29 10.24 -5.98
C1 MTN D . -2.14 8.78 -6.05
C2 MTN D . -0.69 8.68 -6.32
C3 MTN D . -0.09 9.86 -6.39
C4 MTN D . 1.36 10.05 -6.67
S1 MTN D . 2.43 9.58 -5.29
C5 MTN D . -1.04 11.01 -6.18
C6 MTN D . -0.67 11.92 -5.03
C7 MTN D . -1.19 11.81 -7.47
C8 MTN D . -2.54 8.09 -4.75
C9 MTN D . -2.96 8.26 -7.22
H2 MTN D . -0.18 7.74 -6.45
H41 MTN D . 1.52 11.09 -6.88
H42 MTN D . 1.62 9.46 -7.54
H61 MTN D . -1.44 12.66 -4.90
H62 MTN D . 0.27 12.41 -5.24
H63 MTN D . -0.59 11.34 -4.12
H71 MTN D . -0.28 12.35 -7.67
H72 MTN D . -2.01 12.52 -7.36
H73 MTN D . -1.41 11.15 -8.29
H81 MTN D . -2.02 8.55 -3.92
H82 MTN D . -2.27 7.04 -4.80
H83 MTN D . -3.60 8.17 -4.60
H91 MTN D . -2.73 8.83 -8.10
H92 MTN D . -4.01 8.33 -6.99
H93 MTN D . -2.71 7.22 -7.40
#